data_4U5E
#
_entry.id   4U5E
#
_cell.length_a   161.270
_cell.length_b   366.690
_cell.length_c   109.010
_cell.angle_alpha   90.00
_cell.angle_beta   90.00
_cell.angle_gamma   90.00
#
_symmetry.space_group_name_H-M   'P 21 21 2'
#
loop_
_entity.id
_entity.type
_entity.pdbx_description
1 polymer 'Glutamate receptor 2'
2 polymer Con-ikot-ikot
3 non-polymer 3-(CARBOXYMETHYL)-4-ISOPROPENYLPROLINE
4 non-polymer 2-acetamido-2-deoxy-beta-D-glucopyranose
5 non-polymer "N,N'-[biphenyl-4,4'-diyldi(2R)propane-2,1-diyl]dipropane-2-sulfonamide"
#
loop_
_entity_poly.entity_id
_entity_poly.type
_entity_poly.pdbx_seq_one_letter_code
_entity_poly.pdbx_strand_id
1 'polypeptide(L)'
;NSIQIGGLFPRGADQEYSAFRVGMVQFSTSEFRLTPHIDNLEVANSFAVTNAFCSQFSRGVYAIFGFYDKKSVNTITSFC
GTLHVSFITPSFPTDGTHPFVIQMRPDLKGALLSLIEYYQWDKFAYLYDSDRGLSTLQAVLDSAAEKKWQVTAINVGNIN
NDKKDETYRSLFQDLELKGERRVILDCERDKVNDIVDQVITIGKHVKGYHYIIANLGFTDGDLLKIQFGGAEVSGFQIVD
YDDSLVSKFIERWSTLEEKEYPGAHTATIKYTSALTYDAVQVMTEAFRNLRKQRIEISRRGNAGDCLANPAVPWGQGVEI
ERALKQVQVEGLSGNIKFDQNGKRINYTINIMELKTNGPRKIGYWSEVDKMVVTLTESGDDTSGLEQKTVVVTTILESPY
VMMKKNHEMLEGNERYEGYCVDLAAEIAKHCGFKYKLTIVGDGKYGARDADTKIWDGMVGELVYGKADIAIAPLTITLVR
EEVIDFSKPFMSLGISIMIKKPQKSKPGVFSFLDPLAYEIWMAIVFAYILVSVVLFLVSRFSPYEWHTEEFEDGEESTNE
FGIFNSFWFALKLFFQQGADISPRSLSARIVAGVWWFFTLIIISSYTANLAAFLGVERMVSPIESAEDLSKQTEIAYGTL
DSGSTKEFFRRSKIAVFDKMWTYMRSAEPSVFVRTTAEGVARVRKSKGKYAYLLESTMNEYIEQRKPCDTMKVGGNLDSK
GYGIATPKGSSLGTPVNLAVLKLSEQGVLDKLKNKWWYDKGECGAKDSGSKEKTSALSLSNVAGVFYILVGGLGLAMLVA
LIEFAYKRMKLVPR
;
A,B,C,D
2 'polypeptide(L)'
;GPGSSGPADCCRMKECCTDRVNECLQRYSGREDKFVSFCYQEATVTCGSFNEIVGCCYGYQMCMIRVVKPNSLSGAHEAC
KTVSCGNPCA
;
E,F
#
loop_
_chem_comp.id
_chem_comp.type
_chem_comp.name
_chem_comp.formula
FWF non-polymer N,N'-[biphenyl-4,4'-diyldi(2R)propane-2,1-diyl]dipropane-2-sulfonamide 'C24 H36 N2 O4 S2'
KAI non-polymer 3-(CARBOXYMETHYL)-4-ISOPROPENYLPROLINE 'C10 H15 N O4'
NAG D-saccharide, beta linking 2-acetamido-2-deoxy-beta-D-glucopyranose 'C8 H15 N O6'
#
# COMPACT_ATOMS: atom_id res chain seq x y z
N ASN A 1 -3.56 23.48 84.54
CA ASN A 1 -3.33 22.88 83.22
C ASN A 1 -4.25 23.46 82.15
N SER A 2 -4.27 24.79 82.06
CA SER A 2 -5.04 25.45 81.01
C SER A 2 -4.25 25.49 79.71
N ILE A 3 -4.79 24.87 78.67
CA ILE A 3 -4.11 24.81 77.38
C ILE A 3 -4.81 25.73 76.38
N GLN A 4 -4.12 26.81 76.02
CA GLN A 4 -4.68 27.77 75.09
C GLN A 4 -4.53 27.30 73.65
N ILE A 5 -5.65 27.13 72.97
CA ILE A 5 -5.64 26.75 71.56
C ILE A 5 -6.54 27.66 70.75
N GLY A 6 -5.98 28.29 69.73
CA GLY A 6 -6.73 29.16 68.87
C GLY A 6 -7.59 28.38 67.91
N GLY A 7 -8.62 29.03 67.39
CA GLY A 7 -9.47 28.39 66.39
C GLY A 7 -10.10 29.40 65.46
N LEU A 8 -10.37 28.94 64.24
CA LEU A 8 -10.88 29.80 63.18
C LEU A 8 -12.11 29.17 62.54
N PHE A 9 -13.26 29.80 62.74
CA PHE A 9 -14.50 29.32 62.14
C PHE A 9 -15.05 30.32 61.14
N PRO A 10 -15.16 29.90 59.87
CA PRO A 10 -15.75 30.75 58.83
C PRO A 10 -17.17 31.14 59.20
N ARG A 11 -17.50 32.42 58.98
CA ARG A 11 -18.84 32.91 59.27
C ARG A 11 -19.89 32.10 58.50
N GLY A 12 -20.87 31.58 59.22
CA GLY A 12 -21.88 30.73 58.62
C GLY A 12 -21.65 29.26 58.91
N ALA A 13 -20.53 28.94 59.56
CA ALA A 13 -20.27 27.57 60.00
C ALA A 13 -20.78 27.41 61.42
N ASP A 14 -21.85 26.66 61.57
CA ASP A 14 -22.52 26.52 62.85
C ASP A 14 -22.32 25.12 63.41
N GLN A 15 -22.83 24.12 62.69
CA GLN A 15 -22.74 22.72 63.12
C GLN A 15 -21.29 22.31 63.37
N GLU A 16 -20.35 22.95 62.68
CA GLU A 16 -18.94 22.68 62.91
C GLU A 16 -18.54 23.12 64.30
N TYR A 17 -18.90 24.35 64.65
CA TYR A 17 -18.59 24.88 65.98
C TYR A 17 -19.40 24.18 67.05
N SER A 18 -20.61 23.75 66.70
CA SER A 18 -21.45 22.99 67.62
C SER A 18 -20.78 21.68 67.98
N ALA A 19 -20.36 20.94 66.96
CA ALA A 19 -19.66 19.68 67.15
C ALA A 19 -18.31 19.91 67.82
N PHE A 20 -17.76 21.11 67.65
CA PHE A 20 -16.52 21.48 68.30
C PHE A 20 -16.74 21.58 69.80
N ARG A 21 -17.83 22.23 70.18
CA ARG A 21 -18.19 22.39 71.59
C ARG A 21 -18.55 21.05 72.20
N VAL A 22 -19.26 20.22 71.44
CA VAL A 22 -19.62 18.88 71.90
C VAL A 22 -18.36 18.07 72.13
N GLY A 23 -17.39 18.24 71.24
CA GLY A 23 -16.08 17.60 71.39
C GLY A 23 -15.37 18.09 72.64
N MET A 24 -15.50 19.38 72.91
CA MET A 24 -14.91 19.98 74.09
C MET A 24 -15.51 19.39 75.36
N VAL A 25 -16.82 19.16 75.34
CA VAL A 25 -17.53 18.62 76.50
C VAL A 25 -17.22 17.15 76.72
N GLN A 26 -17.24 16.37 75.65
CA GLN A 26 -17.07 14.91 75.74
C GLN A 26 -15.63 14.49 76.07
N PHE A 27 -14.66 15.16 75.45
CA PHE A 27 -13.27 14.78 75.63
C PHE A 27 -12.60 15.56 76.75
N SER A 28 -13.39 16.38 77.45
CA SER A 28 -12.91 17.09 78.63
C SER A 28 -12.47 16.13 79.72
N THR A 29 -11.41 16.51 80.44
CA THR A 29 -10.88 15.68 81.51
C THR A 29 -10.43 16.51 82.69
N SER A 30 -10.33 15.88 83.85
CA SER A 30 -9.92 16.56 85.07
C SER A 30 -8.45 16.95 85.04
N GLU A 31 -7.65 16.20 84.28
CA GLU A 31 -6.22 16.45 84.19
C GLU A 31 -5.92 17.81 83.57
N PHE A 32 -6.46 18.03 82.37
CA PHE A 32 -6.28 19.31 81.69
C PHE A 32 -7.56 19.72 80.96
N ARG A 33 -7.69 21.02 80.69
CA ARG A 33 -8.83 21.53 79.97
C ARG A 33 -8.40 22.53 78.90
N LEU A 34 -8.86 22.31 77.68
CA LEU A 34 -8.55 23.19 76.57
C LEU A 34 -9.33 24.49 76.71
N THR A 35 -8.65 25.60 76.44
CA THR A 35 -9.27 26.91 76.54
C THR A 35 -9.23 27.57 75.17
N PRO A 36 -10.25 27.30 74.34
CA PRO A 36 -10.28 27.79 72.96
C PRO A 36 -10.55 29.28 72.86
N HIS A 37 -9.88 29.94 71.92
CA HIS A 37 -10.26 31.29 71.55
C HIS A 37 -10.75 31.23 70.12
N ILE A 38 -12.06 31.41 69.95
CA ILE A 38 -12.68 31.28 68.65
C ILE A 38 -12.63 32.62 67.92
N ASP A 39 -12.27 32.58 66.64
CA ASP A 39 -12.24 33.79 65.85
C ASP A 39 -12.93 33.57 64.50
N ASN A 40 -14.03 34.29 64.28
CA ASN A 40 -14.76 34.19 63.02
C ASN A 40 -14.19 35.14 61.98
N LEU A 41 -14.03 34.65 60.76
CA LEU A 41 -13.45 35.43 59.69
C LEU A 41 -13.97 35.04 58.31
N GLU A 42 -13.49 35.74 57.28
CA GLU A 42 -13.77 35.36 55.91
C GLU A 42 -12.64 34.44 55.47
N VAL A 43 -12.97 33.17 55.27
CA VAL A 43 -11.96 32.14 55.06
C VAL A 43 -11.24 32.32 53.72
N ALA A 44 -11.92 32.91 52.75
CA ALA A 44 -11.33 33.12 51.43
C ALA A 44 -10.37 34.31 51.41
N ASN A 45 -10.53 35.20 52.39
CA ASN A 45 -9.68 36.39 52.47
C ASN A 45 -8.34 36.08 53.10
N SER A 46 -7.27 36.30 52.33
CA SER A 46 -5.92 36.01 52.80
C SER A 46 -5.51 36.97 53.90
N PHE A 47 -5.87 38.25 53.74
CA PHE A 47 -5.57 39.26 54.73
C PHE A 47 -6.20 38.90 56.07
N ALA A 48 -7.48 38.52 56.03
CA ALA A 48 -8.22 38.16 57.23
C ALA A 48 -7.58 36.98 57.96
N VAL A 49 -7.21 35.96 57.18
CA VAL A 49 -6.56 34.77 57.71
C VAL A 49 -5.23 35.14 58.37
N THR A 50 -4.43 35.95 57.68
CA THR A 50 -3.15 36.41 58.21
C THR A 50 -3.32 37.12 59.55
N ASN A 51 -4.25 38.06 59.58
CA ASN A 51 -4.53 38.82 60.79
C ASN A 51 -4.97 37.93 61.93
N ALA A 52 -5.87 36.99 61.65
CA ALA A 52 -6.37 36.08 62.67
C ALA A 52 -5.27 35.17 63.20
N PHE A 53 -4.41 34.72 62.30
CA PHE A 53 -3.31 33.84 62.64
C PHE A 53 -2.33 34.55 63.57
N CYS A 54 -1.94 35.76 63.21
CA CYS A 54 -1.03 36.53 64.04
C CYS A 54 -1.69 36.93 65.36
N SER A 55 -3.01 37.11 65.34
CA SER A 55 -3.77 37.38 66.56
C SER A 55 -3.67 36.20 67.52
N GLN A 56 -3.91 34.99 67.01
CA GLN A 56 -3.81 33.77 67.81
C GLN A 56 -2.38 33.56 68.30
N PHE A 57 -1.42 33.89 67.43
CA PHE A 57 -0.01 33.73 67.73
C PHE A 57 0.42 34.62 68.90
N SER A 58 0.07 35.90 68.81
CA SER A 58 0.41 36.86 69.85
C SER A 58 -0.29 36.50 71.17
N ARG A 59 -1.44 35.85 71.06
CA ARG A 59 -2.15 35.36 72.24
C ARG A 59 -1.43 34.17 72.86
N GLY A 60 -0.47 33.62 72.13
CA GLY A 60 0.35 32.53 72.64
C GLY A 60 -0.39 31.22 72.74
N VAL A 61 -1.09 30.84 71.67
CA VAL A 61 -1.78 29.57 71.62
C VAL A 61 -0.79 28.46 71.31
N TYR A 62 -1.03 27.26 71.86
CA TYR A 62 -0.12 26.14 71.66
C TYR A 62 -0.45 25.38 70.37
N ALA A 63 -1.66 25.60 69.86
CA ALA A 63 -2.10 24.98 68.62
C ALA A 63 -3.26 25.78 68.02
N ILE A 64 -3.51 25.57 66.73
CA ILE A 64 -4.63 26.22 66.06
C ILE A 64 -5.47 25.23 65.27
N PHE A 65 -6.79 25.29 65.47
CA PHE A 65 -7.71 24.50 64.66
C PHE A 65 -8.52 25.40 63.75
N GLY A 66 -8.57 25.10 62.46
CA GLY A 66 -9.22 26.00 61.53
C GLY A 66 -9.57 25.44 60.17
N PHE A 67 -9.87 26.35 59.24
CA PHE A 67 -10.20 26.02 57.86
C PHE A 67 -9.42 26.92 56.91
N TYR A 68 -9.24 26.48 55.67
CA TYR A 68 -8.64 27.36 54.65
C TYR A 68 -9.32 27.18 53.29
N ASP A 69 -8.99 28.09 52.38
CA ASP A 69 -9.52 28.06 51.04
C ASP A 69 -8.35 27.96 50.07
N LYS A 70 -8.62 27.66 48.79
CA LYS A 70 -7.57 27.55 47.79
C LYS A 70 -6.73 28.82 47.76
N LYS A 71 -7.34 29.94 48.13
CA LYS A 71 -6.64 31.21 48.20
C LYS A 71 -5.78 31.31 49.47
N SER A 72 -6.39 30.95 50.60
CA SER A 72 -5.77 31.20 51.90
C SER A 72 -4.85 30.07 52.38
N VAL A 73 -4.93 28.91 51.74
CA VAL A 73 -4.24 27.72 52.24
C VAL A 73 -2.72 27.90 52.28
N ASN A 74 -2.18 28.63 51.31
CA ASN A 74 -0.74 28.90 51.28
C ASN A 74 -0.29 29.81 52.41
N THR A 75 -1.16 30.76 52.77
CA THR A 75 -0.90 31.62 53.92
C THR A 75 -0.75 30.78 55.18
N ILE A 76 -1.74 29.91 55.41
CA ILE A 76 -1.70 29.01 56.56
C ILE A 76 -0.47 28.11 56.56
N THR A 77 -0.21 27.43 55.45
CA THR A 77 0.92 26.51 55.37
C THR A 77 2.27 27.21 55.60
N SER A 78 2.45 28.34 54.94
CA SER A 78 3.71 29.08 55.02
C SER A 78 3.92 29.65 56.42
N PHE A 79 2.88 30.24 57.00
CA PHE A 79 2.99 30.84 58.32
C PHE A 79 3.17 29.79 59.42
N CYS A 80 2.38 28.72 59.36
CA CYS A 80 2.51 27.63 60.33
C CYS A 80 3.86 26.96 60.20
N GLY A 81 4.38 26.94 58.97
CA GLY A 81 5.68 26.35 58.70
C GLY A 81 6.80 27.20 59.27
N THR A 82 6.64 28.52 59.20
CA THR A 82 7.66 29.43 59.69
C THR A 82 7.65 29.54 61.22
N LEU A 83 6.47 29.74 61.78
CA LEU A 83 6.36 29.95 63.23
C LEU A 83 6.26 28.67 64.04
N HIS A 84 6.33 27.53 63.37
CA HIS A 84 6.31 26.23 64.03
C HIS A 84 5.05 26.06 64.89
N VAL A 85 3.92 26.60 64.42
CA VAL A 85 2.65 26.44 65.11
C VAL A 85 1.81 25.39 64.41
N SER A 86 1.32 24.41 65.16
CA SER A 86 0.55 23.31 64.59
C SER A 86 -0.86 23.74 64.19
N PHE A 87 -1.27 23.34 62.99
CA PHE A 87 -2.58 23.71 62.45
C PHE A 87 -3.37 22.46 62.11
N ILE A 88 -4.57 22.35 62.68
CA ILE A 88 -5.42 21.19 62.41
C ILE A 88 -6.65 21.59 61.61
N THR A 89 -6.88 20.92 60.48
CA THR A 89 -8.00 21.31 59.63
C THR A 89 -8.77 20.16 58.98
N PRO A 90 -10.11 20.28 58.96
CA PRO A 90 -11.05 19.45 58.22
C PRO A 90 -11.03 19.77 56.72
N SER A 91 -10.51 20.94 56.36
CA SER A 91 -10.54 21.39 54.97
C SER A 91 -9.63 20.52 54.11
N PHE A 92 -9.79 20.64 52.80
CA PHE A 92 -9.15 19.75 51.83
C PHE A 92 -7.65 19.57 52.08
N PRO A 93 -7.17 18.33 51.88
CA PRO A 93 -5.75 18.00 52.06
C PRO A 93 -4.86 18.73 51.06
N THR A 94 -3.71 19.22 51.51
CA THR A 94 -2.76 19.89 50.63
C THR A 94 -1.98 18.87 49.79
N ASP A 95 -1.73 19.22 48.53
CA ASP A 95 -0.92 18.35 47.69
C ASP A 95 0.54 18.82 47.72
N GLY A 96 1.37 18.06 48.40
CA GLY A 96 2.77 18.40 48.57
C GLY A 96 3.19 17.97 49.95
N THR A 97 4.39 18.35 50.37
CA THR A 97 4.80 18.07 51.74
C THR A 97 4.76 19.34 52.58
N HIS A 98 3.71 19.48 53.39
CA HIS A 98 3.55 20.65 54.25
C HIS A 98 3.68 20.29 55.72
N PRO A 99 4.73 20.82 56.39
CA PRO A 99 4.97 20.59 57.82
C PRO A 99 4.05 21.42 58.73
N PHE A 100 3.94 21.00 59.98
CA PHE A 100 3.15 21.72 60.99
C PHE A 100 1.69 21.89 60.58
N VAL A 101 1.20 20.96 59.77
CA VAL A 101 -0.20 20.94 59.38
C VAL A 101 -0.73 19.53 59.54
N ILE A 102 -1.85 19.40 60.25
CA ILE A 102 -2.49 18.11 60.43
C ILE A 102 -3.81 18.10 59.70
N GLN A 103 -3.88 17.38 58.59
CA GLN A 103 -5.08 17.37 57.77
C GLN A 103 -6.00 16.19 58.12
N MET A 104 -7.13 16.51 58.73
CA MET A 104 -8.11 15.53 59.17
C MET A 104 -8.79 14.81 58.03
N ARG A 105 -8.99 15.52 56.92
CA ARG A 105 -9.65 14.96 55.76
C ARG A 105 -8.74 13.97 55.03
N PRO A 106 -9.26 12.75 54.77
CA PRO A 106 -8.57 11.72 54.00
C PRO A 106 -8.43 12.07 52.52
N ASP A 107 -7.46 11.44 51.85
CA ASP A 107 -7.28 11.65 50.42
C ASP A 107 -8.28 10.80 49.63
N LEU A 108 -9.08 11.45 48.80
CA LEU A 108 -10.16 10.79 48.08
C LEU A 108 -9.69 10.22 46.74
N LYS A 109 -8.50 10.61 46.30
CA LYS A 109 -8.01 10.23 44.97
C LYS A 109 -8.08 8.73 44.70
N GLY A 110 -7.50 7.95 45.59
CA GLY A 110 -7.46 6.51 45.44
C GLY A 110 -8.85 5.89 45.35
N ALA A 111 -9.74 6.32 46.24
CA ALA A 111 -11.11 5.84 46.24
C ALA A 111 -11.80 6.11 44.91
N LEU A 112 -11.66 7.34 44.41
CA LEU A 112 -12.28 7.75 43.16
C LEU A 112 -11.77 6.95 41.98
N LEU A 113 -10.45 6.91 41.83
CA LEU A 113 -9.86 6.21 40.69
C LEU A 113 -10.21 4.72 40.74
N SER A 114 -10.14 4.14 41.93
CA SER A 114 -10.52 2.74 42.11
C SER A 114 -11.99 2.52 41.78
N LEU A 115 -12.81 3.53 42.03
CA LEU A 115 -14.24 3.45 41.72
C LEU A 115 -14.46 3.46 40.22
N ILE A 116 -13.70 4.32 39.53
CA ILE A 116 -13.76 4.38 38.07
C ILE A 116 -13.35 3.04 37.50
N GLU A 117 -12.28 2.46 38.04
CA GLU A 117 -11.84 1.15 37.59
C GLU A 117 -12.88 0.08 37.89
N TYR A 118 -13.61 0.27 38.98
CA TYR A 118 -14.63 -0.69 39.39
C TYR A 118 -15.81 -0.69 38.44
N TYR A 119 -16.24 0.50 38.03
CA TYR A 119 -17.36 0.61 37.10
C TYR A 119 -16.92 0.42 35.66
N GLN A 120 -15.62 0.23 35.46
CA GLN A 120 -15.04 0.02 34.13
C GLN A 120 -15.34 1.16 33.17
N TRP A 121 -15.02 2.39 33.58
CA TRP A 121 -15.30 3.54 32.73
C TRP A 121 -14.13 3.83 31.81
N ASP A 122 -14.34 3.63 30.51
CA ASP A 122 -13.33 3.94 29.50
C ASP A 122 -13.35 5.43 29.16
N LYS A 123 -14.55 5.99 29.04
CA LYS A 123 -14.72 7.40 28.70
C LYS A 123 -15.78 8.04 29.56
N PHE A 124 -15.49 9.23 30.08
CA PHE A 124 -16.45 9.93 30.93
C PHE A 124 -16.23 11.45 30.95
N ALA A 125 -17.08 12.15 31.69
CA ALA A 125 -16.95 13.60 31.80
C ALA A 125 -16.64 14.00 33.23
N TYR A 126 -15.72 14.94 33.39
CA TYR A 126 -15.28 15.37 34.70
C TYR A 126 -15.63 16.84 34.93
N LEU A 127 -16.55 17.08 35.86
CA LEU A 127 -16.98 18.44 36.17
C LEU A 127 -16.38 18.88 37.50
N TYR A 128 -15.56 19.91 37.45
CA TYR A 128 -14.82 20.37 38.61
C TYR A 128 -14.93 21.88 38.78
N ASP A 129 -14.56 22.36 39.94
CA ASP A 129 -14.44 23.79 40.19
C ASP A 129 -13.14 24.02 40.93
N SER A 130 -12.63 25.24 40.93
CA SER A 130 -11.39 25.45 41.65
C SER A 130 -11.75 26.02 43.01
N ASP A 131 -11.78 25.14 44.00
CA ASP A 131 -12.14 25.48 45.36
C ASP A 131 -11.20 24.75 46.29
N ARG A 132 -11.22 23.44 46.12
CA ARG A 132 -10.40 22.50 46.87
C ARG A 132 -9.08 22.24 46.15
N GLY A 133 -8.86 22.94 45.04
CA GLY A 133 -7.65 22.78 44.28
C GLY A 133 -7.81 21.81 43.13
N LEU A 134 -6.86 21.85 42.21
CA LEU A 134 -6.95 21.05 40.98
C LEU A 134 -6.20 19.73 41.11
N SER A 135 -5.72 19.43 42.30
CA SER A 135 -4.95 18.22 42.58
C SER A 135 -5.61 16.95 42.02
N THR A 136 -6.89 16.77 42.34
CA THR A 136 -7.65 15.62 41.84
C THR A 136 -7.69 15.61 40.32
N LEU A 137 -7.87 16.79 39.73
CA LEU A 137 -7.88 16.92 38.28
C LEU A 137 -6.58 16.42 37.67
N GLN A 138 -5.46 16.90 38.17
CA GLN A 138 -4.15 16.44 37.74
C GLN A 138 -4.04 14.93 37.85
N ALA A 139 -4.52 14.41 38.97
CA ALA A 139 -4.48 12.97 39.22
C ALA A 139 -5.24 12.19 38.13
N VAL A 140 -6.50 12.56 37.90
CA VAL A 140 -7.33 11.83 36.95
C VAL A 140 -6.88 12.05 35.51
N LEU A 141 -6.20 13.15 35.23
CA LEU A 141 -5.65 13.37 33.90
C LEU A 141 -4.44 12.47 33.66
N ASP A 142 -3.56 12.38 34.65
CA ASP A 142 -2.40 11.52 34.53
C ASP A 142 -2.81 10.06 34.45
N SER A 143 -3.82 9.70 35.25
CA SER A 143 -4.32 8.33 35.24
C SER A 143 -5.08 8.06 33.95
N ALA A 144 -5.63 9.11 33.34
CA ALA A 144 -6.30 8.96 32.06
C ALA A 144 -5.29 8.74 30.94
N ALA A 145 -4.15 9.41 31.03
CA ALA A 145 -3.11 9.22 30.03
C ALA A 145 -2.45 7.85 30.18
N GLU A 146 -2.32 7.40 31.42
CA GLU A 146 -1.73 6.10 31.70
C GLU A 146 -2.63 4.92 31.31
N LYS A 147 -3.90 5.00 31.68
CA LYS A 147 -4.86 3.93 31.39
C LYS A 147 -5.64 4.09 30.08
N LYS A 148 -5.25 5.08 29.27
CA LYS A 148 -5.84 5.31 27.94
C LYS A 148 -7.30 5.77 27.96
N TRP A 149 -7.64 6.60 28.94
CA TRP A 149 -8.99 7.10 29.14
C TRP A 149 -9.24 8.33 28.26
N GLN A 150 -10.44 8.47 27.73
CA GLN A 150 -10.80 9.72 27.08
C GLN A 150 -11.72 10.49 28.02
N VAL A 151 -11.17 11.56 28.59
CA VAL A 151 -11.83 12.32 29.64
C VAL A 151 -12.13 13.75 29.21
N THR A 152 -13.35 14.19 29.46
CA THR A 152 -13.74 15.56 29.13
C THR A 152 -13.70 16.44 30.38
N ALA A 153 -12.71 17.31 30.45
CA ALA A 153 -12.51 18.17 31.61
C ALA A 153 -13.20 19.51 31.42
N ILE A 154 -14.16 19.81 32.29
CA ILE A 154 -14.94 21.04 32.18
C ILE A 154 -15.03 21.78 33.51
N ASN A 155 -14.61 23.04 33.51
CA ASN A 155 -14.60 23.84 34.73
C ASN A 155 -15.94 24.54 34.88
N VAL A 156 -16.68 24.17 35.92
CA VAL A 156 -17.99 24.76 36.19
C VAL A 156 -17.90 25.89 37.21
N GLY A 157 -16.70 26.14 37.71
CA GLY A 157 -16.49 27.16 38.72
C GLY A 157 -16.44 28.59 38.18
N ASN A 158 -16.00 28.73 36.94
CA ASN A 158 -15.84 30.06 36.34
C ASN A 158 -17.11 30.62 35.71
N ILE A 159 -18.18 29.84 35.72
CA ILE A 159 -19.45 30.31 35.18
C ILE A 159 -20.20 31.11 36.24
N ASN A 160 -20.51 32.37 35.92
CA ASN A 160 -21.19 33.24 36.88
C ASN A 160 -22.64 32.84 37.08
N ASN A 161 -23.07 32.85 38.34
CA ASN A 161 -24.41 32.38 38.71
C ASN A 161 -25.51 33.28 38.19
N ASP A 162 -25.18 34.55 37.98
CA ASP A 162 -26.13 35.53 37.47
C ASP A 162 -26.53 35.19 36.04
N LYS A 163 -25.54 34.87 35.21
CA LYS A 163 -25.79 34.58 33.81
C LYS A 163 -25.91 33.09 33.52
N LYS A 164 -25.81 32.23 34.53
CA LYS A 164 -25.83 30.80 34.26
C LYS A 164 -27.25 30.26 34.24
N ASP A 165 -27.77 30.10 33.03
CA ASP A 165 -29.01 29.39 32.77
C ASP A 165 -28.78 28.48 31.58
N GLU A 166 -28.57 29.14 30.44
CA GLU A 166 -28.37 28.50 29.15
C GLU A 166 -26.96 27.92 29.03
N THR A 167 -26.06 28.39 29.88
CA THR A 167 -24.69 27.91 29.88
C THR A 167 -24.62 26.41 30.18
N TYR A 168 -25.42 25.97 31.15
CA TYR A 168 -25.47 24.57 31.53
C TYR A 168 -26.29 23.73 30.56
N ARG A 169 -27.33 24.32 29.99
CA ARG A 169 -28.12 23.63 28.98
C ARG A 169 -27.24 23.35 27.77
N SER A 170 -26.38 24.32 27.44
CA SER A 170 -25.42 24.19 26.36
C SER A 170 -24.35 23.18 26.74
N LEU A 171 -23.96 23.20 28.01
CA LEU A 171 -22.99 22.25 28.55
C LEU A 171 -23.43 20.81 28.35
N PHE A 172 -24.62 20.48 28.85
CA PHE A 172 -25.16 19.13 28.73
C PHE A 172 -25.65 18.83 27.31
N GLN A 173 -25.82 19.87 26.50
CA GLN A 173 -26.10 19.67 25.09
C GLN A 173 -24.85 19.13 24.40
N ASP A 174 -23.74 19.83 24.62
CA ASP A 174 -22.44 19.42 24.11
C ASP A 174 -22.05 18.05 24.65
N LEU A 175 -22.46 17.76 25.88
CA LEU A 175 -22.17 16.48 26.51
C LEU A 175 -23.08 15.37 25.99
N GLU A 176 -24.28 15.73 25.54
CA GLU A 176 -25.20 14.77 24.94
C GLU A 176 -24.83 14.47 23.49
N LEU A 177 -24.18 15.43 22.85
CA LEU A 177 -23.74 15.32 21.46
C LEU A 177 -22.95 14.05 21.17
N LYS A 178 -21.97 13.78 22.00
CA LYS A 178 -21.09 12.61 21.82
C LYS A 178 -21.71 11.35 22.41
N GLY A 179 -22.89 11.50 22.99
CA GLY A 179 -23.59 10.38 23.60
C GLY A 179 -22.98 9.94 24.91
N GLU A 180 -22.05 10.74 25.45
CA GLU A 180 -21.38 10.40 26.70
C GLU A 180 -22.37 10.55 27.84
N ARG A 181 -22.55 9.47 28.59
CA ARG A 181 -23.54 9.39 29.64
C ARG A 181 -22.89 9.56 31.01
N ARG A 182 -21.94 8.67 31.30
CA ARG A 182 -21.16 8.70 32.53
C ARG A 182 -20.60 10.08 32.87
N VAL A 183 -20.89 10.54 34.09
CA VAL A 183 -20.49 11.88 34.55
C VAL A 183 -20.00 11.89 36.00
N ILE A 184 -18.86 12.55 36.23
CA ILE A 184 -18.32 12.70 37.57
C ILE A 184 -18.42 14.15 38.05
N LEU A 185 -19.03 14.35 39.21
CA LEU A 185 -19.11 15.68 39.80
C LEU A 185 -18.12 15.83 40.95
N ASP A 186 -17.06 16.60 40.73
CA ASP A 186 -16.19 16.96 41.83
C ASP A 186 -16.43 18.44 42.10
N CYS A 187 -17.17 18.74 43.15
CA CYS A 187 -17.62 20.10 43.42
C CYS A 187 -18.01 20.29 44.88
N GLU A 188 -18.14 21.54 45.29
CA GLU A 188 -18.68 21.86 46.61
C GLU A 188 -20.17 21.53 46.60
N ARG A 189 -20.70 21.15 47.75
CA ARG A 189 -22.08 20.66 47.85
C ARG A 189 -23.11 21.63 47.28
N ASP A 190 -22.85 22.92 47.39
CA ASP A 190 -23.75 23.93 46.83
C ASP A 190 -23.78 23.83 45.31
N LYS A 191 -22.59 23.85 44.70
CA LYS A 191 -22.44 23.72 43.26
C LYS A 191 -23.01 22.38 42.78
N VAL A 192 -22.80 21.34 43.57
CA VAL A 192 -23.34 20.01 43.28
C VAL A 192 -24.85 20.08 43.18
N ASN A 193 -25.49 20.64 44.22
CA ASN A 193 -26.93 20.78 44.25
C ASN A 193 -27.46 21.58 43.06
N ASP A 194 -26.79 22.68 42.75
CA ASP A 194 -27.15 23.50 41.60
C ASP A 194 -27.14 22.70 40.31
N ILE A 195 -26.03 22.01 40.08
CA ILE A 195 -25.87 21.18 38.89
C ILE A 195 -26.94 20.09 38.83
N VAL A 196 -27.25 19.50 39.99
CA VAL A 196 -28.30 18.50 40.09
C VAL A 196 -29.65 19.04 39.66
N ASP A 197 -30.04 20.19 40.22
CA ASP A 197 -31.28 20.85 39.84
C ASP A 197 -31.32 21.15 38.35
N GLN A 198 -30.19 21.59 37.80
CA GLN A 198 -30.13 21.85 36.36
C GLN A 198 -30.32 20.55 35.58
N VAL A 199 -29.83 19.45 36.12
CA VAL A 199 -29.97 18.14 35.50
C VAL A 199 -31.41 17.65 35.48
N ILE A 200 -32.10 17.77 36.61
CA ILE A 200 -33.50 17.36 36.67
C ILE A 200 -34.33 18.28 35.79
N THR A 201 -33.96 19.55 35.73
CA THR A 201 -34.65 20.53 34.90
C THR A 201 -34.53 20.16 33.43
N ILE A 202 -33.32 19.78 33.01
CA ILE A 202 -33.09 19.41 31.61
C ILE A 202 -33.41 17.92 31.37
N GLY A 203 -33.80 17.23 32.43
CA GLY A 203 -34.22 15.84 32.33
C GLY A 203 -33.07 14.90 31.97
N LYS A 204 -31.89 15.17 32.52
CA LYS A 204 -30.73 14.31 32.30
C LYS A 204 -30.58 13.28 33.42
N HIS A 205 -31.54 13.26 34.34
CA HIS A 205 -31.51 12.33 35.46
C HIS A 205 -32.27 11.05 35.11
N VAL A 206 -32.65 10.91 33.85
CA VAL A 206 -33.33 9.70 33.40
C VAL A 206 -32.38 8.52 33.29
N LYS A 207 -32.93 7.36 32.94
CA LYS A 207 -32.15 6.13 32.81
C LYS A 207 -31.07 6.30 31.76
N GLY A 208 -29.93 5.64 31.97
CA GLY A 208 -28.82 5.71 31.04
C GLY A 208 -27.69 6.59 31.55
N TYR A 209 -27.96 7.41 32.56
CA TYR A 209 -26.94 8.27 33.14
C TYR A 209 -26.40 7.72 34.45
N HIS A 210 -25.11 7.94 34.66
CA HIS A 210 -24.44 7.52 35.89
C HIS A 210 -23.63 8.68 36.45
N TYR A 211 -23.99 9.10 37.66
CA TYR A 211 -23.32 10.21 38.31
C TYR A 211 -22.44 9.74 39.45
N ILE A 212 -21.24 10.29 39.53
CA ILE A 212 -20.34 9.98 40.63
C ILE A 212 -20.04 11.26 41.41
N ILE A 213 -20.54 11.32 42.64
CA ILE A 213 -20.27 12.47 43.48
C ILE A 213 -19.00 12.21 44.27
N ALA A 214 -17.99 13.05 44.07
CA ALA A 214 -16.74 12.86 44.79
C ALA A 214 -16.65 13.84 45.96
N ASN A 215 -16.83 13.27 47.16
CA ASN A 215 -16.73 13.97 48.43
C ASN A 215 -17.03 12.98 49.53
N LEU A 216 -16.83 13.38 50.78
CA LEU A 216 -17.10 12.46 51.87
C LEU A 216 -18.51 12.65 52.43
N GLY A 217 -19.26 13.56 51.80
CA GLY A 217 -20.57 13.94 52.29
C GLY A 217 -21.75 13.37 51.53
N PHE A 218 -21.56 12.24 50.87
CA PHE A 218 -22.57 11.69 49.96
C PHE A 218 -23.98 11.60 50.55
N THR A 219 -24.09 11.21 51.82
CA THR A 219 -25.39 11.14 52.47
C THR A 219 -25.71 12.39 53.29
N ASP A 220 -24.80 13.36 53.29
CA ASP A 220 -25.02 14.58 54.05
C ASP A 220 -25.97 15.54 53.32
N GLY A 221 -25.95 15.49 52.00
CA GLY A 221 -26.81 16.32 51.17
C GLY A 221 -28.11 15.61 50.85
N ASP A 222 -29.05 16.33 50.24
CA ASP A 222 -30.33 15.74 49.89
C ASP A 222 -30.20 14.88 48.64
N LEU A 223 -30.43 13.59 48.79
CA LEU A 223 -30.40 12.67 47.66
C LEU A 223 -31.79 12.33 47.13
N LEU A 224 -32.82 12.86 47.80
CA LEU A 224 -34.21 12.54 47.46
C LEU A 224 -34.61 13.08 46.10
N LYS A 225 -33.92 14.14 45.66
CA LYS A 225 -34.23 14.80 44.40
C LYS A 225 -34.14 13.87 43.18
N ILE A 226 -32.97 13.27 43.00
CA ILE A 226 -32.71 12.37 41.87
C ILE A 226 -32.92 10.90 42.22
N GLN A 227 -33.38 10.64 43.43
CA GLN A 227 -33.54 9.27 43.93
C GLN A 227 -34.51 8.45 43.09
N PHE A 228 -35.61 9.08 42.68
CA PHE A 228 -36.63 8.40 41.90
C PHE A 228 -36.48 8.68 40.40
N GLY A 229 -35.45 9.46 40.06
CA GLY A 229 -35.22 9.87 38.68
C GLY A 229 -34.89 8.72 37.74
N GLY A 230 -34.32 7.65 38.30
CA GLY A 230 -33.98 6.47 37.52
C GLY A 230 -32.55 6.43 37.02
N ALA A 231 -31.74 7.40 37.44
CA ALA A 231 -30.32 7.39 37.11
C ALA A 231 -29.49 6.88 38.29
N GLU A 232 -28.47 6.10 38.00
CA GLU A 232 -27.59 5.58 39.04
C GLU A 232 -26.68 6.68 39.57
N VAL A 233 -26.57 6.75 40.89
CA VAL A 233 -25.68 7.70 41.53
C VAL A 233 -24.81 6.99 42.55
N SER A 234 -23.50 7.26 42.51
CA SER A 234 -22.56 6.63 43.43
C SER A 234 -21.74 7.70 44.15
N GLY A 235 -21.23 7.37 45.33
CA GLY A 235 -20.45 8.32 46.10
C GLY A 235 -19.70 7.72 47.27
N PHE A 236 -19.15 8.60 48.11
CA PHE A 236 -18.27 8.20 49.18
C PHE A 236 -18.77 8.69 50.54
N GLN A 237 -18.64 7.84 51.55
CA GLN A 237 -19.09 8.15 52.90
C GLN A 237 -17.97 7.89 53.91
N ILE A 238 -17.60 8.92 54.66
CA ILE A 238 -16.54 8.81 55.67
C ILE A 238 -17.08 8.50 57.07
N VAL A 239 -18.39 8.58 57.24
CA VAL A 239 -19.02 8.31 58.54
C VAL A 239 -20.03 7.18 58.46
N ASP A 240 -19.73 6.07 59.14
CA ASP A 240 -20.63 4.92 59.16
C ASP A 240 -21.55 4.98 60.38
N TYR A 241 -22.85 5.17 60.15
CA TYR A 241 -23.80 5.29 61.24
C TYR A 241 -24.18 3.93 61.85
N ASP A 242 -23.69 2.86 61.24
CA ASP A 242 -23.95 1.52 61.76
C ASP A 242 -23.02 1.18 62.93
N ASP A 243 -21.91 1.92 63.03
CA ASP A 243 -20.97 1.74 64.13
C ASP A 243 -21.58 2.19 65.45
N SER A 244 -21.26 1.47 66.52
CA SER A 244 -21.82 1.75 67.85
C SER A 244 -21.42 3.13 68.37
N LEU A 245 -20.16 3.49 68.13
CA LEU A 245 -19.64 4.79 68.54
C LEU A 245 -20.46 5.91 67.91
N VAL A 246 -20.59 5.83 66.59
CA VAL A 246 -21.31 6.82 65.82
C VAL A 246 -22.79 6.80 66.19
N SER A 247 -23.34 5.61 66.44
CA SER A 247 -24.74 5.49 66.81
C SER A 247 -25.08 6.18 68.14
N LYS A 248 -24.29 5.91 69.17
CA LYS A 248 -24.48 6.55 70.48
C LYS A 248 -24.25 8.06 70.40
N PHE A 249 -23.19 8.44 69.70
CA PHE A 249 -22.88 9.85 69.48
C PHE A 249 -24.06 10.54 68.82
N ILE A 250 -24.65 9.87 67.85
CA ILE A 250 -25.82 10.38 67.14
C ILE A 250 -27.02 10.49 68.08
N GLU A 251 -27.18 9.53 68.99
CA GLU A 251 -28.25 9.62 69.98
C GLU A 251 -28.12 10.87 70.86
N ARG A 252 -26.90 11.12 71.33
CA ARG A 252 -26.64 12.28 72.17
C ARG A 252 -26.76 13.56 71.36
N TRP A 253 -26.45 13.47 70.08
CA TRP A 253 -26.44 14.62 69.19
C TRP A 253 -27.88 15.02 68.90
N SER A 254 -28.73 14.00 68.69
CA SER A 254 -30.12 14.21 68.38
C SER A 254 -30.92 14.63 69.62
N THR A 255 -30.42 14.32 70.81
CA THR A 255 -31.13 14.73 72.02
C THR A 255 -30.80 16.17 72.43
N LEU A 256 -29.75 16.73 71.85
CA LEU A 256 -29.30 18.09 72.17
C LEU A 256 -30.31 19.15 71.72
N GLU A 257 -30.39 20.24 72.48
CA GLU A 257 -31.28 21.35 72.14
C GLU A 257 -30.68 22.25 71.07
N GLU A 258 -31.50 22.63 70.09
CA GLU A 258 -31.04 23.39 68.93
C GLU A 258 -30.66 24.83 69.29
N LYS A 259 -31.27 25.37 70.34
CA LYS A 259 -31.02 26.75 70.72
C LYS A 259 -29.60 26.96 71.20
N GLU A 260 -29.10 26.05 72.03
CA GLU A 260 -27.74 26.14 72.57
C GLU A 260 -26.70 25.72 71.54
N TYR A 261 -26.97 24.62 70.84
CA TYR A 261 -26.09 24.16 69.77
C TYR A 261 -26.80 24.27 68.43
N PRO A 262 -26.41 25.25 67.60
CA PRO A 262 -27.09 25.52 66.33
C PRO A 262 -26.98 24.36 65.34
N GLY A 263 -28.10 24.00 64.72
CA GLY A 263 -28.14 22.94 63.73
C GLY A 263 -27.66 21.59 64.22
N ALA A 264 -27.66 21.41 65.53
CA ALA A 264 -27.16 20.17 66.12
C ALA A 264 -28.26 19.13 66.33
N HIS A 265 -29.51 19.52 66.09
CA HIS A 265 -30.60 18.55 66.22
C HIS A 265 -30.84 17.96 64.84
N THR A 266 -30.39 16.73 64.65
CA THR A 266 -30.45 16.07 63.35
C THR A 266 -30.30 14.56 63.49
N ALA A 267 -30.67 13.85 62.43
CA ALA A 267 -30.39 12.41 62.35
C ALA A 267 -28.94 12.19 61.95
N THR A 268 -28.42 13.05 61.07
CA THR A 268 -27.07 12.92 60.56
C THR A 268 -26.20 14.13 60.92
N ILE A 269 -24.95 14.12 60.47
CA ILE A 269 -24.02 15.21 60.69
C ILE A 269 -23.12 15.37 59.47
N LYS A 270 -22.84 16.62 59.08
CA LYS A 270 -21.93 16.87 57.97
C LYS A 270 -20.54 16.34 58.32
N TYR A 271 -19.87 15.77 57.32
CA TYR A 271 -18.59 15.09 57.54
C TYR A 271 -17.52 16.05 58.06
N THR A 272 -17.64 17.32 57.69
CA THR A 272 -16.71 18.35 58.16
C THR A 272 -16.81 18.52 59.67
N SER A 273 -18.04 18.56 60.17
CA SER A 273 -18.30 18.72 61.59
C SER A 273 -17.78 17.53 62.38
N ALA A 274 -18.03 16.34 61.84
CA ALA A 274 -17.53 15.11 62.44
C ALA A 274 -16.01 15.12 62.50
N LEU A 275 -15.38 15.56 61.40
CA LEU A 275 -13.94 15.69 61.35
C LEU A 275 -13.43 16.69 62.39
N THR A 276 -14.24 17.71 62.66
CA THR A 276 -13.93 18.68 63.70
C THR A 276 -13.93 18.02 65.09
N TYR A 277 -15.00 17.28 65.38
CA TYR A 277 -15.10 16.51 66.61
C TYR A 277 -13.88 15.61 66.82
N ASP A 278 -13.60 14.81 65.79
CA ASP A 278 -12.46 13.90 65.82
C ASP A 278 -11.16 14.68 65.99
N ALA A 279 -11.12 15.90 65.45
CA ALA A 279 -9.96 16.77 65.62
C ALA A 279 -9.77 17.14 67.08
N VAL A 280 -10.87 17.46 67.75
CA VAL A 280 -10.84 17.73 69.18
C VAL A 280 -10.26 16.53 69.92
N GLN A 281 -10.74 15.34 69.57
CA GLN A 281 -10.21 14.11 70.15
C GLN A 281 -8.70 13.99 69.97
N VAL A 282 -8.25 14.25 68.74
CA VAL A 282 -6.84 14.15 68.41
C VAL A 282 -5.99 15.12 69.23
N MET A 283 -6.46 16.36 69.40
CA MET A 283 -5.75 17.35 70.18
C MET A 283 -5.63 16.96 71.65
N THR A 284 -6.78 16.56 72.23
CA THR A 284 -6.80 16.12 73.63
C THR A 284 -5.83 14.96 73.84
N GLU A 285 -5.94 13.93 73.02
CA GLU A 285 -5.05 12.77 73.13
C GLU A 285 -3.58 13.11 72.91
N ALA A 286 -3.32 14.11 72.06
CA ALA A 286 -1.97 14.55 71.79
C ALA A 286 -1.34 15.18 73.04
N PHE A 287 -2.06 16.12 73.64
CA PHE A 287 -1.53 16.79 74.83
C PHE A 287 -1.46 15.83 76.02
N ARG A 288 -2.40 14.89 76.08
CA ARG A 288 -2.36 13.85 77.10
C ARG A 288 -1.11 13.00 76.95
N ASN A 289 -0.79 12.66 75.71
CA ASN A 289 0.42 11.88 75.41
C ASN A 289 1.67 12.71 75.70
N LEU A 290 1.53 14.03 75.63
CA LEU A 290 2.63 14.92 76.00
C LEU A 290 2.86 14.91 77.51
N ARG A 291 1.78 14.87 78.27
CA ARG A 291 1.88 14.86 79.73
C ARG A 291 2.32 13.50 80.28
N LYS A 292 1.94 12.43 79.59
CA LYS A 292 2.32 11.08 80.00
C LYS A 292 3.81 10.81 79.72
N GLN A 293 4.35 11.49 78.72
CA GLN A 293 5.76 11.35 78.37
C GLN A 293 6.62 12.30 79.20
N ARG A 294 5.96 13.02 80.10
CA ARG A 294 6.60 13.98 81.00
C ARG A 294 7.44 15.01 80.24
N ILE A 295 6.78 15.72 79.33
CA ILE A 295 7.43 16.81 78.61
C ILE A 295 6.58 18.05 78.79
N GLU A 296 7.20 19.13 79.28
CA GLU A 296 6.46 20.36 79.54
C GLU A 296 6.63 21.36 78.39
N ILE A 297 5.53 21.66 77.72
CA ILE A 297 5.54 22.55 76.57
C ILE A 297 5.17 23.98 76.95
N SER A 298 4.94 24.21 78.24
CA SER A 298 4.47 25.50 78.74
C SER A 298 5.35 26.67 78.30
N ARG A 299 4.70 27.76 77.90
CA ARG A 299 5.39 28.95 77.41
C ARG A 299 5.98 29.78 78.56
N ARG A 300 7.24 30.17 78.40
CA ARG A 300 7.92 31.00 79.39
C ARG A 300 7.48 32.45 79.31
N GLY A 301 7.42 32.99 78.09
CA GLY A 301 7.00 34.35 77.85
C GLY A 301 6.16 34.49 76.60
N ASN A 302 5.60 35.68 76.39
CA ASN A 302 4.77 35.95 75.22
C ASN A 302 5.55 35.77 73.91
N ALA A 303 4.82 35.35 72.87
CA ALA A 303 5.42 35.06 71.56
C ALA A 303 5.93 36.31 70.84
N GLY A 304 5.30 37.45 71.11
CA GLY A 304 5.67 38.68 70.43
C GLY A 304 5.00 38.81 69.06
N ASP A 305 5.58 39.64 68.19
CA ASP A 305 5.00 39.89 66.88
C ASP A 305 5.40 38.79 65.89
N CYS A 306 4.40 38.25 65.18
CA CYS A 306 4.65 37.19 64.22
C CYS A 306 5.44 37.70 63.01
N LEU A 307 5.17 38.94 62.64
CA LEU A 307 5.82 39.57 61.50
C LEU A 307 7.19 40.15 61.86
N ALA A 308 7.58 40.06 63.13
CA ALA A 308 8.85 40.60 63.56
C ALA A 308 10.00 39.90 62.85
N ASN A 309 10.87 40.69 62.24
CA ASN A 309 11.91 40.18 61.37
C ASN A 309 13.31 40.33 61.97
N PRO A 310 14.12 39.26 61.92
CA PRO A 310 13.74 37.92 61.45
C PRO A 310 12.86 37.16 62.45
N ALA A 311 11.80 36.53 61.95
CA ALA A 311 10.97 35.62 62.73
C ALA A 311 11.79 34.57 63.48
N VAL A 312 11.48 34.38 64.76
CA VAL A 312 12.04 33.27 65.52
C VAL A 312 10.94 32.36 66.06
N PRO A 313 10.98 31.07 65.68
CA PRO A 313 10.03 30.06 66.17
C PRO A 313 10.38 29.56 67.57
N TRP A 314 9.39 29.13 68.34
CA TRP A 314 9.65 28.50 69.64
C TRP A 314 9.98 27.01 69.49
N GLY A 315 10.81 26.51 70.41
CA GLY A 315 11.27 25.13 70.36
C GLY A 315 10.18 24.11 70.59
N GLN A 316 9.36 24.36 71.61
CA GLN A 316 8.28 23.46 72.03
C GLN A 316 7.36 23.03 70.88
N GLY A 317 7.17 23.93 69.92
CA GLY A 317 6.31 23.69 68.77
C GLY A 317 6.56 22.36 68.08
N VAL A 318 7.82 22.06 67.79
CA VAL A 318 8.18 20.80 67.13
C VAL A 318 7.68 19.61 67.94
N GLU A 319 7.81 19.71 69.26
CA GLU A 319 7.41 18.65 70.17
C GLU A 319 5.89 18.48 70.12
N ILE A 320 5.18 19.60 70.06
CA ILE A 320 3.72 19.55 69.97
C ILE A 320 3.28 18.93 68.64
N GLU A 321 3.97 19.29 67.57
CA GLU A 321 3.74 18.72 66.24
C GLU A 321 3.89 17.20 66.23
N ARG A 322 5.05 16.71 66.68
CA ARG A 322 5.29 15.28 66.78
C ARG A 322 4.22 14.62 67.64
N ALA A 323 3.85 15.30 68.73
CA ALA A 323 2.81 14.81 69.62
C ALA A 323 1.51 14.57 68.87
N LEU A 324 1.13 15.54 68.03
CA LEU A 324 -0.09 15.42 67.24
C LEU A 324 -0.02 14.33 66.19
N LYS A 325 1.11 14.26 65.50
CA LYS A 325 1.27 13.32 64.38
C LYS A 325 1.35 11.87 64.84
N GLN A 326 1.78 11.66 66.07
CA GLN A 326 1.95 10.32 66.62
C GLN A 326 0.64 9.76 67.18
N VAL A 327 -0.41 10.59 67.15
CA VAL A 327 -1.69 10.19 67.71
C VAL A 327 -2.37 9.12 66.86
N GLN A 328 -2.90 8.10 67.51
CA GLN A 328 -3.75 7.13 66.83
C GLN A 328 -5.00 6.88 67.66
N VAL A 329 -6.17 7.22 67.12
CA VAL A 329 -7.41 7.13 67.88
C VAL A 329 -8.59 6.61 67.07
N GLU A 330 -9.67 6.25 67.75
CA GLU A 330 -10.89 5.80 67.08
C GLU A 330 -11.94 6.89 67.13
N GLY A 331 -12.51 7.21 65.96
CA GLY A 331 -13.44 8.31 65.84
C GLY A 331 -14.47 8.14 64.73
N LEU A 332 -15.29 9.17 64.53
CA LEU A 332 -16.39 9.12 63.57
C LEU A 332 -15.92 8.86 62.14
N SER A 333 -14.67 9.20 61.87
CA SER A 333 -14.10 9.02 60.53
C SER A 333 -13.44 7.66 60.39
N GLY A 334 -13.57 6.85 61.44
CA GLY A 334 -12.91 5.55 61.49
C GLY A 334 -11.56 5.66 62.18
N ASN A 335 -10.65 4.76 61.84
CA ASN A 335 -9.32 4.78 62.43
C ASN A 335 -8.55 6.03 62.02
N ILE A 336 -8.07 6.77 63.01
CA ILE A 336 -7.34 8.01 62.78
C ILE A 336 -5.86 7.89 63.13
N LYS A 337 -5.01 7.96 62.11
CA LYS A 337 -3.56 7.94 62.29
C LYS A 337 -2.92 8.78 61.20
N PHE A 338 -1.76 9.37 61.49
CA PHE A 338 -1.10 10.26 60.54
C PHE A 338 0.31 9.82 60.20
N ASP A 339 0.79 10.21 59.02
CA ASP A 339 2.18 9.98 58.64
C ASP A 339 3.05 11.14 59.10
N GLN A 340 4.29 11.17 58.64
CA GLN A 340 5.23 12.23 59.02
C GLN A 340 4.79 13.61 58.54
N ASN A 341 4.15 13.67 57.38
CA ASN A 341 3.75 14.95 56.79
C ASN A 341 2.42 15.46 57.31
N GLY A 342 1.64 14.60 57.96
CA GLY A 342 0.38 15.01 58.55
C GLY A 342 -0.87 14.58 57.81
N LYS A 343 -0.68 13.93 56.67
CA LYS A 343 -1.81 13.41 55.90
C LYS A 343 -2.46 12.24 56.63
N ARG A 344 -3.71 11.95 56.31
CA ARG A 344 -4.39 10.82 56.95
C ARG A 344 -3.83 9.50 56.47
N ILE A 345 -3.73 8.55 57.40
CA ILE A 345 -3.26 7.21 57.07
C ILE A 345 -4.26 6.20 57.64
N ASN A 346 -4.38 5.06 56.96
CA ASN A 346 -5.21 3.96 57.39
C ASN A 346 -6.66 4.35 57.62
N TYR A 347 -7.32 4.76 56.56
CA TYR A 347 -8.71 5.13 56.65
C TYR A 347 -9.55 4.14 55.87
N THR A 348 -10.87 4.30 55.98
CA THR A 348 -11.78 3.46 55.25
C THR A 348 -12.83 4.35 54.63
N ILE A 349 -12.91 4.40 53.31
CA ILE A 349 -13.94 5.23 52.69
C ILE A 349 -15.05 4.35 52.17
N ASN A 350 -16.21 4.42 52.80
CA ASN A 350 -17.31 3.56 52.40
C ASN A 350 -17.80 3.95 51.01
N ILE A 351 -17.84 2.97 50.12
CA ILE A 351 -18.34 3.17 48.78
C ILE A 351 -19.82 2.87 48.74
N MET A 352 -20.61 3.90 48.41
CA MET A 352 -22.07 3.80 48.50
C MET A 352 -22.78 4.09 47.18
N GLU A 353 -23.92 3.44 46.99
CA GLU A 353 -24.76 3.65 45.81
C GLU A 353 -26.19 3.99 46.19
N LEU A 354 -26.77 4.94 45.47
CA LEU A 354 -28.15 5.35 45.69
C LEU A 354 -29.09 4.45 44.91
N LYS A 355 -30.02 3.81 45.62
CA LYS A 355 -30.99 2.92 44.99
C LYS A 355 -32.39 3.49 45.15
N THR A 356 -33.39 2.74 44.69
CA THR A 356 -34.79 3.18 44.79
C THR A 356 -35.20 3.42 46.24
N ASN A 357 -35.01 2.40 47.06
CA ASN A 357 -35.36 2.46 48.48
C ASN A 357 -34.53 3.48 49.27
N GLY A 358 -33.35 3.80 48.77
CA GLY A 358 -32.46 4.74 49.42
C GLY A 358 -31.01 4.42 49.16
N PRO A 359 -30.09 5.10 49.86
CA PRO A 359 -28.66 4.81 49.74
C PRO A 359 -28.26 3.52 50.44
N ARG A 360 -27.23 2.86 49.93
CA ARG A 360 -26.71 1.66 50.57
C ARG A 360 -25.22 1.52 50.28
N LYS A 361 -24.49 0.93 51.23
CA LYS A 361 -23.05 0.72 51.06
C LYS A 361 -22.77 -0.53 50.23
N ILE A 362 -22.14 -0.34 49.08
CA ILE A 362 -21.76 -1.45 48.23
C ILE A 362 -20.35 -1.94 48.53
N GLY A 363 -19.61 -1.18 49.33
CA GLY A 363 -18.28 -1.62 49.71
C GLY A 363 -17.48 -0.64 50.52
N TYR A 364 -16.17 -0.87 50.60
CA TYR A 364 -15.28 0.06 51.25
C TYR A 364 -13.98 0.18 50.48
N TRP A 365 -13.27 1.27 50.72
CA TRP A 365 -11.98 1.50 50.08
C TRP A 365 -10.89 1.70 51.13
N SER A 366 -9.80 0.95 50.96
CA SER A 366 -8.65 1.03 51.84
C SER A 366 -7.45 1.54 51.04
N GLU A 367 -6.51 2.16 51.74
CA GLU A 367 -5.32 2.72 51.09
C GLU A 367 -4.46 1.60 50.50
N VAL A 368 -4.50 0.43 51.11
CA VAL A 368 -3.76 -0.73 50.60
C VAL A 368 -4.63 -1.62 49.71
N ASP A 369 -5.71 -2.16 50.28
CA ASP A 369 -6.56 -3.13 49.58
C ASP A 369 -7.32 -2.55 48.38
N LYS A 370 -7.29 -1.23 48.24
CA LYS A 370 -8.11 -0.52 47.25
C LYS A 370 -9.58 -0.83 47.49
N MET A 371 -10.29 -1.16 46.42
CA MET A 371 -11.72 -1.42 46.54
C MET A 371 -12.02 -2.85 46.99
N VAL A 372 -12.88 -2.96 48.00
CA VAL A 372 -13.35 -4.24 48.49
C VAL A 372 -14.87 -4.19 48.58
N VAL A 373 -15.53 -5.20 48.02
CA VAL A 373 -16.97 -5.19 47.94
C VAL A 373 -17.65 -5.90 49.13
N THR A 374 -18.73 -5.30 49.60
CA THR A 374 -19.53 -5.88 50.67
C THR A 374 -20.64 -6.71 50.02
N LEU A 375 -21.65 -7.11 50.81
CA LEU A 375 -22.66 -8.08 50.38
C LEU A 375 -23.28 -7.85 49.01
N THR A 376 -23.06 -8.82 48.13
CA THR A 376 -23.68 -8.87 46.81
C THR A 376 -25.20 -8.98 46.93
N GLU A 377 -25.91 -8.16 46.17
CA GLU A 377 -27.36 -8.27 46.08
C GLU A 377 -27.75 -9.47 45.23
N GLU A 386 -46.57 -5.68 33.94
CA GLU A 386 -45.75 -6.78 33.47
C GLU A 386 -45.57 -6.76 31.95
N GLN A 387 -46.34 -7.59 31.26
CA GLN A 387 -46.23 -7.75 29.82
C GLN A 387 -46.65 -6.49 29.07
N LYS A 388 -45.82 -6.05 28.14
CA LYS A 388 -46.15 -4.92 27.27
C LYS A 388 -46.59 -5.42 25.89
N THR A 389 -47.55 -4.72 25.30
CA THR A 389 -48.00 -5.05 23.94
C THR A 389 -46.86 -4.85 22.96
N VAL A 390 -46.58 -5.88 22.18
CA VAL A 390 -45.46 -5.86 21.24
C VAL A 390 -45.83 -5.14 19.95
N VAL A 391 -45.02 -4.16 19.57
CA VAL A 391 -45.27 -3.41 18.35
C VAL A 391 -44.68 -4.12 17.15
N VAL A 392 -45.54 -4.53 16.23
CA VAL A 392 -45.13 -5.25 15.05
C VAL A 392 -45.22 -4.35 13.82
N THR A 393 -44.07 -4.03 13.24
CA THR A 393 -44.05 -3.19 12.05
C THR A 393 -44.08 -4.08 10.81
N THR A 394 -44.85 -3.65 9.81
CA THR A 394 -44.99 -4.42 8.58
C THR A 394 -45.39 -3.51 7.42
N ILE A 395 -45.23 -4.00 6.20
CA ILE A 395 -45.57 -3.23 5.01
C ILE A 395 -46.64 -3.95 4.21
N LEU A 396 -47.39 -3.20 3.41
CA LEU A 396 -48.43 -3.81 2.57
C LEU A 396 -47.81 -4.42 1.32
N GLU A 397 -47.92 -5.73 1.19
CA GLU A 397 -47.48 -6.43 -0.01
C GLU A 397 -48.31 -7.70 -0.17
N SER A 398 -48.62 -8.07 -1.41
CA SER A 398 -49.44 -9.25 -1.65
C SER A 398 -48.62 -10.52 -1.86
N PRO A 399 -49.12 -11.66 -1.36
CA PRO A 399 -50.20 -11.67 -0.38
C PRO A 399 -49.67 -11.70 1.06
N TYR A 400 -48.71 -10.84 1.39
CA TYR A 400 -48.13 -10.85 2.72
C TYR A 400 -48.96 -10.09 3.75
N VAL A 401 -49.31 -8.86 3.40
CA VAL A 401 -50.20 -8.03 4.20
C VAL A 401 -51.15 -7.28 3.30
N MET A 402 -52.45 -7.48 3.49
CA MET A 402 -53.47 -6.86 2.65
C MET A 402 -54.64 -6.32 3.47
N MET A 403 -55.31 -5.29 2.95
CA MET A 403 -56.48 -4.73 3.60
C MET A 403 -57.73 -5.52 3.23
N LYS A 404 -58.55 -5.83 4.23
CA LYS A 404 -59.79 -6.57 3.98
C LYS A 404 -60.79 -5.69 3.23
N LYS A 405 -61.73 -6.32 2.53
CA LYS A 405 -62.77 -5.59 1.81
C LYS A 405 -63.62 -4.74 2.77
N ASN A 406 -63.93 -5.31 3.93
CA ASN A 406 -64.78 -4.67 4.92
C ASN A 406 -64.01 -3.88 5.98
N HIS A 407 -62.71 -3.72 5.76
CA HIS A 407 -61.78 -3.25 6.79
C HIS A 407 -62.21 -1.97 7.54
N GLU A 408 -63.00 -1.13 6.88
CA GLU A 408 -63.47 0.10 7.49
C GLU A 408 -64.38 -0.18 8.69
N MET A 409 -64.98 -1.37 8.70
CA MET A 409 -65.88 -1.77 9.77
C MET A 409 -65.12 -2.41 10.93
N LEU A 410 -63.83 -2.66 10.74
CA LEU A 410 -63.02 -3.30 11.78
C LEU A 410 -61.97 -2.35 12.33
N GLU A 411 -61.21 -2.83 13.30
CA GLU A 411 -60.20 -2.02 13.97
C GLU A 411 -59.02 -2.87 14.45
N GLY A 412 -57.83 -2.28 14.44
CA GLY A 412 -56.64 -2.97 14.91
C GLY A 412 -56.16 -4.08 14.00
N ASN A 413 -55.73 -5.18 14.61
CA ASN A 413 -55.14 -6.30 13.88
C ASN A 413 -56.12 -7.04 12.99
N GLU A 414 -57.41 -6.79 13.20
CA GLU A 414 -58.45 -7.41 12.38
C GLU A 414 -58.53 -6.75 11.00
N ARG A 415 -57.90 -5.60 10.86
CA ARG A 415 -57.94 -4.86 9.60
C ARG A 415 -57.13 -5.56 8.50
N TYR A 416 -56.05 -6.22 8.91
CA TYR A 416 -55.12 -6.81 7.95
C TYR A 416 -55.26 -8.31 7.79
N GLU A 417 -55.04 -8.78 6.56
CA GLU A 417 -55.03 -10.21 6.26
C GLU A 417 -53.87 -10.52 5.32
N GLY A 418 -53.31 -11.72 5.45
CA GLY A 418 -52.20 -12.12 4.60
C GLY A 418 -51.34 -13.19 5.24
N TYR A 419 -50.33 -13.64 4.52
CA TYR A 419 -49.40 -14.64 5.01
C TYR A 419 -48.68 -14.15 6.27
N CYS A 420 -48.07 -12.98 6.17
CA CYS A 420 -47.34 -12.41 7.30
C CYS A 420 -48.23 -12.11 8.49
N VAL A 421 -49.51 -11.84 8.26
CA VAL A 421 -50.45 -11.62 9.35
C VAL A 421 -50.65 -12.90 10.15
N ASP A 422 -50.93 -13.99 9.45
CA ASP A 422 -51.11 -15.29 10.09
C ASP A 422 -49.83 -15.74 10.78
N LEU A 423 -48.71 -15.49 10.12
CA LEU A 423 -47.40 -15.83 10.67
C LEU A 423 -47.15 -15.04 11.96
N ALA A 424 -47.56 -13.78 11.96
CA ALA A 424 -47.44 -12.92 13.14
C ALA A 424 -48.28 -13.47 14.29
N ALA A 425 -49.51 -13.85 13.96
CA ALA A 425 -50.41 -14.46 14.94
C ALA A 425 -49.79 -15.72 15.54
N GLU A 426 -49.15 -16.53 14.71
CA GLU A 426 -48.51 -17.76 15.16
C GLU A 426 -47.31 -17.49 16.07
N ILE A 427 -46.46 -16.56 15.67
CA ILE A 427 -45.28 -16.20 16.44
C ILE A 427 -45.68 -15.65 17.81
N ALA A 428 -46.69 -14.79 17.81
CA ALA A 428 -47.20 -14.21 19.05
C ALA A 428 -47.83 -15.30 19.92
N LYS A 429 -48.45 -16.29 19.27
CA LYS A 429 -49.08 -17.39 19.98
C LYS A 429 -48.06 -18.28 20.67
N HIS A 430 -46.94 -18.55 20.00
CA HIS A 430 -45.91 -19.41 20.58
C HIS A 430 -45.04 -18.68 21.60
N CYS A 431 -44.81 -17.40 21.38
CA CYS A 431 -43.96 -16.63 22.27
C CYS A 431 -44.78 -16.02 23.42
N GLY A 432 -46.10 -16.10 23.30
CA GLY A 432 -47.00 -15.68 24.37
C GLY A 432 -47.01 -14.20 24.67
N PHE A 433 -47.27 -13.38 23.66
CA PHE A 433 -47.40 -11.94 23.87
C PHE A 433 -48.54 -11.32 23.08
N LYS A 434 -49.00 -10.15 23.52
CA LYS A 434 -50.00 -9.40 22.78
C LYS A 434 -49.30 -8.53 21.74
N TYR A 435 -49.80 -8.53 20.50
CA TYR A 435 -49.13 -7.82 19.41
C TYR A 435 -50.02 -6.79 18.72
N LYS A 436 -49.40 -5.69 18.31
CA LYS A 436 -50.09 -4.63 17.60
C LYS A 436 -49.53 -4.45 16.19
N LEU A 437 -50.32 -4.80 15.19
CA LEU A 437 -49.88 -4.69 13.80
C LEU A 437 -49.94 -3.23 13.34
N THR A 438 -48.81 -2.73 12.86
CA THR A 438 -48.72 -1.35 12.40
C THR A 438 -48.00 -1.28 11.06
N ILE A 439 -48.41 -0.34 10.21
CA ILE A 439 -47.74 -0.15 8.93
C ILE A 439 -46.66 0.91 9.07
N VAL A 440 -45.48 0.64 8.52
CA VAL A 440 -44.35 1.55 8.62
C VAL A 440 -44.69 2.89 7.96
N GLY A 441 -44.16 3.98 8.53
CA GLY A 441 -44.49 5.32 8.08
C GLY A 441 -44.02 5.66 6.68
N ASP A 442 -42.74 5.47 6.41
CA ASP A 442 -42.17 5.86 5.12
C ASP A 442 -42.51 4.86 4.02
N GLY A 443 -42.98 3.68 4.41
CA GLY A 443 -43.38 2.67 3.46
C GLY A 443 -42.23 2.00 2.73
N LYS A 444 -41.10 1.89 3.41
CA LYS A 444 -39.93 1.21 2.85
C LYS A 444 -39.53 0.02 3.73
N TYR A 445 -38.81 -0.94 3.15
CA TYR A 445 -38.39 -2.13 3.90
C TYR A 445 -37.23 -1.77 4.83
N GLY A 446 -36.07 -1.52 4.25
CA GLY A 446 -35.00 -0.85 4.97
C GLY A 446 -33.87 -0.43 4.07
N ALA A 447 -33.24 0.69 4.43
CA ALA A 447 -32.08 1.19 3.69
C ALA A 447 -31.31 2.21 4.51
N ARG A 448 -30.05 2.49 4.15
CA ARG A 448 -29.36 3.64 4.74
C ARG A 448 -29.17 4.72 3.68
N ASP A 449 -29.70 5.90 3.94
CA ASP A 449 -29.55 7.02 3.01
C ASP A 449 -28.09 7.46 2.91
N ALA A 450 -27.62 7.64 1.68
CA ALA A 450 -26.22 7.93 1.42
C ALA A 450 -25.80 9.30 1.95
N ASP A 451 -26.76 10.22 2.04
CA ASP A 451 -26.49 11.57 2.52
C ASP A 451 -26.62 11.68 4.04
N THR A 452 -27.82 11.44 4.54
CA THR A 452 -28.11 11.56 5.97
C THR A 452 -27.48 10.45 6.81
N LYS A 453 -27.19 9.32 6.17
CA LYS A 453 -26.64 8.14 6.85
C LYS A 453 -27.63 7.59 7.87
N ILE A 454 -28.91 7.78 7.60
CA ILE A 454 -29.97 7.34 8.49
C ILE A 454 -30.73 6.14 7.93
N TRP A 455 -30.93 5.12 8.76
CA TRP A 455 -31.71 3.96 8.33
C TRP A 455 -33.20 4.30 8.27
N ASP A 456 -33.81 4.01 7.13
CA ASP A 456 -35.22 4.21 6.92
C ASP A 456 -35.91 2.87 6.66
N GLY A 457 -37.21 2.81 6.95
CA GLY A 457 -38.00 1.62 6.75
C GLY A 457 -38.19 0.86 8.04
N MET A 458 -38.67 -0.38 7.95
CA MET A 458 -38.91 -1.23 9.11
C MET A 458 -37.63 -1.46 9.91
N VAL A 459 -36.53 -1.65 9.19
CA VAL A 459 -35.22 -1.76 9.80
C VAL A 459 -34.95 -0.53 10.65
N GLY A 460 -35.24 0.64 10.08
CA GLY A 460 -35.09 1.90 10.77
C GLY A 460 -35.92 2.00 12.04
N GLU A 461 -37.19 1.63 11.92
CA GLU A 461 -38.11 1.63 13.05
C GLU A 461 -37.62 0.69 14.16
N LEU A 462 -36.93 -0.38 13.75
CA LEU A 462 -36.39 -1.34 14.69
C LEU A 462 -35.13 -0.84 15.39
N VAL A 463 -34.25 -0.22 14.62
CA VAL A 463 -32.98 0.28 15.15
C VAL A 463 -33.22 1.46 16.10
N TYR A 464 -34.14 2.33 15.73
CA TYR A 464 -34.39 3.54 16.50
C TYR A 464 -35.51 3.30 17.52
N GLY A 465 -35.92 2.04 17.62
CA GLY A 465 -36.78 1.57 18.68
C GLY A 465 -38.22 2.06 18.64
N LYS A 466 -38.75 2.26 17.45
CA LYS A 466 -40.15 2.59 17.29
C LYS A 466 -40.97 1.34 17.06
N ALA A 467 -40.29 0.20 16.90
CA ALA A 467 -40.97 -1.08 16.77
C ALA A 467 -40.15 -2.21 17.37
N ASP A 468 -40.82 -3.13 18.04
CA ASP A 468 -40.15 -4.22 18.76
C ASP A 468 -39.81 -5.40 17.87
N ILE A 469 -40.52 -5.53 16.74
CA ILE A 469 -40.30 -6.66 15.85
C ILE A 469 -40.74 -6.30 14.43
N ALA A 470 -40.17 -6.97 13.44
CA ALA A 470 -40.53 -6.73 12.05
C ALA A 470 -40.89 -8.04 11.34
N ILE A 471 -42.16 -8.16 10.95
CA ILE A 471 -42.63 -9.33 10.22
C ILE A 471 -43.19 -8.93 8.86
N ALA A 472 -42.49 -9.36 7.81
CA ALA A 472 -42.75 -8.93 6.44
C ALA A 472 -41.82 -9.70 5.50
N PRO A 473 -42.09 -9.69 4.19
CA PRO A 473 -41.15 -10.35 3.28
C PRO A 473 -39.81 -9.62 3.21
N LEU A 474 -39.09 -9.60 4.32
CA LEU A 474 -37.82 -8.88 4.41
C LEU A 474 -36.66 -9.81 4.03
N THR A 475 -36.00 -9.49 2.93
CA THR A 475 -34.90 -10.31 2.42
C THR A 475 -33.66 -10.21 3.30
N ILE A 476 -33.05 -11.37 3.58
CA ILE A 476 -31.87 -11.40 4.42
C ILE A 476 -30.66 -10.95 3.64
N THR A 477 -30.05 -9.85 4.09
CA THR A 477 -28.88 -9.32 3.44
C THR A 477 -27.81 -9.07 4.49
N LEU A 478 -26.55 -9.13 4.07
CA LEU A 478 -25.43 -8.93 4.98
C LEU A 478 -25.52 -7.54 5.59
N VAL A 479 -25.87 -6.56 4.75
CA VAL A 479 -26.01 -5.18 5.20
C VAL A 479 -27.09 -5.04 6.28
N ARG A 480 -28.16 -5.83 6.17
CA ARG A 480 -29.22 -5.81 7.17
C ARG A 480 -28.86 -6.68 8.38
N GLU A 481 -28.09 -7.74 8.15
CA GLU A 481 -27.69 -8.63 9.23
C GLU A 481 -26.67 -7.97 10.14
N GLU A 482 -25.97 -6.97 9.61
CA GLU A 482 -25.01 -6.23 10.39
C GLU A 482 -25.69 -5.28 11.38
N VAL A 483 -26.74 -4.61 10.94
CA VAL A 483 -27.46 -3.68 11.81
C VAL A 483 -28.47 -4.35 12.75
N ILE A 484 -29.27 -5.28 12.23
CA ILE A 484 -30.28 -5.96 13.05
C ILE A 484 -30.02 -7.45 13.12
N ASP A 485 -30.87 -8.16 13.87
CA ASP A 485 -30.79 -9.61 13.95
C ASP A 485 -31.91 -10.28 13.17
N PHE A 486 -31.53 -11.25 12.34
CA PHE A 486 -32.49 -12.02 11.56
C PHE A 486 -32.74 -13.41 12.16
N SER A 487 -34.02 -13.76 12.29
CA SER A 487 -34.39 -15.13 12.64
C SER A 487 -34.06 -16.05 11.49
N LYS A 488 -33.99 -17.36 11.75
CA LYS A 488 -33.84 -18.34 10.69
C LYS A 488 -34.93 -18.12 9.66
N PRO A 489 -34.61 -18.30 8.37
CA PRO A 489 -35.53 -17.94 7.29
C PRO A 489 -36.82 -18.74 7.32
N PHE A 490 -37.96 -18.06 7.26
CA PHE A 490 -39.25 -18.74 7.28
C PHE A 490 -39.76 -19.04 5.87
N MET A 491 -39.08 -18.47 4.88
CA MET A 491 -39.43 -18.70 3.48
C MET A 491 -38.20 -18.59 2.59
N SER A 492 -38.11 -19.42 1.56
CA SER A 492 -36.97 -19.39 0.65
C SER A 492 -37.37 -18.77 -0.68
N LEU A 493 -36.47 -17.97 -1.25
CA LEU A 493 -36.71 -17.34 -2.54
C LEU A 493 -35.41 -17.03 -3.27
N GLY A 494 -35.53 -16.36 -4.41
CA GLY A 494 -34.36 -15.99 -5.20
C GLY A 494 -34.74 -15.03 -6.31
N ILE A 495 -33.74 -14.30 -6.81
CA ILE A 495 -33.99 -13.35 -7.88
C ILE A 495 -34.33 -14.13 -9.15
N SER A 496 -35.46 -13.80 -9.76
CA SER A 496 -35.94 -14.55 -10.92
C SER A 496 -36.47 -13.64 -12.03
N ILE A 497 -36.66 -14.23 -13.22
CA ILE A 497 -37.02 -13.48 -14.41
C ILE A 497 -38.47 -13.73 -14.82
N MET A 498 -39.21 -12.64 -15.05
CA MET A 498 -40.61 -12.71 -15.43
C MET A 498 -40.87 -12.09 -16.81
N ILE A 499 -41.60 -12.83 -17.66
CA ILE A 499 -42.02 -12.31 -18.97
C ILE A 499 -43.49 -12.59 -19.25
N LYS A 500 -43.97 -12.13 -20.40
CA LYS A 500 -45.34 -12.39 -20.85
C LYS A 500 -45.45 -13.70 -21.61
N LYS A 501 -46.34 -14.58 -21.16
CA LYS A 501 -46.55 -15.87 -21.81
C LYS A 501 -47.14 -15.69 -23.21
N PRO A 502 -46.55 -16.37 -24.21
CA PRO A 502 -47.05 -16.32 -25.59
C PRO A 502 -48.39 -17.06 -25.75
N GLN A 503 -49.19 -16.64 -26.73
CA GLN A 503 -50.50 -17.26 -26.95
C GLN A 503 -50.60 -17.90 -28.33
N LYS A 504 -50.89 -19.19 -28.37
CA LYS A 504 -51.02 -19.92 -29.63
C LYS A 504 -52.48 -20.00 -30.09
N SER A 505 -53.37 -19.39 -29.32
CA SER A 505 -54.80 -19.48 -29.57
C SER A 505 -55.22 -18.82 -30.88
N LYS A 506 -56.34 -19.29 -31.43
CA LYS A 506 -56.92 -18.79 -32.68
C LYS A 506 -55.93 -18.72 -33.84
N PRO A 507 -55.40 -19.87 -34.27
CA PRO A 507 -54.49 -19.90 -35.42
C PRO A 507 -55.18 -19.58 -36.74
N GLY A 508 -56.42 -20.04 -36.89
CA GLY A 508 -57.20 -19.77 -38.08
C GLY A 508 -56.91 -20.72 -39.23
N VAL A 509 -57.67 -20.56 -40.32
CA VAL A 509 -57.51 -21.39 -41.51
C VAL A 509 -56.34 -20.88 -42.35
N PHE A 510 -55.93 -19.64 -42.10
CA PHE A 510 -54.83 -19.01 -42.84
C PHE A 510 -53.51 -19.77 -42.65
N SER A 511 -53.43 -20.59 -41.62
CA SER A 511 -52.24 -21.39 -41.34
C SER A 511 -52.03 -22.48 -42.39
N PHE A 512 -53.11 -22.96 -42.98
CA PHE A 512 -53.01 -23.98 -44.02
C PHE A 512 -52.53 -23.38 -45.34
N LEU A 513 -52.89 -22.11 -45.55
CA LEU A 513 -52.45 -21.38 -46.74
C LEU A 513 -51.17 -20.61 -46.45
N ASP A 514 -50.64 -20.79 -45.25
CA ASP A 514 -49.36 -20.20 -44.88
C ASP A 514 -48.13 -20.83 -45.58
N PRO A 515 -48.07 -22.17 -45.70
CA PRO A 515 -46.93 -22.77 -46.41
C PRO A 515 -46.92 -22.59 -47.93
N LEU A 516 -48.09 -22.36 -48.53
CA LEU A 516 -48.17 -22.10 -49.97
C LEU A 516 -48.95 -20.81 -50.24
N ALA A 517 -48.30 -19.87 -50.92
CA ALA A 517 -48.74 -18.48 -50.97
C ALA A 517 -49.93 -18.28 -51.90
N TYR A 518 -50.66 -17.19 -51.65
CA TYR A 518 -51.74 -16.78 -52.54
C TYR A 518 -51.22 -16.64 -53.97
N GLU A 519 -49.98 -16.16 -54.10
CA GLU A 519 -49.35 -16.06 -55.42
C GLU A 519 -49.18 -17.43 -56.07
N ILE A 520 -48.73 -18.41 -55.30
CA ILE A 520 -48.55 -19.77 -55.82
C ILE A 520 -49.88 -20.48 -56.04
N TRP A 521 -50.89 -20.18 -55.23
CA TRP A 521 -52.19 -20.81 -55.42
C TRP A 521 -52.84 -20.26 -56.69
N MET A 522 -52.83 -18.94 -56.85
CA MET A 522 -53.35 -18.32 -58.05
C MET A 522 -52.59 -18.85 -59.27
N ALA A 523 -51.27 -18.87 -59.17
CA ALA A 523 -50.43 -19.31 -60.28
C ALA A 523 -50.65 -20.77 -60.64
N ILE A 524 -50.86 -21.62 -59.63
CA ILE A 524 -51.08 -23.05 -59.87
C ILE A 524 -52.49 -23.28 -60.42
N VAL A 525 -53.42 -22.38 -60.11
CA VAL A 525 -54.75 -22.45 -60.69
C VAL A 525 -54.69 -22.10 -62.17
N PHE A 526 -54.05 -20.97 -62.48
CA PHE A 526 -53.87 -20.56 -63.87
C PHE A 526 -53.11 -21.61 -64.67
N ALA A 527 -52.12 -22.22 -64.02
CA ALA A 527 -51.35 -23.29 -64.62
C ALA A 527 -52.24 -24.51 -64.87
N TYR A 528 -53.13 -24.78 -63.93
CA TYR A 528 -54.06 -25.90 -64.08
C TYR A 528 -54.98 -25.72 -65.27
N ILE A 529 -55.63 -24.56 -65.37
CA ILE A 529 -56.55 -24.33 -66.47
C ILE A 529 -55.78 -24.25 -67.80
N LEU A 530 -54.54 -23.78 -67.75
CA LEU A 530 -53.71 -23.75 -68.96
C LEU A 530 -53.38 -25.17 -69.43
N VAL A 531 -53.10 -26.06 -68.48
CA VAL A 531 -52.82 -27.45 -68.82
C VAL A 531 -54.10 -28.12 -69.36
N SER A 532 -55.24 -27.74 -68.79
CA SER A 532 -56.52 -28.26 -69.25
C SER A 532 -56.82 -27.85 -70.68
N VAL A 533 -56.57 -26.59 -71.00
CA VAL A 533 -56.84 -26.08 -72.34
C VAL A 533 -55.78 -26.59 -73.33
N VAL A 534 -54.61 -26.95 -72.82
CA VAL A 534 -53.60 -27.60 -73.65
C VAL A 534 -54.04 -29.01 -74.03
N LEU A 535 -54.52 -29.76 -73.04
CA LEU A 535 -55.07 -31.10 -73.29
C LEU A 535 -56.30 -31.06 -74.18
N PHE A 536 -57.04 -29.96 -74.11
CA PHE A 536 -58.23 -29.78 -74.94
C PHE A 536 -57.90 -29.76 -76.43
N LEU A 537 -56.67 -29.36 -76.76
CA LEU A 537 -56.22 -29.30 -78.14
C LEU A 537 -55.20 -30.40 -78.45
N SER A 587 -48.67 -37.20 -77.49
CA SER A 587 -48.95 -35.78 -77.30
C SER A 587 -49.44 -35.50 -75.89
N ALA A 588 -50.52 -36.17 -75.49
CA ALA A 588 -51.11 -35.97 -74.17
C ALA A 588 -50.23 -36.58 -73.08
N ARG A 589 -49.39 -37.54 -73.47
CA ARG A 589 -48.51 -38.23 -72.54
C ARG A 589 -47.51 -37.30 -71.88
N ILE A 590 -46.87 -36.45 -72.67
CA ILE A 590 -45.90 -35.50 -72.13
C ILE A 590 -46.59 -34.41 -71.32
N VAL A 591 -47.86 -34.13 -71.65
CA VAL A 591 -48.64 -33.18 -70.87
C VAL A 591 -48.86 -33.74 -69.47
N ALA A 592 -49.39 -34.96 -69.40
CA ALA A 592 -49.62 -35.65 -68.14
C ALA A 592 -48.32 -35.78 -67.35
N GLY A 593 -47.23 -36.06 -68.05
CA GLY A 593 -45.93 -36.21 -67.41
C GLY A 593 -45.42 -34.93 -66.78
N VAL A 594 -45.42 -33.85 -67.57
CA VAL A 594 -44.95 -32.56 -67.08
C VAL A 594 -45.80 -32.06 -65.93
N TRP A 595 -47.13 -32.20 -66.06
CA TRP A 595 -48.03 -31.79 -64.99
C TRP A 595 -47.80 -32.61 -63.72
N TRP A 596 -47.55 -33.90 -63.91
CA TRP A 596 -47.28 -34.80 -62.79
C TRP A 596 -46.00 -34.43 -62.06
N PHE A 597 -44.97 -34.07 -62.81
CA PHE A 597 -43.70 -33.64 -62.22
C PHE A 597 -43.87 -32.33 -61.46
N PHE A 598 -44.57 -31.39 -62.09
CA PHE A 598 -44.90 -30.10 -61.48
C PHE A 598 -45.62 -30.25 -60.16
N THR A 599 -46.73 -30.97 -60.17
CA THR A 599 -47.51 -31.17 -58.96
C THR A 599 -46.72 -31.99 -57.94
N LEU A 600 -45.80 -32.83 -58.42
CA LEU A 600 -44.96 -33.61 -57.53
C LEU A 600 -44.02 -32.72 -56.70
N ILE A 601 -43.24 -31.91 -57.40
CA ILE A 601 -42.32 -30.99 -56.71
C ILE A 601 -43.11 -30.04 -55.81
N ILE A 602 -44.28 -29.58 -56.27
CA ILE A 602 -45.04 -28.64 -55.46
C ILE A 602 -45.56 -29.28 -54.17
N ILE A 603 -46.13 -30.48 -54.26
CA ILE A 603 -46.63 -31.12 -53.04
C ILE A 603 -45.48 -31.47 -52.08
N SER A 604 -44.34 -31.86 -52.65
CA SER A 604 -43.17 -32.16 -51.82
C SER A 604 -42.70 -30.92 -51.08
N SER A 605 -42.60 -29.82 -51.81
CA SER A 605 -42.17 -28.54 -51.25
C SER A 605 -43.14 -28.07 -50.17
N TYR A 606 -44.44 -28.22 -50.42
CA TYR A 606 -45.44 -27.85 -49.42
C TYR A 606 -45.23 -28.66 -48.15
N THR A 607 -45.01 -29.97 -48.32
CA THR A 607 -44.81 -30.86 -47.19
C THR A 607 -43.62 -30.40 -46.35
N ALA A 608 -42.54 -30.08 -47.05
CA ALA A 608 -41.31 -29.66 -46.39
C ALA A 608 -41.48 -28.33 -45.64
N ASN A 609 -42.10 -27.35 -46.29
CA ASN A 609 -42.29 -26.04 -45.67
C ASN A 609 -43.19 -26.16 -44.44
N LEU A 610 -44.22 -26.99 -44.56
CA LEU A 610 -45.12 -27.22 -43.44
C LEU A 610 -44.32 -27.81 -42.28
N ALA A 611 -43.41 -28.72 -42.62
CA ALA A 611 -42.52 -29.32 -41.62
C ALA A 611 -41.72 -28.26 -40.91
N ALA A 612 -41.25 -27.26 -41.68
CA ALA A 612 -40.53 -26.13 -41.10
C ALA A 612 -41.38 -25.34 -40.11
N PHE A 613 -42.64 -25.09 -40.47
CA PHE A 613 -43.55 -24.35 -39.58
C PHE A 613 -43.85 -25.09 -38.27
N LEU A 614 -44.06 -26.40 -38.39
CA LEU A 614 -44.30 -27.23 -37.20
C LEU A 614 -43.01 -27.31 -36.37
N GLY A 615 -41.88 -27.14 -37.05
CA GLY A 615 -40.61 -26.97 -36.37
C GLY A 615 -40.57 -25.65 -35.61
N VAL A 616 -41.21 -24.63 -36.17
CA VAL A 616 -41.29 -23.32 -35.52
C VAL A 616 -42.08 -23.40 -34.23
N GLU A 617 -43.19 -24.13 -34.25
CA GLU A 617 -43.93 -24.36 -33.01
C GLU A 617 -43.16 -25.26 -32.06
N ARG A 618 -42.34 -26.16 -32.61
CA ARG A 618 -41.51 -27.04 -31.80
C ARG A 618 -40.31 -26.32 -31.18
N MET A 619 -40.02 -25.12 -31.70
CA MET A 619 -38.86 -24.34 -31.27
C MET A 619 -38.93 -23.95 -29.79
N VAL A 620 -37.84 -24.16 -29.06
CA VAL A 620 -37.81 -23.88 -27.63
C VAL A 620 -36.76 -22.83 -27.28
N SER A 621 -36.70 -22.47 -26.00
CA SER A 621 -35.67 -21.61 -25.41
C SER A 621 -35.51 -20.23 -26.05
N PRO A 622 -36.56 -19.39 -26.03
CA PRO A 622 -36.27 -17.99 -26.37
C PRO A 622 -35.35 -17.36 -25.33
N ILE A 623 -35.68 -17.53 -24.05
CA ILE A 623 -34.77 -17.19 -22.95
C ILE A 623 -34.70 -18.35 -21.94
N GLU A 624 -33.56 -19.04 -21.87
CA GLU A 624 -33.43 -20.15 -20.91
C GLU A 624 -32.65 -19.78 -19.65
N SER A 625 -32.11 -18.57 -19.62
CA SER A 625 -31.24 -18.21 -18.51
C SER A 625 -31.03 -16.69 -18.30
N ALA A 626 -30.50 -16.33 -17.13
CA ALA A 626 -30.21 -14.93 -16.81
C ALA A 626 -29.18 -14.40 -17.78
N GLU A 627 -28.26 -15.28 -18.17
CA GLU A 627 -27.16 -14.93 -19.05
C GLU A 627 -27.62 -14.43 -20.41
N ASP A 628 -28.67 -15.05 -20.94
CA ASP A 628 -29.19 -14.69 -22.26
C ASP A 628 -29.65 -13.24 -22.31
N LEU A 629 -30.22 -12.74 -21.21
CA LEU A 629 -30.61 -11.34 -21.14
C LEU A 629 -29.35 -10.48 -21.26
N SER A 630 -28.25 -10.95 -20.68
CA SER A 630 -26.97 -10.24 -20.77
C SER A 630 -26.45 -10.27 -22.20
N LYS A 631 -26.80 -11.32 -22.95
CA LYS A 631 -26.25 -11.47 -24.30
C LYS A 631 -27.05 -10.76 -25.41
N GLN A 632 -28.27 -10.31 -25.10
CA GLN A 632 -29.10 -9.69 -26.13
C GLN A 632 -29.61 -8.31 -25.69
N THR A 633 -29.59 -7.36 -26.60
CA THR A 633 -30.05 -6.00 -26.30
C THR A 633 -31.48 -5.73 -26.76
N GLU A 634 -32.09 -6.70 -27.43
CA GLU A 634 -33.42 -6.52 -27.99
C GLU A 634 -34.49 -6.41 -26.91
N ILE A 635 -34.40 -7.29 -25.92
CA ILE A 635 -35.37 -7.30 -24.84
C ILE A 635 -34.83 -6.55 -23.64
N ALA A 636 -35.45 -5.40 -23.35
CA ALA A 636 -35.09 -4.63 -22.18
C ALA A 636 -35.53 -5.35 -20.92
N TYR A 637 -34.85 -5.10 -19.81
CA TYR A 637 -35.20 -5.72 -18.53
C TYR A 637 -34.82 -4.82 -17.35
N GLY A 638 -35.52 -4.97 -16.23
CA GLY A 638 -35.24 -4.13 -15.08
C GLY A 638 -35.68 -4.66 -13.72
N THR A 639 -35.35 -3.91 -12.67
CA THR A 639 -35.73 -4.25 -11.31
C THR A 639 -36.46 -3.11 -10.61
N LEU A 640 -36.73 -3.27 -9.33
CA LEU A 640 -37.38 -2.21 -8.57
C LEU A 640 -36.45 -1.02 -8.37
N ASP A 641 -37.04 0.13 -8.08
CA ASP A 641 -36.28 1.37 -7.88
C ASP A 641 -35.34 1.26 -6.67
N SER A 642 -35.69 0.38 -5.74
CA SER A 642 -34.87 0.13 -4.57
C SER A 642 -35.13 -1.29 -4.05
N GLY A 643 -34.47 -1.66 -2.96
CA GLY A 643 -34.65 -2.97 -2.39
C GLY A 643 -33.46 -3.88 -2.62
N SER A 644 -33.58 -5.12 -2.16
CA SER A 644 -32.46 -6.05 -2.11
C SER A 644 -31.97 -6.51 -3.48
N THR A 645 -32.86 -6.51 -4.48
CA THR A 645 -32.50 -6.98 -5.81
C THR A 645 -31.57 -6.00 -6.52
N LYS A 646 -31.98 -4.74 -6.57
CA LYS A 646 -31.19 -3.69 -7.18
C LYS A 646 -29.83 -3.62 -6.52
N GLU A 647 -29.81 -3.63 -5.19
CA GLU A 647 -28.57 -3.63 -4.42
C GLU A 647 -27.71 -4.86 -4.67
N PHE A 648 -28.35 -6.01 -4.87
CA PHE A 648 -27.63 -7.21 -5.21
C PHE A 648 -26.89 -6.98 -6.51
N PHE A 649 -27.58 -6.44 -7.52
CA PHE A 649 -26.94 -6.16 -8.80
C PHE A 649 -25.83 -5.11 -8.69
N ARG A 650 -26.07 -4.07 -7.91
CA ARG A 650 -25.08 -3.01 -7.71
C ARG A 650 -23.80 -3.53 -7.08
N ARG A 651 -23.94 -4.27 -5.98
CA ARG A 651 -22.78 -4.75 -5.24
C ARG A 651 -22.14 -6.01 -5.82
N SER A 652 -22.77 -6.61 -6.83
CA SER A 652 -22.29 -7.88 -7.38
C SER A 652 -21.01 -7.74 -8.20
N LYS A 653 -19.98 -8.52 -7.88
CA LYS A 653 -18.73 -8.50 -8.63
C LYS A 653 -18.62 -9.63 -9.65
N ILE A 654 -19.63 -10.50 -9.73
CA ILE A 654 -19.58 -11.60 -10.68
C ILE A 654 -20.08 -11.13 -12.06
N ALA A 655 -19.42 -11.62 -13.11
CA ALA A 655 -19.53 -11.08 -14.47
C ALA A 655 -20.93 -10.77 -15.00
N VAL A 656 -21.75 -11.79 -15.19
CA VAL A 656 -23.05 -11.62 -15.82
C VAL A 656 -23.91 -10.53 -15.18
N PHE A 657 -24.12 -10.68 -13.88
CA PHE A 657 -24.92 -9.71 -13.13
C PHE A 657 -24.31 -8.31 -13.21
N ASP A 658 -22.98 -8.24 -13.20
CA ASP A 658 -22.27 -6.96 -13.36
C ASP A 658 -22.65 -6.29 -14.68
N LYS A 659 -22.48 -7.01 -15.79
CA LYS A 659 -22.86 -6.52 -17.11
C LYS A 659 -24.31 -6.05 -17.13
N MET A 660 -25.19 -6.88 -16.56
CA MET A 660 -26.61 -6.56 -16.48
C MET A 660 -26.85 -5.25 -15.75
N TRP A 661 -26.13 -5.05 -14.64
CA TRP A 661 -26.25 -3.83 -13.85
C TRP A 661 -25.81 -2.63 -14.67
N THR A 662 -24.68 -2.78 -15.36
CA THR A 662 -24.17 -1.73 -16.23
C THR A 662 -25.23 -1.32 -17.24
N TYR A 663 -25.77 -2.30 -17.95
CA TYR A 663 -26.84 -2.05 -18.91
C TYR A 663 -28.01 -1.32 -18.27
N MET A 664 -28.50 -1.85 -17.16
CA MET A 664 -29.68 -1.33 -16.50
C MET A 664 -29.51 0.12 -16.06
N ARG A 665 -28.39 0.41 -15.41
CA ARG A 665 -28.11 1.76 -14.96
C ARG A 665 -27.94 2.72 -16.13
N SER A 666 -27.30 2.26 -17.20
CA SER A 666 -27.02 3.11 -18.35
C SER A 666 -28.23 3.29 -19.28
N ALA A 667 -29.13 2.31 -19.31
CA ALA A 667 -30.22 2.30 -20.29
C ALA A 667 -31.26 3.41 -20.07
N GLU A 668 -31.76 3.95 -21.18
CA GLU A 668 -32.83 4.94 -21.16
C GLU A 668 -33.91 4.56 -22.17
N PRO A 669 -35.19 4.76 -21.83
CA PRO A 669 -35.70 5.26 -20.54
C PRO A 669 -35.49 4.25 -19.41
N SER A 670 -35.64 4.71 -18.17
CA SER A 670 -35.36 3.89 -16.99
C SER A 670 -36.09 2.56 -17.02
N VAL A 671 -35.36 1.48 -16.70
CA VAL A 671 -35.94 0.14 -16.65
C VAL A 671 -36.46 -0.16 -15.26
N PHE A 672 -36.24 0.79 -14.34
CA PHE A 672 -36.63 0.60 -12.95
C PHE A 672 -38.07 1.06 -12.71
N VAL A 673 -38.77 0.33 -11.85
CA VAL A 673 -40.16 0.65 -11.54
C VAL A 673 -40.33 0.95 -10.05
N ARG A 674 -41.36 1.71 -9.71
CA ARG A 674 -41.57 2.12 -8.33
C ARG A 674 -42.14 0.98 -7.50
N THR A 675 -43.10 0.27 -8.08
CA THR A 675 -43.82 -0.80 -7.38
C THR A 675 -43.77 -2.10 -8.16
N THR A 676 -44.13 -3.19 -7.49
CA THR A 676 -44.16 -4.50 -8.12
C THR A 676 -45.26 -4.55 -9.18
N ALA A 677 -46.43 -4.03 -8.83
CA ALA A 677 -47.57 -4.01 -9.74
C ALA A 677 -47.27 -3.21 -11.00
N GLU A 678 -46.47 -2.15 -10.85
CA GLU A 678 -46.06 -1.32 -11.97
C GLU A 678 -45.16 -2.11 -12.92
N GLY A 679 -44.24 -2.88 -12.33
CA GLY A 679 -43.33 -3.70 -13.10
C GLY A 679 -44.06 -4.80 -13.87
N VAL A 680 -44.97 -5.48 -13.18
CA VAL A 680 -45.77 -6.53 -13.81
C VAL A 680 -46.63 -5.94 -14.94
N ALA A 681 -47.25 -4.81 -14.66
CA ALA A 681 -48.04 -4.09 -15.66
C ALA A 681 -47.19 -3.78 -16.88
N ARG A 682 -45.94 -3.38 -16.63
CA ARG A 682 -45.02 -3.10 -17.72
C ARG A 682 -44.69 -4.36 -18.51
N VAL A 683 -44.60 -5.49 -17.83
CA VAL A 683 -44.37 -6.76 -18.51
C VAL A 683 -45.54 -7.12 -19.42
N ARG A 684 -46.75 -6.84 -18.94
CA ARG A 684 -47.97 -7.15 -19.68
C ARG A 684 -48.18 -6.23 -20.88
N LYS A 685 -47.83 -4.96 -20.72
CA LYS A 685 -48.08 -3.95 -21.74
C LYS A 685 -47.02 -3.97 -22.85
N SER A 686 -45.86 -4.55 -22.55
CA SER A 686 -44.70 -4.45 -23.44
C SER A 686 -44.68 -5.49 -24.57
N LYS A 687 -45.71 -6.33 -24.63
CA LYS A 687 -45.81 -7.37 -25.66
C LYS A 687 -44.60 -8.31 -25.61
N GLY A 688 -44.04 -8.47 -24.42
CA GLY A 688 -42.92 -9.37 -24.20
C GLY A 688 -41.57 -8.75 -24.55
N LYS A 689 -41.55 -7.42 -24.68
CA LYS A 689 -40.32 -6.71 -24.97
C LYS A 689 -39.61 -6.30 -23.69
N TYR A 690 -40.29 -6.46 -22.55
CA TYR A 690 -39.71 -6.10 -21.26
C TYR A 690 -39.76 -7.26 -20.27
N ALA A 691 -38.62 -7.50 -19.61
CA ALA A 691 -38.51 -8.54 -18.60
C ALA A 691 -38.33 -7.94 -17.22
N TYR A 692 -38.99 -8.54 -16.23
CA TYR A 692 -38.95 -8.00 -14.88
C TYR A 692 -38.24 -8.94 -13.92
N LEU A 693 -37.22 -8.42 -13.26
CA LEU A 693 -36.46 -9.21 -12.29
C LEU A 693 -37.06 -9.01 -10.91
N LEU A 694 -37.59 -10.08 -10.35
CA LEU A 694 -38.22 -10.01 -9.04
C LEU A 694 -38.07 -11.34 -8.30
N GLU A 695 -38.23 -11.31 -6.99
CA GLU A 695 -38.04 -12.48 -6.16
C GLU A 695 -39.03 -13.60 -6.48
N SER A 696 -38.57 -14.84 -6.31
CA SER A 696 -39.32 -16.03 -6.71
C SER A 696 -40.75 -16.04 -6.18
N THR A 697 -40.91 -15.58 -4.94
CA THR A 697 -42.21 -15.52 -4.28
C THR A 697 -43.22 -14.72 -5.09
N MET A 698 -42.95 -13.42 -5.24
CA MET A 698 -43.85 -12.52 -5.98
C MET A 698 -44.13 -13.03 -7.39
N ASN A 699 -43.12 -13.63 -8.01
CA ASN A 699 -43.26 -14.14 -9.37
C ASN A 699 -44.25 -15.31 -9.41
N GLU A 700 -44.07 -16.27 -8.49
CA GLU A 700 -44.98 -17.41 -8.39
C GLU A 700 -46.40 -16.95 -8.08
N TYR A 701 -46.52 -15.98 -7.19
CA TYR A 701 -47.84 -15.47 -6.80
C TYR A 701 -48.57 -14.79 -7.95
N ILE A 702 -47.89 -13.90 -8.66
CA ILE A 702 -48.50 -13.21 -9.80
C ILE A 702 -48.78 -14.19 -10.93
N GLU A 703 -47.92 -15.20 -11.06
CA GLU A 703 -48.10 -16.24 -12.07
C GLU A 703 -49.37 -17.06 -11.80
N GLN A 704 -49.79 -17.09 -10.53
CA GLN A 704 -50.99 -17.82 -10.13
C GLN A 704 -52.23 -16.93 -10.07
N ARG A 705 -52.08 -15.67 -10.44
CA ARG A 705 -53.19 -14.71 -10.38
C ARG A 705 -53.64 -14.31 -11.78
N LYS A 706 -54.96 -14.19 -11.97
CA LYS A 706 -55.52 -13.75 -13.26
C LYS A 706 -54.99 -12.35 -13.60
N PRO A 707 -54.89 -12.01 -14.88
CA PRO A 707 -55.24 -12.67 -16.15
C PRO A 707 -54.39 -13.89 -16.54
N CYS A 708 -53.38 -14.22 -15.72
CA CYS A 708 -52.56 -15.41 -15.94
C CYS A 708 -51.76 -15.34 -17.23
N ASP A 709 -51.35 -14.13 -17.62
CA ASP A 709 -50.62 -13.93 -18.86
C ASP A 709 -49.10 -13.92 -18.67
N THR A 710 -48.66 -14.03 -17.42
CA THR A 710 -47.24 -13.89 -17.09
C THR A 710 -46.62 -15.19 -16.58
N MET A 711 -45.31 -15.34 -16.78
CA MET A 711 -44.61 -16.54 -16.35
C MET A 711 -43.15 -16.29 -15.96
N LYS A 712 -42.64 -17.18 -15.11
CA LYS A 712 -41.25 -17.15 -14.67
C LYS A 712 -40.39 -18.08 -15.53
N VAL A 713 -39.30 -17.55 -16.07
CA VAL A 713 -38.43 -18.34 -16.95
C VAL A 713 -37.08 -18.65 -16.31
N GLY A 714 -36.61 -19.88 -16.51
CA GLY A 714 -35.31 -20.31 -16.02
C GLY A 714 -35.22 -20.41 -14.52
N GLY A 715 -34.03 -20.67 -14.01
CA GLY A 715 -33.82 -20.84 -12.58
C GLY A 715 -33.72 -19.50 -11.86
N ASN A 716 -33.31 -19.56 -10.60
CA ASN A 716 -33.11 -18.34 -9.81
C ASN A 716 -31.67 -17.87 -9.87
N LEU A 717 -31.49 -16.56 -9.86
CA LEU A 717 -30.16 -15.98 -9.95
C LEU A 717 -29.34 -16.27 -8.69
N ASP A 718 -29.97 -16.11 -7.53
CA ASP A 718 -29.32 -16.38 -6.25
C ASP A 718 -30.26 -17.15 -5.32
N SER A 719 -29.71 -17.73 -4.25
CA SER A 719 -30.53 -18.47 -3.31
C SER A 719 -30.47 -17.85 -1.91
N LYS A 720 -31.60 -17.30 -1.48
CA LYS A 720 -31.70 -16.61 -0.20
C LYS A 720 -33.07 -16.84 0.42
N GLY A 721 -33.35 -16.16 1.54
CA GLY A 721 -34.61 -16.31 2.23
C GLY A 721 -35.10 -15.07 2.95
N TYR A 722 -36.38 -15.06 3.31
CA TYR A 722 -36.92 -13.98 4.14
C TYR A 722 -36.66 -14.31 5.61
N GLY A 723 -37.05 -13.39 6.50
CA GLY A 723 -36.84 -13.62 7.92
C GLY A 723 -37.54 -12.58 8.78
N ILE A 724 -37.81 -12.94 10.03
CA ILE A 724 -38.39 -12.00 10.98
C ILE A 724 -37.26 -11.24 11.66
N ALA A 725 -37.36 -9.91 11.64
CA ALA A 725 -36.26 -9.07 12.12
C ALA A 725 -36.53 -8.50 13.50
N THR A 726 -35.51 -8.51 14.34
CA THR A 726 -35.61 -7.99 15.69
C THR A 726 -34.35 -7.19 16.03
N PRO A 727 -34.52 -6.09 16.79
CA PRO A 727 -33.40 -5.25 17.23
C PRO A 727 -32.32 -6.05 17.95
N LYS A 728 -31.06 -5.68 17.78
CA LYS A 728 -29.96 -6.41 18.37
C LYS A 728 -30.01 -6.37 19.90
N GLY A 729 -29.98 -7.54 20.53
CA GLY A 729 -30.01 -7.64 21.97
C GLY A 729 -31.40 -7.62 22.57
N SER A 730 -32.42 -7.82 21.73
CA SER A 730 -33.79 -7.91 22.21
C SER A 730 -34.06 -9.28 22.82
N SER A 731 -34.99 -9.34 23.76
CA SER A 731 -35.33 -10.58 24.45
C SER A 731 -36.15 -11.49 23.56
N LEU A 732 -36.76 -10.90 22.53
CA LEU A 732 -37.66 -11.63 21.65
C LEU A 732 -36.93 -12.55 20.67
N GLY A 733 -35.65 -12.27 20.45
CA GLY A 733 -34.92 -12.93 19.37
C GLY A 733 -34.93 -14.44 19.40
N THR A 734 -34.47 -15.02 20.50
CA THR A 734 -34.41 -16.48 20.60
C THR A 734 -35.80 -17.13 20.63
N PRO A 735 -36.75 -16.60 21.41
CA PRO A 735 -38.11 -17.17 21.32
C PRO A 735 -38.68 -17.16 19.91
N VAL A 736 -38.54 -16.03 19.22
CA VAL A 736 -39.02 -15.90 17.84
C VAL A 736 -38.34 -16.92 16.94
N ASN A 737 -37.03 -17.05 17.08
CA ASN A 737 -36.26 -18.01 16.28
C ASN A 737 -36.75 -19.44 16.48
N LEU A 738 -36.84 -19.85 17.74
CA LEU A 738 -37.31 -21.19 18.07
C LEU A 738 -38.74 -21.41 17.58
N ALA A 739 -39.53 -20.34 17.59
CA ALA A 739 -40.90 -20.40 17.09
C ALA A 739 -40.93 -20.65 15.59
N VAL A 740 -40.10 -19.93 14.84
CA VAL A 740 -40.03 -20.09 13.39
C VAL A 740 -39.57 -21.51 13.07
N LEU A 741 -38.63 -22.02 13.86
CA LEU A 741 -38.20 -23.41 13.72
C LEU A 741 -39.34 -24.39 13.94
N LYS A 742 -40.08 -24.19 15.03
CA LYS A 742 -41.24 -25.04 15.34
C LYS A 742 -42.24 -25.05 14.19
N LEU A 743 -42.60 -23.86 13.71
CA LEU A 743 -43.51 -23.73 12.58
C LEU A 743 -42.98 -24.43 11.34
N SER A 744 -41.67 -24.36 11.14
CA SER A 744 -41.04 -24.99 9.99
C SER A 744 -41.18 -26.51 10.06
N GLU A 745 -40.80 -27.10 11.18
CA GLU A 745 -40.86 -28.55 11.34
C GLU A 745 -42.30 -29.06 11.34
N GLN A 746 -43.21 -28.25 11.88
CA GLN A 746 -44.62 -28.64 11.93
C GLN A 746 -45.34 -28.51 10.59
N GLY A 747 -44.73 -27.82 9.64
CA GLY A 747 -45.29 -27.70 8.31
C GLY A 747 -46.29 -26.57 8.23
N VAL A 748 -46.31 -25.75 9.28
CA VAL A 748 -47.21 -24.61 9.36
C VAL A 748 -46.89 -23.57 8.28
N LEU A 749 -45.60 -23.35 8.05
CA LEU A 749 -45.15 -22.41 7.03
C LEU A 749 -45.57 -22.88 5.65
N ASP A 750 -45.31 -24.16 5.37
CA ASP A 750 -45.68 -24.78 4.10
C ASP A 750 -47.17 -24.63 3.84
N LYS A 751 -47.96 -25.08 4.80
CA LYS A 751 -49.41 -25.01 4.72
C LYS A 751 -49.89 -23.57 4.53
N LEU A 752 -49.18 -22.65 5.16
CA LEU A 752 -49.51 -21.23 5.04
C LEU A 752 -49.28 -20.71 3.63
N LYS A 753 -48.13 -21.04 3.05
CA LYS A 753 -47.82 -20.62 1.68
C LYS A 753 -48.84 -21.23 0.72
N ASN A 754 -49.13 -22.52 0.90
CA ASN A 754 -50.12 -23.19 0.08
C ASN A 754 -51.49 -22.51 0.20
N LYS A 755 -51.79 -22.04 1.41
CA LYS A 755 -53.02 -21.30 1.66
C LYS A 755 -53.06 -20.02 0.83
N TRP A 756 -52.04 -19.19 0.97
CA TRP A 756 -52.04 -17.86 0.36
C TRP A 756 -51.66 -17.86 -1.13
N TRP A 757 -50.72 -18.71 -1.53
CA TRP A 757 -50.28 -18.74 -2.93
C TRP A 757 -51.18 -19.55 -3.86
N TYR A 758 -51.16 -20.87 -3.71
CA TYR A 758 -51.75 -21.75 -4.70
C TYR A 758 -53.27 -21.92 -4.55
N ASP A 759 -53.72 -22.25 -3.33
CA ASP A 759 -55.13 -22.56 -3.07
C ASP A 759 -56.09 -21.48 -3.60
N LYS A 760 -55.74 -20.22 -3.36
CA LYS A 760 -56.57 -19.10 -3.81
C LYS A 760 -56.25 -18.72 -5.26
N GLY A 761 -55.27 -19.40 -5.84
CA GLY A 761 -54.83 -19.12 -7.19
C GLY A 761 -55.87 -19.42 -8.25
N GLU A 762 -56.10 -18.44 -9.12
CA GLU A 762 -57.12 -18.53 -10.17
C GLU A 762 -56.59 -19.07 -11.51
N CYS A 763 -55.27 -19.23 -11.60
CA CYS A 763 -54.66 -19.63 -12.87
C CYS A 763 -54.77 -21.13 -13.13
N GLY A 764 -55.17 -21.89 -12.12
CA GLY A 764 -55.32 -23.33 -12.26
C GLY A 764 -53.99 -24.05 -12.11
N ALA A 765 -53.97 -25.33 -12.47
CA ALA A 765 -52.77 -26.15 -12.36
C ALA A 765 -51.70 -25.72 -13.36
N SER A 775 -50.11 -31.72 -27.57
CA SER A 775 -48.74 -31.82 -28.06
C SER A 775 -48.61 -31.30 -29.48
N ALA A 776 -49.44 -31.80 -30.39
CA ALA A 776 -49.31 -31.55 -31.81
C ALA A 776 -50.66 -31.72 -32.52
N LEU A 777 -50.62 -31.79 -33.86
CA LEU A 777 -51.80 -32.09 -34.67
C LEU A 777 -52.96 -31.09 -34.55
N SER A 778 -52.68 -29.82 -34.85
CA SER A 778 -53.69 -28.77 -34.84
C SER A 778 -54.92 -29.13 -35.68
N LEU A 779 -56.08 -29.06 -35.05
CA LEU A 779 -57.35 -29.40 -35.69
C LEU A 779 -57.85 -28.27 -36.59
N SER A 780 -57.66 -27.05 -36.11
CA SER A 780 -58.06 -25.84 -36.81
C SER A 780 -57.53 -25.75 -38.24
N ASN A 781 -56.25 -26.09 -38.42
CA ASN A 781 -55.62 -26.05 -39.74
C ASN A 781 -56.30 -26.99 -40.74
N VAL A 782 -56.69 -28.16 -40.26
CA VAL A 782 -57.32 -29.17 -41.10
C VAL A 782 -58.80 -28.84 -41.35
N ALA A 783 -59.39 -28.08 -40.44
CA ALA A 783 -60.78 -27.69 -40.54
C ALA A 783 -61.14 -27.05 -41.87
N GLY A 784 -60.25 -26.21 -42.39
CA GLY A 784 -60.46 -25.56 -43.68
C GLY A 784 -60.57 -26.52 -44.85
N VAL A 785 -59.66 -27.48 -44.90
CA VAL A 785 -59.66 -28.49 -45.96
C VAL A 785 -60.90 -29.37 -45.82
N PHE A 786 -61.33 -29.59 -44.59
CA PHE A 786 -62.61 -30.27 -44.38
C PHE A 786 -63.78 -29.45 -44.94
N TYR A 787 -63.70 -28.13 -44.78
CA TYR A 787 -64.75 -27.24 -45.26
C TYR A 787 -64.84 -27.24 -46.79
N ILE A 788 -63.69 -27.21 -47.45
CA ILE A 788 -63.68 -27.26 -48.92
C ILE A 788 -64.05 -28.65 -49.41
N LEU A 789 -63.82 -29.66 -48.58
CA LEU A 789 -64.26 -31.01 -48.91
C LEU A 789 -65.79 -31.06 -48.93
N VAL A 790 -66.41 -30.59 -47.86
CA VAL A 790 -67.87 -30.56 -47.77
C VAL A 790 -68.47 -29.69 -48.87
N GLY A 791 -67.78 -28.60 -49.21
CA GLY A 791 -68.21 -27.73 -50.30
C GLY A 791 -68.17 -28.46 -51.63
N GLY A 792 -67.10 -29.20 -51.86
CA GLY A 792 -66.95 -29.98 -53.07
C GLY A 792 -68.01 -31.05 -53.19
N LEU A 793 -68.35 -31.69 -52.07
CA LEU A 793 -69.40 -32.69 -52.06
C LEU A 793 -70.76 -32.06 -52.30
N GLY A 794 -70.92 -30.82 -51.84
CA GLY A 794 -72.15 -30.08 -52.07
C GLY A 794 -72.33 -29.79 -53.55
N LEU A 795 -71.27 -29.29 -54.17
CA LEU A 795 -71.28 -29.05 -55.61
C LEU A 795 -71.53 -30.35 -56.38
N ALA A 796 -70.99 -31.44 -55.84
CA ALA A 796 -71.19 -32.76 -56.42
C ALA A 796 -72.67 -33.15 -56.41
N MET A 797 -73.33 -32.90 -55.28
CA MET A 797 -74.77 -33.14 -55.17
C MET A 797 -75.52 -32.25 -56.15
N LEU A 798 -75.04 -31.03 -56.33
CA LEU A 798 -75.66 -30.09 -57.26
C LEU A 798 -75.62 -30.63 -58.69
N VAL A 799 -74.44 -31.08 -59.12
CA VAL A 799 -74.29 -31.64 -60.46
C VAL A 799 -75.12 -32.92 -60.62
N ALA A 800 -75.10 -33.76 -59.59
CA ALA A 800 -75.88 -34.99 -59.58
C ALA A 800 -77.37 -34.70 -59.74
N LEU A 801 -77.82 -33.57 -59.19
CA LEU A 801 -79.21 -33.17 -59.33
C LEU A 801 -79.51 -32.58 -60.71
N ILE A 802 -78.64 -31.72 -61.21
CA ILE A 802 -78.92 -31.09 -62.50
C ILE A 802 -78.86 -32.09 -63.65
N GLU A 803 -78.08 -33.17 -63.49
CA GLU A 803 -78.05 -34.21 -64.52
C GLU A 803 -79.37 -34.97 -64.58
N PHE A 804 -79.76 -35.54 -63.45
CA PHE A 804 -80.99 -36.34 -63.37
C PHE A 804 -82.22 -35.46 -63.32
N ASN B 1 9.95 66.38 46.15
CA ASN B 1 9.16 65.59 45.22
C ASN B 1 9.69 64.15 45.14
N SER B 2 9.92 63.55 46.30
CA SER B 2 10.41 62.18 46.39
C SER B 2 9.26 61.18 46.40
N ILE B 3 9.30 60.21 45.50
CA ILE B 3 8.26 59.19 45.44
C ILE B 3 8.80 57.83 45.85
N GLN B 4 8.37 57.36 47.01
CA GLN B 4 8.81 56.07 47.54
C GLN B 4 8.00 54.93 46.93
N ILE B 5 8.69 54.00 46.26
CA ILE B 5 8.03 52.83 45.72
C ILE B 5 8.80 51.57 46.09
N GLY B 6 8.10 50.63 46.72
CA GLY B 6 8.71 49.38 47.10
C GLY B 6 8.86 48.44 45.92
N GLY B 7 9.76 47.48 46.04
CA GLY B 7 9.90 46.48 45.00
C GLY B 7 10.38 45.14 45.52
N LEU B 8 9.98 44.09 44.82
CA LEU B 8 10.25 42.73 45.24
C LEU B 8 10.83 41.93 44.09
N PHE B 9 12.09 41.54 44.21
CA PHE B 9 12.73 40.72 43.21
C PHE B 9 13.08 39.35 43.77
N PRO B 10 12.53 38.29 43.17
CA PRO B 10 12.83 36.91 43.58
C PRO B 10 14.32 36.64 43.49
N ARG B 11 14.89 35.99 44.50
CA ARG B 11 16.31 35.67 44.49
C ARG B 11 16.65 34.86 43.25
N GLY B 12 17.65 35.30 42.51
CA GLY B 12 18.03 34.66 41.26
C GLY B 12 17.55 35.44 40.06
N ALA B 13 16.80 36.52 40.30
CA ALA B 13 16.39 37.41 39.23
C ALA B 13 17.40 38.53 39.11
N ASP B 14 18.16 38.51 38.02
CA ASP B 14 19.26 39.45 37.83
C ASP B 14 18.93 40.42 36.71
N GLN B 15 18.77 39.88 35.50
CA GLN B 15 18.47 40.68 34.32
C GLN B 15 17.21 41.51 34.51
N GLU B 16 16.28 41.02 35.34
CA GLU B 16 15.07 41.79 35.65
C GLU B 16 15.42 43.06 36.42
N TYR B 17 16.22 42.94 37.46
CA TYR B 17 16.64 44.09 38.25
C TYR B 17 17.53 45.00 37.43
N SER B 18 18.30 44.40 36.53
CA SER B 18 19.14 45.16 35.61
C SER B 18 18.29 46.05 34.72
N ALA B 19 17.27 45.45 34.10
CA ALA B 19 16.36 46.19 33.24
C ALA B 19 15.56 47.20 34.04
N PHE B 20 15.38 46.92 35.33
CA PHE B 20 14.70 47.83 36.23
C PHE B 20 15.55 49.09 36.43
N ARG B 21 16.85 48.88 36.65
CA ARG B 21 17.78 49.98 36.86
C ARG B 21 17.96 50.80 35.58
N VAL B 22 18.03 50.11 34.45
CA VAL B 22 18.13 50.76 33.16
C VAL B 22 16.88 51.60 32.91
N GLY B 23 15.73 51.05 33.29
CA GLY B 23 14.48 51.77 33.19
C GLY B 23 14.50 53.01 34.08
N MET B 24 15.09 52.88 35.26
CA MET B 24 15.23 54.00 36.18
C MET B 24 16.09 55.09 35.57
N VAL B 25 17.14 54.69 34.86
CA VAL B 25 18.06 55.65 34.25
C VAL B 25 17.43 56.36 33.06
N GLN B 26 16.74 55.60 32.21
CA GLN B 26 16.17 56.15 30.98
C GLN B 26 14.96 57.06 31.23
N PHE B 27 14.10 56.66 32.15
CA PHE B 27 12.85 57.39 32.41
C PHE B 27 12.94 58.41 33.55
N SER B 28 14.13 58.61 34.10
CA SER B 28 14.32 59.63 35.12
C SER B 28 13.99 61.00 34.57
N THR B 29 13.40 61.86 35.41
CA THR B 29 12.99 63.19 34.98
C THR B 29 13.25 64.26 36.04
N SER B 30 13.29 65.51 35.60
CA SER B 30 13.56 66.63 36.49
C SER B 30 12.38 66.93 37.44
N GLU B 31 11.17 66.60 37.00
CA GLU B 31 9.97 66.85 37.80
C GLU B 31 9.96 66.05 39.10
N PHE B 32 10.07 64.73 38.97
CA PHE B 32 10.08 63.83 40.11
C PHE B 32 11.07 62.69 39.91
N ARG B 33 11.50 62.07 41.01
CA ARG B 33 12.41 60.94 40.92
C ARG B 33 11.95 59.80 41.82
N LEU B 34 11.84 58.61 41.23
CA LEU B 34 11.44 57.43 41.99
C LEU B 34 12.60 56.95 42.86
N THR B 35 12.28 56.62 44.11
CA THR B 35 13.29 56.15 45.05
C THR B 35 12.94 54.75 45.53
N PRO B 36 13.41 53.73 44.79
CA PRO B 36 13.05 52.34 45.07
C PRO B 36 13.74 51.77 46.30
N HIS B 37 13.00 50.96 47.05
CA HIS B 37 13.59 50.12 48.09
C HIS B 37 13.42 48.66 47.64
N ILE B 38 14.52 48.03 47.25
CA ILE B 38 14.46 46.68 46.73
C ILE B 38 14.54 45.64 47.83
N ASP B 39 13.71 44.61 47.74
CA ASP B 39 13.75 43.52 48.69
C ASP B 39 13.75 42.17 48.00
N ASN B 40 14.84 41.42 48.17
CA ASN B 40 14.93 40.08 47.61
C ASN B 40 14.31 39.10 48.60
N LEU B 41 13.50 38.18 48.09
CA LEU B 41 12.81 37.24 48.95
C LEU B 41 12.56 35.92 48.25
N GLU B 42 11.96 34.98 48.96
CA GLU B 42 11.53 33.74 48.33
C GLU B 42 10.10 33.97 47.87
N VAL B 43 9.93 34.06 46.55
CA VAL B 43 8.67 34.50 46.00
C VAL B 43 7.56 33.47 46.23
N ALA B 44 7.96 32.21 46.36
CA ALA B 44 7.00 31.12 46.58
C ALA B 44 6.54 31.09 48.04
N ASN B 45 7.32 31.71 48.91
CA ASN B 45 7.00 31.74 50.33
C ASN B 45 5.96 32.82 50.63
N SER B 46 4.81 32.40 51.15
CA SER B 46 3.74 33.35 51.45
C SER B 46 4.14 34.25 52.63
N PHE B 47 4.76 33.65 53.65
CA PHE B 47 5.22 34.39 54.81
C PHE B 47 6.20 35.49 54.43
N ALA B 48 7.18 35.13 53.59
CA ALA B 48 8.19 36.09 53.14
C ALA B 48 7.56 37.25 52.39
N VAL B 49 6.63 36.95 51.50
CA VAL B 49 5.93 37.97 50.73
C VAL B 49 5.15 38.88 51.66
N THR B 50 4.39 38.30 52.59
CA THR B 50 3.62 39.09 53.56
C THR B 50 4.51 40.02 54.37
N ASN B 51 5.60 39.47 54.90
CA ASN B 51 6.55 40.23 55.70
C ASN B 51 7.17 41.39 54.93
N ALA B 52 7.62 41.11 53.70
CA ALA B 52 8.22 42.13 52.85
C ALA B 52 7.21 43.21 52.46
N PHE B 53 5.99 42.78 52.19
CA PHE B 53 4.91 43.69 51.80
C PHE B 53 4.56 44.64 52.93
N CYS B 54 4.38 44.10 54.13
CA CYS B 54 4.08 44.92 55.30
C CYS B 54 5.26 45.82 55.65
N SER B 55 6.47 45.34 55.35
CA SER B 55 7.67 46.16 55.51
C SER B 55 7.62 47.38 54.59
N GLN B 56 7.28 47.15 53.32
CA GLN B 56 7.14 48.25 52.35
C GLN B 56 6.01 49.19 52.76
N PHE B 57 4.95 48.61 53.32
CA PHE B 57 3.77 49.37 53.73
C PHE B 57 4.09 50.32 54.87
N SER B 58 4.73 49.81 55.92
CA SER B 58 5.10 50.62 57.07
C SER B 58 6.08 51.73 56.70
N ARG B 59 6.86 51.48 55.65
CA ARG B 59 7.77 52.49 55.11
C ARG B 59 7.00 53.60 54.39
N GLY B 60 5.72 53.32 54.11
CA GLY B 60 4.85 54.29 53.48
C GLY B 60 5.14 54.51 52.00
N VAL B 61 5.26 53.42 51.26
CA VAL B 61 5.46 53.50 49.82
C VAL B 61 4.14 53.76 49.11
N TYR B 62 4.19 54.49 48.00
CA TYR B 62 3.00 54.83 47.25
C TYR B 62 2.61 53.75 46.23
N ALA B 63 3.55 52.86 45.93
CA ALA B 63 3.30 51.76 45.00
C ALA B 63 4.31 50.64 45.19
N ILE B 64 3.99 49.45 44.70
CA ILE B 64 4.93 48.32 44.75
C ILE B 64 5.05 47.60 43.41
N PHE B 65 6.30 47.38 42.98
CA PHE B 65 6.55 46.57 41.79
C PHE B 65 7.21 45.25 42.15
N GLY B 66 6.66 44.14 41.69
CA GLY B 66 7.16 42.85 42.12
C GLY B 66 6.75 41.64 41.31
N PHE B 67 6.96 40.47 41.91
CA PHE B 67 6.57 39.20 41.29
C PHE B 67 5.84 38.32 42.31
N TYR B 68 5.05 37.37 41.82
CA TYR B 68 4.40 36.40 42.69
C TYR B 68 4.42 34.99 42.11
N ASP B 69 4.05 34.02 42.96
CA ASP B 69 4.00 32.62 42.60
C ASP B 69 2.57 32.12 42.81
N LYS B 70 2.26 30.94 42.29
CA LYS B 70 0.93 30.35 42.46
C LYS B 70 0.52 30.28 43.93
N LYS B 71 1.53 30.18 44.80
CA LYS B 71 1.29 30.14 46.24
C LYS B 71 1.02 31.53 46.84
N SER B 72 1.86 32.50 46.47
CA SER B 72 1.84 33.81 47.14
C SER B 72 0.88 34.82 46.52
N VAL B 73 0.38 34.53 45.32
CA VAL B 73 -0.37 35.51 44.54
C VAL B 73 -1.64 35.97 45.26
N ASN B 74 -2.28 35.06 45.99
CA ASN B 74 -3.48 35.40 46.73
C ASN B 74 -3.17 36.35 47.87
N THR B 75 -1.99 36.19 48.48
CA THR B 75 -1.52 37.11 49.51
C THR B 75 -1.38 38.52 48.95
N ILE B 76 -0.70 38.65 47.82
CA ILE B 76 -0.54 39.94 47.15
C ILE B 76 -1.87 40.56 46.78
N THR B 77 -2.73 39.79 46.12
CA THR B 77 -4.02 40.33 45.69
C THR B 77 -4.86 40.80 46.88
N SER B 78 -4.93 39.98 47.92
CA SER B 78 -5.74 40.30 49.09
C SER B 78 -5.21 41.51 49.83
N PHE B 79 -3.89 41.55 50.03
CA PHE B 79 -3.28 42.65 50.77
C PHE B 79 -3.33 43.96 50.00
N CYS B 80 -3.01 43.93 48.71
CA CYS B 80 -3.08 45.11 47.87
C CYS B 80 -4.52 45.61 47.72
N GLY B 81 -5.46 44.68 47.73
CA GLY B 81 -6.85 45.03 47.62
C GLY B 81 -7.38 45.66 48.90
N THR B 82 -6.93 45.16 50.04
CA THR B 82 -7.39 45.66 51.33
C THR B 82 -6.72 46.97 51.72
N LEU B 83 -5.41 47.06 51.55
CA LEU B 83 -4.66 48.24 51.97
C LEU B 83 -4.62 49.31 50.89
N HIS B 84 -5.26 49.02 49.75
CA HIS B 84 -5.36 49.96 48.62
C HIS B 84 -4.00 50.37 48.08
N VAL B 85 -3.04 49.44 48.10
CA VAL B 85 -1.73 49.71 47.54
C VAL B 85 -1.61 49.10 46.15
N SER B 86 -1.18 49.91 45.18
CA SER B 86 -1.07 49.45 43.80
C SER B 86 0.11 48.52 43.61
N PHE B 87 -0.12 47.39 42.93
CA PHE B 87 0.91 46.40 42.69
C PHE B 87 1.06 46.14 41.20
N ILE B 88 2.27 46.36 40.69
CA ILE B 88 2.53 46.11 39.28
C ILE B 88 3.52 44.95 39.12
N THR B 89 3.16 43.97 38.30
CA THR B 89 3.97 42.77 38.13
C THR B 89 4.04 42.21 36.71
N PRO B 90 5.23 41.75 36.30
CA PRO B 90 5.46 40.98 35.07
C PRO B 90 4.92 39.55 35.15
N SER B 91 4.67 39.07 36.36
CA SER B 91 4.28 37.68 36.58
C SER B 91 2.90 37.40 35.99
N PHE B 92 2.56 36.10 35.87
CA PHE B 92 1.36 35.64 35.17
C PHE B 92 0.11 36.36 35.64
N PRO B 93 -0.80 36.65 34.72
CA PRO B 93 -2.06 37.34 35.04
C PRO B 93 -2.94 36.51 35.96
N THR B 94 -3.56 37.15 36.95
CA THR B 94 -4.47 36.44 37.84
C THR B 94 -5.78 36.20 37.11
N ASP B 95 -6.38 35.03 37.32
CA ASP B 95 -7.65 34.76 36.67
C ASP B 95 -8.80 35.15 37.60
N GLY B 96 -9.46 36.24 37.25
CA GLY B 96 -10.54 36.80 38.04
C GLY B 96 -10.49 38.31 37.93
N THR B 97 -11.30 39.02 38.71
CA THR B 97 -11.21 40.47 38.74
C THR B 97 -10.57 40.94 40.04
N HIS B 98 -9.27 41.21 39.99
CA HIS B 98 -8.53 41.66 41.15
C HIS B 98 -8.17 43.15 41.10
N PRO B 99 -8.68 43.94 42.05
CA PRO B 99 -8.36 45.37 42.10
C PRO B 99 -6.96 45.63 42.63
N PHE B 100 -6.45 46.83 42.36
CA PHE B 100 -5.14 47.28 42.85
C PHE B 100 -3.98 46.39 42.41
N VAL B 101 -4.14 45.75 41.26
CA VAL B 101 -3.07 44.99 40.65
C VAL B 101 -2.99 45.33 39.17
N ILE B 102 -1.79 45.69 38.71
CA ILE B 102 -1.56 45.97 37.30
C ILE B 102 -0.64 44.91 36.73
N GLN B 103 -1.22 44.04 35.89
CA GLN B 103 -0.48 42.91 35.35
C GLN B 103 0.11 43.24 34.00
N MET B 104 1.44 43.34 33.96
CA MET B 104 2.16 43.71 32.75
C MET B 104 2.07 42.63 31.68
N ARG B 105 2.02 41.38 32.11
CA ARG B 105 1.97 40.26 31.18
C ARG B 105 0.61 40.14 30.48
N PRO B 106 0.63 40.09 29.15
CA PRO B 106 -0.56 39.86 28.31
C PRO B 106 -1.11 38.45 28.45
N ASP B 107 -2.38 38.25 28.12
CA ASP B 107 -2.99 36.92 28.18
C ASP B 107 -2.64 36.08 26.95
N LEU B 108 -2.05 34.92 27.19
CA LEU B 108 -1.57 34.07 26.10
C LEU B 108 -2.60 33.08 25.55
N LYS B 109 -3.71 32.89 26.28
CA LYS B 109 -4.69 31.86 25.95
C LYS B 109 -5.20 31.91 24.50
N GLY B 110 -5.71 33.08 24.13
CA GLY B 110 -6.27 33.29 22.81
C GLY B 110 -5.29 33.02 21.70
N ALA B 111 -4.08 33.53 21.85
CA ALA B 111 -3.03 33.32 20.87
C ALA B 111 -2.77 31.84 20.66
N LEU B 112 -2.64 31.11 21.76
CA LEU B 112 -2.36 29.68 21.69
C LEU B 112 -3.49 28.92 20.99
N LEU B 113 -4.72 29.14 21.45
CA LEU B 113 -5.87 28.43 20.87
C LEU B 113 -6.04 28.74 19.38
N SER B 114 -5.86 30.02 19.03
CA SER B 114 -5.94 30.42 17.64
C SER B 114 -4.84 29.77 16.81
N LEU B 115 -3.68 29.55 17.44
CA LEU B 115 -2.57 28.91 16.75
C LEU B 115 -2.86 27.43 16.50
N ILE B 116 -3.45 26.78 17.52
CA ILE B 116 -3.83 25.38 17.39
C ILE B 116 -4.85 25.22 16.28
N GLU B 117 -5.83 26.13 16.23
CA GLU B 117 -6.83 26.12 15.16
C GLU B 117 -6.17 26.38 13.81
N TYR B 118 -5.12 27.20 13.82
CA TYR B 118 -4.42 27.56 12.60
C TYR B 118 -3.70 26.35 12.02
N TYR B 119 -3.05 25.57 12.88
CA TYR B 119 -2.35 24.38 12.40
C TYR B 119 -3.30 23.21 12.22
N GLN B 120 -4.55 23.41 12.58
CA GLN B 120 -5.59 22.39 12.44
C GLN B 120 -5.23 21.08 13.14
N TRP B 121 -4.92 21.18 14.43
CA TRP B 121 -4.52 20.02 15.21
C TRP B 121 -5.73 19.32 15.84
N ASP B 122 -6.00 18.10 15.40
CA ASP B 122 -7.09 17.32 15.95
C ASP B 122 -6.67 16.62 17.25
N LYS B 123 -5.44 16.08 17.27
CA LYS B 123 -4.94 15.38 18.45
C LYS B 123 -3.50 15.76 18.75
N PHE B 124 -3.21 16.04 20.02
CA PHE B 124 -1.85 16.41 20.43
C PHE B 124 -1.59 16.10 21.90
N ALA B 125 -0.36 16.38 22.33
CA ALA B 125 0.05 16.17 23.71
C ALA B 125 0.40 17.50 24.37
N TYR B 126 -0.04 17.67 25.60
CA TYR B 126 0.13 18.94 26.29
C TYR B 126 0.99 18.74 27.54
N LEU B 127 2.20 19.32 27.52
CA LEU B 127 3.13 19.18 28.63
C LEU B 127 3.16 20.44 29.48
N TYR B 128 2.78 20.31 30.75
CA TYR B 128 2.61 21.47 31.62
C TYR B 128 3.28 21.28 32.97
N ASP B 129 3.39 22.39 33.71
CA ASP B 129 3.89 22.36 35.08
C ASP B 129 2.97 23.18 35.99
N SER B 130 3.15 23.02 37.30
CA SER B 130 2.27 23.64 38.29
C SER B 130 2.75 25.03 38.72
N ASP B 131 3.72 25.59 38.00
CA ASP B 131 4.33 26.85 38.40
C ASP B 131 3.48 28.08 38.07
N ARG B 132 3.03 28.21 36.83
CA ARG B 132 2.19 29.35 36.46
C ARG B 132 0.70 29.06 36.62
N GLY B 133 0.38 27.86 37.10
CA GLY B 133 -1.00 27.48 37.29
C GLY B 133 -1.56 26.71 36.11
N LEU B 134 -2.70 26.07 36.34
CA LEU B 134 -3.32 25.21 35.34
C LEU B 134 -4.37 25.93 34.50
N SER B 135 -4.45 27.24 34.69
CA SER B 135 -5.43 28.07 33.98
C SER B 135 -5.44 27.82 32.48
N THR B 136 -4.26 27.88 31.87
CA THR B 136 -4.13 27.61 30.44
C THR B 136 -4.62 26.20 30.12
N LEU B 137 -4.22 25.25 30.97
CA LEU B 137 -4.62 23.85 30.83
C LEU B 137 -6.13 23.72 30.86
N GLN B 138 -6.76 24.28 31.89
CA GLN B 138 -8.21 24.31 32.01
C GLN B 138 -8.86 24.88 30.76
N ALA B 139 -8.29 25.98 30.26
CA ALA B 139 -8.80 26.65 29.07
C ALA B 139 -8.79 25.73 27.85
N VAL B 140 -7.63 25.15 27.55
CA VAL B 140 -7.48 24.31 26.37
C VAL B 140 -8.24 22.99 26.50
N LEU B 141 -8.50 22.58 27.74
CA LEU B 141 -9.33 21.41 27.99
C LEU B 141 -10.79 21.72 27.70
N ASP B 142 -11.25 22.90 28.14
CA ASP B 142 -12.62 23.33 27.87
C ASP B 142 -12.84 23.52 26.37
N SER B 143 -11.84 24.08 25.70
CA SER B 143 -11.91 24.29 24.26
C SER B 143 -11.78 22.96 23.52
N ALA B 144 -11.11 22.00 24.14
CA ALA B 144 -11.02 20.65 23.61
C ALA B 144 -12.37 19.97 23.70
N ALA B 145 -13.09 20.29 24.77
CA ALA B 145 -14.43 19.78 24.97
C ALA B 145 -15.40 20.39 23.96
N GLU B 146 -15.19 21.65 23.64
CA GLU B 146 -16.03 22.32 22.65
C GLU B 146 -15.74 21.77 21.25
N LYS B 147 -14.46 21.60 20.94
CA LYS B 147 -14.07 21.06 19.66
C LYS B 147 -13.99 19.54 19.72
N LYS B 148 -13.45 18.94 18.66
CA LYS B 148 -13.28 17.50 18.58
C LYS B 148 -11.90 17.04 19.06
N TRP B 149 -11.17 17.96 19.69
CA TRP B 149 -9.77 17.70 20.06
C TRP B 149 -9.58 16.54 21.03
N GLN B 150 -8.56 15.74 20.78
CA GLN B 150 -8.12 14.71 21.71
C GLN B 150 -6.80 15.14 22.33
N VAL B 151 -6.83 15.51 23.60
CA VAL B 151 -5.66 16.09 24.24
C VAL B 151 -5.12 15.24 25.38
N THR B 152 -3.81 15.01 25.36
CA THR B 152 -3.14 14.26 26.41
C THR B 152 -2.39 15.22 27.36
N ALA B 153 -2.91 15.37 28.57
CA ALA B 153 -2.34 16.28 29.56
C ALA B 153 -1.35 15.57 30.46
N ILE B 154 -0.10 16.03 30.46
CA ILE B 154 0.95 15.39 31.24
C ILE B 154 1.72 16.40 32.08
N ASN B 155 1.76 16.17 33.39
CA ASN B 155 2.39 17.10 34.31
C ASN B 155 3.88 16.80 34.49
N VAL B 156 4.72 17.71 33.99
CA VAL B 156 6.17 17.56 34.09
C VAL B 156 6.75 18.34 35.27
N GLY B 157 5.89 19.04 36.00
CA GLY B 157 6.35 19.90 37.08
C GLY B 157 6.68 19.21 38.38
N ASN B 158 6.04 18.07 38.63
CA ASN B 158 6.24 17.36 39.90
C ASN B 158 7.46 16.46 39.86
N ILE B 159 8.13 16.43 38.71
CA ILE B 159 9.33 15.62 38.54
C ILE B 159 10.56 16.40 39.03
N ASN B 160 11.27 15.83 40.00
CA ASN B 160 12.46 16.46 40.56
C ASN B 160 13.65 16.42 39.61
N ASN B 161 14.37 17.53 39.51
CA ASN B 161 15.45 17.67 38.53
C ASN B 161 16.66 16.80 38.81
N ASP B 162 16.88 16.46 40.08
CA ASP B 162 18.03 15.65 40.47
C ASP B 162 17.93 14.23 39.93
N LYS B 163 16.75 13.62 40.08
CA LYS B 163 16.55 12.24 39.67
C LYS B 163 15.93 12.08 38.28
N LYS B 164 15.70 13.17 37.56
CA LYS B 164 14.99 13.03 36.29
C LYS B 164 15.93 12.72 35.13
N ASP B 165 15.95 11.45 34.74
CA ASP B 165 16.59 10.99 33.54
C ASP B 165 15.59 10.12 32.79
N GLU B 166 15.29 8.99 33.42
CA GLU B 166 14.39 7.97 32.88
C GLU B 166 12.94 8.43 32.95
N THR B 167 12.68 9.46 33.75
CA THR B 167 11.34 10.02 33.84
C THR B 167 10.90 10.53 32.48
N TYR B 168 11.81 11.18 31.76
CA TYR B 168 11.52 11.71 30.43
C TYR B 168 11.48 10.62 29.37
N ARG B 169 12.33 9.61 29.52
CA ARG B 169 12.33 8.49 28.60
C ARG B 169 11.01 7.73 28.69
N SER B 170 10.50 7.60 29.92
CA SER B 170 9.21 6.97 30.17
C SER B 170 8.07 7.85 29.68
N LEU B 171 8.21 9.15 29.88
CA LEU B 171 7.25 10.13 29.39
C LEU B 171 7.06 10.02 27.88
N PHE B 172 8.16 10.14 27.16
CA PHE B 172 8.12 10.08 25.71
C PHE B 172 7.88 8.66 25.22
N GLN B 173 8.04 7.68 26.12
CA GLN B 173 7.66 6.31 25.82
C GLN B 173 6.13 6.23 25.75
N ASP B 174 5.48 6.76 26.78
CA ASP B 174 4.03 6.86 26.81
C ASP B 174 3.54 7.69 25.63
N LEU B 175 4.36 8.66 25.22
CA LEU B 175 4.04 9.49 24.06
C LEU B 175 4.24 8.71 22.76
N GLU B 176 5.10 7.69 22.80
CA GLU B 176 5.30 6.82 21.65
C GLU B 176 4.15 5.84 21.53
N LEU B 177 3.53 5.52 22.66
CA LEU B 177 2.40 4.60 22.70
C LEU B 177 1.31 5.04 21.73
N LYS B 178 0.94 6.32 21.82
CA LYS B 178 -0.12 6.86 20.96
C LYS B 178 0.40 7.34 19.61
N GLY B 179 1.71 7.30 19.41
CA GLY B 179 2.26 7.74 18.14
C GLY B 179 2.18 9.23 17.93
N GLU B 180 1.95 9.98 19.00
CA GLU B 180 1.71 11.42 18.90
C GLU B 180 2.92 12.21 18.45
N ARG B 181 2.79 12.89 17.32
CA ARG B 181 3.91 13.68 16.79
C ARG B 181 3.73 15.18 17.02
N ARG B 182 2.55 15.58 17.47
CA ARG B 182 2.31 16.97 17.81
C ARG B 182 2.33 17.19 19.33
N VAL B 183 3.17 18.12 19.77
CA VAL B 183 3.34 18.34 21.21
C VAL B 183 3.39 19.82 21.56
N ILE B 184 2.63 20.20 22.59
CA ILE B 184 2.64 21.57 23.07
C ILE B 184 3.32 21.63 24.43
N LEU B 185 4.32 22.50 24.54
CA LEU B 185 5.02 22.71 25.79
C LEU B 185 4.56 23.98 26.46
N ASP B 186 3.84 23.86 27.58
CA ASP B 186 3.53 25.03 28.37
C ASP B 186 4.36 24.97 29.64
N CYS B 187 5.43 25.76 29.66
CA CYS B 187 6.37 25.72 30.76
C CYS B 187 7.26 26.96 30.79
N GLU B 188 7.93 27.17 31.92
CA GLU B 188 8.95 28.21 32.03
C GLU B 188 10.18 27.80 31.22
N ARG B 189 10.95 28.79 30.78
CA ARG B 189 12.06 28.61 29.85
C ARG B 189 13.06 27.52 30.28
N ASP B 190 13.25 27.36 31.58
CA ASP B 190 14.17 26.34 32.09
C ASP B 190 13.68 24.93 31.78
N LYS B 191 12.45 24.63 32.18
CA LYS B 191 11.84 23.34 31.90
C LYS B 191 11.75 23.11 30.40
N VAL B 192 11.48 24.18 29.66
CA VAL B 192 11.45 24.12 28.20
C VAL B 192 12.78 23.62 27.67
N ASN B 193 13.87 24.27 28.09
CA ASN B 193 15.20 23.90 27.66
C ASN B 193 15.58 22.47 28.02
N ASP B 194 15.27 22.07 29.26
CA ASP B 194 15.51 20.70 29.69
C ASP B 194 14.79 19.69 28.80
N ILE B 195 13.49 19.91 28.62
CA ILE B 195 12.67 19.03 27.80
C ILE B 195 13.20 18.97 26.37
N VAL B 196 13.63 20.11 25.85
CA VAL B 196 14.22 20.16 24.51
C VAL B 196 15.45 19.26 24.43
N ASP B 197 16.37 19.42 25.38
CA ASP B 197 17.56 18.58 25.42
C ASP B 197 17.22 17.10 25.46
N GLN B 198 16.21 16.76 26.27
CA GLN B 198 15.76 15.39 26.35
C GLN B 198 15.17 14.90 25.03
N VAL B 199 14.53 15.80 24.30
CA VAL B 199 13.96 15.48 22.99
C VAL B 199 15.06 15.18 21.98
N ILE B 200 16.08 16.02 21.96
CA ILE B 200 17.20 15.83 21.04
C ILE B 200 17.95 14.55 21.35
N THR B 201 18.07 14.24 22.65
CA THR B 201 18.80 13.04 23.06
C THR B 201 18.17 11.77 22.49
N ILE B 202 16.85 11.68 22.57
CA ILE B 202 16.14 10.50 22.06
C ILE B 202 15.83 10.64 20.58
N GLY B 203 16.25 11.75 19.98
CA GLY B 203 16.14 11.95 18.55
C GLY B 203 14.73 12.09 18.02
N LYS B 204 13.87 12.75 18.79
CA LYS B 204 12.51 13.02 18.35
C LYS B 204 12.38 14.42 17.75
N HIS B 205 13.51 15.11 17.61
CA HIS B 205 13.52 16.45 17.04
C HIS B 205 13.73 16.44 15.52
N VAL B 206 13.72 15.25 14.93
CA VAL B 206 13.80 15.11 13.48
C VAL B 206 12.47 15.45 12.81
N LYS B 207 12.45 15.37 11.48
CA LYS B 207 11.25 15.67 10.70
C LYS B 207 10.07 14.79 11.07
N GLY B 208 8.87 15.36 10.98
CA GLY B 208 7.65 14.64 11.30
C GLY B 208 7.05 15.05 12.65
N TYR B 209 7.85 15.72 13.46
CA TYR B 209 7.40 16.21 14.76
C TYR B 209 7.13 17.70 14.72
N HIS B 210 6.10 18.13 15.46
CA HIS B 210 5.78 19.55 15.53
C HIS B 210 5.62 19.99 16.98
N TYR B 211 6.46 20.93 17.40
CA TYR B 211 6.44 21.43 18.77
C TYR B 211 5.91 22.85 18.84
N ILE B 212 5.05 23.13 19.81
CA ILE B 212 4.56 24.49 20.04
C ILE B 212 4.91 24.97 21.44
N ILE B 213 5.80 25.95 21.52
CA ILE B 213 6.21 26.52 22.78
C ILE B 213 5.27 27.63 23.22
N ALA B 214 4.63 27.45 24.37
CA ALA B 214 3.71 28.47 24.87
C ALA B 214 4.38 29.33 25.95
N ASN B 215 4.71 30.55 25.53
CA ASN B 215 5.28 31.58 26.38
C ASN B 215 5.55 32.78 25.49
N LEU B 216 5.93 33.91 26.09
CA LEU B 216 6.22 35.10 25.32
C LEU B 216 7.72 35.15 25.03
N GLY B 217 8.42 34.11 25.49
CA GLY B 217 9.87 34.03 25.46
C GLY B 217 10.50 33.14 24.39
N PHE B 218 9.79 32.91 23.30
CA PHE B 218 10.21 31.97 22.26
C PHE B 218 11.66 32.15 21.80
N THR B 219 12.12 33.39 21.69
CA THR B 219 13.49 33.66 21.29
C THR B 219 14.40 33.89 22.49
N ASP B 220 13.85 33.82 23.70
CA ASP B 220 14.65 34.03 24.90
C ASP B 220 15.47 32.81 25.27
N GLY B 221 14.96 31.63 24.94
CA GLY B 221 15.67 30.40 25.21
C GLY B 221 16.52 30.03 24.02
N ASP B 222 17.40 29.04 24.17
CA ASP B 222 18.26 28.64 23.07
C ASP B 222 17.52 27.76 22.08
N LEU B 223 17.37 28.26 20.85
CA LEU B 223 16.72 27.49 19.79
C LEU B 223 17.69 26.86 18.81
N LEU B 224 18.98 27.12 18.98
CA LEU B 224 19.97 26.64 18.02
C LEU B 224 20.06 25.13 18.08
N LYS B 225 19.69 24.57 19.22
CA LYS B 225 19.73 23.14 19.44
C LYS B 225 18.85 22.35 18.47
N ILE B 226 17.57 22.69 18.42
CA ILE B 226 16.64 21.97 17.55
C ILE B 226 16.44 22.67 16.21
N GLN B 227 17.18 23.76 15.99
CA GLN B 227 17.02 24.56 14.78
C GLN B 227 17.32 23.75 13.51
N PHE B 228 18.36 22.92 13.56
CA PHE B 228 18.77 22.14 12.40
C PHE B 228 18.20 20.72 12.42
N GLY B 229 17.41 20.41 13.45
CA GLY B 229 16.88 19.07 13.62
C GLY B 229 15.91 18.64 12.53
N GLY B 230 15.23 19.62 11.92
CA GLY B 230 14.30 19.33 10.84
C GLY B 230 12.87 19.17 11.32
N ALA B 231 12.62 19.46 12.59
CA ALA B 231 11.26 19.43 13.13
C ALA B 231 10.70 20.84 13.22
N GLU B 232 9.41 20.97 12.94
CA GLU B 232 8.76 22.28 13.02
C GLU B 232 8.62 22.73 14.47
N VAL B 233 8.97 23.98 14.72
CA VAL B 233 8.81 24.57 16.03
C VAL B 233 8.11 25.91 15.88
N SER B 234 7.08 26.14 16.69
CA SER B 234 6.33 27.38 16.64
C SER B 234 6.28 27.99 18.04
N GLY B 235 6.10 29.32 18.11
CA GLY B 235 6.04 29.98 19.40
C GLY B 235 5.57 31.41 19.36
N PHE B 236 5.68 32.09 20.50
CA PHE B 236 5.15 33.46 20.64
C PHE B 236 6.20 34.44 21.12
N GLN B 237 6.18 35.63 20.53
CA GLN B 237 7.14 36.67 20.86
C GLN B 237 6.41 37.95 21.21
N ILE B 238 6.67 38.47 22.41
CA ILE B 238 6.03 39.70 22.85
C ILE B 238 6.92 40.92 22.58
N VAL B 239 8.17 40.68 22.20
CA VAL B 239 9.10 41.76 21.89
C VAL B 239 9.65 41.66 20.48
N ASP B 240 9.31 42.61 19.62
CA ASP B 240 9.81 42.59 18.25
C ASP B 240 11.08 43.42 18.12
N TYR B 241 12.18 42.73 17.80
CA TYR B 241 13.48 43.38 17.71
C TYR B 241 13.61 44.18 16.41
N ASP B 242 12.62 44.05 15.54
CA ASP B 242 12.61 44.80 14.29
C ASP B 242 12.10 46.23 14.50
N ASP B 243 11.41 46.46 15.62
CA ASP B 243 10.92 47.79 15.95
C ASP B 243 12.07 48.74 16.25
N SER B 244 11.93 50.00 15.84
CA SER B 244 12.98 51.00 16.02
C SER B 244 13.28 51.25 17.49
N LEU B 245 12.22 51.31 18.31
CA LEU B 245 12.36 51.52 19.75
C LEU B 245 13.22 50.40 20.34
N VAL B 246 12.82 49.16 20.05
CA VAL B 246 13.51 47.98 20.55
C VAL B 246 14.93 47.92 20.01
N SER B 247 15.10 48.30 18.75
CA SER B 247 16.43 48.31 18.13
C SER B 247 17.38 49.25 18.87
N LYS B 248 16.90 50.46 19.13
CA LYS B 248 17.69 51.45 19.85
C LYS B 248 17.99 50.96 21.27
N PHE B 249 16.96 50.41 21.92
CA PHE B 249 17.13 49.86 23.26
C PHE B 249 18.21 48.79 23.29
N ILE B 250 18.19 47.90 22.30
CA ILE B 250 19.17 46.83 22.20
C ILE B 250 20.56 47.39 21.95
N GLU B 251 20.65 48.42 21.11
CA GLU B 251 21.93 49.08 20.85
C GLU B 251 22.52 49.62 22.15
N ARG B 252 21.67 50.23 22.98
CA ARG B 252 22.13 50.75 24.27
C ARG B 252 22.41 49.62 25.27
N TRP B 253 21.68 48.53 25.13
CA TRP B 253 21.71 47.38 26.05
C TRP B 253 22.98 46.55 25.89
N SER B 254 23.40 46.37 24.65
CA SER B 254 24.56 45.54 24.33
C SER B 254 25.87 46.22 24.74
N THR B 255 25.84 47.53 24.90
CA THR B 255 27.05 48.27 25.25
C THR B 255 27.30 48.27 26.76
N LEU B 256 26.30 47.86 27.53
CA LEU B 256 26.44 47.85 29.00
C LEU B 256 27.48 46.84 29.46
N GLU B 257 28.19 47.19 30.53
CA GLU B 257 29.16 46.29 31.13
C GLU B 257 28.46 45.26 32.01
N GLU B 258 28.88 44.00 31.89
CA GLU B 258 28.20 42.90 32.57
C GLU B 258 28.42 42.96 34.08
N LYS B 259 29.52 43.55 34.50
CA LYS B 259 29.87 43.64 35.91
C LYS B 259 28.89 44.52 36.69
N GLU B 260 28.56 45.67 36.13
CA GLU B 260 27.65 46.61 36.77
C GLU B 260 26.22 46.13 36.63
N TYR B 261 25.85 45.70 35.43
CA TYR B 261 24.53 45.15 35.18
C TYR B 261 24.63 43.66 34.84
N PRO B 262 24.23 42.79 35.78
CA PRO B 262 24.35 41.34 35.60
C PRO B 262 23.51 40.78 34.46
N GLY B 263 24.13 39.94 33.63
CA GLY B 263 23.45 39.29 32.52
C GLY B 263 22.83 40.27 31.53
N ALA B 264 23.30 41.51 31.55
CA ALA B 264 22.72 42.54 30.70
C ALA B 264 23.47 42.68 29.37
N HIS B 265 24.58 41.95 29.22
CA HIS B 265 25.30 41.98 27.95
C HIS B 265 24.78 40.84 27.10
N THR B 266 23.97 41.17 26.10
CA THR B 266 23.31 40.19 25.26
C THR B 266 22.82 40.81 23.97
N ALA B 267 22.51 39.96 22.99
CA ALA B 267 21.84 40.41 21.78
C ALA B 267 20.35 40.58 22.05
N THR B 268 19.80 39.72 22.90
CA THR B 268 18.37 39.71 23.20
C THR B 268 18.10 39.97 24.68
N ILE B 269 16.83 39.96 25.05
CA ILE B 269 16.43 40.15 26.45
C ILE B 269 15.20 39.31 26.78
N LYS B 270 15.19 38.72 27.98
CA LYS B 270 14.04 37.94 28.44
C LYS B 270 12.79 38.80 28.56
N TYR B 271 11.65 38.24 28.18
CA TYR B 271 10.41 39.01 28.09
C TYR B 271 9.98 39.55 29.45
N THR B 272 10.33 38.84 30.52
CA THR B 272 10.00 39.28 31.86
C THR B 272 10.73 40.59 32.19
N SER B 273 12.01 40.64 31.83
CA SER B 273 12.83 41.82 32.09
C SER B 273 12.33 43.02 31.29
N ALA B 274 11.98 42.78 30.03
CA ALA B 274 11.43 43.83 29.19
C ALA B 274 10.14 44.35 29.81
N LEU B 275 9.32 43.42 30.31
CA LEU B 275 8.09 43.80 30.99
C LEU B 275 8.38 44.64 32.24
N THR B 276 9.51 44.36 32.89
CA THR B 276 9.93 45.16 34.04
C THR B 276 10.26 46.60 33.61
N TYR B 277 11.07 46.72 32.58
CA TYR B 277 11.41 48.00 31.98
C TYR B 277 10.14 48.81 31.63
N ASP B 278 9.25 48.18 30.87
CA ASP B 278 8.00 48.79 30.46
C ASP B 278 7.14 49.18 31.67
N ALA B 279 7.25 48.37 32.73
CA ALA B 279 6.53 48.66 33.97
C ALA B 279 7.05 49.95 34.60
N VAL B 280 8.38 50.11 34.60
CA VAL B 280 8.99 51.35 35.08
C VAL B 280 8.43 52.53 34.30
N GLN B 281 8.37 52.37 32.97
CA GLN B 281 7.78 53.40 32.11
C GLN B 281 6.35 53.74 32.53
N VAL B 282 5.54 52.69 32.75
CA VAL B 282 4.15 52.87 33.15
C VAL B 282 4.00 53.63 34.47
N MET B 283 4.84 53.30 35.45
CA MET B 283 4.81 54.00 36.74
C MET B 283 5.18 55.47 36.58
N THR B 284 6.26 55.72 35.85
CA THR B 284 6.68 57.10 35.57
C THR B 284 5.57 57.92 34.94
N GLU B 285 4.98 57.39 33.87
CA GLU B 285 3.89 58.07 33.17
C GLU B 285 2.66 58.25 34.06
N ALA B 286 2.44 57.30 34.98
CA ALA B 286 1.32 57.38 35.90
C ALA B 286 1.48 58.57 36.85
N PHE B 287 2.62 58.64 37.51
CA PHE B 287 2.84 59.74 38.46
C PHE B 287 2.96 61.09 37.74
N ARG B 288 3.50 61.07 36.52
CA ARG B 288 3.53 62.27 35.70
C ARG B 288 2.13 62.75 35.41
N ASN B 289 1.25 61.82 35.06
CA ASN B 289 -0.14 62.17 34.78
C ASN B 289 -0.86 62.62 36.05
N LEU B 290 -0.41 62.13 37.20
CA LEU B 290 -0.98 62.57 38.47
C LEU B 290 -0.59 64.00 38.78
N ARG B 291 0.65 64.36 38.47
CA ARG B 291 1.10 65.71 38.73
C ARG B 291 0.53 66.69 37.71
N LYS B 292 0.29 66.21 36.49
CA LYS B 292 -0.31 67.06 35.46
C LYS B 292 -1.79 67.30 35.77
N GLN B 293 -2.38 66.37 36.50
CA GLN B 293 -3.78 66.49 36.90
C GLN B 293 -3.89 67.28 38.19
N ARG B 294 -2.73 67.72 38.70
CA ARG B 294 -2.63 68.50 39.93
C ARG B 294 -3.34 67.80 41.09
N ILE B 295 -2.84 66.61 41.42
CA ILE B 295 -3.35 65.85 42.55
C ILE B 295 -2.21 65.51 43.50
N GLU B 296 -2.41 65.82 44.78
CA GLU B 296 -1.36 65.65 45.78
C GLU B 296 -1.46 64.28 46.44
N ILE B 297 -0.44 63.46 46.23
CA ILE B 297 -0.43 62.11 46.73
C ILE B 297 0.30 61.98 48.07
N SER B 298 0.79 63.11 48.57
CA SER B 298 1.55 63.13 49.82
C SER B 298 0.75 62.52 50.96
N ARG B 299 1.42 61.72 51.78
CA ARG B 299 0.75 61.02 52.88
C ARG B 299 0.48 61.96 54.05
N ARG B 300 -0.74 61.88 54.58
CA ARG B 300 -1.15 62.71 55.72
C ARG B 300 -0.51 62.21 57.01
N GLY B 301 -0.56 60.89 57.20
CA GLY B 301 0.04 60.27 58.37
C GLY B 301 0.69 58.94 57.99
N ASN B 302 1.42 58.36 58.93
CA ASN B 302 2.08 57.08 58.69
C ASN B 302 1.09 55.96 58.41
N ALA B 303 1.52 55.00 57.59
CA ALA B 303 0.66 53.88 57.20
C ALA B 303 0.42 52.96 58.39
N GLY B 304 1.39 52.88 59.29
CA GLY B 304 1.28 52.02 60.46
C GLY B 304 1.59 50.56 60.19
N ASP B 305 1.08 49.69 61.07
CA ASP B 305 1.30 48.26 60.97
C ASP B 305 0.27 47.71 59.98
N CYS B 306 0.70 46.87 59.05
CA CYS B 306 -0.19 46.38 58.00
C CYS B 306 -1.35 45.57 58.56
N LEU B 307 -1.14 44.91 59.70
CA LEU B 307 -2.20 44.12 60.31
C LEU B 307 -3.24 45.00 61.02
N ALA B 308 -2.78 45.81 61.98
CA ALA B 308 -3.66 46.71 62.72
C ALA B 308 -4.16 47.86 61.88
N ASN B 309 -3.26 48.41 61.07
CA ASN B 309 -3.45 49.66 60.33
C ASN B 309 -3.41 49.39 58.81
N PRO B 310 -3.95 50.32 58.01
CA PRO B 310 -4.64 51.57 58.39
C PRO B 310 -6.04 51.37 58.92
N ALA B 311 -6.77 50.39 58.39
CA ALA B 311 -8.10 50.03 58.88
C ALA B 311 -9.09 51.17 58.57
N VAL B 312 -8.55 52.24 58.01
CA VAL B 312 -9.29 53.31 57.37
C VAL B 312 -8.46 53.62 56.13
N PRO B 313 -9.09 53.67 54.95
CA PRO B 313 -8.25 53.92 53.78
C PRO B 313 -7.87 55.38 53.56
N TRP B 314 -6.70 55.58 52.97
CA TRP B 314 -6.31 56.91 52.51
C TRP B 314 -6.87 57.08 51.09
N GLY B 315 -7.32 58.30 50.79
CA GLY B 315 -7.96 58.57 49.52
C GLY B 315 -7.03 58.42 48.32
N GLN B 316 -5.82 58.95 48.46
CA GLN B 316 -4.83 58.99 47.39
C GLN B 316 -4.61 57.65 46.68
N GLY B 317 -4.64 56.54 47.42
CA GLY B 317 -4.41 55.24 46.86
C GLY B 317 -5.25 54.90 45.63
N VAL B 318 -6.56 55.08 45.75
CA VAL B 318 -7.49 54.81 44.66
C VAL B 318 -7.12 55.65 43.45
N GLU B 319 -6.72 56.89 43.72
CA GLU B 319 -6.37 57.83 42.67
C GLU B 319 -5.11 57.34 41.96
N ILE B 320 -4.16 56.79 42.72
CA ILE B 320 -2.92 56.27 42.15
C ILE B 320 -3.22 55.05 41.27
N GLU B 321 -4.10 54.19 41.75
CA GLU B 321 -4.54 53.03 40.97
C GLU B 321 -5.11 53.52 39.64
N ARG B 322 -6.03 54.48 39.73
CA ARG B 322 -6.61 55.09 38.55
C ARG B 322 -5.54 55.63 37.60
N ALA B 323 -4.54 56.27 38.18
CA ALA B 323 -3.42 56.83 37.42
C ALA B 323 -2.70 55.77 36.62
N LEU B 324 -2.39 54.65 37.26
CA LEU B 324 -1.68 53.56 36.60
C LEU B 324 -2.50 52.90 35.51
N LYS B 325 -3.78 52.67 35.80
CA LYS B 325 -4.64 51.96 34.86
C LYS B 325 -4.99 52.81 33.63
N GLN B 326 -4.96 54.14 33.79
CA GLN B 326 -5.33 55.04 32.70
C GLN B 326 -4.17 55.30 31.75
N VAL B 327 -2.99 54.78 32.08
CA VAL B 327 -1.80 55.01 31.25
C VAL B 327 -1.86 54.21 29.96
N GLN B 328 -1.49 54.85 28.86
CA GLN B 328 -1.30 54.17 27.58
C GLN B 328 0.02 54.61 26.97
N VAL B 329 0.94 53.68 26.81
CA VAL B 329 2.29 54.03 26.34
C VAL B 329 2.85 53.04 25.34
N GLU B 330 3.95 53.41 24.70
CA GLU B 330 4.61 52.52 23.76
C GLU B 330 5.88 51.94 24.39
N GLY B 331 6.02 50.63 24.32
CA GLY B 331 7.12 49.96 25.00
C GLY B 331 7.55 48.68 24.30
N LEU B 332 8.49 47.97 24.92
CA LEU B 332 9.09 46.78 24.33
C LEU B 332 8.06 45.67 24.08
N SER B 333 6.96 45.70 24.82
CA SER B 333 5.92 44.70 24.71
C SER B 333 4.87 45.10 23.68
N GLY B 334 5.13 46.21 23.00
CA GLY B 334 4.18 46.78 22.06
C GLY B 334 3.33 47.84 22.74
N ASN B 335 2.12 48.03 22.24
CA ASN B 335 1.20 48.99 22.84
C ASN B 335 0.78 48.54 24.24
N ILE B 336 0.96 49.44 25.19
CA ILE B 336 0.65 49.16 26.58
C ILE B 336 -0.60 49.93 27.00
N LYS B 337 -1.67 49.19 27.27
CA LYS B 337 -2.91 49.76 27.76
C LYS B 337 -3.61 48.77 28.69
N PHE B 338 -4.36 49.28 29.66
CA PHE B 338 -5.01 48.43 30.64
C PHE B 338 -6.51 48.69 30.70
N ASP B 339 -7.28 47.68 31.11
CA ASP B 339 -8.70 47.88 31.38
C ASP B 339 -8.92 48.26 32.84
N GLN B 340 -10.17 48.28 33.26
CA GLN B 340 -10.51 48.65 34.62
C GLN B 340 -9.91 47.68 35.65
N ASN B 341 -9.81 46.41 35.27
CA ASN B 341 -9.33 45.38 36.18
C ASN B 341 -7.81 45.27 36.28
N GLY B 342 -7.11 45.84 35.31
CA GLY B 342 -5.65 45.85 35.32
C GLY B 342 -5.00 44.89 34.34
N LYS B 343 -5.81 44.09 33.66
CA LYS B 343 -5.32 43.17 32.63
C LYS B 343 -4.88 43.95 31.41
N ARG B 344 -3.99 43.36 30.60
CA ARG B 344 -3.55 43.99 29.38
C ARG B 344 -4.61 43.99 28.29
N ILE B 345 -4.71 45.11 27.57
CA ILE B 345 -5.64 45.23 26.47
C ILE B 345 -4.95 45.83 25.25
N ASN B 346 -5.46 45.48 24.07
CA ASN B 346 -4.97 46.02 22.81
C ASN B 346 -3.49 45.75 22.65
N TYR B 347 -3.12 44.47 22.62
CA TYR B 347 -1.74 44.10 22.45
C TYR B 347 -1.51 43.33 21.16
N THR B 348 -0.25 43.01 20.89
CA THR B 348 0.11 42.23 19.71
C THR B 348 1.10 41.13 20.08
N ILE B 349 0.69 39.87 19.91
CA ILE B 349 1.60 38.75 20.18
C ILE B 349 2.08 38.11 18.88
N ASN B 350 3.34 38.30 18.54
CA ASN B 350 3.85 37.76 17.28
C ASN B 350 3.98 36.24 17.26
N ILE B 351 3.35 35.58 16.29
CA ILE B 351 3.50 34.14 16.15
C ILE B 351 4.64 33.84 15.19
N MET B 352 5.60 33.08 15.70
CA MET B 352 6.89 32.83 15.07
C MET B 352 7.08 31.35 14.76
N GLU B 353 7.81 31.06 13.69
CA GLU B 353 8.19 29.70 13.35
C GLU B 353 9.69 29.61 13.17
N LEU B 354 10.28 28.54 13.71
CA LEU B 354 11.72 28.33 13.60
C LEU B 354 12.07 27.58 12.32
N LYS B 355 12.89 28.22 11.48
CA LYS B 355 13.31 27.61 10.22
C LYS B 355 14.83 27.38 10.23
N THR B 356 15.35 26.91 9.10
CA THR B 356 16.77 26.63 8.96
C THR B 356 17.64 27.85 9.22
N ASN B 357 17.42 28.92 8.47
CA ASN B 357 18.22 30.14 8.61
C ASN B 357 18.05 30.82 9.97
N GLY B 358 16.93 30.52 10.63
CA GLY B 358 16.64 31.08 11.95
C GLY B 358 15.15 31.28 12.17
N PRO B 359 14.79 31.94 13.29
CA PRO B 359 13.39 32.25 13.59
C PRO B 359 12.86 33.41 12.76
N ARG B 360 11.57 33.39 12.46
CA ARG B 360 10.92 34.49 11.73
C ARG B 360 9.45 34.60 12.13
N LYS B 361 8.91 35.81 12.07
CA LYS B 361 7.51 36.00 12.40
C LYS B 361 6.61 35.63 11.22
N ILE B 362 5.77 34.62 11.43
CA ILE B 362 4.84 34.21 10.38
C ILE B 362 3.55 34.97 10.54
N GLY B 363 3.42 35.67 11.65
CA GLY B 363 2.24 36.51 11.83
C GLY B 363 2.12 37.19 13.16
N TYR B 364 0.93 37.69 13.45
CA TYR B 364 0.66 38.31 14.75
C TYR B 364 -0.72 37.96 15.24
N TRP B 365 -0.93 38.08 16.55
CA TRP B 365 -2.22 37.84 17.14
C TRP B 365 -2.68 39.08 17.88
N SER B 366 -3.90 39.52 17.57
CA SER B 366 -4.49 40.70 18.20
C SER B 366 -5.70 40.31 19.03
N GLU B 367 -6.04 41.16 20.00
CA GLU B 367 -7.17 40.89 20.88
C GLU B 367 -8.50 40.84 20.12
N VAL B 368 -8.61 41.67 19.09
CA VAL B 368 -9.81 41.73 18.24
C VAL B 368 -9.68 40.84 17.00
N ASP B 369 -8.69 41.15 16.17
CA ASP B 369 -8.50 40.52 14.87
C ASP B 369 -8.14 39.04 14.96
N LYS B 370 -7.84 38.59 16.18
CA LYS B 370 -7.34 37.24 16.45
C LYS B 370 -6.04 37.00 15.67
N MET B 371 -5.95 35.86 14.99
CA MET B 371 -4.74 35.53 14.25
C MET B 371 -4.72 36.20 12.88
N VAL B 372 -3.60 36.84 12.57
CA VAL B 372 -3.41 37.46 11.27
C VAL B 372 -2.07 37.05 10.66
N VAL B 373 -2.15 36.60 9.41
CA VAL B 373 -1.00 36.09 8.68
C VAL B 373 -0.37 37.22 7.86
N THR B 374 0.96 37.22 7.78
CA THR B 374 1.65 38.23 6.99
C THR B 374 1.89 37.74 5.56
N LEU B 375 1.41 38.53 4.59
CA LEU B 375 1.46 38.15 3.19
C LEU B 375 2.90 38.12 2.70
N THR B 376 3.76 38.85 3.42
CA THR B 376 5.19 38.83 3.16
C THR B 376 5.71 37.41 3.29
N GLU B 377 5.15 36.67 4.26
CA GLU B 377 5.43 35.24 4.36
C GLU B 377 4.68 34.52 3.25
N SER B 378 5.42 33.83 2.39
CA SER B 378 4.88 33.24 1.17
C SER B 378 5.97 32.49 0.42
N GLY B 379 5.60 31.84 -0.67
CA GLY B 379 6.54 31.05 -1.45
C GLY B 379 6.82 29.72 -0.78
N ASP B 380 5.83 29.20 -0.07
CA ASP B 380 5.95 27.93 0.62
C ASP B 380 5.76 26.75 -0.35
N LEU B 385 7.88 18.37 -7.02
CA LEU B 385 7.04 19.00 -8.02
C LEU B 385 5.63 18.44 -8.00
N GLU B 386 4.63 19.32 -7.99
CA GLU B 386 3.25 18.92 -8.18
C GLU B 386 2.96 18.77 -9.67
N GLN B 387 2.16 17.78 -10.04
CA GLN B 387 1.80 17.61 -11.43
C GLN B 387 0.99 18.79 -11.94
N LYS B 388 1.47 19.42 -13.00
CA LYS B 388 0.71 20.43 -13.71
C LYS B 388 -0.44 19.72 -14.41
N THR B 389 -1.58 20.39 -14.55
CA THR B 389 -2.71 19.78 -15.24
C THR B 389 -2.26 19.47 -16.66
N VAL B 390 -2.43 18.21 -17.06
CA VAL B 390 -1.94 17.76 -18.36
C VAL B 390 -2.93 18.08 -19.46
N VAL B 391 -2.42 18.75 -20.49
CA VAL B 391 -3.24 19.13 -21.63
C VAL B 391 -3.32 17.98 -22.61
N VAL B 392 -4.53 17.48 -22.83
CA VAL B 392 -4.75 16.36 -23.73
C VAL B 392 -5.40 16.85 -25.01
N THR B 393 -4.68 16.75 -26.13
CA THR B 393 -5.20 17.18 -27.40
C THR B 393 -5.89 16.02 -28.10
N THR B 394 -7.04 16.31 -28.71
CA THR B 394 -7.83 15.29 -29.37
C THR B 394 -8.72 15.92 -30.44
N ILE B 395 -9.24 15.09 -31.34
CA ILE B 395 -10.11 15.56 -32.40
C ILE B 395 -11.48 14.88 -32.29
N LEU B 396 -12.52 15.50 -32.83
CA LEU B 396 -13.83 14.90 -32.79
C LEU B 396 -13.98 13.83 -33.87
N GLU B 397 -14.15 12.59 -33.45
CA GLU B 397 -14.40 11.48 -34.38
C GLU B 397 -15.21 10.41 -33.66
N SER B 398 -16.11 9.77 -34.38
CA SER B 398 -16.97 8.74 -33.79
C SER B 398 -16.40 7.33 -33.93
N PRO B 399 -16.63 6.48 -32.90
CA PRO B 399 -17.09 6.95 -31.59
C PRO B 399 -15.92 7.21 -30.67
N TYR B 400 -14.90 7.89 -31.16
CA TYR B 400 -13.69 8.11 -30.36
C TYR B 400 -13.84 9.27 -29.39
N VAL B 401 -14.28 10.40 -29.91
CA VAL B 401 -14.60 11.56 -29.08
C VAL B 401 -15.87 12.18 -29.62
N MET B 402 -16.90 12.28 -28.78
CA MET B 402 -18.18 12.83 -29.21
C MET B 402 -18.71 13.77 -28.14
N MET B 403 -19.47 14.78 -28.57
CA MET B 403 -20.07 15.70 -27.62
C MET B 403 -21.43 15.14 -27.16
N LYS B 404 -21.67 15.23 -25.86
CA LYS B 404 -22.88 14.68 -25.25
C LYS B 404 -24.16 15.40 -25.67
N LYS B 405 -25.29 14.71 -25.52
CA LYS B 405 -26.60 15.25 -25.84
C LYS B 405 -26.90 16.52 -25.05
N ASN B 406 -26.55 16.50 -23.76
CA ASN B 406 -26.80 17.61 -22.85
C ASN B 406 -25.62 18.57 -22.72
N HIS B 407 -24.61 18.40 -23.58
CA HIS B 407 -23.30 19.02 -23.41
C HIS B 407 -23.32 20.52 -23.13
N GLU B 408 -24.36 21.21 -23.59
CA GLU B 408 -24.48 22.64 -23.37
C GLU B 408 -24.62 22.95 -21.87
N MET B 409 -25.10 21.99 -21.11
CA MET B 409 -25.30 22.15 -19.67
C MET B 409 -24.07 21.76 -18.85
N LEU B 410 -23.06 21.19 -19.50
CA LEU B 410 -21.89 20.71 -18.77
C LEU B 410 -20.65 21.55 -19.07
N GLU B 411 -19.54 21.21 -18.41
CA GLU B 411 -18.32 21.98 -18.56
C GLU B 411 -17.08 21.11 -18.38
N GLY B 412 -16.02 21.44 -19.12
CA GLY B 412 -14.76 20.73 -19.03
C GLY B 412 -14.79 19.33 -19.60
N ASN B 413 -14.10 18.41 -18.93
CA ASN B 413 -13.94 17.05 -19.45
C ASN B 413 -15.26 16.27 -19.46
N GLU B 414 -16.27 16.80 -18.78
CA GLU B 414 -17.58 16.17 -18.77
C GLU B 414 -18.32 16.43 -20.07
N ARG B 415 -17.83 17.37 -20.86
CA ARG B 415 -18.48 17.72 -22.12
C ARG B 415 -18.37 16.59 -23.15
N TYR B 416 -17.26 15.87 -23.10
CA TYR B 416 -16.96 14.87 -24.12
C TYR B 416 -17.18 13.43 -23.65
N GLU B 417 -17.63 12.59 -24.57
CA GLU B 417 -17.80 11.16 -24.32
C GLU B 417 -17.31 10.35 -25.52
N GLY B 418 -16.78 9.17 -25.28
CA GLY B 418 -16.31 8.32 -26.37
C GLY B 418 -15.24 7.34 -25.93
N TYR B 419 -14.78 6.50 -26.86
CA TYR B 419 -13.76 5.52 -26.57
C TYR B 419 -12.48 6.18 -26.07
N CYS B 420 -11.98 7.13 -26.84
CA CYS B 420 -10.76 7.83 -26.47
C CYS B 420 -10.91 8.61 -25.18
N VAL B 421 -12.14 9.03 -24.87
CA VAL B 421 -12.39 9.74 -23.62
C VAL B 421 -12.13 8.83 -22.43
N ASP B 422 -12.76 7.66 -22.46
CA ASP B 422 -12.60 6.66 -21.41
C ASP B 422 -11.16 6.17 -21.32
N LEU B 423 -10.53 5.98 -22.48
CA LEU B 423 -9.14 5.57 -22.52
C LEU B 423 -8.27 6.64 -21.88
N ALA B 424 -8.62 7.90 -22.12
CA ALA B 424 -7.89 9.02 -21.55
C ALA B 424 -7.99 8.99 -20.04
N ALA B 425 -9.21 8.79 -19.54
CA ALA B 425 -9.45 8.66 -18.11
C ALA B 425 -8.61 7.52 -17.52
N GLU B 426 -8.54 6.39 -18.23
CA GLU B 426 -7.77 5.24 -17.77
C GLU B 426 -6.27 5.54 -17.72
N ILE B 427 -5.75 6.14 -18.78
CA ILE B 427 -4.33 6.49 -18.84
C ILE B 427 -3.96 7.49 -17.76
N ALA B 428 -4.80 8.49 -17.56
CA ALA B 428 -4.57 9.50 -16.53
C ALA B 428 -4.65 8.88 -15.15
N LYS B 429 -5.55 7.91 -14.99
CA LYS B 429 -5.72 7.22 -13.72
C LYS B 429 -4.48 6.40 -13.39
N HIS B 430 -3.90 5.79 -14.42
CA HIS B 430 -2.72 4.95 -14.25
C HIS B 430 -1.46 5.77 -14.02
N CYS B 431 -1.37 6.90 -14.71
CA CYS B 431 -0.17 7.73 -14.65
C CYS B 431 -0.27 8.76 -13.53
N GLY B 432 -1.46 8.89 -12.95
CA GLY B 432 -1.66 9.76 -11.81
C GLY B 432 -1.50 11.25 -12.08
N PHE B 433 -2.26 11.76 -13.03
CA PHE B 433 -2.30 13.20 -13.27
C PHE B 433 -3.73 13.67 -13.57
N LYS B 434 -3.98 14.96 -13.38
CA LYS B 434 -5.26 15.54 -13.77
C LYS B 434 -5.18 15.98 -15.22
N TYR B 435 -6.20 15.68 -16.01
CA TYR B 435 -6.13 15.96 -17.43
C TYR B 435 -7.26 16.88 -17.90
N LYS B 436 -6.91 17.76 -18.83
CA LYS B 436 -7.88 18.68 -19.42
C LYS B 436 -7.97 18.45 -20.92
N LEU B 437 -9.12 17.93 -21.36
CA LEU B 437 -9.34 17.60 -22.76
C LEU B 437 -9.55 18.83 -23.62
N THR B 438 -8.76 18.93 -24.69
CA THR B 438 -8.87 20.07 -25.60
C THR B 438 -8.91 19.61 -27.05
N ILE B 439 -9.68 20.31 -27.87
CA ILE B 439 -9.77 20.01 -29.29
C ILE B 439 -8.73 20.83 -30.04
N VAL B 440 -8.01 20.17 -30.95
CA VAL B 440 -6.96 20.81 -31.72
C VAL B 440 -7.55 21.94 -32.59
N GLY B 441 -6.77 23.00 -32.77
CA GLY B 441 -7.24 24.18 -33.46
C GLY B 441 -7.53 23.97 -34.94
N ASP B 442 -6.55 23.44 -35.67
CA ASP B 442 -6.67 23.31 -37.12
C ASP B 442 -7.58 22.15 -37.54
N GLY B 443 -7.87 21.24 -36.62
CA GLY B 443 -8.74 20.11 -36.91
C GLY B 443 -8.10 19.07 -37.81
N LYS B 444 -6.79 18.93 -37.71
CA LYS B 444 -6.06 17.92 -38.46
C LYS B 444 -5.36 16.97 -37.51
N TYR B 445 -5.07 15.76 -37.99
CA TYR B 445 -4.40 14.76 -37.17
C TYR B 445 -2.91 15.04 -37.07
N GLY B 446 -2.20 14.84 -38.17
CA GLY B 446 -0.86 15.39 -38.30
C GLY B 446 -0.31 15.26 -39.71
N ALA B 447 0.53 16.23 -40.10
CA ALA B 447 1.22 16.16 -41.38
C ALA B 447 2.41 17.11 -41.41
N ARG B 448 3.34 16.86 -42.33
CA ARG B 448 4.44 17.77 -42.60
C ARG B 448 4.35 18.42 -43.98
N ASP B 449 4.29 19.74 -44.01
CA ASP B 449 4.30 20.45 -45.29
C ASP B 449 5.68 20.26 -45.93
N ALA B 450 5.69 19.87 -47.20
CA ALA B 450 6.94 19.52 -47.88
C ALA B 450 7.87 20.71 -48.10
N ASP B 451 7.30 21.90 -48.21
CA ASP B 451 8.07 23.11 -48.45
C ASP B 451 8.51 23.79 -47.15
N THR B 452 7.54 24.23 -46.37
CA THR B 452 7.80 24.97 -45.14
C THR B 452 8.37 24.08 -44.03
N LYS B 453 8.14 22.78 -44.15
CA LYS B 453 8.58 21.79 -43.15
C LYS B 453 7.92 22.00 -41.80
N ILE B 454 6.69 22.52 -41.80
CA ILE B 454 5.98 22.78 -40.56
C ILE B 454 4.88 21.75 -40.32
N TRP B 455 4.88 21.15 -39.13
CA TRP B 455 3.89 20.16 -38.74
C TRP B 455 2.53 20.78 -38.38
N ASP B 456 1.46 20.23 -38.95
CA ASP B 456 0.12 20.68 -38.60
C ASP B 456 -0.64 19.52 -37.95
N GLY B 457 -1.62 19.85 -37.12
CA GLY B 457 -2.43 18.87 -36.43
C GLY B 457 -1.99 18.60 -35.00
N MET B 458 -2.53 17.53 -34.41
CA MET B 458 -2.20 17.17 -33.03
C MET B 458 -0.70 16.90 -32.86
N VAL B 459 -0.12 16.26 -33.87
CA VAL B 459 1.33 16.03 -33.90
C VAL B 459 2.05 17.36 -33.75
N GLY B 460 1.57 18.36 -34.50
CA GLY B 460 2.13 19.70 -34.43
C GLY B 460 2.05 20.26 -33.02
N GLU B 461 0.87 20.13 -32.42
CA GLU B 461 0.65 20.59 -31.05
C GLU B 461 1.60 19.91 -30.08
N LEU B 462 1.95 18.67 -30.38
CA LEU B 462 2.85 17.91 -29.52
C LEU B 462 4.31 18.32 -29.65
N VAL B 463 4.76 18.48 -30.90
CA VAL B 463 6.16 18.82 -31.17
C VAL B 463 6.49 20.24 -30.72
N TYR B 464 5.55 21.15 -30.95
CA TYR B 464 5.77 22.57 -30.67
C TYR B 464 5.28 22.91 -29.25
N GLY B 465 4.88 21.87 -28.52
CA GLY B 465 4.62 21.99 -27.10
C GLY B 465 3.39 22.77 -26.67
N LYS B 466 2.33 22.70 -27.47
CA LYS B 466 1.07 23.31 -27.08
C LYS B 466 0.19 22.31 -26.34
N ALA B 467 0.61 21.06 -26.34
CA ALA B 467 -0.10 19.99 -25.64
C ALA B 467 0.87 18.92 -25.14
N ASP B 468 0.61 18.39 -23.96
CA ASP B 468 1.52 17.43 -23.34
C ASP B 468 1.32 16.00 -23.83
N ILE B 469 0.14 15.70 -24.35
CA ILE B 469 -0.17 14.35 -24.81
C ILE B 469 -1.27 14.34 -25.87
N ALA B 470 -1.26 13.31 -26.71
CA ALA B 470 -2.28 13.17 -27.75
C ALA B 470 -2.95 11.81 -27.70
N ILE B 471 -4.24 11.79 -27.38
CA ILE B 471 -5.01 10.56 -27.35
C ILE B 471 -6.17 10.66 -28.33
N ALA B 472 -6.11 9.85 -29.38
CA ALA B 472 -7.02 9.95 -30.52
C ALA B 472 -6.74 8.81 -31.50
N PRO B 473 -7.67 8.56 -32.44
CA PRO B 473 -7.37 7.52 -33.43
C PRO B 473 -6.24 7.94 -34.36
N LEU B 474 -5.04 8.09 -33.81
CA LEU B 474 -3.88 8.55 -34.55
C LEU B 474 -3.15 7.36 -35.15
N THR B 475 -3.13 7.28 -36.47
CA THR B 475 -2.50 6.15 -37.13
C THR B 475 -0.98 6.21 -36.97
N ILE B 476 -0.37 5.08 -36.62
CA ILE B 476 1.06 5.04 -36.42
C ILE B 476 1.78 4.97 -37.76
N THR B 477 2.58 5.99 -38.05
CA THR B 477 3.34 6.04 -39.29
C THR B 477 4.80 6.38 -39.00
N LEU B 478 5.69 5.94 -39.89
CA LEU B 478 7.12 6.18 -39.72
C LEU B 478 7.40 7.67 -39.69
N VAL B 479 6.72 8.41 -40.56
CA VAL B 479 6.88 9.85 -40.63
C VAL B 479 6.49 10.51 -39.31
N ARG B 480 5.46 9.98 -38.66
CA ARG B 480 5.04 10.48 -37.36
C ARG B 480 5.90 9.92 -36.24
N GLU B 481 6.40 8.70 -36.44
CA GLU B 481 7.24 8.04 -35.43
C GLU B 481 8.60 8.70 -35.33
N GLU B 482 8.99 9.41 -36.38
CA GLU B 482 10.28 10.11 -36.40
C GLU B 482 10.25 11.36 -35.52
N VAL B 483 9.18 12.12 -35.57
CA VAL B 483 9.09 13.34 -34.76
C VAL B 483 8.64 13.11 -33.31
N ILE B 484 7.63 12.28 -33.11
CA ILE B 484 7.11 12.04 -31.76
C ILE B 484 7.28 10.58 -31.33
N ASP B 485 6.86 10.28 -30.11
CA ASP B 485 6.88 8.92 -29.60
C ASP B 485 5.48 8.31 -29.53
N PHE B 486 5.35 7.11 -30.07
CA PHE B 486 4.09 6.38 -30.03
C PHE B 486 4.12 5.30 -28.95
N SER B 487 3.08 5.27 -28.14
CA SER B 487 2.86 4.16 -27.21
C SER B 487 2.54 2.93 -28.05
N LYS B 488 2.70 1.74 -27.47
CA LYS B 488 2.27 0.52 -28.14
C LYS B 488 0.81 0.68 -28.55
N PRO B 489 0.45 0.13 -29.71
CA PRO B 489 -0.87 0.38 -30.28
C PRO B 489 -2.00 -0.11 -29.38
N PHE B 490 -2.96 0.77 -29.12
CA PHE B 490 -4.08 0.42 -28.25
C PHE B 490 -5.24 -0.14 -29.07
N MET B 491 -5.12 -0.05 -30.39
CA MET B 491 -6.15 -0.56 -31.27
C MET B 491 -5.57 -1.03 -32.59
N SER B 492 -6.11 -2.11 -33.14
CA SER B 492 -5.66 -2.63 -34.42
C SER B 492 -6.67 -2.31 -35.51
N LEU B 493 -6.18 -1.95 -36.69
CA LEU B 493 -7.06 -1.66 -37.81
C LEU B 493 -6.35 -1.88 -39.14
N GLY B 494 -7.06 -1.56 -40.21
CA GLY B 494 -6.52 -1.64 -41.55
C GLY B 494 -7.46 -0.99 -42.55
N ILE B 495 -6.91 -0.58 -43.69
CA ILE B 495 -7.71 0.05 -44.71
C ILE B 495 -8.65 -0.97 -45.36
N SER B 496 -9.93 -0.66 -45.35
CA SER B 496 -10.95 -1.59 -45.82
C SER B 496 -12.00 -0.85 -46.67
N ILE B 497 -12.83 -1.63 -47.36
CA ILE B 497 -13.77 -1.08 -48.33
C ILE B 497 -15.20 -1.10 -47.81
N MET B 498 -15.87 0.04 -47.93
CA MET B 498 -17.24 0.17 -47.47
C MET B 498 -18.16 0.42 -48.66
N ILE B 499 -19.23 -0.36 -48.75
CA ILE B 499 -20.20 -0.20 -49.83
C ILE B 499 -21.64 -0.22 -49.33
N LYS B 500 -22.57 -0.09 -50.26
CA LYS B 500 -24.00 -0.16 -49.97
C LYS B 500 -24.46 -1.61 -49.99
N LYS B 501 -25.10 -2.04 -48.92
CA LYS B 501 -25.61 -3.41 -48.82
C LYS B 501 -26.76 -3.63 -49.79
N PRO B 502 -26.69 -4.70 -50.58
CA PRO B 502 -27.77 -5.05 -51.51
C PRO B 502 -29.07 -5.34 -50.77
N GLN B 503 -30.16 -4.69 -51.18
CA GLN B 503 -31.43 -4.80 -50.46
C GLN B 503 -31.92 -6.23 -50.38
N LYS B 504 -32.07 -6.84 -51.54
CA LYS B 504 -32.45 -8.25 -51.64
C LYS B 504 -31.46 -8.98 -52.54
N SER B 505 -31.49 -10.30 -52.49
CA SER B 505 -30.66 -11.12 -53.36
C SER B 505 -31.54 -12.04 -54.20
N LYS B 506 -31.31 -12.06 -55.52
CA LYS B 506 -32.14 -12.86 -56.41
C LYS B 506 -32.07 -14.34 -56.02
N PRO B 507 -33.22 -14.89 -55.63
CA PRO B 507 -33.37 -16.29 -55.20
C PRO B 507 -32.98 -17.29 -56.28
N GLY B 508 -33.44 -17.05 -57.50
CA GLY B 508 -33.08 -17.89 -58.63
C GLY B 508 -33.88 -19.17 -58.73
N VAL B 509 -33.82 -19.78 -59.92
CA VAL B 509 -34.50 -21.03 -60.20
C VAL B 509 -33.72 -22.24 -59.66
N PHE B 510 -32.39 -22.16 -59.76
CA PHE B 510 -31.51 -23.27 -59.41
C PHE B 510 -31.60 -23.73 -57.95
N SER B 511 -32.00 -22.83 -57.06
CA SER B 511 -32.09 -23.14 -55.63
C SER B 511 -33.08 -24.28 -55.38
N PHE B 512 -34.07 -24.41 -56.25
CA PHE B 512 -35.05 -25.48 -56.16
C PHE B 512 -34.42 -26.83 -56.51
N LEU B 513 -33.52 -26.80 -57.48
CA LEU B 513 -32.84 -28.01 -57.94
C LEU B 513 -31.70 -28.42 -57.01
N ASP B 514 -31.15 -27.45 -56.28
CA ASP B 514 -29.98 -27.68 -55.41
C ASP B 514 -30.08 -28.81 -54.36
N PRO B 515 -31.24 -28.95 -53.67
CA PRO B 515 -31.34 -30.00 -52.65
C PRO B 515 -31.10 -31.42 -53.18
N LEU B 516 -31.17 -31.59 -54.50
CA LEU B 516 -30.76 -32.82 -55.14
C LEU B 516 -29.57 -32.53 -56.05
N ALA B 517 -28.45 -33.23 -55.82
CA ALA B 517 -27.21 -32.95 -56.53
C ALA B 517 -27.37 -33.11 -58.04
N TYR B 518 -26.64 -32.30 -58.79
CA TYR B 518 -26.67 -32.33 -60.25
C TYR B 518 -26.34 -33.72 -60.77
N GLU B 519 -25.44 -34.39 -60.07
CA GLU B 519 -25.07 -35.77 -60.41
C GLU B 519 -26.28 -36.68 -60.32
N ILE B 520 -27.14 -36.43 -59.33
CA ILE B 520 -28.35 -37.23 -59.14
C ILE B 520 -29.37 -36.96 -60.25
N TRP B 521 -29.39 -35.74 -60.76
CA TRP B 521 -30.29 -35.39 -61.87
C TRP B 521 -29.83 -36.05 -63.17
N MET B 522 -28.53 -35.93 -63.46
CA MET B 522 -27.96 -36.58 -64.63
C MET B 522 -28.18 -38.08 -64.56
N ALA B 523 -27.89 -38.66 -63.40
CA ALA B 523 -28.03 -40.09 -63.20
C ALA B 523 -29.47 -40.57 -63.30
N ILE B 524 -30.42 -39.77 -62.81
CA ILE B 524 -31.83 -40.17 -62.87
C ILE B 524 -32.34 -40.03 -64.31
N VAL B 525 -31.73 -39.13 -65.08
CA VAL B 525 -32.05 -39.02 -66.50
C VAL B 525 -31.53 -40.25 -67.24
N PHE B 526 -30.28 -40.61 -66.97
CA PHE B 526 -29.65 -41.77 -67.57
C PHE B 526 -30.47 -43.03 -67.26
N ALA B 527 -30.95 -43.07 -66.02
CA ALA B 527 -31.79 -44.16 -65.56
C ALA B 527 -33.11 -44.17 -66.30
N TYR B 528 -33.65 -42.98 -66.56
CA TYR B 528 -34.91 -42.87 -67.29
C TYR B 528 -34.78 -43.40 -68.71
N ILE B 529 -33.76 -42.98 -69.44
CA ILE B 529 -33.59 -43.45 -70.81
C ILE B 529 -33.26 -44.94 -70.83
N LEU B 530 -32.58 -45.43 -69.80
CA LEU B 530 -32.31 -46.87 -69.68
C LEU B 530 -33.61 -47.64 -69.50
N VAL B 531 -34.52 -47.10 -68.69
CA VAL B 531 -35.82 -47.72 -68.49
C VAL B 531 -36.63 -47.67 -69.79
N SER B 532 -36.49 -46.58 -70.54
CA SER B 532 -37.18 -46.44 -71.82
C SER B 532 -36.71 -47.50 -72.81
N VAL B 533 -35.39 -47.71 -72.88
CA VAL B 533 -34.85 -48.69 -73.82
C VAL B 533 -35.11 -50.11 -73.33
N VAL B 534 -35.30 -50.27 -72.02
CA VAL B 534 -35.71 -51.56 -71.46
C VAL B 534 -37.16 -51.88 -71.86
N LEU B 535 -38.03 -50.88 -71.75
CA LEU B 535 -39.42 -51.04 -72.18
C LEU B 535 -39.49 -51.30 -73.68
N PHE B 536 -38.55 -50.73 -74.43
CA PHE B 536 -38.47 -50.98 -75.85
C PHE B 536 -38.11 -52.45 -76.12
N LEU B 537 -37.43 -53.06 -75.16
CA LEU B 537 -37.03 -54.47 -75.28
C LEU B 537 -37.83 -55.35 -74.31
N SER B 587 -42.64 -59.59 -66.63
CA SER B 587 -41.37 -59.03 -67.07
C SER B 587 -41.38 -57.50 -67.01
N ALA B 588 -42.40 -56.89 -67.59
CA ALA B 588 -42.54 -55.43 -67.56
C ALA B 588 -43.05 -54.97 -66.20
N ARG B 589 -43.75 -55.88 -65.51
CA ARG B 589 -44.31 -55.60 -64.20
C ARG B 589 -43.22 -55.30 -63.17
N ILE B 590 -42.16 -56.10 -63.17
CA ILE B 590 -41.06 -55.90 -62.23
C ILE B 590 -40.22 -54.69 -62.61
N VAL B 591 -40.24 -54.32 -63.89
CA VAL B 591 -39.56 -53.11 -64.33
C VAL B 591 -40.29 -51.90 -63.75
N ALA B 592 -41.61 -51.88 -63.94
CA ALA B 592 -42.44 -50.81 -63.39
C ALA B 592 -42.33 -50.77 -61.87
N GLY B 593 -42.23 -51.94 -61.25
CA GLY B 593 -42.09 -52.03 -59.80
C GLY B 593 -40.78 -51.46 -59.28
N VAL B 594 -39.67 -51.94 -59.83
CA VAL B 594 -38.35 -51.47 -59.43
C VAL B 594 -38.20 -49.97 -59.69
N TRP B 595 -38.68 -49.52 -60.85
CA TRP B 595 -38.64 -48.09 -61.17
C TRP B 595 -39.48 -47.29 -60.19
N TRP B 596 -40.65 -47.81 -59.83
CA TRP B 596 -41.52 -47.13 -58.87
C TRP B 596 -40.85 -47.01 -57.50
N PHE B 597 -40.23 -48.08 -57.05
CA PHE B 597 -39.52 -48.08 -55.77
C PHE B 597 -38.40 -47.04 -55.80
N PHE B 598 -37.67 -47.04 -56.91
CA PHE B 598 -36.58 -46.10 -57.13
C PHE B 598 -37.03 -44.64 -57.04
N THR B 599 -38.04 -44.29 -57.83
CA THR B 599 -38.54 -42.92 -57.85
C THR B 599 -39.19 -42.55 -56.53
N LEU B 600 -39.74 -43.54 -55.82
CA LEU B 600 -40.27 -43.33 -54.48
C LEU B 600 -39.17 -42.87 -53.53
N ILE B 601 -38.09 -43.65 -53.48
CA ILE B 601 -36.95 -43.32 -52.64
C ILE B 601 -36.38 -41.95 -52.98
N ILE B 602 -36.30 -41.66 -54.28
CA ILE B 602 -35.76 -40.37 -54.71
C ILE B 602 -36.65 -39.18 -54.33
N ILE B 603 -37.95 -39.27 -54.60
CA ILE B 603 -38.84 -38.16 -54.27
C ILE B 603 -38.92 -37.96 -52.76
N SER B 604 -38.88 -39.07 -52.02
CA SER B 604 -38.89 -39.00 -50.56
C SER B 604 -37.63 -38.28 -50.08
N SER B 605 -36.49 -38.68 -50.64
CA SER B 605 -35.21 -38.10 -50.29
C SER B 605 -35.16 -36.59 -50.56
N TYR B 606 -35.64 -36.20 -51.74
CA TYR B 606 -35.68 -34.79 -52.11
C TYR B 606 -36.59 -34.01 -51.15
N THR B 607 -37.76 -34.59 -50.87
CA THR B 607 -38.73 -33.94 -50.00
C THR B 607 -38.11 -33.69 -48.62
N ALA B 608 -37.43 -34.70 -48.09
CA ALA B 608 -36.80 -34.61 -46.79
C ALA B 608 -35.70 -33.56 -46.76
N ASN B 609 -34.84 -33.60 -47.78
CA ASN B 609 -33.69 -32.70 -47.86
C ASN B 609 -34.07 -31.22 -48.01
N LEU B 610 -35.12 -30.95 -48.78
CA LEU B 610 -35.56 -29.57 -49.03
C LEU B 610 -35.93 -28.83 -47.74
N ALA B 611 -36.61 -29.53 -46.82
CA ALA B 611 -36.97 -28.93 -45.54
C ALA B 611 -35.74 -28.51 -44.73
N ALA B 612 -34.72 -29.36 -44.72
CA ALA B 612 -33.45 -29.06 -44.06
C ALA B 612 -32.77 -27.88 -44.73
N PHE B 613 -32.85 -27.85 -46.06
CA PHE B 613 -32.25 -26.81 -46.87
C PHE B 613 -32.93 -25.46 -46.62
N LEU B 614 -34.27 -25.49 -46.59
CA LEU B 614 -35.07 -24.28 -46.41
C LEU B 614 -34.66 -23.21 -47.40
N GLY B 615 -34.62 -21.97 -46.92
CA GLY B 615 -34.00 -20.90 -47.67
C GLY B 615 -32.55 -20.76 -47.25
N VAL B 616 -31.70 -20.38 -48.20
CA VAL B 616 -30.34 -20.00 -47.86
C VAL B 616 -30.34 -18.54 -47.44
N GLU B 617 -31.15 -17.74 -48.15
CA GLU B 617 -31.22 -16.29 -47.95
C GLU B 617 -29.85 -15.65 -48.07
N ARG B 618 -29.01 -16.20 -48.94
CA ARG B 618 -27.69 -15.63 -49.15
C ARG B 618 -27.82 -14.31 -49.89
N MET B 619 -26.88 -13.40 -49.67
CA MET B 619 -26.89 -12.12 -50.38
C MET B 619 -25.69 -12.00 -51.30
N VAL B 620 -25.95 -11.53 -52.52
CA VAL B 620 -24.90 -11.35 -53.51
C VAL B 620 -24.02 -10.16 -53.15
N SER B 621 -22.71 -10.34 -53.30
CA SER B 621 -21.77 -9.26 -53.00
C SER B 621 -21.15 -8.76 -54.31
N PRO B 622 -21.34 -7.47 -54.62
CA PRO B 622 -20.79 -6.85 -55.82
C PRO B 622 -19.28 -7.05 -55.94
N ILE B 623 -18.56 -6.84 -54.84
CA ILE B 623 -17.12 -7.01 -54.81
C ILE B 623 -16.65 -8.04 -53.78
N GLU B 624 -15.98 -9.09 -54.26
CA GLU B 624 -15.48 -10.14 -53.38
C GLU B 624 -14.31 -9.65 -52.53
N SER B 625 -13.41 -8.89 -53.15
CA SER B 625 -12.21 -8.40 -52.48
C SER B 625 -11.60 -7.20 -53.21
N ALA B 626 -10.56 -6.62 -52.61
CA ALA B 626 -9.89 -5.44 -53.16
C ALA B 626 -9.33 -5.64 -54.57
N GLU B 627 -8.87 -6.85 -54.87
CA GLU B 627 -8.24 -7.13 -56.16
C GLU B 627 -9.19 -6.85 -57.33
N ASP B 628 -10.45 -7.26 -57.16
CA ASP B 628 -11.49 -7.06 -58.18
C ASP B 628 -11.82 -5.59 -58.40
N LEU B 629 -11.74 -4.80 -57.33
CA LEU B 629 -12.02 -3.37 -57.41
C LEU B 629 -11.09 -2.64 -58.37
N SER B 630 -9.83 -3.08 -58.44
CA SER B 630 -8.85 -2.43 -59.32
C SER B 630 -9.19 -2.63 -60.77
N LYS B 631 -9.90 -3.71 -61.07
CA LYS B 631 -10.14 -4.14 -62.43
C LYS B 631 -11.39 -3.56 -63.10
N GLN B 632 -12.22 -2.85 -62.34
CA GLN B 632 -13.48 -2.37 -62.92
C GLN B 632 -13.66 -0.85 -62.82
N THR B 633 -14.22 -0.27 -63.88
CA THR B 633 -14.50 1.16 -63.93
C THR B 633 -15.95 1.52 -63.60
N GLU B 634 -16.79 0.51 -63.39
CA GLU B 634 -18.21 0.74 -63.18
C GLU B 634 -18.49 1.42 -61.85
N ILE B 635 -17.86 0.91 -60.79
CA ILE B 635 -18.04 1.48 -59.46
C ILE B 635 -16.86 2.36 -59.09
N ALA B 636 -17.11 3.66 -59.00
CA ALA B 636 -16.09 4.62 -58.57
C ALA B 636 -15.79 4.41 -57.10
N TYR B 637 -14.59 4.77 -56.68
CA TYR B 637 -14.23 4.61 -55.27
C TYR B 637 -13.23 5.67 -54.83
N GLY B 638 -13.21 6.00 -53.55
CA GLY B 638 -12.29 7.03 -53.08
C GLY B 638 -11.98 7.04 -51.60
N THR B 639 -11.07 7.93 -51.20
CA THR B 639 -10.68 8.08 -49.80
C THR B 639 -10.82 9.53 -49.35
N LEU B 640 -10.37 9.82 -48.13
CA LEU B 640 -10.42 11.18 -47.60
C LEU B 640 -9.44 12.09 -48.34
N ASP B 641 -9.67 13.39 -48.23
CA ASP B 641 -8.84 14.41 -48.89
C ASP B 641 -7.37 14.37 -48.43
N SER B 642 -7.14 13.90 -47.22
CA SER B 642 -5.78 13.76 -46.69
C SER B 642 -5.73 12.65 -45.65
N GLY B 643 -4.56 12.44 -45.06
CA GLY B 643 -4.41 11.41 -44.05
C GLY B 643 -3.65 10.17 -44.48
N SER B 644 -3.58 9.20 -43.58
CA SER B 644 -2.72 8.03 -43.75
C SER B 644 -3.14 7.09 -44.87
N THR B 645 -4.43 7.05 -45.18
CA THR B 645 -4.93 6.16 -46.22
C THR B 645 -4.51 6.67 -47.60
N LYS B 646 -4.79 7.94 -47.85
CA LYS B 646 -4.40 8.59 -49.09
C LYS B 646 -2.90 8.47 -49.29
N GLU B 647 -2.15 8.76 -48.24
CA GLU B 647 -0.69 8.65 -48.28
C GLU B 647 -0.24 7.22 -48.54
N PHE B 648 -0.97 6.25 -48.02
CA PHE B 648 -0.69 4.85 -48.29
C PHE B 648 -0.80 4.56 -49.78
N PHE B 649 -1.91 5.00 -50.38
CA PHE B 649 -2.12 4.80 -51.82
C PHE B 649 -1.09 5.54 -52.68
N ARG B 650 -0.75 6.76 -52.28
CA ARG B 650 0.23 7.57 -52.97
C ARG B 650 1.60 6.90 -52.97
N ARG B 651 2.04 6.49 -51.79
CA ARG B 651 3.37 5.93 -51.60
C ARG B 651 3.47 4.45 -51.98
N SER B 652 2.33 3.84 -52.32
CA SER B 652 2.28 2.39 -52.55
C SER B 652 2.97 1.93 -53.83
N LYS B 653 3.88 0.98 -53.67
CA LYS B 653 4.59 0.39 -54.80
C LYS B 653 3.95 -0.91 -55.26
N ILE B 654 2.85 -1.29 -54.61
CA ILE B 654 2.15 -2.52 -54.96
C ILE B 654 1.20 -2.29 -56.14
N ALA B 655 1.19 -3.24 -57.07
CA ALA B 655 0.50 -3.13 -58.36
C ALA B 655 -0.92 -2.60 -58.24
N VAL B 656 -1.76 -3.39 -57.55
CA VAL B 656 -3.18 -3.10 -57.40
C VAL B 656 -3.42 -1.70 -56.84
N PHE B 657 -2.82 -1.43 -55.69
CA PHE B 657 -2.94 -0.14 -55.02
C PHE B 657 -2.41 1.00 -55.90
N ASP B 658 -1.34 0.73 -56.64
CA ASP B 658 -0.80 1.68 -57.60
C ASP B 658 -1.86 2.08 -58.63
N LYS B 659 -2.43 1.07 -59.29
CA LYS B 659 -3.49 1.28 -60.27
C LYS B 659 -4.65 2.08 -59.69
N MET B 660 -5.08 1.68 -58.50
CA MET B 660 -6.17 2.36 -57.80
C MET B 660 -5.84 3.83 -57.58
N TRP B 661 -4.60 4.10 -57.16
CA TRP B 661 -4.16 5.47 -56.89
C TRP B 661 -4.18 6.32 -58.16
N THR B 662 -3.63 5.75 -59.23
CA THR B 662 -3.62 6.41 -60.54
C THR B 662 -5.03 6.79 -60.95
N TYR B 663 -5.92 5.80 -60.91
CA TYR B 663 -7.32 6.05 -61.25
C TYR B 663 -7.91 7.18 -60.40
N MET B 664 -7.73 7.09 -59.08
CA MET B 664 -8.36 8.03 -58.16
C MET B 664 -7.89 9.47 -58.37
N ARG B 665 -6.58 9.67 -58.47
CA ARG B 665 -6.06 11.01 -58.69
C ARG B 665 -6.45 11.54 -60.07
N SER B 666 -6.49 10.67 -61.08
CA SER B 666 -6.79 11.11 -62.44
C SER B 666 -8.29 11.31 -62.70
N ALA B 667 -9.13 10.60 -61.98
CA ALA B 667 -10.58 10.61 -62.25
C ALA B 667 -11.25 11.94 -61.91
N GLU B 668 -12.23 12.31 -62.74
CA GLU B 668 -13.01 13.52 -62.52
C GLU B 668 -14.51 13.20 -62.64
N PRO B 669 -15.35 13.81 -61.78
CA PRO B 669 -15.00 14.71 -60.66
C PRO B 669 -14.30 13.97 -59.52
N SER B 670 -13.67 14.73 -58.62
CA SER B 670 -12.88 14.16 -57.54
C SER B 670 -13.61 13.10 -56.74
N VAL B 671 -12.92 12.00 -56.47
CA VAL B 671 -13.47 10.90 -55.67
C VAL B 671 -13.17 11.10 -54.19
N PHE B 672 -12.42 12.16 -53.89
CA PHE B 672 -11.99 12.42 -52.52
C PHE B 672 -13.02 13.22 -51.73
N VAL B 673 -13.17 12.90 -50.46
CA VAL B 673 -14.11 13.59 -49.59
C VAL B 673 -13.40 14.24 -48.41
N ARG B 674 -14.01 15.28 -47.86
CA ARG B 674 -13.42 16.04 -46.76
C ARG B 674 -13.57 15.34 -45.40
N THR B 675 -14.75 14.80 -45.14
CA THR B 675 -15.01 14.17 -43.85
C THR B 675 -15.49 12.73 -44.05
N THR B 676 -15.45 11.95 -42.99
CA THR B 676 -15.88 10.55 -43.06
C THR B 676 -17.38 10.48 -43.31
N ALA B 677 -18.13 11.34 -42.62
CA ALA B 677 -19.58 11.38 -42.78
C ALA B 677 -19.95 11.72 -44.22
N GLU B 678 -19.13 12.54 -44.87
CA GLU B 678 -19.36 12.92 -46.26
C GLU B 678 -19.20 11.71 -47.16
N GLY B 679 -18.16 10.92 -46.92
CA GLY B 679 -17.89 9.72 -47.69
C GLY B 679 -18.99 8.69 -47.52
N VAL B 680 -19.38 8.45 -46.28
CA VAL B 680 -20.45 7.51 -45.98
C VAL B 680 -21.76 7.95 -46.63
N ALA B 681 -22.08 9.24 -46.49
CA ALA B 681 -23.27 9.81 -47.11
C ALA B 681 -23.24 9.60 -48.62
N ARG B 682 -22.06 9.75 -49.21
CA ARG B 682 -21.90 9.52 -50.64
C ARG B 682 -22.14 8.05 -50.98
N VAL B 683 -21.73 7.14 -50.09
CA VAL B 683 -21.98 5.71 -50.28
C VAL B 683 -23.47 5.41 -50.24
N ARG B 684 -24.19 6.10 -49.35
CA ARG B 684 -25.62 5.88 -49.19
C ARG B 684 -26.42 6.45 -50.36
N LYS B 685 -25.99 7.61 -50.86
CA LYS B 685 -26.73 8.31 -51.91
C LYS B 685 -26.45 7.76 -53.31
N SER B 686 -25.35 7.03 -53.46
CA SER B 686 -24.87 6.62 -54.78
C SER B 686 -25.53 5.37 -55.32
N LYS B 687 -26.44 4.79 -54.54
CA LYS B 687 -27.14 3.56 -54.92
C LYS B 687 -26.14 2.43 -55.19
N GLY B 688 -25.00 2.48 -54.51
CA GLY B 688 -23.99 1.45 -54.63
C GLY B 688 -23.05 1.65 -55.80
N LYS B 689 -23.04 2.84 -56.37
CA LYS B 689 -22.14 3.15 -57.47
C LYS B 689 -20.83 3.74 -56.95
N TYR B 690 -20.78 4.05 -55.65
CA TYR B 690 -19.58 4.60 -55.04
C TYR B 690 -19.11 3.78 -53.85
N ALA B 691 -17.82 3.48 -53.81
CA ALA B 691 -17.20 2.74 -52.73
C ALA B 691 -16.26 3.64 -51.95
N TYR B 692 -16.26 3.48 -50.63
CA TYR B 692 -15.44 4.34 -49.78
C TYR B 692 -14.37 3.54 -49.05
N LEU B 693 -13.11 3.92 -49.24
CA LEU B 693 -11.98 3.27 -48.58
C LEU B 693 -11.63 3.98 -47.29
N LEU B 694 -11.81 3.27 -46.18
CA LEU B 694 -11.54 3.85 -44.86
C LEU B 694 -11.07 2.77 -43.90
N GLU B 695 -10.45 3.19 -42.80
CA GLU B 695 -9.87 2.26 -41.85
C GLU B 695 -10.95 1.37 -41.23
N SER B 696 -10.58 0.12 -40.96
CA SER B 696 -11.52 -0.92 -40.55
C SER B 696 -12.42 -0.51 -39.40
N THR B 697 -11.86 0.21 -38.44
CA THR B 697 -12.59 0.66 -37.27
C THR B 697 -13.85 1.45 -37.62
N MET B 698 -13.66 2.61 -38.24
CA MET B 698 -14.79 3.46 -38.64
C MET B 698 -15.78 2.71 -39.51
N ASN B 699 -15.28 1.80 -40.32
CA ASN B 699 -16.13 1.01 -41.20
C ASN B 699 -17.06 0.09 -40.41
N GLU B 700 -16.49 -0.62 -39.44
CA GLU B 700 -17.26 -1.48 -38.56
C GLU B 700 -18.27 -0.69 -37.75
N TYR B 701 -17.84 0.47 -37.25
CA TYR B 701 -18.69 1.31 -36.43
C TYR B 701 -19.90 1.81 -37.22
N ILE B 702 -19.66 2.30 -38.43
CA ILE B 702 -20.74 2.76 -39.29
C ILE B 702 -21.62 1.58 -39.69
N GLU B 703 -21.00 0.41 -39.81
CA GLU B 703 -21.72 -0.81 -40.14
C GLU B 703 -22.67 -1.18 -39.00
N GLN B 704 -22.36 -0.72 -37.78
CA GLN B 704 -23.22 -0.99 -36.63
C GLN B 704 -24.22 0.13 -36.37
N ARG B 705 -24.24 1.15 -37.22
CA ARG B 705 -25.14 2.28 -37.02
C ARG B 705 -26.22 2.38 -38.09
N LYS B 706 -27.42 2.73 -37.65
CA LYS B 706 -28.58 2.93 -38.52
C LYS B 706 -28.36 4.02 -39.58
N PRO B 707 -29.06 3.94 -40.73
CA PRO B 707 -30.02 2.87 -41.05
C PRO B 707 -29.41 1.58 -41.62
N CYS B 708 -28.29 1.12 -41.08
CA CYS B 708 -27.72 -0.18 -41.44
C CYS B 708 -27.57 -0.43 -42.95
N ASP B 709 -27.30 0.62 -43.72
CA ASP B 709 -27.24 0.48 -45.18
C ASP B 709 -25.82 0.24 -45.72
N THR B 710 -24.83 0.29 -44.84
CA THR B 710 -23.44 0.18 -45.28
C THR B 710 -22.78 -1.09 -44.73
N MET B 711 -21.80 -1.61 -45.46
CA MET B 711 -21.09 -2.80 -45.00
C MET B 711 -19.63 -2.81 -45.45
N LYS B 712 -18.83 -3.56 -44.70
CA LYS B 712 -17.41 -3.73 -45.02
C LYS B 712 -17.25 -4.98 -45.87
N VAL B 713 -16.62 -4.82 -47.02
CA VAL B 713 -16.43 -5.91 -47.95
C VAL B 713 -14.96 -6.31 -48.06
N GLY B 714 -14.73 -7.62 -48.12
CA GLY B 714 -13.39 -8.15 -48.29
C GLY B 714 -12.50 -7.91 -47.10
N GLY B 715 -11.24 -8.28 -47.22
CA GLY B 715 -10.29 -8.13 -46.12
C GLY B 715 -9.75 -6.72 -46.00
N ASN B 716 -8.72 -6.56 -45.18
CA ASN B 716 -8.05 -5.27 -45.03
C ASN B 716 -6.85 -5.18 -45.96
N LEU B 717 -6.62 -3.99 -46.50
CA LEU B 717 -5.52 -3.77 -47.42
C LEU B 717 -4.17 -3.87 -46.72
N ASP B 718 -4.08 -3.25 -45.56
CA ASP B 718 -2.86 -3.27 -44.75
C ASP B 718 -3.19 -3.47 -43.28
N SER B 719 -2.20 -3.85 -42.47
CA SER B 719 -2.43 -4.06 -41.05
C SER B 719 -1.58 -3.11 -40.21
N LYS B 720 -2.25 -2.19 -39.52
CA LYS B 720 -1.56 -1.17 -38.73
C LYS B 720 -2.37 -0.86 -37.47
N GLY B 721 -1.94 0.11 -36.69
CA GLY B 721 -2.63 0.45 -35.46
C GLY B 721 -2.59 1.91 -35.06
N TYR B 722 -3.48 2.29 -34.16
CA TYR B 722 -3.48 3.63 -33.56
C TYR B 722 -2.51 3.65 -32.39
N GLY B 723 -2.35 4.80 -31.74
CA GLY B 723 -1.47 4.91 -30.60
C GLY B 723 -1.57 6.24 -29.86
N ILE B 724 -1.16 6.24 -28.60
CA ILE B 724 -1.12 7.50 -27.84
C ILE B 724 0.23 8.15 -28.06
N ALA B 725 0.23 9.41 -28.47
CA ALA B 725 1.45 10.08 -28.86
C ALA B 725 1.94 11.06 -27.79
N THR B 726 3.24 11.04 -27.56
CA THR B 726 3.88 11.91 -26.57
C THR B 726 5.18 12.49 -27.12
N PRO B 727 5.47 13.76 -26.77
CA PRO B 727 6.71 14.43 -27.17
C PRO B 727 7.94 13.61 -26.81
N LYS B 728 8.96 13.64 -27.66
CA LYS B 728 10.16 12.85 -27.42
C LYS B 728 10.91 13.36 -26.19
N GLY B 729 11.20 12.45 -25.27
CA GLY B 729 11.90 12.79 -24.04
C GLY B 729 10.98 13.30 -22.94
N SER B 730 9.68 13.08 -23.12
CA SER B 730 8.70 13.44 -22.10
C SER B 730 8.73 12.38 -21.00
N SER B 731 8.40 12.77 -19.78
CA SER B 731 8.40 11.85 -18.65
C SER B 731 7.20 10.92 -18.70
N LEU B 732 6.16 11.34 -19.42
CA LEU B 732 4.90 10.61 -19.48
C LEU B 732 4.94 9.37 -20.38
N GLY B 733 5.90 9.34 -21.31
CA GLY B 733 5.90 8.33 -22.36
C GLY B 733 5.87 6.89 -21.88
N THR B 734 6.84 6.52 -21.06
CA THR B 734 6.93 5.15 -20.54
C THR B 734 5.75 4.80 -19.62
N PRO B 735 5.37 5.70 -18.69
CA PRO B 735 4.16 5.40 -17.92
C PRO B 735 2.92 5.15 -18.78
N VAL B 736 2.72 5.98 -19.79
CA VAL B 736 1.60 5.81 -20.72
C VAL B 736 1.67 4.47 -21.42
N ASN B 737 2.86 4.12 -21.91
CA ASN B 737 3.06 2.85 -22.61
C ASN B 737 2.71 1.64 -21.72
N LEU B 738 3.30 1.61 -20.53
CA LEU B 738 3.06 0.52 -19.59
C LEU B 738 1.59 0.45 -19.21
N ALA B 739 0.94 1.61 -19.14
CA ALA B 739 -0.48 1.69 -18.86
C ALA B 739 -1.29 1.03 -19.96
N VAL B 740 -0.94 1.33 -21.21
CA VAL B 740 -1.62 0.75 -22.36
C VAL B 740 -1.45 -0.76 -22.40
N LEU B 741 -0.25 -1.25 -22.11
CA LEU B 741 -0.01 -2.69 -22.04
C LEU B 741 -0.87 -3.36 -20.97
N LYS B 742 -0.88 -2.77 -19.78
CA LYS B 742 -1.72 -3.27 -18.69
C LYS B 742 -3.19 -3.35 -19.12
N LEU B 743 -3.72 -2.25 -19.64
CA LEU B 743 -5.10 -2.21 -20.10
C LEU B 743 -5.38 -3.26 -21.18
N SER B 744 -4.39 -3.50 -22.03
CA SER B 744 -4.50 -4.50 -23.08
C SER B 744 -4.64 -5.91 -22.50
N GLU B 745 -3.71 -6.27 -21.63
CA GLU B 745 -3.71 -7.61 -21.03
C GLU B 745 -4.89 -7.85 -20.09
N GLN B 746 -5.31 -6.78 -19.40
CA GLN B 746 -6.42 -6.84 -18.47
C GLN B 746 -7.76 -6.90 -19.21
N GLY B 747 -7.72 -6.63 -20.50
CA GLY B 747 -8.90 -6.73 -21.33
C GLY B 747 -9.71 -5.46 -21.32
N VAL B 748 -9.13 -4.39 -20.79
CA VAL B 748 -9.80 -3.09 -20.73
C VAL B 748 -10.08 -2.53 -22.11
N LEU B 749 -9.11 -2.68 -23.02
CA LEU B 749 -9.26 -2.21 -24.38
C LEU B 749 -10.38 -2.94 -25.08
N ASP B 750 -10.38 -4.26 -24.97
CA ASP B 750 -11.40 -5.11 -25.57
C ASP B 750 -12.80 -4.71 -25.10
N LYS B 751 -13.00 -4.69 -23.78
CA LYS B 751 -14.29 -4.34 -23.19
C LYS B 751 -14.72 -2.93 -23.57
N LEU B 752 -13.77 -2.02 -23.68
CA LEU B 752 -14.08 -0.65 -24.08
C LEU B 752 -14.59 -0.60 -25.52
N LYS B 753 -13.88 -1.29 -26.41
CA LYS B 753 -14.27 -1.34 -27.81
C LYS B 753 -15.65 -1.99 -27.95
N ASN B 754 -15.87 -3.09 -27.24
CA ASN B 754 -17.17 -3.74 -27.23
C ASN B 754 -18.25 -2.81 -26.71
N LYS B 755 -17.88 -1.98 -25.74
CA LYS B 755 -18.80 -0.99 -25.19
C LYS B 755 -19.28 -0.03 -26.27
N TRP B 756 -18.33 0.61 -26.95
CA TRP B 756 -18.69 1.68 -27.89
C TRP B 756 -19.16 1.18 -29.25
N TRP B 757 -18.54 0.12 -29.76
CA TRP B 757 -18.88 -0.40 -31.09
C TRP B 757 -20.10 -1.32 -31.09
N TYR B 758 -19.92 -2.50 -30.53
CA TYR B 758 -20.86 -3.61 -30.68
C TYR B 758 -22.08 -3.62 -29.74
N ASP B 759 -21.84 -3.44 -28.44
CA ASP B 759 -22.88 -3.59 -27.42
C ASP B 759 -24.19 -2.87 -27.73
N LYS B 760 -24.11 -1.59 -28.07
CA LYS B 760 -25.31 -0.83 -28.39
C LYS B 760 -25.65 -0.91 -29.87
N GLY B 761 -24.92 -1.75 -30.59
CA GLY B 761 -25.12 -1.95 -32.02
C GLY B 761 -26.54 -2.34 -32.39
N GLU B 762 -27.12 -1.55 -33.30
CA GLU B 762 -28.53 -1.68 -33.64
C GLU B 762 -28.81 -2.58 -34.83
N CYS B 763 -27.76 -3.04 -35.51
CA CYS B 763 -27.94 -3.82 -36.73
C CYS B 763 -27.94 -5.33 -36.46
N GLY B 764 -27.69 -5.72 -35.22
CA GLY B 764 -27.65 -7.12 -34.86
C GLY B 764 -26.52 -7.87 -35.52
N LYS B 773 -33.71 -20.26 -39.79
CA LYS B 773 -33.56 -18.82 -39.66
C LYS B 773 -34.86 -18.11 -40.03
N THR B 774 -35.33 -18.34 -41.24
CA THR B 774 -36.56 -17.73 -41.70
C THR B 774 -37.57 -18.79 -42.12
N SER B 775 -38.67 -18.89 -41.38
CA SER B 775 -39.77 -19.71 -41.86
C SER B 775 -40.80 -18.76 -42.46
N ALA B 776 -40.81 -18.74 -43.79
CA ALA B 776 -41.62 -17.83 -44.57
C ALA B 776 -41.72 -18.38 -45.97
N LEU B 777 -42.65 -17.86 -46.75
CA LEU B 777 -42.88 -18.35 -48.11
C LEU B 777 -42.07 -17.66 -49.20
N SER B 778 -41.70 -18.45 -50.21
CA SER B 778 -41.07 -17.90 -51.41
C SER B 778 -41.89 -18.27 -52.64
N LEU B 779 -42.26 -17.25 -53.42
CA LEU B 779 -42.97 -17.45 -54.67
C LEU B 779 -41.98 -17.84 -55.76
N SER B 780 -40.71 -17.52 -55.50
CA SER B 780 -39.64 -17.62 -56.47
C SER B 780 -39.16 -19.04 -56.80
N ASN B 781 -39.04 -19.89 -55.79
CA ASN B 781 -38.54 -21.26 -55.98
C ASN B 781 -39.38 -22.06 -56.96
N VAL B 782 -40.69 -21.84 -56.93
CA VAL B 782 -41.62 -22.55 -57.80
C VAL B 782 -41.62 -22.01 -59.24
N ALA B 783 -41.20 -20.76 -59.41
CA ALA B 783 -41.18 -20.11 -60.72
C ALA B 783 -40.46 -20.89 -61.81
N GLY B 784 -39.33 -21.52 -61.47
CA GLY B 784 -38.59 -22.32 -62.42
C GLY B 784 -39.39 -23.50 -62.96
N VAL B 785 -40.05 -24.20 -62.04
CA VAL B 785 -40.89 -25.33 -62.40
C VAL B 785 -42.14 -24.87 -63.16
N PHE B 786 -42.61 -23.67 -62.86
CA PHE B 786 -43.68 -23.10 -63.66
C PHE B 786 -43.21 -22.85 -65.09
N TYR B 787 -41.97 -22.42 -65.22
CA TYR B 787 -41.38 -22.17 -66.52
C TYR B 787 -41.22 -23.46 -67.32
N ILE B 788 -40.77 -24.52 -66.64
CA ILE B 788 -40.62 -25.82 -67.30
C ILE B 788 -41.98 -26.45 -67.62
N LEU B 789 -42.99 -26.08 -66.84
CA LEU B 789 -44.37 -26.50 -67.13
C LEU B 789 -44.88 -25.84 -68.41
N VAL B 790 -44.77 -24.52 -68.47
CA VAL B 790 -45.20 -23.78 -69.66
C VAL B 790 -44.41 -24.23 -70.88
N GLY B 791 -43.14 -24.55 -70.69
CA GLY B 791 -42.32 -25.08 -71.76
C GLY B 791 -42.83 -26.43 -72.23
N GLY B 792 -43.21 -27.27 -71.28
CA GLY B 792 -43.77 -28.58 -71.58
C GLY B 792 -45.07 -28.47 -72.35
N LEU B 793 -45.91 -27.50 -71.97
CA LEU B 793 -47.17 -27.25 -72.66
C LEU B 793 -46.91 -26.70 -74.05
N GLY B 794 -45.81 -25.97 -74.19
CA GLY B 794 -45.41 -25.45 -75.48
C GLY B 794 -45.04 -26.59 -76.42
N LEU B 795 -44.22 -27.51 -75.92
CA LEU B 795 -43.87 -28.70 -76.68
C LEU B 795 -45.12 -29.51 -77.00
N ALA B 796 -46.07 -29.51 -76.07
CA ALA B 796 -47.34 -30.20 -76.26
C ALA B 796 -48.11 -29.61 -77.43
N MET B 797 -48.14 -28.27 -77.50
CA MET B 797 -48.75 -27.57 -78.61
C MET B 797 -48.03 -27.89 -79.92
N LEU B 798 -46.71 -28.00 -79.83
CA LEU B 798 -45.89 -28.34 -80.99
C LEU B 798 -46.26 -29.71 -81.56
N VAL B 799 -46.33 -30.71 -80.69
CA VAL B 799 -46.69 -32.07 -81.10
C VAL B 799 -48.12 -32.11 -81.62
N ALA B 800 -49.01 -31.40 -80.94
CA ALA B 800 -50.41 -31.30 -81.36
C ALA B 800 -50.52 -30.70 -82.76
N LEU B 801 -49.61 -29.79 -83.08
CA LEU B 801 -49.59 -29.18 -84.41
C LEU B 801 -48.99 -30.09 -85.47
N ILE B 802 -47.87 -30.74 -85.16
CA ILE B 802 -47.22 -31.61 -86.14
C ILE B 802 -48.08 -32.83 -86.45
N GLU B 803 -48.92 -33.23 -85.49
CA GLU B 803 -49.85 -34.33 -85.73
C GLU B 803 -50.93 -33.92 -86.74
N PHE B 804 -51.61 -32.83 -86.45
CA PHE B 804 -52.70 -32.35 -87.29
C PHE B 804 -52.18 -31.72 -88.58
N ASN C 1 80.90 40.97 -2.22
CA ASN C 1 79.51 40.53 -2.14
C ASN C 1 79.38 39.02 -2.31
N SER C 2 80.00 38.27 -1.42
CA SER C 2 79.92 36.81 -1.44
C SER C 2 78.68 36.35 -0.69
N ILE C 3 77.77 35.69 -1.40
CA ILE C 3 76.54 35.20 -0.79
C ILE C 3 76.60 33.69 -0.58
N GLN C 4 76.68 33.28 0.69
CA GLN C 4 76.75 31.86 1.01
C GLN C 4 75.35 31.25 0.98
N ILE C 5 75.16 30.28 0.10
CA ILE C 5 73.90 29.55 0.02
C ILE C 5 74.17 28.05 -0.03
N GLY C 6 73.58 27.32 0.90
CA GLY C 6 73.72 25.88 0.94
C GLY C 6 72.84 25.20 -0.08
N GLY C 7 73.20 23.97 -0.43
CA GLY C 7 72.39 23.20 -1.36
C GLY C 7 72.48 21.70 -1.14
N LEU C 8 71.40 21.02 -1.50
CA LEU C 8 71.26 19.60 -1.26
C LEU C 8 70.82 18.88 -2.53
N PHE C 9 71.70 18.04 -3.06
CA PHE C 9 71.36 17.28 -4.25
C PHE C 9 71.30 15.79 -3.94
N PRO C 10 70.11 15.18 -4.12
CA PRO C 10 69.88 13.75 -3.94
C PRO C 10 70.77 12.94 -4.88
N ARG C 11 71.37 11.87 -4.37
CA ARG C 11 72.22 11.00 -5.17
C ARG C 11 71.44 10.52 -6.39
N GLY C 12 72.02 10.71 -7.57
CA GLY C 12 71.35 10.35 -8.80
C GLY C 12 70.78 11.56 -9.52
N ALA C 13 70.91 12.73 -8.91
CA ALA C 13 70.52 13.97 -9.58
C ALA C 13 71.72 14.58 -10.29
N ASP C 14 71.71 14.53 -11.61
CA ASP C 14 72.85 14.98 -12.40
C ASP C 14 72.50 16.25 -13.15
N GLN C 15 71.55 16.11 -14.07
CA GLN C 15 71.07 17.19 -14.92
C GLN C 15 70.57 18.38 -14.10
N GLU C 16 70.08 18.09 -12.90
CA GLU C 16 69.62 19.14 -12.00
C GLU C 16 70.77 20.03 -11.57
N TYR C 17 71.87 19.42 -11.15
CA TYR C 17 73.05 20.16 -10.73
C TYR C 17 73.69 20.84 -11.93
N SER C 18 73.58 20.21 -13.10
CA SER C 18 74.08 20.78 -14.33
C SER C 18 73.36 22.08 -14.65
N ALA C 19 72.03 22.03 -14.63
CA ALA C 19 71.21 23.20 -14.87
C ALA C 19 71.40 24.24 -13.75
N PHE C 20 71.77 23.78 -12.56
CA PHE C 20 72.05 24.68 -11.45
C PHE C 20 73.31 25.48 -11.74
N ARG C 21 74.33 24.80 -12.23
CA ARG C 21 75.60 25.42 -12.56
C ARG C 21 75.44 26.36 -13.76
N VAL C 22 74.65 25.92 -14.73
CA VAL C 22 74.35 26.75 -15.91
C VAL C 22 73.62 28.02 -15.48
N GLY C 23 72.71 27.87 -14.53
CA GLY C 23 72.01 29.01 -13.96
C GLY C 23 72.98 29.94 -13.24
N MET C 24 73.95 29.35 -12.55
CA MET C 24 74.98 30.12 -11.86
C MET C 24 75.81 30.94 -12.84
N VAL C 25 76.11 30.36 -13.99
CA VAL C 25 76.90 31.03 -15.01
C VAL C 25 76.10 32.13 -15.70
N GLN C 26 74.84 31.84 -16.03
CA GLN C 26 74.01 32.76 -16.78
C GLN C 26 73.53 33.96 -15.96
N PHE C 27 73.14 33.71 -14.71
CA PHE C 27 72.58 34.77 -13.87
C PHE C 27 73.63 35.46 -13.01
N SER C 28 74.89 35.09 -13.19
CA SER C 28 76.00 35.75 -12.51
C SER C 28 76.08 37.22 -12.89
N THR C 29 76.44 38.06 -11.93
CA THR C 29 76.54 39.50 -12.18
C THR C 29 77.73 40.09 -11.44
N SER C 30 78.18 41.27 -11.88
CA SER C 30 79.34 41.92 -11.29
C SER C 30 79.03 42.42 -9.88
N GLU C 31 77.77 42.72 -9.63
CA GLU C 31 77.36 43.23 -8.32
C GLU C 31 77.59 42.20 -7.22
N PHE C 32 76.99 41.02 -7.39
CA PHE C 32 77.15 39.94 -6.41
C PHE C 32 77.21 38.58 -7.09
N ARG C 33 77.82 37.61 -6.42
CA ARG C 33 77.84 36.24 -6.92
C ARG C 33 77.57 35.25 -5.79
N LEU C 34 76.64 34.34 -6.02
CA LEU C 34 76.31 33.31 -5.04
C LEU C 34 77.44 32.29 -4.96
N THR C 35 77.76 31.87 -3.74
CA THR C 35 78.82 30.91 -3.50
C THR C 35 78.25 29.66 -2.85
N PRO C 36 77.81 28.70 -3.69
CA PRO C 36 77.11 27.50 -3.24
C PRO C 36 78.02 26.48 -2.57
N HIS C 37 77.49 25.83 -1.53
CA HIS C 37 78.14 24.66 -0.94
C HIS C 37 77.26 23.45 -1.20
N ILE C 38 77.73 22.56 -2.06
CA ILE C 38 76.92 21.42 -2.50
C ILE C 38 77.09 20.25 -1.53
N ASP C 39 75.96 19.64 -1.16
CA ASP C 39 75.98 18.47 -0.29
C ASP C 39 75.09 17.35 -0.80
N ASN C 40 75.70 16.21 -1.14
CA ASN C 40 74.95 15.04 -1.59
C ASN C 40 74.51 14.18 -0.40
N LEU C 41 73.27 13.72 -0.43
CA LEU C 41 72.75 12.90 0.67
C LEU C 41 71.68 11.92 0.20
N GLU C 42 71.17 11.13 1.15
CA GLU C 42 70.03 10.28 0.88
C GLU C 42 68.80 11.08 1.25
N VAL C 43 68.04 11.47 0.23
CA VAL C 43 66.95 12.42 0.42
C VAL C 43 65.83 11.81 1.27
N ALA C 44 65.69 10.49 1.20
CA ALA C 44 64.66 9.79 1.95
C ALA C 44 65.03 9.66 3.42
N ASN C 45 66.31 9.79 3.72
CA ASN C 45 66.81 9.69 5.10
C ASN C 45 66.60 11.00 5.84
N SER C 46 65.82 10.96 6.91
CA SER C 46 65.57 12.16 7.70
C SER C 46 66.81 12.59 8.46
N PHE C 47 67.53 11.62 9.02
CA PHE C 47 68.76 11.90 9.78
C PHE C 47 69.80 12.61 8.92
N ALA C 48 70.00 12.09 7.70
CA ALA C 48 70.96 12.67 6.77
C ALA C 48 70.59 14.11 6.43
N VAL C 49 69.31 14.33 6.19
CA VAL C 49 68.77 15.66 5.89
C VAL C 49 69.00 16.62 7.06
N THR C 50 68.70 16.17 8.27
CA THR C 50 68.92 16.98 9.47
C THR C 50 70.39 17.38 9.57
N ASN C 51 71.27 16.41 9.41
CA ASN C 51 72.71 16.64 9.48
C ASN C 51 73.19 17.65 8.43
N ALA C 52 72.74 17.47 7.19
CA ALA C 52 73.12 18.37 6.10
C ALA C 52 72.60 19.78 6.33
N PHE C 53 71.37 19.87 6.83
CA PHE C 53 70.73 21.15 7.10
C PHE C 53 71.46 21.93 8.18
N CYS C 54 71.76 21.26 9.30
CA CYS C 54 72.48 21.92 10.38
C CYS C 54 73.91 22.24 9.95
N SER C 55 74.45 21.42 9.04
CA SER C 55 75.75 21.68 8.46
C SER C 55 75.75 22.99 7.67
N GLN C 56 74.75 23.15 6.82
CA GLN C 56 74.60 24.39 6.05
C GLN C 56 74.33 25.59 6.98
N PHE C 57 73.55 25.35 8.02
CA PHE C 57 73.17 26.39 8.99
C PHE C 57 74.37 26.95 9.74
N SER C 58 75.17 26.04 10.33
CA SER C 58 76.34 26.44 11.09
C SER C 58 77.37 27.15 10.21
N ARG C 59 77.38 26.82 8.92
CA ARG C 59 78.26 27.49 7.97
C ARG C 59 77.75 28.91 7.71
N GLY C 60 76.53 29.19 8.14
CA GLY C 60 75.95 30.51 8.01
C GLY C 60 75.52 30.87 6.60
N VAL C 61 74.78 29.98 5.97
CA VAL C 61 74.26 30.24 4.63
C VAL C 61 73.02 31.13 4.76
N TYR C 62 72.81 31.98 3.76
CA TYR C 62 71.68 32.91 3.79
C TYR C 62 70.41 32.25 3.24
N ALA C 63 70.59 31.14 2.51
CA ALA C 63 69.48 30.39 1.94
C ALA C 63 69.92 28.97 1.62
N ILE C 64 68.95 28.07 1.47
CA ILE C 64 69.24 26.69 1.09
C ILE C 64 68.36 26.25 -0.07
N PHE C 65 68.97 25.66 -1.09
CA PHE C 65 68.22 25.08 -2.20
C PHE C 65 68.36 23.57 -2.18
N GLY C 66 67.25 22.85 -2.22
CA GLY C 66 67.31 21.41 -2.08
C GLY C 66 66.08 20.67 -2.55
N PHE C 67 66.00 19.39 -2.17
CA PHE C 67 64.88 18.53 -2.51
C PHE C 67 64.45 17.79 -1.25
N TYR C 68 63.22 17.26 -1.23
CA TYR C 68 62.81 16.41 -0.11
C TYR C 68 61.96 15.22 -0.58
N ASP C 69 61.71 14.29 0.34
CA ASP C 69 60.86 13.15 0.06
C ASP C 69 59.67 13.20 1.03
N LYS C 70 58.69 12.33 0.84
CA LYS C 70 57.53 12.26 1.72
C LYS C 70 57.95 12.06 3.18
N LYS C 71 59.10 11.41 3.36
CA LYS C 71 59.64 11.17 4.69
C LYS C 71 60.34 12.40 5.27
N SER C 72 61.20 13.03 4.47
CA SER C 72 62.09 14.06 4.99
C SER C 72 61.50 15.48 4.96
N VAL C 73 60.39 15.66 4.25
CA VAL C 73 59.85 17.00 4.01
C VAL C 73 59.43 17.70 5.30
N ASN C 74 58.93 16.95 6.29
CA ASN C 74 58.50 17.55 7.54
C ASN C 74 59.68 18.10 8.33
N THR C 75 60.81 17.40 8.24
CA THR C 75 62.05 17.86 8.86
C THR C 75 62.46 19.20 8.26
N ILE C 76 62.50 19.28 6.93
CA ILE C 76 62.84 20.52 6.24
C ILE C 76 61.89 21.66 6.63
N THR C 77 60.59 21.41 6.57
CA THR C 77 59.62 22.45 6.87
C THR C 77 59.76 22.94 8.30
N SER C 78 59.87 22.02 9.24
CA SER C 78 59.94 22.37 10.66
C SER C 78 61.23 23.12 10.99
N PHE C 79 62.35 22.64 10.47
CA PHE C 79 63.64 23.26 10.74
C PHE C 79 63.76 24.63 10.08
N CYS C 80 63.35 24.73 8.82
CA CYS C 80 63.37 26.01 8.11
C CYS C 80 62.43 27.01 8.74
N GLY C 81 61.33 26.51 9.29
CA GLY C 81 60.35 27.35 9.94
C GLY C 81 60.84 27.85 11.28
N THR C 82 61.56 27.00 12.01
CA THR C 82 62.06 27.35 13.32
C THR C 82 63.29 28.24 13.22
N LEU C 83 64.23 27.86 12.37
CA LEU C 83 65.49 28.59 12.26
C LEU C 83 65.37 29.76 11.28
N HIS C 84 64.18 29.92 10.71
CA HIS C 84 63.88 31.03 9.80
C HIS C 84 64.81 31.07 8.59
N VAL C 85 65.23 29.90 8.13
CA VAL C 85 66.09 29.81 6.95
C VAL C 85 65.25 29.46 5.72
N SER C 86 65.41 30.25 4.66
CA SER C 86 64.62 30.06 3.45
C SER C 86 65.07 28.84 2.64
N PHE C 87 64.09 28.03 2.24
CA PHE C 87 64.35 26.80 1.51
C PHE C 87 63.61 26.77 0.17
N ILE C 88 64.37 26.56 -0.89
CA ILE C 88 63.80 26.52 -2.23
C ILE C 88 63.87 25.09 -2.79
N THR C 89 62.74 24.57 -3.25
CA THR C 89 62.73 23.20 -3.77
C THR C 89 61.87 23.03 -5.01
N PRO C 90 62.39 22.27 -6.00
CA PRO C 90 61.67 21.79 -7.18
C PRO C 90 60.69 20.66 -6.86
N SER C 91 60.87 20.01 -5.72
CA SER C 91 60.06 18.83 -5.38
C SER C 91 58.62 19.22 -5.08
N PHE C 92 57.77 18.21 -4.90
CA PHE C 92 56.32 18.40 -4.76
C PHE C 92 55.96 19.44 -3.70
N PRO C 93 54.92 20.25 -3.99
CA PRO C 93 54.43 21.28 -3.08
C PRO C 93 53.81 20.67 -1.82
N THR C 94 54.08 21.25 -0.65
CA THR C 94 53.45 20.74 0.56
C THR C 94 52.00 21.22 0.59
N ASP C 95 51.09 20.35 1.01
CA ASP C 95 49.70 20.76 1.15
C ASP C 95 49.46 21.17 2.60
N GLY C 96 49.30 22.47 2.80
CA GLY C 96 49.16 23.03 4.13
C GLY C 96 49.84 24.38 4.09
N THR C 97 50.02 25.02 5.25
CA THR C 97 50.75 26.28 5.27
C THR C 97 52.17 26.12 5.81
N HIS C 98 53.13 26.02 4.89
CA HIS C 98 54.55 25.91 5.26
C HIS C 98 55.28 27.24 5.07
N PRO C 99 55.74 27.87 6.16
CA PRO C 99 56.52 29.11 6.04
C PRO C 99 57.98 28.85 5.65
N PHE C 100 58.67 29.88 5.15
CA PHE C 100 60.10 29.79 4.81
C PHE C 100 60.42 28.67 3.83
N VAL C 101 59.48 28.36 2.96
CA VAL C 101 59.71 27.37 1.90
C VAL C 101 59.22 27.92 0.56
N ILE C 102 60.08 27.86 -0.44
CA ILE C 102 59.69 28.29 -1.78
C ILE C 102 59.60 27.08 -2.72
N GLN C 103 58.38 26.71 -3.07
CA GLN C 103 58.16 25.53 -3.90
C GLN C 103 58.06 25.94 -5.36
N MET C 104 59.09 25.58 -6.13
CA MET C 104 59.14 25.94 -7.55
C MET C 104 58.08 25.19 -8.35
N ARG C 105 57.77 23.98 -7.92
CA ARG C 105 56.77 23.17 -8.62
C ARG C 105 55.35 23.69 -8.40
N PRO C 106 54.61 23.92 -9.49
CA PRO C 106 53.20 24.31 -9.48
C PRO C 106 52.26 23.20 -9.00
N ASP C 107 51.07 23.58 -8.54
CA ASP C 107 50.07 22.60 -8.12
C ASP C 107 49.31 22.02 -9.32
N LEU C 108 49.37 20.70 -9.47
CA LEU C 108 48.79 20.03 -10.64
C LEU C 108 47.31 19.66 -10.45
N LYS C 109 46.83 19.73 -9.22
CA LYS C 109 45.50 19.26 -8.84
C LYS C 109 44.38 19.83 -9.73
N GLY C 110 44.33 21.15 -9.82
CA GLY C 110 43.32 21.84 -10.60
C GLY C 110 43.35 21.44 -12.06
N ALA C 111 44.55 21.40 -12.64
CA ALA C 111 44.74 21.00 -14.03
C ALA C 111 44.20 19.59 -14.29
N LEU C 112 44.53 18.66 -13.40
CA LEU C 112 44.09 17.27 -13.52
C LEU C 112 42.57 17.17 -13.46
N LEU C 113 41.98 17.75 -12.42
CA LEU C 113 40.54 17.67 -12.24
C LEU C 113 39.78 18.32 -13.42
N SER C 114 40.28 19.47 -13.86
CA SER C 114 39.69 20.17 -15.00
C SER C 114 39.82 19.34 -16.27
N LEU C 115 40.90 18.57 -16.38
CA LEU C 115 41.08 17.71 -17.53
C LEU C 115 40.09 16.55 -17.51
N ILE C 116 39.88 15.99 -16.31
CA ILE C 116 38.90 14.91 -16.14
C ILE C 116 37.51 15.42 -16.51
N GLU C 117 37.17 16.62 -16.06
CA GLU C 117 35.89 17.23 -16.43
C GLU C 117 35.83 17.51 -17.93
N TYR C 118 36.98 17.81 -18.51
CA TYR C 118 37.07 18.11 -19.94
C TYR C 118 36.74 16.88 -20.77
N TYR C 119 37.26 15.73 -20.36
CA TYR C 119 36.99 14.50 -21.08
C TYR C 119 35.65 13.88 -20.68
N GLN C 120 34.99 14.49 -19.69
CA GLN C 120 33.69 14.04 -19.22
C GLN C 120 33.70 12.57 -18.78
N TRP C 121 34.62 12.23 -17.88
CA TRP C 121 34.78 10.85 -17.41
C TRP C 121 33.93 10.55 -16.19
N ASP C 122 32.96 9.64 -16.37
CA ASP C 122 32.09 9.23 -15.29
C ASP C 122 32.75 8.19 -14.38
N LYS C 123 33.47 7.25 -14.98
CA LYS C 123 34.15 6.19 -14.22
C LYS C 123 35.57 5.95 -14.73
N PHE C 124 36.53 5.84 -13.81
CA PHE C 124 37.91 5.60 -14.21
C PHE C 124 38.74 4.92 -13.11
N ALA C 125 39.99 4.63 -13.43
CA ALA C 125 40.91 4.00 -12.49
C ALA C 125 42.08 4.92 -12.17
N TYR C 126 42.45 4.98 -10.89
CA TYR C 126 43.49 5.88 -10.42
C TYR C 126 44.66 5.11 -9.84
N LEU C 127 45.80 5.18 -10.52
CA LEU C 127 47.01 4.49 -10.10
C LEU C 127 48.01 5.47 -9.47
N TYR C 128 48.31 5.24 -8.20
CA TYR C 128 49.13 6.18 -7.43
C TYR C 128 50.24 5.50 -6.63
N ASP C 129 51.17 6.30 -6.12
CA ASP C 129 52.20 5.82 -5.19
C ASP C 129 52.30 6.74 -3.97
N SER C 130 52.97 6.25 -2.93
CA SER C 130 53.06 6.98 -1.66
C SER C 130 54.28 7.89 -1.61
N ASP C 131 54.94 8.04 -2.75
CA ASP C 131 56.19 8.79 -2.84
C ASP C 131 55.96 10.30 -2.97
N ARG C 132 55.05 10.67 -3.88
CA ARG C 132 54.75 12.09 -4.10
C ARG C 132 53.62 12.54 -3.16
N GLY C 133 53.15 11.62 -2.34
CA GLY C 133 52.09 11.90 -1.39
C GLY C 133 50.72 11.56 -1.93
N LEU C 134 49.74 11.44 -1.04
CA LEU C 134 48.39 11.04 -1.42
C LEU C 134 47.46 12.23 -1.62
N SER C 135 48.03 13.44 -1.57
CA SER C 135 47.27 14.68 -1.70
C SER C 135 46.33 14.71 -2.91
N THR C 136 46.87 14.38 -4.08
CA THR C 136 46.09 14.31 -5.30
C THR C 136 44.98 13.27 -5.19
N LEU C 137 45.30 12.13 -4.60
CA LEU C 137 44.31 11.07 -4.37
C LEU C 137 43.14 11.56 -3.53
N GLN C 138 43.45 12.12 -2.37
CA GLN C 138 42.43 12.70 -1.49
C GLN C 138 41.58 13.71 -2.25
N ALA C 139 42.26 14.54 -3.03
CA ALA C 139 41.61 15.57 -3.82
C ALA C 139 40.58 14.99 -4.79
N VAL C 140 41.01 14.03 -5.61
CA VAL C 140 40.14 13.46 -6.63
C VAL C 140 39.05 12.58 -6.02
N LEU C 141 39.27 12.08 -4.80
CA LEU C 141 38.24 11.32 -4.09
C LEU C 141 37.15 12.28 -3.59
N ASP C 142 37.56 13.40 -3.03
CA ASP C 142 36.61 14.41 -2.57
C ASP C 142 35.84 14.98 -3.77
N SER C 143 36.54 15.15 -4.88
CA SER C 143 35.94 15.64 -6.11
C SER C 143 35.02 14.58 -6.72
N ALA C 144 35.32 13.32 -6.43
CA ALA C 144 34.46 12.21 -6.85
C ALA C 144 33.17 12.24 -6.04
N ALA C 145 33.29 12.61 -4.76
CA ALA C 145 32.11 12.75 -3.90
C ALA C 145 31.25 13.96 -4.26
N GLU C 146 31.90 15.05 -4.65
CA GLU C 146 31.17 16.27 -5.03
C GLU C 146 30.45 16.11 -6.36
N LYS C 147 31.14 15.56 -7.35
CA LYS C 147 30.55 15.26 -8.65
C LYS C 147 30.07 13.81 -8.54
N LYS C 148 29.61 13.21 -9.64
CA LYS C 148 29.25 11.80 -9.58
C LYS C 148 30.26 10.98 -10.38
N TRP C 149 31.15 10.30 -9.66
CA TRP C 149 32.27 9.56 -10.26
C TRP C 149 32.47 8.23 -9.55
N GLN C 150 32.79 7.20 -10.32
CA GLN C 150 33.18 5.92 -9.75
C GLN C 150 34.68 5.74 -9.93
N VAL C 151 35.42 5.83 -8.82
CA VAL C 151 36.88 5.82 -8.89
C VAL C 151 37.45 4.60 -8.19
N THR C 152 38.35 3.92 -8.89
CA THR C 152 39.02 2.75 -8.35
C THR C 152 40.43 3.13 -7.90
N ALA C 153 40.65 3.16 -6.59
CA ALA C 153 41.93 3.59 -6.04
C ALA C 153 42.85 2.39 -5.82
N ILE C 154 43.99 2.40 -6.52
CA ILE C 154 44.91 1.28 -6.45
C ILE C 154 46.33 1.79 -6.19
N ASN C 155 46.95 1.29 -5.12
CA ASN C 155 48.29 1.72 -4.76
C ASN C 155 49.29 0.79 -5.45
N VAL C 156 50.03 1.34 -6.41
CA VAL C 156 51.03 0.57 -7.14
C VAL C 156 52.41 0.79 -6.51
N GLY C 157 52.46 1.66 -5.50
CA GLY C 157 53.71 2.00 -4.84
C GLY C 157 54.11 0.96 -3.81
N ASN C 158 53.10 0.26 -3.26
CA ASN C 158 53.31 -0.71 -2.20
C ASN C 158 53.69 -2.10 -2.71
N ILE C 159 53.77 -2.25 -4.02
CA ILE C 159 54.12 -3.54 -4.62
C ILE C 159 55.63 -3.77 -4.69
N ASN C 160 56.07 -4.85 -4.05
CA ASN C 160 57.49 -5.23 -4.03
C ASN C 160 57.91 -5.78 -5.38
N ASN C 161 59.11 -5.39 -5.84
CA ASN C 161 59.56 -5.75 -7.17
C ASN C 161 59.81 -7.25 -7.35
N ASP C 162 60.12 -7.93 -6.26
CA ASP C 162 60.36 -9.37 -6.30
C ASP C 162 59.08 -10.14 -6.64
N LYS C 163 57.98 -9.73 -6.01
CA LYS C 163 56.67 -10.35 -6.17
C LYS C 163 55.81 -9.62 -7.21
N LYS C 164 56.42 -8.68 -7.91
CA LYS C 164 55.72 -7.74 -8.78
C LYS C 164 55.15 -8.40 -10.05
N ASP C 165 55.50 -9.65 -10.29
CA ASP C 165 54.92 -10.43 -11.39
C ASP C 165 53.38 -10.52 -11.37
N GLU C 166 52.86 -11.25 -10.38
CA GLU C 166 51.42 -11.51 -10.30
C GLU C 166 50.57 -10.33 -9.84
N THR C 167 51.21 -9.35 -9.19
CA THR C 167 50.50 -8.17 -8.70
C THR C 167 49.84 -7.39 -9.84
N TYR C 168 50.55 -7.25 -10.95
CA TYR C 168 50.05 -6.52 -12.11
C TYR C 168 48.99 -7.31 -12.86
N ARG C 169 49.17 -8.64 -12.91
CA ARG C 169 48.18 -9.50 -13.55
C ARG C 169 46.86 -9.48 -12.78
N SER C 170 46.93 -9.50 -11.46
CA SER C 170 45.74 -9.44 -10.62
C SER C 170 45.10 -8.05 -10.70
N LEU C 171 45.96 -7.03 -10.72
CA LEU C 171 45.50 -5.64 -10.88
C LEU C 171 44.69 -5.45 -12.15
N PHE C 172 45.27 -5.85 -13.28
CA PHE C 172 44.61 -5.70 -14.57
C PHE C 172 43.46 -6.69 -14.74
N GLN C 173 43.45 -7.73 -13.90
CA GLN C 173 42.31 -8.64 -13.84
C GLN C 173 41.12 -7.93 -13.21
N ASP C 174 41.36 -7.31 -12.05
CA ASP C 174 40.35 -6.51 -11.37
C ASP C 174 39.90 -5.34 -12.24
N LEU C 175 40.80 -4.81 -13.05
CA LEU C 175 40.49 -3.72 -13.97
C LEU C 175 39.70 -4.22 -15.18
N GLU C 176 39.90 -5.49 -15.51
CA GLU C 176 39.18 -6.15 -16.59
C GLU C 176 37.77 -6.53 -16.16
N LEU C 177 37.58 -6.71 -14.85
CA LEU C 177 36.29 -7.13 -14.28
C LEU C 177 35.08 -6.29 -14.74
N LYS C 178 35.16 -4.97 -14.61
CA LYS C 178 34.03 -4.13 -15.01
C LYS C 178 34.12 -3.77 -16.49
N GLY C 179 35.26 -4.10 -17.10
CA GLY C 179 35.51 -3.89 -18.51
C GLY C 179 35.65 -2.44 -18.99
N GLU C 180 35.38 -1.49 -18.10
CA GLU C 180 35.46 -0.08 -18.44
C GLU C 180 36.92 0.37 -18.49
N ARG C 181 37.39 0.89 -19.62
CA ARG C 181 38.80 1.27 -19.68
C ARG C 181 39.07 2.77 -19.65
N ARG C 182 39.44 3.25 -18.48
CA ARG C 182 39.92 4.61 -18.28
C ARG C 182 40.96 4.58 -17.16
N VAL C 183 42.17 5.08 -17.41
CA VAL C 183 43.20 4.98 -16.38
C VAL C 183 44.04 6.24 -16.22
N ILE C 184 44.21 6.66 -14.97
CA ILE C 184 45.04 7.80 -14.62
C ILE C 184 46.29 7.34 -13.87
N LEU C 185 47.45 7.74 -14.37
CA LEU C 185 48.72 7.44 -13.70
C LEU C 185 49.28 8.65 -12.97
N ASP C 186 49.24 8.63 -11.64
CA ASP C 186 49.98 9.62 -10.88
C ASP C 186 51.15 8.90 -10.21
N CYS C 187 52.35 9.10 -10.76
CA CYS C 187 53.50 8.34 -10.30
C CYS C 187 54.83 8.97 -10.72
N GLU C 188 55.93 8.42 -10.20
CA GLU C 188 57.27 8.80 -10.63
C GLU C 188 57.53 8.27 -12.04
N ARG C 189 58.35 8.99 -12.81
CA ARG C 189 58.59 8.68 -14.22
C ARG C 189 59.08 7.24 -14.45
N ASP C 190 59.85 6.73 -13.49
CA ASP C 190 60.34 5.36 -13.56
C ASP C 190 59.16 4.40 -13.47
N LYS C 191 58.36 4.58 -12.43
CA LYS C 191 57.15 3.79 -12.23
C LYS C 191 56.22 3.94 -13.42
N VAL C 192 56.15 5.15 -13.97
CA VAL C 192 55.36 5.43 -15.16
C VAL C 192 55.79 4.51 -16.30
N ASN C 193 57.08 4.55 -16.61
CA ASN C 193 57.64 3.74 -17.70
C ASN C 193 57.41 2.24 -17.47
N ASP C 194 57.64 1.78 -16.24
CA ASP C 194 57.41 0.39 -15.89
C ASP C 194 55.99 -0.05 -16.17
N ILE C 195 55.05 0.71 -15.62
CA ILE C 195 53.62 0.43 -15.79
C ILE C 195 53.25 0.45 -17.28
N VAL C 196 53.83 1.40 -18.02
CA VAL C 196 53.63 1.49 -19.46
C VAL C 196 54.07 0.21 -20.15
N ASP C 197 55.28 -0.24 -19.85
CA ASP C 197 55.82 -1.49 -20.40
C ASP C 197 54.92 -2.68 -20.09
N GLN C 198 54.39 -2.73 -18.87
CA GLN C 198 53.47 -3.80 -18.47
C GLN C 198 52.19 -3.74 -19.31
N VAL C 199 51.77 -2.52 -19.62
CA VAL C 199 50.58 -2.29 -20.44
C VAL C 199 50.82 -2.77 -21.88
N ILE C 200 51.99 -2.46 -22.42
CA ILE C 200 52.35 -2.89 -23.77
C ILE C 200 52.46 -4.41 -23.84
N THR C 201 52.98 -5.00 -22.77
CA THR C 201 53.15 -6.44 -22.68
C THR C 201 51.80 -7.16 -22.72
N ILE C 202 50.82 -6.65 -21.96
CA ILE C 202 49.51 -7.30 -21.97
C ILE C 202 48.63 -6.79 -23.12
N GLY C 203 49.17 -5.89 -23.92
CA GLY C 203 48.48 -5.39 -25.10
C GLY C 203 47.24 -4.57 -24.79
N LYS C 204 47.32 -3.80 -23.70
CA LYS C 204 46.23 -2.91 -23.31
C LYS C 204 46.44 -1.51 -23.86
N HIS C 205 47.49 -1.34 -24.65
CA HIS C 205 47.81 -0.05 -25.24
C HIS C 205 47.16 0.12 -26.61
N VAL C 206 46.29 -0.82 -26.98
CA VAL C 206 45.55 -0.72 -28.23
C VAL C 206 44.43 0.33 -28.14
N LYS C 207 43.72 0.52 -29.25
CA LYS C 207 42.64 1.49 -29.31
C LYS C 207 41.54 1.19 -28.29
N GLY C 208 40.92 2.24 -27.77
CA GLY C 208 39.85 2.08 -26.79
C GLY C 208 40.29 2.41 -25.38
N TYR C 209 41.59 2.48 -25.17
CA TYR C 209 42.14 2.84 -23.87
C TYR C 209 42.61 4.28 -23.85
N HIS C 210 42.42 4.94 -22.71
CA HIS C 210 42.83 6.34 -22.55
C HIS C 210 43.62 6.49 -21.25
N TYR C 211 44.86 6.93 -21.38
CA TYR C 211 45.74 7.11 -20.23
C TYR C 211 45.97 8.58 -19.94
N ILE C 212 45.94 8.92 -18.65
CA ILE C 212 46.23 10.28 -18.23
C ILE C 212 47.45 10.28 -17.33
N ILE C 213 48.55 10.84 -17.83
CA ILE C 213 49.78 10.94 -17.07
C ILE C 213 49.82 12.22 -16.25
N ALA C 214 49.87 12.09 -14.94
CA ALA C 214 49.89 13.27 -14.09
C ALA C 214 51.30 13.60 -13.62
N ASN C 215 51.86 14.64 -14.24
CA ASN C 215 53.17 15.20 -13.92
C ASN C 215 53.47 16.37 -14.87
N LEU C 216 54.55 17.09 -14.61
CA LEU C 216 54.94 18.20 -15.48
C LEU C 216 55.94 17.74 -16.54
N GLY C 217 56.26 16.46 -16.53
CA GLY C 217 57.30 15.91 -17.39
C GLY C 217 56.85 15.11 -18.60
N PHE C 218 55.63 15.39 -19.08
CA PHE C 218 55.01 14.59 -20.14
C PHE C 218 55.88 14.32 -21.37
N THR C 219 56.65 15.32 -21.79
CA THR C 219 57.53 15.14 -22.95
C THR C 219 58.98 14.81 -22.56
N ASP C 220 59.25 14.71 -21.26
CA ASP C 220 60.60 14.41 -20.80
C ASP C 220 60.90 12.91 -20.92
N GLY C 221 59.86 12.09 -20.80
CA GLY C 221 60.01 10.65 -20.91
C GLY C 221 59.79 10.19 -22.34
N ASP C 222 60.07 8.91 -22.60
CA ASP C 222 59.90 8.37 -23.94
C ASP C 222 58.43 8.07 -24.21
N LEU C 223 57.86 8.77 -25.19
CA LEU C 223 56.48 8.54 -25.58
C LEU C 223 56.36 7.65 -26.82
N LEU C 224 57.51 7.30 -27.40
CA LEU C 224 57.54 6.53 -28.64
C LEU C 224 57.04 5.10 -28.49
N LYS C 225 57.13 4.57 -27.28
CA LYS C 225 56.71 3.18 -27.01
C LYS C 225 55.24 2.94 -27.32
N ILE C 226 54.37 3.74 -26.71
CA ILE C 226 52.93 3.59 -26.89
C ILE C 226 52.37 4.53 -27.97
N GLN C 227 53.26 5.28 -28.62
CA GLN C 227 52.87 6.28 -29.61
C GLN C 227 52.09 5.69 -30.79
N PHE C 228 52.53 4.53 -31.25
CA PHE C 228 51.90 3.88 -32.40
C PHE C 228 50.87 2.84 -31.97
N GLY C 229 50.69 2.70 -30.67
CA GLY C 229 49.79 1.69 -30.13
C GLY C 229 48.34 1.92 -30.49
N GLY C 230 47.98 3.18 -30.70
CA GLY C 230 46.61 3.53 -31.07
C GLY C 230 45.73 3.88 -29.90
N ALA C 231 46.32 4.01 -28.72
CA ALA C 231 45.59 4.45 -27.53
C ALA C 231 45.84 5.91 -27.23
N GLU C 232 44.80 6.60 -26.80
CA GLU C 232 44.92 8.02 -26.46
C GLU C 232 45.69 8.19 -25.16
N VAL C 233 46.66 9.10 -25.18
CA VAL C 233 47.41 9.44 -23.98
C VAL C 233 47.46 10.95 -23.82
N SER C 234 47.19 11.44 -22.62
CA SER C 234 47.20 12.86 -22.36
C SER C 234 48.12 13.15 -21.17
N GLY C 235 48.63 14.38 -21.11
CA GLY C 235 49.50 14.77 -20.02
C GLY C 235 49.75 16.26 -19.95
N PHE C 236 50.68 16.65 -19.10
CA PHE C 236 50.91 18.07 -18.81
C PHE C 236 52.35 18.50 -19.06
N GLN C 237 52.52 19.69 -19.62
CA GLN C 237 53.84 20.22 -19.94
C GLN C 237 54.05 21.60 -19.35
N ILE C 238 55.07 21.74 -18.51
CA ILE C 238 55.37 23.02 -17.88
C ILE C 238 56.45 23.81 -18.66
N VAL C 239 57.08 23.15 -19.64
CA VAL C 239 58.10 23.81 -20.44
C VAL C 239 57.77 23.79 -21.94
N ASP C 240 57.52 24.97 -22.49
CA ASP C 240 57.22 25.10 -23.92
C ASP C 240 58.49 25.41 -24.70
N TYR C 241 58.90 24.49 -25.56
CA TYR C 241 60.15 24.63 -26.31
C TYR C 241 60.01 25.59 -27.50
N ASP C 242 58.79 26.02 -27.76
CA ASP C 242 58.52 26.97 -28.84
C ASP C 242 58.84 28.41 -28.42
N ASP C 243 58.94 28.64 -27.12
CA ASP C 243 59.26 29.96 -26.59
C ASP C 243 60.68 30.36 -26.96
N SER C 244 60.88 31.64 -27.25
CA SER C 244 62.19 32.16 -27.63
C SER C 244 63.21 31.97 -26.53
N LEU C 245 62.79 32.22 -25.29
CA LEU C 245 63.63 32.04 -24.12
C LEU C 245 64.12 30.59 -24.02
N VAL C 246 63.15 29.68 -24.05
CA VAL C 246 63.43 28.25 -23.94
C VAL C 246 64.23 27.75 -25.14
N SER C 247 63.90 28.25 -26.32
CA SER C 247 64.61 27.86 -27.55
C SER C 247 66.07 28.26 -27.50
N LYS C 248 66.34 29.51 -27.09
CA LYS C 248 67.70 30.00 -26.95
C LYS C 248 68.45 29.21 -25.87
N PHE C 249 67.77 28.96 -24.75
CA PHE C 249 68.36 28.17 -23.67
C PHE C 249 68.77 26.79 -24.15
N ILE C 250 67.91 26.14 -24.94
CA ILE C 250 68.21 24.83 -25.50
C ILE C 250 69.38 24.93 -26.49
N GLU C 251 69.41 26.03 -27.24
CA GLU C 251 70.52 26.27 -28.17
C GLU C 251 71.85 26.29 -27.42
N ARG C 252 71.88 26.97 -26.28
CA ARG C 252 73.09 27.01 -25.46
C ARG C 252 73.36 25.68 -24.72
N TRP C 253 72.28 24.99 -24.37
CA TRP C 253 72.33 23.76 -23.56
C TRP C 253 72.83 22.55 -24.35
N SER C 254 72.37 22.44 -25.59
CA SER C 254 72.71 21.30 -26.44
C SER C 254 74.16 21.36 -26.92
N THR C 255 74.76 22.55 -26.88
CA THR C 255 76.14 22.72 -27.32
C THR C 255 77.16 22.38 -26.23
N LEU C 256 76.68 22.24 -24.99
CA LEU C 256 77.54 21.95 -23.85
C LEU C 256 78.22 20.59 -23.96
N GLU C 257 79.44 20.51 -23.43
CA GLU C 257 80.20 19.27 -23.41
C GLU C 257 79.71 18.35 -22.29
N GLU C 258 79.57 17.06 -22.60
CA GLU C 258 78.98 16.10 -21.67
C GLU C 258 79.88 15.84 -20.46
N LYS C 259 81.19 15.98 -20.66
CA LYS C 259 82.15 15.71 -19.59
C LYS C 259 82.04 16.70 -18.44
N GLU C 260 81.92 17.97 -18.77
CA GLU C 260 81.84 19.02 -17.74
C GLU C 260 80.45 19.08 -17.11
N TYR C 261 79.42 19.04 -17.95
CA TYR C 261 78.05 19.04 -17.46
C TYR C 261 77.35 17.73 -17.79
N PRO C 262 77.12 16.90 -16.76
CA PRO C 262 76.52 15.57 -16.94
C PRO C 262 75.08 15.61 -17.46
N GLY C 263 74.79 14.78 -18.46
CA GLY C 263 73.47 14.67 -19.02
C GLY C 263 72.92 15.98 -19.57
N ALA C 264 73.81 16.92 -19.83
CA ALA C 264 73.43 18.25 -20.29
C ALA C 264 73.40 18.39 -21.81
N HIS C 265 73.85 17.36 -22.52
CA HIS C 265 73.79 17.41 -23.97
C HIS C 265 72.49 16.74 -24.39
N THR C 266 71.51 17.56 -24.78
CA THR C 266 70.18 17.07 -25.10
C THR C 266 69.38 18.07 -25.93
N ALA C 267 68.32 17.58 -26.57
CA ALA C 267 67.35 18.46 -27.20
C ALA C 267 66.40 19.03 -26.15
N THR C 268 66.07 18.22 -25.16
CA THR C 268 65.11 18.60 -24.12
C THR C 268 65.75 18.63 -22.73
N ILE C 269 64.93 18.97 -21.73
CA ILE C 269 65.39 19.00 -20.34
C ILE C 269 64.27 18.59 -19.38
N LYS C 270 64.62 17.83 -18.35
CA LYS C 270 63.65 17.44 -17.33
C LYS C 270 63.14 18.67 -16.61
N TYR C 271 61.84 18.67 -16.31
CA TYR C 271 61.19 19.85 -15.76
C TYR C 271 61.74 20.23 -14.39
N THR C 272 62.23 19.23 -13.66
CA THR C 272 62.84 19.46 -12.35
C THR C 272 64.10 20.30 -12.49
N SER C 273 64.91 19.95 -13.49
CA SER C 273 66.16 20.65 -13.75
C SER C 273 65.88 22.10 -14.17
N ALA C 274 64.89 22.28 -15.03
CA ALA C 274 64.45 23.60 -15.45
C ALA C 274 63.97 24.44 -14.26
N LEU C 275 63.21 23.80 -13.37
CA LEU C 275 62.74 24.45 -12.14
C LEU C 275 63.90 24.85 -11.26
N THR C 276 64.97 24.07 -11.29
CA THR C 276 66.20 24.39 -10.57
C THR C 276 66.85 25.65 -11.15
N TYR C 277 67.00 25.67 -12.47
CA TYR C 277 67.50 26.84 -13.19
C TYR C 277 66.72 28.11 -12.81
N ASP C 278 65.39 28.01 -12.95
CA ASP C 278 64.49 29.11 -12.61
C ASP C 278 64.60 29.48 -11.14
N ALA C 279 64.89 28.51 -10.28
CA ALA C 279 65.10 28.77 -8.86
C ALA C 279 66.34 29.62 -8.66
N VAL C 280 67.40 29.30 -9.40
CA VAL C 280 68.62 30.11 -9.38
C VAL C 280 68.28 31.54 -9.77
N GLN C 281 67.50 31.68 -10.84
CA GLN C 281 67.04 33.01 -11.26
C GLN C 281 66.30 33.76 -10.15
N VAL C 282 65.37 33.07 -9.50
CA VAL C 282 64.56 33.66 -8.44
C VAL C 282 65.44 34.14 -7.29
N MET C 283 66.43 33.32 -6.93
CA MET C 283 67.35 33.67 -5.85
C MET C 283 68.16 34.92 -6.23
N THR C 284 68.71 34.91 -7.44
CA THR C 284 69.48 36.05 -7.95
C THR C 284 68.67 37.35 -7.88
N GLU C 285 67.48 37.32 -8.46
CA GLU C 285 66.60 38.49 -8.47
C GLU C 285 66.17 38.91 -7.06
N ALA C 286 66.04 37.95 -6.16
CA ALA C 286 65.68 38.24 -4.78
C ALA C 286 66.77 39.02 -4.07
N PHE C 287 68.00 38.51 -4.14
CA PHE C 287 69.12 39.17 -3.47
C PHE C 287 69.41 40.52 -4.14
N ARG C 288 69.19 40.58 -5.45
CA ARG C 288 69.32 41.84 -6.19
C ARG C 288 68.32 42.88 -5.70
N ASN C 289 67.08 42.44 -5.49
CA ASN C 289 66.04 43.32 -4.96
C ASN C 289 66.34 43.74 -3.52
N LEU C 290 67.07 42.89 -2.80
CA LEU C 290 67.51 43.25 -1.45
C LEU C 290 68.60 44.32 -1.46
N ARG C 291 69.53 44.21 -2.42
CA ARG C 291 70.61 45.20 -2.51
C ARG C 291 70.14 46.51 -3.12
N LYS C 292 69.16 46.43 -4.02
CA LYS C 292 68.59 47.60 -4.68
C LYS C 292 67.68 48.37 -3.73
N GLN C 293 67.08 47.68 -2.77
CA GLN C 293 66.22 48.31 -1.78
C GLN C 293 67.03 48.78 -0.58
N ARG C 294 68.35 48.60 -0.67
CA ARG C 294 69.29 49.01 0.38
C ARG C 294 68.93 48.44 1.74
N ILE C 295 68.94 47.11 1.84
CA ILE C 295 68.74 46.43 3.11
C ILE C 295 69.90 45.48 3.37
N GLU C 296 70.52 45.59 4.54
CA GLU C 296 71.71 44.79 4.82
C GLU C 296 71.35 43.50 5.58
N ILE C 297 71.54 42.37 4.90
CA ILE C 297 71.22 41.07 5.48
C ILE C 297 72.45 40.37 6.05
N SER C 298 73.60 41.03 5.94
CA SER C 298 74.88 40.44 6.35
C SER C 298 74.86 39.96 7.81
N ARG C 299 75.45 38.80 8.06
CA ARG C 299 75.47 38.22 9.39
C ARG C 299 76.49 38.91 10.30
N ARG C 300 76.05 39.25 11.50
CA ARG C 300 76.90 39.91 12.49
C ARG C 300 77.84 38.91 13.15
N GLY C 301 77.31 37.75 13.53
CA GLY C 301 78.10 36.70 14.14
C GLY C 301 77.69 35.33 13.65
N ASN C 302 78.44 34.31 14.04
CA ASN C 302 78.15 32.94 13.64
C ASN C 302 76.79 32.48 14.15
N ALA C 303 76.15 31.60 13.38
CA ALA C 303 74.80 31.12 13.70
C ALA C 303 74.79 30.23 14.94
N GLY C 304 75.90 29.53 15.18
CA GLY C 304 75.99 28.62 16.30
C GLY C 304 75.36 27.28 15.99
N ASP C 305 74.99 26.54 17.04
CA ASP C 305 74.41 25.21 16.89
C ASP C 305 72.90 25.28 16.65
N CYS C 306 72.43 24.54 15.65
CA CYS C 306 71.01 24.52 15.28
C CYS C 306 70.16 23.86 16.36
N LEU C 307 70.74 22.88 17.05
CA LEU C 307 70.08 22.16 18.13
C LEU C 307 70.14 22.90 19.47
N ALA C 308 70.93 23.97 19.54
CA ALA C 308 71.09 24.71 20.79
C ALA C 308 69.75 25.28 21.25
N ASN C 309 69.42 24.96 22.48
CA ASN C 309 68.11 25.24 23.06
C ASN C 309 68.19 26.31 24.15
N PRO C 310 67.28 27.30 24.11
CA PRO C 310 66.28 27.49 23.04
C PRO C 310 66.88 28.05 21.75
N ALA C 311 66.44 27.51 20.62
CA ALA C 311 66.74 28.05 19.30
C ALA C 311 66.49 29.55 19.21
N VAL C 312 67.46 30.29 18.70
CA VAL C 312 67.25 31.68 18.35
C VAL C 312 67.51 31.89 16.86
N PRO C 313 66.47 32.34 16.13
CA PRO C 313 66.56 32.66 14.70
C PRO C 313 67.20 34.03 14.45
N TRP C 314 67.82 34.19 13.30
CA TRP C 314 68.34 35.50 12.91
C TRP C 314 67.25 36.39 12.31
N GLY C 315 67.37 37.70 12.54
CA GLY C 315 66.38 38.66 12.09
C GLY C 315 66.31 38.74 10.57
N GLN C 316 67.48 38.79 9.95
CA GLN C 316 67.63 38.92 8.49
C GLN C 316 66.78 37.91 7.70
N GLY C 317 66.63 36.71 8.27
CA GLY C 317 65.88 35.63 7.64
C GLY C 317 64.51 36.02 7.13
N VAL C 318 63.72 36.69 7.96
CA VAL C 318 62.37 37.12 7.57
C VAL C 318 62.44 38.02 6.33
N GLU C 319 63.45 38.89 6.31
CA GLU C 319 63.63 39.83 5.22
C GLU C 319 63.99 39.09 3.94
N ILE C 320 64.84 38.07 4.08
CA ILE C 320 65.25 37.26 2.94
C ILE C 320 64.07 36.46 2.38
N GLU C 321 63.26 35.91 3.29
CA GLU C 321 62.02 35.22 2.91
C GLU C 321 61.10 36.12 2.09
N ARG C 322 60.80 37.29 2.64
CA ARG C 322 59.98 38.28 1.95
C ARG C 322 60.58 38.63 0.59
N ALA C 323 61.90 38.78 0.56
CA ALA C 323 62.61 39.09 -0.67
C ALA C 323 62.38 38.04 -1.74
N LEU C 324 62.49 36.78 -1.35
CA LEU C 324 62.31 35.65 -2.26
C LEU C 324 60.86 35.56 -2.74
N LYS C 325 59.92 35.72 -1.83
CA LYS C 325 58.50 35.56 -2.13
C LYS C 325 57.94 36.68 -3.02
N GLN C 326 58.57 37.86 -2.97
CA GLN C 326 58.08 39.01 -3.71
C GLN C 326 58.56 39.04 -5.17
N VAL C 327 59.41 38.08 -5.53
CA VAL C 327 59.97 38.03 -6.86
C VAL C 327 58.96 37.61 -7.91
N GLN C 328 59.00 38.29 -9.06
CA GLN C 328 58.24 37.86 -10.23
C GLN C 328 59.15 37.89 -11.46
N VAL C 329 59.38 36.73 -12.05
CA VAL C 329 60.31 36.65 -13.19
C VAL C 329 59.81 35.71 -14.28
N GLU C 330 60.46 35.78 -15.44
CA GLU C 330 60.13 34.91 -16.56
C GLU C 330 61.19 33.84 -16.73
N GLY C 331 60.74 32.58 -16.83
CA GLY C 331 61.66 31.46 -16.88
C GLY C 331 61.09 30.28 -17.66
N LEU C 332 61.83 29.18 -17.65
CA LEU C 332 61.47 28.00 -18.42
C LEU C 332 60.13 27.41 -17.99
N SER C 333 59.71 27.73 -16.78
CA SER C 333 58.44 27.23 -16.24
C SER C 333 57.29 28.19 -16.55
N GLY C 334 57.57 29.25 -17.31
CA GLY C 334 56.57 30.26 -17.58
C GLY C 334 56.64 31.40 -16.56
N ASN C 335 55.52 32.07 -16.32
CA ASN C 335 55.50 33.15 -15.35
C ASN C 335 55.75 32.62 -13.94
N ILE C 336 56.75 33.20 -13.28
CA ILE C 336 57.12 32.77 -11.93
C ILE C 336 56.80 33.83 -10.90
N LYS C 337 55.82 33.53 -10.05
CA LYS C 337 55.44 34.39 -8.95
C LYS C 337 54.92 33.54 -7.79
N PHE C 338 55.08 34.03 -6.57
CA PHE C 338 54.68 33.26 -5.40
C PHE C 338 53.70 34.04 -4.53
N ASP C 339 52.87 33.32 -3.78
CA ASP C 339 52.00 33.94 -2.79
C ASP C 339 52.71 33.99 -1.44
N GLN C 340 51.95 34.32 -0.39
CA GLN C 340 52.49 34.43 0.95
C GLN C 340 53.04 33.10 1.47
N ASN C 341 52.42 31.99 1.07
CA ASN C 341 52.82 30.67 1.56
C ASN C 341 53.99 30.09 0.78
N GLY C 342 54.24 30.64 -0.40
CA GLY C 342 55.39 30.23 -1.19
C GLY C 342 55.02 29.36 -2.38
N LYS C 343 53.75 29.00 -2.47
CA LYS C 343 53.26 28.19 -3.59
C LYS C 343 53.25 29.01 -4.87
N ARG C 344 53.27 28.32 -6.01
CA ARG C 344 53.25 29.00 -7.30
C ARG C 344 51.88 29.62 -7.59
N ILE C 345 51.89 30.81 -8.17
CA ILE C 345 50.68 31.51 -8.58
C ILE C 345 50.90 32.01 -10.01
N ASN C 346 49.82 32.20 -10.76
CA ASN C 346 49.90 32.70 -12.13
C ASN C 346 50.79 31.84 -13.01
N TYR C 347 50.48 30.57 -13.12
CA TYR C 347 51.27 29.70 -13.97
C TYR C 347 50.45 29.21 -15.14
N THR C 348 51.10 28.49 -16.05
CA THR C 348 50.42 27.93 -17.19
C THR C 348 50.82 26.49 -17.38
N ILE C 349 49.86 25.59 -17.24
CA ILE C 349 50.15 24.17 -17.43
C ILE C 349 49.61 23.71 -18.77
N ASN C 350 50.49 23.46 -19.73
CA ASN C 350 50.05 23.08 -21.07
C ASN C 350 49.41 21.70 -21.09
N ILE C 351 48.19 21.61 -21.59
CA ILE C 351 47.54 20.31 -21.74
C ILE C 351 47.85 19.74 -23.11
N MET C 352 48.48 18.56 -23.08
CA MET C 352 49.06 17.93 -24.25
C MET C 352 48.42 16.57 -24.51
N GLU C 353 48.33 16.21 -25.79
CA GLU C 353 47.87 14.88 -26.17
C GLU C 353 48.86 14.24 -27.14
N LEU C 354 49.13 12.96 -26.94
CA LEU C 354 50.02 12.21 -27.82
C LEU C 354 49.20 11.65 -28.98
N LYS C 355 49.54 12.07 -30.19
CA LYS C 355 48.85 11.59 -31.38
C LYS C 355 49.80 10.85 -32.32
N THR C 356 49.27 10.48 -33.49
CA THR C 356 50.01 9.72 -34.48
C THR C 356 51.28 10.47 -34.89
N ASN C 357 51.13 11.70 -35.35
CA ASN C 357 52.26 12.51 -35.78
C ASN C 357 53.22 12.85 -34.64
N GLY C 358 52.69 12.85 -33.41
CA GLY C 358 53.48 13.14 -32.23
C GLY C 358 52.67 13.84 -31.16
N PRO C 359 53.33 14.31 -30.09
CA PRO C 359 52.63 15.08 -29.06
C PRO C 359 52.35 16.51 -29.54
N ARG C 360 51.24 17.10 -29.08
CA ARG C 360 50.92 18.48 -29.42
C ARG C 360 50.09 19.11 -28.30
N LYS C 361 50.21 20.42 -28.13
CA LYS C 361 49.44 21.10 -27.11
C LYS C 361 48.01 21.33 -27.58
N ILE C 362 47.06 20.73 -26.87
CA ILE C 362 45.65 20.92 -27.18
C ILE C 362 45.09 22.08 -26.36
N GLY C 363 45.88 22.55 -25.39
CA GLY C 363 45.45 23.73 -24.64
C GLY C 363 46.36 24.14 -23.51
N TYR C 364 45.85 25.00 -22.63
CA TYR C 364 46.59 25.40 -21.44
C TYR C 364 45.64 25.53 -20.25
N TRP C 365 46.20 25.43 -19.05
CA TRP C 365 45.43 25.56 -17.83
C TRP C 365 46.00 26.70 -16.98
N SER C 366 45.12 27.60 -16.58
CA SER C 366 45.49 28.73 -15.74
C SER C 366 44.78 28.60 -14.40
N GLU C 367 45.33 29.25 -13.37
CA GLU C 367 44.76 29.18 -12.02
C GLU C 367 43.37 29.79 -11.95
N VAL C 368 43.12 30.81 -12.76
CA VAL C 368 41.81 31.48 -12.81
C VAL C 368 40.91 30.92 -13.90
N ASP C 369 41.33 31.05 -15.16
CA ASP C 369 40.51 30.67 -16.30
C ASP C 369 40.23 29.17 -16.39
N LYS C 370 40.92 28.39 -15.55
CA LYS C 370 40.88 26.94 -15.61
C LYS C 370 41.35 26.46 -16.99
N MET C 371 40.59 25.56 -17.61
CA MET C 371 41.00 24.99 -18.90
C MET C 371 40.64 25.89 -20.08
N VAL C 372 41.62 26.12 -20.94
CA VAL C 372 41.41 26.91 -22.16
C VAL C 372 41.95 26.15 -23.36
N VAL C 373 41.13 26.02 -24.39
CA VAL C 373 41.48 25.24 -25.57
C VAL C 373 42.09 26.08 -26.70
N THR C 374 43.11 25.52 -27.34
CA THR C 374 43.72 26.14 -28.51
C THR C 374 43.02 25.59 -29.75
N LEU C 375 42.09 24.66 -29.49
CA LEU C 375 41.38 23.92 -30.52
C LEU C 375 42.29 23.28 -31.56
N THR C 376 41.86 23.34 -32.81
CA THR C 376 42.66 22.86 -33.94
C THR C 376 42.11 23.40 -35.25
N GLU C 386 35.22 0.87 -37.95
CA GLU C 386 35.42 -0.20 -36.98
C GLU C 386 34.09 -0.66 -36.38
N GLN C 387 33.15 -1.02 -37.25
CA GLN C 387 31.84 -1.51 -36.83
C GLN C 387 31.96 -2.89 -36.18
N LYS C 388 31.18 -3.11 -35.13
CA LYS C 388 31.20 -4.40 -34.43
C LYS C 388 30.01 -5.26 -34.84
N THR C 389 30.23 -6.56 -34.95
CA THR C 389 29.16 -7.51 -35.27
C THR C 389 28.11 -7.55 -34.17
N VAL C 390 26.85 -7.35 -34.57
CA VAL C 390 25.74 -7.35 -33.63
C VAL C 390 25.26 -8.78 -33.36
N VAL C 391 25.20 -9.16 -32.09
CA VAL C 391 24.77 -10.51 -31.74
C VAL C 391 23.26 -10.60 -31.68
N VAL C 392 22.68 -11.40 -32.57
CA VAL C 392 21.24 -11.59 -32.62
C VAL C 392 20.87 -12.99 -32.13
N THR C 393 20.15 -13.04 -31.00
CA THR C 393 19.73 -14.31 -30.44
C THR C 393 18.32 -14.67 -30.92
N THR C 394 18.11 -15.96 -31.19
CA THR C 394 16.84 -16.44 -31.69
C THR C 394 16.65 -17.92 -31.33
N ILE C 395 15.43 -18.40 -31.44
CA ILE C 395 15.12 -19.79 -31.14
C ILE C 395 14.56 -20.49 -32.38
N LEU C 396 14.69 -21.82 -32.44
CA LEU C 396 14.18 -22.57 -33.59
C LEU C 396 12.68 -22.84 -33.47
N GLU C 397 11.92 -22.27 -34.39
CA GLU C 397 10.49 -22.54 -34.49
C GLU C 397 10.05 -22.30 -35.94
N SER C 398 9.09 -23.08 -36.40
CA SER C 398 8.62 -22.97 -37.78
C SER C 398 7.42 -22.01 -37.93
N PRO C 399 7.37 -21.30 -39.06
CA PRO C 399 8.50 -21.16 -39.97
C PRO C 399 9.32 -19.90 -39.68
N TYR C 400 9.63 -19.63 -38.41
CA TYR C 400 10.37 -18.41 -38.05
C TYR C 400 11.88 -18.56 -38.23
N VAL C 401 12.43 -19.61 -37.64
CA VAL C 401 13.83 -19.99 -37.80
C VAL C 401 13.94 -21.50 -37.94
N MET C 402 14.50 -21.96 -39.06
CA MET C 402 14.62 -23.39 -39.32
C MET C 402 15.98 -23.75 -39.89
N MET C 403 16.42 -24.99 -39.67
CA MET C 403 17.68 -25.46 -40.22
C MET C 403 17.47 -25.98 -41.62
N LYS C 404 18.36 -25.60 -42.54
CA LYS C 404 18.23 -26.03 -43.92
C LYS C 404 18.49 -27.52 -44.06
N LYS C 405 17.96 -28.11 -45.14
CA LYS C 405 18.13 -29.52 -45.42
C LYS C 405 19.61 -29.89 -45.55
N ASN C 406 20.35 -29.02 -46.23
CA ASN C 406 21.78 -29.22 -46.50
C ASN C 406 22.70 -28.56 -45.47
N HIS C 407 22.11 -28.05 -44.39
CA HIS C 407 22.79 -27.13 -43.46
C HIS C 407 24.18 -27.57 -42.98
N GLU C 408 24.42 -28.88 -42.96
CA GLU C 408 25.72 -29.40 -42.54
C GLU C 408 26.83 -28.98 -43.50
N MET C 409 26.45 -28.64 -44.73
CA MET C 409 27.39 -28.23 -45.76
C MET C 409 27.66 -26.73 -45.73
N LEU C 410 26.91 -26.01 -44.90
CA LEU C 410 27.03 -24.56 -44.83
C LEU C 410 27.59 -24.07 -43.51
N GLU C 411 27.77 -22.76 -43.39
CA GLU C 411 28.36 -22.17 -42.20
C GLU C 411 27.79 -20.78 -41.92
N GLY C 412 27.66 -20.44 -40.64
CA GLY C 412 27.19 -19.13 -40.22
C GLY C 412 25.72 -18.86 -40.48
N ASN C 413 25.43 -17.61 -40.87
CA ASN C 413 24.06 -17.16 -41.07
C ASN C 413 23.36 -17.86 -42.23
N GLU C 414 24.14 -18.55 -43.05
CA GLU C 414 23.58 -19.30 -44.17
C GLU C 414 22.95 -20.60 -43.70
N ARG C 415 23.22 -20.98 -42.45
CA ARG C 415 22.68 -22.21 -41.89
C ARG C 415 21.18 -22.14 -41.61
N TYR C 416 20.70 -20.95 -41.24
CA TYR C 416 19.30 -20.78 -40.85
C TYR C 416 18.45 -20.13 -41.93
N GLU C 417 17.19 -20.56 -42.02
CA GLU C 417 16.23 -19.97 -42.94
C GLU C 417 14.87 -19.80 -42.28
N GLY C 418 14.13 -18.76 -42.66
CA GLY C 418 12.82 -18.53 -42.08
C GLY C 418 12.38 -17.09 -42.14
N TYR C 419 11.17 -16.82 -41.65
CA TYR C 419 10.62 -15.47 -41.60
C TYR C 419 11.51 -14.54 -40.78
N CYS C 420 11.83 -14.95 -39.55
CA CYS C 420 12.63 -14.14 -38.65
C CYS C 420 14.05 -13.92 -39.18
N VAL C 421 14.56 -14.87 -39.95
CA VAL C 421 15.87 -14.75 -40.59
C VAL C 421 15.86 -13.61 -41.60
N ASP C 422 14.84 -13.62 -42.46
CA ASP C 422 14.68 -12.59 -43.49
C ASP C 422 14.47 -11.23 -42.85
N LEU C 423 13.67 -11.21 -41.79
CA LEU C 423 13.42 -9.97 -41.04
C LEU C 423 14.71 -9.45 -40.43
N ALA C 424 15.54 -10.36 -39.93
CA ALA C 424 16.82 -9.99 -39.34
C ALA C 424 17.71 -9.36 -40.41
N ALA C 425 17.74 -10.00 -41.58
CA ALA C 425 18.48 -9.48 -42.71
C ALA C 425 18.04 -8.07 -43.09
N GLU C 426 16.71 -7.86 -43.12
CA GLU C 426 16.14 -6.57 -43.47
C GLU C 426 16.47 -5.49 -42.46
N ILE C 427 16.32 -5.82 -41.18
CA ILE C 427 16.61 -4.88 -40.11
C ILE C 427 18.08 -4.50 -40.16
N ALA C 428 18.94 -5.49 -40.41
CA ALA C 428 20.37 -5.24 -40.52
C ALA C 428 20.69 -4.36 -41.74
N LYS C 429 19.96 -4.55 -42.83
CA LYS C 429 20.15 -3.77 -44.04
C LYS C 429 19.75 -2.31 -43.84
N HIS C 430 18.67 -2.10 -43.10
CA HIS C 430 18.18 -0.75 -42.87
C HIS C 430 18.97 0.00 -41.80
N CYS C 431 19.41 -0.73 -40.78
CA CYS C 431 20.13 -0.09 -39.67
C CYS C 431 21.63 -0.05 -39.94
N GLY C 432 22.07 -0.76 -40.98
CA GLY C 432 23.46 -0.74 -41.39
C GLY C 432 24.43 -1.35 -40.40
N PHE C 433 24.19 -2.61 -40.03
CA PHE C 433 25.14 -3.33 -39.18
C PHE C 433 25.31 -4.78 -39.62
N LYS C 434 26.45 -5.38 -39.25
CA LYS C 434 26.68 -6.79 -39.50
C LYS C 434 26.14 -7.62 -38.34
N TYR C 435 25.41 -8.69 -38.66
CA TYR C 435 24.75 -9.50 -37.64
C TYR C 435 25.17 -10.96 -37.69
N LYS C 436 25.30 -11.57 -36.50
CA LYS C 436 25.64 -12.98 -36.40
C LYS C 436 24.52 -13.75 -35.70
N LEU C 437 23.86 -14.64 -36.44
CA LEU C 437 22.73 -15.40 -35.91
C LEU C 437 23.18 -16.47 -34.93
N THR C 438 22.62 -16.43 -33.72
CA THR C 438 22.95 -17.39 -32.68
C THR C 438 21.70 -17.92 -31.97
N ILE C 439 21.74 -19.20 -31.61
CA ILE C 439 20.63 -19.83 -30.88
C ILE C 439 20.85 -19.75 -29.37
N VAL C 440 19.79 -19.39 -28.64
CA VAL C 440 19.85 -19.27 -27.18
C VAL C 440 20.18 -20.63 -26.55
N GLY C 441 20.93 -20.60 -25.45
CA GLY C 441 21.40 -21.81 -24.82
C GLY C 441 20.33 -22.69 -24.19
N ASP C 442 19.52 -22.10 -23.33
CA ASP C 442 18.52 -22.85 -22.57
C ASP C 442 17.29 -23.22 -23.41
N GLY C 443 17.14 -22.58 -24.57
CA GLY C 443 16.04 -22.86 -25.46
C GLY C 443 14.69 -22.35 -24.99
N LYS C 444 14.69 -21.24 -24.27
CA LYS C 444 13.44 -20.63 -23.82
C LYS C 444 13.30 -19.21 -24.37
N TYR C 445 12.07 -18.71 -24.42
CA TYR C 445 11.78 -17.36 -24.94
C TYR C 445 12.14 -16.30 -23.90
N GLY C 446 11.37 -16.26 -22.82
CA GLY C 446 11.79 -15.54 -21.63
C GLY C 446 10.91 -15.90 -20.45
N ALA C 447 11.50 -15.89 -19.26
CA ALA C 447 10.75 -16.21 -18.04
C ALA C 447 11.47 -15.74 -16.78
N ARG C 448 10.74 -15.65 -15.68
CA ARG C 448 11.39 -15.48 -14.38
C ARG C 448 11.28 -16.83 -13.68
N ASP C 449 12.43 -17.45 -13.41
CA ASP C 449 12.43 -18.71 -12.69
C ASP C 449 12.03 -18.43 -11.25
N ALA C 450 11.08 -19.21 -10.73
CA ALA C 450 10.53 -18.96 -9.40
C ALA C 450 11.59 -19.17 -8.32
N ASP C 451 12.56 -20.01 -8.64
CA ASP C 451 13.63 -20.36 -7.71
C ASP C 451 14.82 -19.39 -7.79
N THR C 452 15.46 -19.32 -8.96
CA THR C 452 16.67 -18.52 -9.14
C THR C 452 16.43 -17.01 -9.12
N LYS C 453 15.20 -16.61 -9.42
CA LYS C 453 14.81 -15.20 -9.52
C LYS C 453 15.64 -14.51 -10.61
N ILE C 454 16.13 -15.32 -11.54
CA ILE C 454 16.92 -14.89 -12.68
C ILE C 454 16.17 -15.12 -13.99
N TRP C 455 16.21 -14.15 -14.90
CA TRP C 455 15.53 -14.28 -16.18
C TRP C 455 16.18 -15.34 -17.08
N ASP C 456 15.34 -16.21 -17.64
CA ASP C 456 15.83 -17.25 -18.54
C ASP C 456 15.31 -17.00 -19.94
N GLY C 457 16.05 -17.49 -20.93
CA GLY C 457 15.68 -17.32 -22.32
C GLY C 457 16.41 -16.18 -23.01
N MET C 458 15.92 -15.81 -24.19
CA MET C 458 16.48 -14.74 -25.00
C MET C 458 16.46 -13.43 -24.21
N VAL C 459 15.38 -13.24 -23.45
CA VAL C 459 15.26 -12.13 -22.53
C VAL C 459 16.44 -12.08 -21.57
N GLY C 460 16.80 -13.24 -21.02
CA GLY C 460 17.92 -13.35 -20.12
C GLY C 460 19.21 -12.91 -20.78
N GLU C 461 19.44 -13.41 -22.00
CA GLU C 461 20.63 -13.03 -22.77
C GLU C 461 20.65 -11.54 -23.05
N LEU C 462 19.47 -10.93 -23.16
CA LEU C 462 19.39 -9.50 -23.42
C LEU C 462 19.69 -8.66 -22.18
N VAL C 463 19.15 -9.06 -21.04
CA VAL C 463 19.35 -8.33 -19.80
C VAL C 463 20.79 -8.43 -19.31
N TYR C 464 21.35 -9.63 -19.44
CA TYR C 464 22.69 -9.92 -18.93
C TYR C 464 23.76 -9.70 -20.00
N GLY C 465 23.34 -9.20 -21.15
CA GLY C 465 24.25 -8.73 -22.17
C GLY C 465 25.04 -9.80 -22.90
N LYS C 466 24.42 -10.96 -23.10
CA LYS C 466 25.04 -12.01 -23.89
C LYS C 466 24.60 -11.91 -25.34
N ALA C 467 23.65 -11.02 -25.61
CA ALA C 467 23.17 -10.75 -26.96
C ALA C 467 22.70 -9.30 -27.12
N ASP C 468 23.00 -8.70 -28.27
CA ASP C 468 22.71 -7.29 -28.49
C ASP C 468 21.26 -7.06 -28.94
N ILE C 469 20.65 -8.09 -29.52
CA ILE C 469 19.29 -8.00 -30.03
C ILE C 469 18.63 -9.38 -30.08
N ALA C 470 17.30 -9.39 -30.00
CA ALA C 470 16.54 -10.63 -30.07
C ALA C 470 15.46 -10.56 -31.14
N ILE C 471 15.62 -11.39 -32.17
CA ILE C 471 14.65 -11.45 -33.26
C ILE C 471 14.06 -12.86 -33.35
N ALA C 472 12.77 -12.97 -33.04
CA ALA C 472 12.08 -14.25 -32.89
C ALA C 472 10.59 -13.97 -32.64
N PRO C 473 9.74 -15.00 -32.76
CA PRO C 473 8.32 -14.79 -32.45
C PRO C 473 8.10 -14.56 -30.95
N LEU C 474 8.64 -13.44 -30.45
CA LEU C 474 8.58 -13.11 -29.04
C LEU C 474 7.33 -12.31 -28.73
N THR C 475 6.45 -12.88 -27.91
CA THR C 475 5.20 -12.21 -27.57
C THR C 475 5.43 -11.02 -26.64
N ILE C 476 4.79 -9.91 -26.96
CA ILE C 476 4.93 -8.70 -26.15
C ILE C 476 4.08 -8.78 -24.90
N THR C 477 4.72 -8.75 -23.74
CA THR C 477 4.02 -8.79 -22.48
C THR C 477 4.53 -7.67 -21.58
N LEU C 478 3.68 -7.22 -20.67
CA LEU C 478 4.03 -6.13 -19.76
C LEU C 478 5.24 -6.54 -18.92
N VAL C 479 5.25 -7.81 -18.48
CA VAL C 479 6.34 -8.33 -17.67
C VAL C 479 7.67 -8.27 -18.41
N ARG C 480 7.62 -8.50 -19.72
CA ARG C 480 8.80 -8.42 -20.57
C ARG C 480 9.11 -6.97 -20.97
N GLU C 481 8.07 -6.15 -21.05
CA GLU C 481 8.26 -4.75 -21.42
C GLU C 481 8.91 -4.00 -20.27
N GLU C 482 8.77 -4.54 -19.05
CA GLU C 482 9.37 -3.92 -17.88
C GLU C 482 10.89 -4.13 -17.88
N VAL C 483 11.34 -5.32 -18.25
CA VAL C 483 12.77 -5.63 -18.30
C VAL C 483 13.46 -5.17 -19.60
N ILE C 484 12.80 -5.39 -20.74
CA ILE C 484 13.41 -5.07 -22.03
C ILE C 484 12.63 -3.98 -22.75
N ASP C 485 13.13 -3.57 -23.90
CA ASP C 485 12.42 -2.64 -24.77
C ASP C 485 11.89 -3.41 -25.98
N PHE C 486 10.61 -3.23 -26.28
CA PHE C 486 10.01 -3.86 -27.44
C PHE C 486 9.85 -2.86 -28.58
N SER C 487 10.32 -3.24 -29.77
CA SER C 487 10.03 -2.48 -30.97
C SER C 487 8.54 -2.60 -31.27
N LYS C 488 8.01 -1.67 -32.06
CA LYS C 488 6.63 -1.78 -32.53
C LYS C 488 6.41 -3.14 -33.19
N PRO C 489 5.21 -3.72 -33.01
CA PRO C 489 4.98 -5.09 -33.46
C PRO C 489 5.13 -5.28 -34.97
N PHE C 490 5.94 -6.27 -35.35
CA PHE C 490 6.15 -6.56 -36.76
C PHE C 490 5.17 -7.60 -37.26
N MET C 491 4.45 -8.22 -36.32
CA MET C 491 3.48 -9.22 -36.69
C MET C 491 2.36 -9.26 -35.64
N SER C 492 1.14 -9.51 -36.11
CA SER C 492 -0.02 -9.55 -35.23
C SER C 492 -0.47 -10.98 -34.97
N LEU C 493 -0.88 -11.25 -33.74
CA LEU C 493 -1.35 -12.59 -33.36
C LEU C 493 -2.35 -12.54 -32.21
N GLY C 494 -2.78 -13.72 -31.79
CA GLY C 494 -3.69 -13.85 -30.66
C GLY C 494 -3.86 -15.30 -30.27
N ILE C 495 -4.24 -15.54 -29.02
CA ILE C 495 -4.45 -16.90 -28.56
C ILE C 495 -5.70 -17.48 -29.21
N SER C 496 -5.53 -18.63 -29.84
CA SER C 496 -6.58 -19.26 -30.64
C SER C 496 -6.68 -20.77 -30.43
N ILE C 497 -7.77 -21.35 -30.91
CA ILE C 497 -8.09 -22.75 -30.67
C ILE C 497 -7.94 -23.63 -31.90
N MET C 498 -7.20 -24.72 -31.74
CA MET C 498 -6.97 -25.67 -32.82
C MET C 498 -7.56 -27.03 -32.48
N ILE C 499 -8.34 -27.59 -33.40
CA ILE C 499 -8.89 -28.94 -33.23
C ILE C 499 -8.72 -29.74 -34.51
N LYS C 500 -9.17 -30.99 -34.49
CA LYS C 500 -9.13 -31.84 -35.67
C LYS C 500 -10.38 -31.64 -36.52
N LYS C 501 -10.17 -31.38 -37.81
CA LYS C 501 -11.27 -31.18 -38.74
C LYS C 501 -12.05 -32.49 -38.93
N PRO C 502 -13.38 -32.42 -38.85
CA PRO C 502 -14.24 -33.60 -38.99
C PRO C 502 -14.15 -34.23 -40.39
N GLN C 503 -14.21 -35.56 -40.45
CA GLN C 503 -14.17 -36.27 -41.72
C GLN C 503 -15.39 -35.93 -42.57
N LYS C 504 -15.16 -35.62 -43.83
CA LYS C 504 -16.21 -35.09 -44.71
C LYS C 504 -17.37 -36.05 -44.89
N SER C 505 -17.09 -37.24 -45.42
CA SER C 505 -18.15 -38.21 -45.67
C SER C 505 -17.67 -39.66 -45.58
N LYS C 506 -18.54 -40.51 -45.04
CA LYS C 506 -18.33 -41.97 -45.06
C LYS C 506 -19.65 -42.64 -45.40
N PRO C 507 -20.17 -42.37 -46.61
CA PRO C 507 -21.58 -42.64 -46.95
C PRO C 507 -22.00 -44.10 -46.90
N GLY C 508 -21.25 -44.98 -47.56
CA GLY C 508 -21.68 -46.35 -47.77
C GLY C 508 -23.01 -46.38 -48.51
N VAL C 509 -23.65 -47.54 -48.56
CA VAL C 509 -25.05 -47.62 -48.95
C VAL C 509 -25.93 -47.77 -47.70
N PHE C 510 -25.27 -47.89 -46.54
CA PHE C 510 -25.95 -48.21 -45.29
C PHE C 510 -26.74 -47.04 -44.72
N SER C 511 -26.36 -45.83 -45.11
CA SER C 511 -27.03 -44.62 -44.62
C SER C 511 -28.44 -44.52 -45.16
N PHE C 512 -28.72 -45.22 -46.26
CA PHE C 512 -30.07 -45.27 -46.82
C PHE C 512 -30.96 -46.23 -46.02
N LEU C 513 -30.32 -47.24 -45.43
CA LEU C 513 -31.04 -48.23 -44.62
C LEU C 513 -31.00 -47.87 -43.14
N ASP C 514 -30.33 -46.77 -42.83
CA ASP C 514 -30.28 -46.27 -41.45
C ASP C 514 -31.63 -45.76 -40.92
N PRO C 515 -32.35 -44.91 -41.68
CA PRO C 515 -33.62 -44.39 -41.12
C PRO C 515 -34.66 -45.46 -40.85
N LEU C 516 -34.84 -46.39 -41.79
CA LEU C 516 -35.77 -47.49 -41.60
C LEU C 516 -35.01 -48.70 -41.08
N ALA C 517 -35.41 -49.18 -39.91
CA ALA C 517 -34.71 -50.30 -39.27
C ALA C 517 -34.70 -51.54 -40.16
N TYR C 518 -33.64 -52.32 -40.02
CA TYR C 518 -33.48 -53.57 -40.76
C TYR C 518 -34.69 -54.49 -40.56
N GLU C 519 -35.20 -54.47 -39.34
CA GLU C 519 -36.39 -55.21 -38.98
C GLU C 519 -37.61 -54.73 -39.78
N ILE C 520 -37.69 -53.43 -40.01
CA ILE C 520 -38.81 -52.87 -40.76
C ILE C 520 -38.72 -53.27 -42.23
N TRP C 521 -37.50 -53.43 -42.73
CA TRP C 521 -37.31 -53.87 -44.10
C TRP C 521 -37.71 -55.33 -44.26
N MET C 522 -37.25 -56.18 -43.35
CA MET C 522 -37.64 -57.59 -43.35
C MET C 522 -39.16 -57.71 -43.25
N ALA C 523 -39.73 -56.99 -42.30
CA ALA C 523 -41.15 -57.03 -42.02
C ALA C 523 -41.96 -56.53 -43.21
N ILE C 524 -41.47 -55.51 -43.91
CA ILE C 524 -42.20 -54.99 -45.07
C ILE C 524 -42.06 -55.94 -46.26
N VAL C 525 -40.97 -56.70 -46.32
CA VAL C 525 -40.84 -57.70 -47.38
C VAL C 525 -41.82 -58.85 -47.16
N PHE C 526 -41.82 -59.40 -45.96
CA PHE C 526 -42.77 -60.46 -45.62
C PHE C 526 -44.21 -59.96 -45.73
N ALA C 527 -44.46 -58.71 -45.36
CA ALA C 527 -45.79 -58.12 -45.50
C ALA C 527 -46.17 -58.03 -46.97
N TYR C 528 -45.19 -57.70 -47.80
CA TYR C 528 -45.41 -57.61 -49.24
C TYR C 528 -45.81 -58.96 -49.82
N ILE C 529 -45.03 -60.01 -49.52
CA ILE C 529 -45.34 -61.33 -50.05
C ILE C 529 -46.64 -61.88 -49.46
N LEU C 530 -46.94 -61.50 -48.22
CA LEU C 530 -48.21 -61.88 -47.59
C LEU C 530 -49.40 -61.24 -48.31
N VAL C 531 -49.24 -59.97 -48.68
CA VAL C 531 -50.30 -59.28 -49.41
C VAL C 531 -50.46 -59.89 -50.81
N SER C 532 -49.34 -60.26 -51.42
CA SER C 532 -49.38 -60.90 -52.72
C SER C 532 -50.11 -62.25 -52.69
N VAL C 533 -49.82 -63.05 -51.67
CA VAL C 533 -50.45 -64.37 -51.55
C VAL C 533 -51.91 -64.25 -51.08
N VAL C 534 -52.23 -63.16 -50.38
CA VAL C 534 -53.62 -62.88 -50.02
C VAL C 534 -54.42 -62.52 -51.27
N LEU C 535 -53.85 -61.66 -52.11
CA LEU C 535 -54.47 -61.29 -53.38
C LEU C 535 -54.58 -62.50 -54.31
N PHE C 536 -53.66 -63.44 -54.16
CA PHE C 536 -53.68 -64.68 -54.93
C PHE C 536 -54.93 -65.50 -54.61
N LEU C 537 -55.44 -65.32 -53.40
CA LEU C 537 -56.64 -66.03 -52.95
C LEU C 537 -57.84 -65.10 -52.82
N SER C 587 -63.51 -57.87 -52.28
CA SER C 587 -62.46 -58.70 -51.68
C SER C 587 -61.09 -58.07 -51.85
N ALA C 588 -60.67 -57.89 -53.11
CA ALA C 588 -59.35 -57.33 -53.40
C ALA C 588 -59.29 -55.83 -53.10
N ARG C 589 -60.45 -55.20 -53.07
CA ARG C 589 -60.55 -53.75 -52.85
C ARG C 589 -59.97 -53.35 -51.50
N ILE C 590 -60.40 -54.02 -50.44
CA ILE C 590 -59.91 -53.71 -49.11
C ILE C 590 -58.45 -54.12 -48.94
N VAL C 591 -58.01 -55.11 -49.72
CA VAL C 591 -56.61 -55.51 -49.68
C VAL C 591 -55.73 -54.39 -50.24
N ALA C 592 -56.13 -53.87 -51.40
CA ALA C 592 -55.40 -52.78 -52.04
C ALA C 592 -55.46 -51.52 -51.17
N GLY C 593 -56.60 -51.29 -50.53
CA GLY C 593 -56.77 -50.14 -49.66
C GLY C 593 -55.91 -50.19 -48.41
N VAL C 594 -55.93 -51.33 -47.73
CA VAL C 594 -55.13 -51.51 -46.53
C VAL C 594 -53.64 -51.50 -46.85
N TRP C 595 -53.26 -52.11 -47.97
CA TRP C 595 -51.86 -52.07 -48.40
C TRP C 595 -51.43 -50.65 -48.74
N TRP C 596 -52.34 -49.89 -49.35
CA TRP C 596 -52.06 -48.49 -49.68
C TRP C 596 -51.86 -47.66 -48.42
N PHE C 597 -52.71 -47.88 -47.42
CA PHE C 597 -52.60 -47.16 -46.15
C PHE C 597 -51.28 -47.51 -45.46
N PHE C 598 -50.97 -48.80 -45.45
CA PHE C 598 -49.73 -49.32 -44.89
C PHE C 598 -48.50 -48.67 -45.51
N THR C 599 -48.39 -48.76 -46.84
CA THR C 599 -47.25 -48.19 -47.53
C THR C 599 -47.25 -46.67 -47.40
N LEU C 600 -48.42 -46.08 -47.20
CA LEU C 600 -48.52 -44.63 -46.97
C LEU C 600 -47.85 -44.24 -45.66
N ILE C 601 -48.26 -44.91 -44.59
CA ILE C 601 -47.68 -44.65 -43.27
C ILE C 601 -46.17 -44.91 -43.30
N ILE C 602 -45.76 -45.97 -43.98
CA ILE C 602 -44.33 -46.29 -44.03
C ILE C 602 -43.52 -45.26 -44.80
N ILE C 603 -43.97 -44.86 -46.00
CA ILE C 603 -43.20 -43.89 -46.77
C ILE C 603 -43.17 -42.53 -46.05
N SER C 604 -44.27 -42.19 -45.38
CA SER C 604 -44.31 -40.95 -44.62
C SER C 604 -43.28 -40.99 -43.49
N SER C 605 -43.27 -42.10 -42.76
CA SER C 605 -42.34 -42.27 -41.65
C SER C 605 -40.90 -42.21 -42.12
N TYR C 606 -40.62 -42.89 -43.24
CA TYR C 606 -39.27 -42.87 -43.79
C TYR C 606 -38.86 -41.45 -44.15
N THR C 607 -39.77 -40.71 -44.79
CA THR C 607 -39.48 -39.33 -45.19
C THR C 607 -39.14 -38.46 -43.99
N ALA C 608 -39.96 -38.54 -42.96
CA ALA C 608 -39.74 -37.72 -41.76
C ALA C 608 -38.44 -38.10 -41.04
N ASN C 609 -38.20 -39.39 -40.88
CA ASN C 609 -37.00 -39.86 -40.17
C ASN C 609 -35.74 -39.43 -40.94
N LEU C 610 -35.82 -39.52 -42.26
CA LEU C 610 -34.72 -39.10 -43.12
C LEU C 610 -34.47 -37.62 -42.89
N ALA C 611 -35.57 -36.86 -42.79
CA ALA C 611 -35.48 -35.43 -42.51
C ALA C 611 -34.73 -35.20 -41.20
N ALA C 612 -34.99 -36.07 -40.22
CA ALA C 612 -34.28 -35.98 -38.95
C ALA C 612 -32.78 -36.20 -39.15
N PHE C 613 -32.42 -37.21 -39.95
CA PHE C 613 -31.00 -37.46 -40.25
C PHE C 613 -30.31 -36.23 -40.85
N LEU C 614 -30.89 -35.75 -41.95
CA LEU C 614 -30.35 -34.60 -42.68
C LEU C 614 -30.25 -33.37 -41.79
N GLY C 615 -31.22 -33.20 -40.90
CA GLY C 615 -31.18 -32.13 -39.92
C GLY C 615 -29.98 -32.27 -38.99
N VAL C 616 -29.84 -33.46 -38.39
CA VAL C 616 -28.76 -33.75 -37.45
C VAL C 616 -27.39 -33.50 -38.05
N GLU C 617 -27.22 -33.86 -39.33
CA GLU C 617 -25.93 -33.64 -39.99
C GLU C 617 -25.44 -32.20 -39.91
N ARG C 618 -26.17 -31.25 -40.48
CA ARG C 618 -25.75 -29.84 -40.50
C ARG C 618 -25.96 -29.08 -39.18
N MET C 619 -27.04 -29.41 -38.47
CA MET C 619 -27.47 -28.62 -37.31
C MET C 619 -26.38 -28.49 -36.24
N VAL C 620 -25.65 -29.57 -36.01
CA VAL C 620 -24.69 -29.63 -34.92
C VAL C 620 -23.43 -28.79 -35.17
N SER C 621 -23.09 -27.95 -34.18
CA SER C 621 -21.85 -27.18 -34.21
C SER C 621 -20.93 -27.64 -33.08
N PRO C 622 -19.78 -28.23 -33.43
CA PRO C 622 -18.88 -28.77 -32.41
C PRO C 622 -18.36 -27.71 -31.45
N ILE C 623 -17.84 -26.60 -31.98
CA ILE C 623 -17.27 -25.52 -31.16
C ILE C 623 -17.39 -24.16 -31.86
N GLU C 624 -17.66 -23.10 -31.11
CA GLU C 624 -17.70 -21.77 -31.68
C GLU C 624 -16.55 -20.94 -31.12
N SER C 625 -16.64 -20.69 -29.83
CA SER C 625 -15.65 -19.88 -29.14
C SER C 625 -15.11 -20.57 -27.86
N ALA C 626 -14.13 -19.93 -27.22
CA ALA C 626 -13.50 -20.46 -26.00
C ALA C 626 -14.53 -20.70 -24.90
N GLU C 627 -15.55 -19.85 -24.86
CA GLU C 627 -16.58 -19.94 -23.84
C GLU C 627 -17.24 -21.32 -23.89
N ASP C 628 -17.49 -21.81 -25.10
CA ASP C 628 -18.08 -23.13 -25.29
C ASP C 628 -17.12 -24.19 -24.73
N LEU C 629 -15.82 -23.95 -24.85
CA LEU C 629 -14.83 -24.85 -24.28
C LEU C 629 -14.94 -24.87 -22.75
N SER C 630 -15.20 -23.71 -22.19
CA SER C 630 -15.38 -23.56 -20.76
C SER C 630 -16.64 -24.29 -20.25
N LYS C 631 -17.64 -24.36 -21.12
CA LYS C 631 -18.94 -24.91 -20.74
C LYS C 631 -19.06 -26.44 -20.83
N GLN C 632 -18.09 -27.10 -21.46
CA GLN C 632 -18.18 -28.54 -21.64
C GLN C 632 -16.95 -29.31 -21.13
N THR C 633 -17.18 -30.45 -20.52
CA THR C 633 -16.11 -31.30 -20.01
C THR C 633 -15.73 -32.44 -20.95
N GLU C 634 -16.46 -32.57 -22.06
CA GLU C 634 -16.24 -33.69 -22.98
C GLU C 634 -14.91 -33.56 -23.73
N ILE C 635 -14.65 -32.37 -24.24
CA ILE C 635 -13.41 -32.14 -24.97
C ILE C 635 -12.38 -31.48 -24.08
N ALA C 636 -11.34 -32.23 -23.75
CA ALA C 636 -10.24 -31.69 -22.96
C ALA C 636 -9.48 -30.69 -23.80
N TYR C 637 -8.84 -29.72 -23.15
CA TYR C 637 -8.08 -28.71 -23.87
C TYR C 637 -6.90 -28.22 -23.04
N GLY C 638 -5.84 -27.77 -23.71
CA GLY C 638 -4.66 -27.34 -23.00
C GLY C 638 -3.73 -26.42 -23.77
N THR C 639 -2.69 -25.97 -23.08
CA THR C 639 -1.65 -25.12 -23.66
C THR C 639 -0.25 -25.70 -23.43
N LEU C 640 0.76 -24.93 -23.81
CA LEU C 640 2.16 -25.32 -23.61
C LEU C 640 2.54 -25.35 -22.14
N ASP C 641 3.61 -26.07 -21.83
CA ASP C 641 4.10 -26.18 -20.46
C ASP C 641 4.53 -24.82 -19.91
N SER C 642 4.92 -23.92 -20.81
CA SER C 642 5.31 -22.56 -20.44
C SER C 642 5.08 -21.60 -21.61
N GLY C 643 5.43 -20.34 -21.41
CA GLY C 643 5.26 -19.33 -22.45
C GLY C 643 4.13 -18.36 -22.16
N SER C 644 3.90 -17.43 -23.09
CA SER C 644 3.02 -16.29 -22.85
C SER C 644 1.55 -16.66 -22.69
N THR C 645 1.14 -17.75 -23.32
CA THR C 645 -0.26 -18.18 -23.28
C THR C 645 -0.63 -18.71 -21.89
N LYS C 646 0.18 -19.65 -21.39
CA LYS C 646 -0.04 -20.21 -20.06
C LYS C 646 -0.06 -19.09 -19.01
N GLU C 647 0.93 -18.20 -19.09
CA GLU C 647 1.01 -17.06 -18.17
C GLU C 647 -0.20 -16.15 -18.29
N PHE C 648 -0.69 -15.98 -19.51
CA PHE C 648 -1.90 -15.20 -19.74
C PHE C 648 -3.07 -15.80 -18.98
N PHE C 649 -3.26 -17.10 -19.14
CA PHE C 649 -4.35 -17.79 -18.47
C PHE C 649 -4.20 -17.71 -16.95
N ARG C 650 -2.97 -17.88 -16.48
CA ARG C 650 -2.67 -17.82 -15.06
C ARG C 650 -3.00 -16.47 -14.46
N ARG C 651 -2.54 -15.39 -15.07
CA ARG C 651 -2.76 -14.06 -14.48
C ARG C 651 -4.17 -13.53 -14.74
N SER C 652 -4.95 -14.24 -15.56
CA SER C 652 -6.23 -13.71 -16.02
C SER C 652 -7.31 -13.61 -14.94
N LYS C 653 -7.89 -12.42 -14.80
CA LYS C 653 -9.00 -12.18 -13.88
C LYS C 653 -10.34 -12.23 -14.61
N ILE C 654 -10.29 -12.50 -15.90
CA ILE C 654 -11.51 -12.55 -16.70
C ILE C 654 -12.18 -13.90 -16.51
N ALA C 655 -13.50 -13.87 -16.35
CA ALA C 655 -14.29 -15.04 -15.95
C ALA C 655 -13.96 -16.31 -16.70
N VAL C 656 -14.23 -16.30 -18.01
CA VAL C 656 -14.07 -17.48 -18.85
C VAL C 656 -12.66 -18.07 -18.75
N PHE C 657 -11.66 -17.24 -19.03
CA PHE C 657 -10.26 -17.66 -18.97
C PHE C 657 -9.88 -18.15 -17.58
N ASP C 658 -10.40 -17.50 -16.55
CA ASP C 658 -10.18 -17.95 -15.17
C ASP C 658 -10.65 -19.39 -15.01
N LYS C 659 -11.91 -19.63 -15.37
CA LYS C 659 -12.49 -20.97 -15.29
C LYS C 659 -11.64 -22.00 -16.05
N MET C 660 -11.26 -21.64 -17.28
CA MET C 660 -10.44 -22.52 -18.10
C MET C 660 -9.12 -22.85 -17.41
N TRP C 661 -8.49 -21.84 -16.82
CA TRP C 661 -7.22 -22.03 -16.14
C TRP C 661 -7.36 -22.97 -14.95
N THR C 662 -8.40 -22.74 -14.16
CA THR C 662 -8.69 -23.62 -13.02
C THR C 662 -8.83 -25.06 -13.49
N TYR C 663 -9.66 -25.27 -14.52
CA TYR C 663 -9.84 -26.60 -15.10
C TYR C 663 -8.52 -27.22 -15.54
N MET C 664 -7.76 -26.48 -16.33
CA MET C 664 -6.52 -26.98 -16.93
C MET C 664 -5.52 -27.39 -15.87
N ARG C 665 -5.30 -26.51 -14.89
CA ARG C 665 -4.36 -26.78 -13.82
C ARG C 665 -4.82 -27.96 -12.95
N SER C 666 -6.13 -28.04 -12.70
CA SER C 666 -6.68 -29.08 -11.85
C SER C 666 -6.84 -30.43 -12.56
N ALA C 667 -7.01 -30.40 -13.88
CA ALA C 667 -7.34 -31.61 -14.65
C ALA C 667 -6.21 -32.63 -14.67
N GLU C 668 -6.59 -33.91 -14.64
CA GLU C 668 -5.65 -35.01 -14.71
C GLU C 668 -6.13 -36.02 -15.77
N PRO C 669 -5.19 -36.57 -16.57
CA PRO C 669 -3.75 -36.28 -16.65
C PRO C 669 -3.48 -34.89 -17.22
N SER C 670 -2.25 -34.42 -17.06
CA SER C 670 -1.89 -33.07 -17.49
C SER C 670 -2.25 -32.78 -18.94
N VAL C 671 -2.87 -31.64 -19.18
CA VAL C 671 -3.26 -31.23 -20.52
C VAL C 671 -2.16 -30.43 -21.19
N PHE C 672 -1.08 -30.18 -20.46
CA PHE C 672 0.01 -29.35 -20.96
C PHE C 672 1.04 -30.16 -21.74
N VAL C 673 1.56 -29.55 -22.79
CA VAL C 673 2.57 -30.18 -23.63
C VAL C 673 3.87 -29.37 -23.68
N ARG C 674 4.98 -30.04 -23.95
CA ARG C 674 6.29 -29.39 -23.95
C ARG C 674 6.53 -28.57 -25.22
N THR C 675 6.17 -29.11 -26.38
CA THR C 675 6.43 -28.46 -27.66
C THR C 675 5.16 -28.27 -28.48
N THR C 676 5.23 -27.42 -29.48
CA THR C 676 4.09 -27.16 -30.35
C THR C 676 3.73 -28.39 -31.16
N ALA C 677 4.76 -29.04 -31.71
CA ALA C 677 4.56 -30.25 -32.51
C ALA C 677 3.91 -31.37 -31.69
N GLU C 678 4.25 -31.43 -30.39
CA GLU C 678 3.65 -32.42 -29.51
C GLU C 678 2.16 -32.15 -29.33
N GLY C 679 1.82 -30.88 -29.15
CA GLY C 679 0.44 -30.47 -28.97
C GLY C 679 -0.39 -30.77 -30.21
N VAL C 680 0.15 -30.41 -31.37
CA VAL C 680 -0.51 -30.70 -32.64
C VAL C 680 -0.69 -32.20 -32.82
N ALA C 681 0.36 -32.96 -32.54
CA ALA C 681 0.30 -34.41 -32.62
C ALA C 681 -0.80 -34.97 -31.72
N ARG C 682 -0.93 -34.39 -30.53
CA ARG C 682 -1.98 -34.79 -29.60
C ARG C 682 -3.36 -34.45 -30.16
N VAL C 683 -3.46 -33.34 -30.88
CA VAL C 683 -4.71 -32.96 -31.53
C VAL C 683 -5.09 -33.97 -32.58
N ARG C 684 -4.09 -34.46 -33.30
CA ARG C 684 -4.29 -35.40 -34.38
C ARG C 684 -4.65 -36.80 -33.87
N LYS C 685 -4.03 -37.21 -32.78
CA LYS C 685 -4.20 -38.56 -32.24
C LYS C 685 -5.47 -38.72 -31.40
N SER C 686 -6.00 -37.61 -30.91
CA SER C 686 -7.08 -37.65 -29.92
C SER C 686 -8.47 -37.79 -30.52
N LYS C 687 -8.55 -37.88 -31.85
CA LYS C 687 -9.81 -38.00 -32.57
C LYS C 687 -10.74 -36.82 -32.27
N GLY C 688 -10.14 -35.66 -31.99
CA GLY C 688 -10.89 -34.45 -31.75
C GLY C 688 -11.40 -34.32 -30.33
N LYS C 689 -10.84 -35.12 -29.42
CA LYS C 689 -11.20 -35.05 -28.01
C LYS C 689 -10.30 -34.07 -27.28
N TYR C 690 -9.26 -33.59 -27.96
CA TYR C 690 -8.33 -32.64 -27.37
C TYR C 690 -8.19 -31.39 -28.22
N ALA C 691 -8.27 -30.23 -27.57
CA ALA C 691 -8.10 -28.95 -28.22
C ALA C 691 -6.81 -28.29 -27.76
N TYR C 692 -6.11 -27.66 -28.71
CA TYR C 692 -4.83 -27.05 -28.39
C TYR C 692 -4.91 -25.55 -28.54
N LEU C 693 -4.59 -24.86 -27.46
CA LEU C 693 -4.61 -23.41 -27.43
C LEU C 693 -3.22 -22.90 -27.78
N LEU C 694 -3.13 -22.19 -28.90
CA LEU C 694 -1.87 -21.66 -29.38
C LEU C 694 -2.11 -20.37 -30.14
N GLU C 695 -1.08 -19.57 -30.31
CA GLU C 695 -1.20 -18.28 -30.95
C GLU C 695 -1.64 -18.44 -32.41
N SER C 696 -2.43 -17.47 -32.88
CA SER C 696 -3.06 -17.54 -34.20
C SER C 696 -2.09 -17.84 -35.33
N THR C 697 -0.90 -17.25 -35.25
CA THR C 697 0.14 -17.44 -36.27
C THR C 697 0.43 -18.92 -36.47
N MET C 698 0.96 -19.54 -35.42
CA MET C 698 1.32 -20.95 -35.47
C MET C 698 0.15 -21.82 -35.91
N ASN C 699 -1.05 -21.44 -35.48
CA ASN C 699 -2.26 -22.17 -35.81
C ASN C 699 -2.52 -22.12 -37.31
N GLU C 700 -2.44 -20.92 -37.88
CA GLU C 700 -2.59 -20.73 -39.32
C GLU C 700 -1.53 -21.51 -40.09
N TYR C 701 -0.30 -21.50 -39.59
CA TYR C 701 0.80 -22.19 -40.26
C TYR C 701 0.60 -23.70 -40.29
N ILE C 702 0.24 -24.29 -39.16
CA ILE C 702 -0.01 -25.72 -39.09
C ILE C 702 -1.26 -26.10 -39.89
N GLU C 703 -2.22 -25.19 -39.93
CA GLU C 703 -3.45 -25.38 -40.69
C GLU C 703 -3.20 -25.41 -42.20
N GLN C 704 -2.10 -24.78 -42.63
CA GLN C 704 -1.73 -24.74 -44.05
C GLN C 704 -0.74 -25.84 -44.45
N ARG C 705 -0.38 -26.70 -43.50
CA ARG C 705 0.58 -27.76 -43.77
C ARG C 705 -0.09 -29.13 -43.74
N LYS C 706 0.30 -30.01 -44.66
CA LYS C 706 -0.22 -31.36 -44.73
C LYS C 706 0.06 -32.09 -43.41
N PRO C 707 -0.79 -33.07 -43.03
CA PRO C 707 -1.98 -33.63 -43.68
C PRO C 707 -3.21 -32.70 -43.72
N CYS C 708 -3.10 -31.52 -43.13
CA CYS C 708 -4.18 -30.53 -43.16
C CYS C 708 -5.44 -31.04 -42.48
N ASP C 709 -5.24 -31.82 -41.41
CA ASP C 709 -6.35 -32.41 -40.67
C ASP C 709 -6.75 -31.51 -39.50
N THR C 710 -6.03 -30.41 -39.30
CA THR C 710 -6.27 -29.52 -38.17
C THR C 710 -6.81 -28.17 -38.64
N MET C 711 -7.60 -27.54 -37.77
CA MET C 711 -8.18 -26.24 -38.11
C MET C 711 -8.39 -25.36 -36.90
N LYS C 712 -8.43 -24.05 -37.17
CA LYS C 712 -8.66 -23.03 -36.15
C LYS C 712 -10.14 -22.66 -36.07
N VAL C 713 -10.68 -22.71 -34.85
CA VAL C 713 -12.09 -22.35 -34.65
C VAL C 713 -12.27 -21.05 -33.89
N GLY C 714 -13.23 -20.24 -34.35
CA GLY C 714 -13.59 -19.00 -33.70
C GLY C 714 -12.51 -17.95 -33.79
N GLY C 715 -12.74 -16.84 -33.12
CA GLY C 715 -11.80 -15.73 -33.12
C GLY C 715 -10.66 -15.95 -32.15
N ASN C 716 -9.89 -14.90 -31.91
CA ASN C 716 -8.79 -14.96 -30.96
C ASN C 716 -9.24 -14.50 -29.59
N LEU C 717 -8.66 -15.13 -28.56
CA LEU C 717 -9.00 -14.83 -27.18
C LEU C 717 -8.55 -13.42 -26.80
N ASP C 718 -7.34 -13.06 -27.24
CA ASP C 718 -6.80 -11.73 -26.98
C ASP C 718 -6.10 -11.18 -28.22
N SER C 719 -5.85 -9.87 -28.26
CA SER C 719 -5.17 -9.27 -29.41
C SER C 719 -3.86 -8.64 -29.01
N LYS C 720 -2.76 -9.23 -29.49
CA LYS C 720 -1.41 -8.79 -29.17
C LYS C 720 -0.52 -8.98 -30.39
N GLY C 721 0.78 -8.75 -30.22
CA GLY C 721 1.71 -8.90 -31.32
C GLY C 721 3.10 -9.33 -30.92
N TYR C 722 3.89 -9.79 -31.90
CA TYR C 722 5.29 -10.10 -31.63
C TYR C 722 6.11 -8.83 -31.73
N GLY C 723 7.42 -8.93 -31.44
CA GLY C 723 8.29 -7.77 -31.52
C GLY C 723 9.75 -8.12 -31.38
N ILE C 724 10.60 -7.23 -31.89
CA ILE C 724 12.04 -7.38 -31.77
C ILE C 724 12.51 -6.69 -30.49
N ALA C 725 13.26 -7.41 -29.68
CA ALA C 725 13.64 -6.94 -28.35
C ALA C 725 15.09 -6.47 -28.26
N THR C 726 15.31 -5.36 -27.58
CA THR C 726 16.65 -4.80 -27.38
C THR C 726 16.81 -4.36 -25.93
N PRO C 727 18.02 -4.56 -25.36
CA PRO C 727 18.32 -4.15 -23.98
C PRO C 727 17.98 -2.68 -23.72
N LYS C 728 17.52 -2.39 -22.51
CA LYS C 728 17.07 -1.03 -22.18
C LYS C 728 18.22 -0.04 -22.24
N GLY C 729 18.04 1.02 -23.01
CA GLY C 729 19.05 2.06 -23.16
C GLY C 729 20.10 1.72 -24.21
N SER C 730 19.80 0.72 -25.04
CA SER C 730 20.68 0.36 -26.15
C SER C 730 20.51 1.33 -27.31
N SER C 731 21.56 1.49 -28.10
CA SER C 731 21.54 2.41 -29.23
C SER C 731 20.73 1.86 -30.40
N LEU C 732 20.54 0.54 -30.43
CA LEU C 732 19.90 -0.13 -31.56
C LEU C 732 18.37 0.06 -31.59
N GLY C 733 17.79 0.40 -30.44
CA GLY C 733 16.34 0.39 -30.28
C GLY C 733 15.56 1.25 -31.26
N THR C 734 15.88 2.53 -31.32
CA THR C 734 15.17 3.45 -32.20
C THR C 734 15.41 3.14 -33.69
N PRO C 735 16.67 2.86 -34.10
CA PRO C 735 16.85 2.45 -35.49
C PRO C 735 16.04 1.22 -35.87
N VAL C 736 16.07 0.19 -35.02
CA VAL C 736 15.32 -1.03 -35.27
C VAL C 736 13.83 -0.73 -35.39
N ASN C 737 13.31 0.07 -34.46
CA ASN C 737 11.89 0.45 -34.46
C ASN C 737 11.48 1.15 -35.77
N LEU C 738 12.24 2.18 -36.14
CA LEU C 738 11.99 2.92 -37.36
C LEU C 738 12.09 1.99 -38.58
N ALA C 739 12.98 1.01 -38.49
CA ALA C 739 13.15 0.03 -39.55
C ALA C 739 11.90 -0.84 -39.70
N VAL C 740 11.37 -1.30 -38.56
CA VAL C 740 10.16 -2.12 -38.55
C VAL C 740 9.00 -1.33 -39.12
N LEU C 741 8.92 -0.04 -38.77
CA LEU C 741 7.91 0.84 -39.34
C LEU C 741 8.05 0.95 -40.86
N LYS C 742 9.29 1.14 -41.31
CA LYS C 742 9.59 1.20 -42.72
C LYS C 742 9.09 -0.05 -43.44
N LEU C 743 9.48 -1.22 -42.94
CA LEU C 743 9.07 -2.50 -43.51
C LEU C 743 7.55 -2.68 -43.51
N SER C 744 6.91 -2.17 -42.46
CA SER C 744 5.46 -2.24 -42.33
C SER C 744 4.78 -1.45 -43.44
N GLU C 745 5.17 -0.19 -43.59
CA GLU C 745 4.58 0.68 -44.59
C GLU C 745 4.91 0.23 -46.02
N GLN C 746 6.10 -0.33 -46.19
CA GLN C 746 6.58 -0.79 -47.50
C GLN C 746 5.94 -2.10 -47.94
N GLY C 747 5.30 -2.78 -46.99
CA GLY C 747 4.59 -4.00 -47.28
C GLY C 747 5.50 -5.21 -47.25
N VAL C 748 6.72 -5.00 -46.74
CA VAL C 748 7.72 -6.06 -46.65
C VAL C 748 7.26 -7.18 -45.72
N LEU C 749 6.67 -6.79 -44.61
CA LEU C 749 6.20 -7.74 -43.61
C LEU C 749 5.09 -8.61 -44.20
N ASP C 750 4.12 -7.98 -44.86
CA ASP C 750 3.01 -8.69 -45.49
C ASP C 750 3.52 -9.73 -46.48
N LYS C 751 4.33 -9.29 -47.44
CA LYS C 751 4.88 -10.16 -48.45
C LYS C 751 5.71 -11.29 -47.85
N LEU C 752 6.40 -11.00 -46.75
CA LEU C 752 7.17 -12.02 -46.05
C LEU C 752 6.27 -13.10 -45.44
N LYS C 753 5.21 -12.69 -44.74
CA LYS C 753 4.29 -13.65 -44.16
C LYS C 753 3.63 -14.49 -45.26
N ASN C 754 3.21 -13.83 -46.32
CA ASN C 754 2.62 -14.54 -47.46
C ASN C 754 3.61 -15.53 -48.06
N LYS C 755 4.88 -15.16 -48.07
CA LYS C 755 5.95 -16.03 -48.53
C LYS C 755 6.04 -17.29 -47.69
N TRP C 756 6.21 -17.12 -46.39
CA TRP C 756 6.46 -18.28 -45.52
C TRP C 756 5.20 -19.07 -45.14
N TRP C 757 4.09 -18.38 -44.93
CA TRP C 757 2.86 -19.04 -44.52
C TRP C 757 2.09 -19.64 -45.69
N TYR C 758 1.52 -18.76 -46.52
CA TYR C 758 0.52 -19.11 -47.52
C TYR C 758 1.06 -19.58 -48.89
N ASP C 759 1.88 -18.76 -49.52
CA ASP C 759 2.31 -18.96 -50.92
C ASP C 759 2.79 -20.38 -51.23
N LYS C 760 3.70 -20.91 -50.42
CA LYS C 760 4.26 -22.23 -50.68
C LYS C 760 3.41 -23.31 -50.01
N GLY C 761 2.29 -22.88 -49.43
CA GLY C 761 1.37 -23.79 -48.78
C GLY C 761 0.86 -24.88 -49.71
N GLU C 762 1.06 -26.12 -49.30
CA GLU C 762 0.65 -27.28 -50.08
C GLU C 762 -0.87 -27.39 -50.15
N CYS C 763 -1.51 -27.24 -49.00
CA CYS C 763 -2.96 -27.21 -48.93
C CYS C 763 -3.48 -25.78 -48.96
N GLY C 764 -2.56 -24.83 -49.09
CA GLY C 764 -2.89 -23.41 -49.01
C GLY C 764 -3.92 -22.94 -50.02
N ALA C 765 -3.63 -23.14 -51.31
CA ALA C 765 -4.57 -22.81 -52.36
C ALA C 765 -5.79 -23.72 -52.23
N LYS C 766 -5.55 -24.95 -51.80
CA LYS C 766 -6.61 -25.90 -51.56
C LYS C 766 -7.53 -25.41 -50.45
N ASP C 767 -6.94 -24.94 -49.35
CA ASP C 767 -7.71 -24.42 -48.23
C ASP C 767 -8.45 -23.14 -48.60
N SER C 768 -7.87 -22.38 -49.53
CA SER C 768 -8.52 -21.18 -50.04
C SER C 768 -9.75 -21.57 -50.86
N GLY C 769 -9.63 -22.67 -51.61
CA GLY C 769 -10.73 -23.16 -52.42
C GLY C 769 -11.69 -24.05 -51.64
N SER C 770 -11.20 -24.67 -50.58
CA SER C 770 -12.00 -25.56 -49.75
C SER C 770 -12.63 -24.82 -48.57
N LYS C 771 -12.47 -23.50 -48.56
CA LYS C 771 -13.06 -22.65 -47.52
C LYS C 771 -14.55 -22.93 -47.36
N GLU C 772 -15.20 -23.26 -48.48
CA GLU C 772 -16.57 -23.76 -48.46
C GLU C 772 -16.65 -25.09 -49.20
N LYS C 773 -17.84 -25.64 -49.31
CA LYS C 773 -18.03 -26.90 -50.02
C LYS C 773 -19.49 -27.08 -50.45
N THR C 774 -19.80 -28.25 -51.01
CA THR C 774 -21.17 -28.57 -51.39
C THR C 774 -22.06 -28.66 -50.16
N SER C 775 -23.22 -28.02 -50.22
CA SER C 775 -24.11 -27.92 -49.07
C SER C 775 -24.69 -29.26 -48.64
N ALA C 776 -25.34 -29.95 -49.57
CA ALA C 776 -26.14 -31.12 -49.25
C ALA C 776 -26.28 -32.06 -50.44
N LEU C 777 -27.22 -33.00 -50.34
CA LEU C 777 -27.55 -33.93 -51.42
C LEU C 777 -26.40 -34.83 -51.83
N SER C 778 -25.83 -35.55 -50.86
CA SER C 778 -24.76 -36.51 -51.15
C SER C 778 -25.20 -37.50 -52.22
N LEU C 779 -24.41 -37.58 -53.29
CA LEU C 779 -24.71 -38.46 -54.42
C LEU C 779 -24.39 -39.91 -54.09
N SER C 780 -23.28 -40.09 -53.38
CA SER C 780 -22.76 -41.41 -53.02
C SER C 780 -23.80 -42.32 -52.37
N ASN C 781 -24.57 -41.79 -51.43
CA ASN C 781 -25.61 -42.58 -50.76
C ASN C 781 -26.70 -43.07 -51.71
N VAL C 782 -27.08 -42.22 -52.66
CA VAL C 782 -28.14 -42.53 -53.61
C VAL C 782 -27.62 -43.48 -54.69
N ALA C 783 -26.31 -43.43 -54.90
CA ALA C 783 -25.63 -44.27 -55.88
C ALA C 783 -25.98 -45.74 -55.68
N GLY C 784 -26.09 -46.17 -54.43
CA GLY C 784 -26.44 -47.55 -54.13
C GLY C 784 -27.79 -47.95 -54.67
N VAL C 785 -28.79 -47.09 -54.47
CA VAL C 785 -30.12 -47.33 -54.98
C VAL C 785 -30.14 -47.28 -56.50
N PHE C 786 -29.28 -46.44 -57.08
CA PHE C 786 -29.13 -46.43 -58.53
C PHE C 786 -28.56 -47.75 -59.05
N TYR C 787 -27.60 -48.30 -58.32
CA TYR C 787 -26.96 -49.56 -58.67
C TYR C 787 -27.94 -50.73 -58.55
N ILE C 788 -28.75 -50.73 -57.51
CA ILE C 788 -29.75 -51.78 -57.35
C ILE C 788 -30.87 -51.60 -58.39
N LEU C 789 -31.05 -50.37 -58.87
CA LEU C 789 -31.97 -50.12 -59.97
C LEU C 789 -31.48 -50.77 -61.25
N VAL C 790 -30.22 -50.48 -61.61
CA VAL C 790 -29.62 -51.06 -62.81
C VAL C 790 -29.57 -52.58 -62.71
N GLY C 791 -29.34 -53.08 -61.50
CA GLY C 791 -29.37 -54.51 -61.25
C GLY C 791 -30.76 -55.10 -61.47
N GLY C 792 -31.77 -54.38 -60.99
CA GLY C 792 -33.15 -54.79 -61.18
C GLY C 792 -33.55 -54.82 -62.64
N LEU C 793 -33.09 -53.83 -63.41
CA LEU C 793 -33.36 -53.79 -64.83
C LEU C 793 -32.61 -54.89 -65.57
N GLY C 794 -31.44 -55.26 -65.05
CA GLY C 794 -30.66 -56.35 -65.60
C GLY C 794 -31.36 -57.68 -65.41
N LEU C 795 -31.82 -57.93 -64.19
CA LEU C 795 -32.61 -59.13 -63.90
C LEU C 795 -33.88 -59.14 -64.73
N ALA C 796 -34.44 -57.96 -64.94
CA ALA C 796 -35.62 -57.79 -65.77
C ALA C 796 -35.34 -58.23 -67.21
N MET C 797 -34.18 -57.83 -67.73
CA MET C 797 -33.74 -58.24 -69.06
C MET C 797 -33.56 -59.75 -69.11
N LEU C 798 -33.04 -60.31 -68.02
CA LEU C 798 -32.84 -61.75 -67.92
C LEU C 798 -34.16 -62.52 -68.02
N VAL C 799 -35.15 -62.09 -67.23
CA VAL C 799 -36.47 -62.72 -67.24
C VAL C 799 -37.14 -62.55 -68.59
N ALA C 800 -37.01 -61.35 -69.16
CA ALA C 800 -37.55 -61.05 -70.48
C ALA C 800 -36.96 -61.97 -71.54
N LEU C 801 -35.69 -62.32 -71.37
CA LEU C 801 -35.03 -63.23 -72.31
C LEU C 801 -35.44 -64.68 -72.12
N ILE C 802 -35.47 -65.15 -70.87
CA ILE C 802 -35.83 -66.54 -70.60
C ILE C 802 -37.30 -66.83 -70.90
N GLU C 803 -38.15 -65.81 -70.82
CA GLU C 803 -39.57 -66.00 -71.14
C GLU C 803 -39.79 -66.24 -72.63
N PHE C 804 -39.31 -65.32 -73.45
CA PHE C 804 -39.48 -65.42 -74.90
C PHE C 804 -38.49 -66.42 -75.50
N ASN D 1 71.85 0.24 40.66
CA ASN D 1 71.25 -0.22 39.41
C ASN D 1 70.32 0.82 38.78
N SER D 2 70.84 2.03 38.55
CA SER D 2 70.06 3.10 37.94
C SER D 2 70.07 3.01 36.42
N ILE D 3 68.88 2.93 35.84
CA ILE D 3 68.72 2.84 34.39
C ILE D 3 68.10 4.12 33.83
N GLN D 4 68.90 4.88 33.09
CA GLN D 4 68.43 6.13 32.51
C GLN D 4 67.64 5.89 31.23
N ILE D 5 66.38 6.32 31.23
CA ILE D 5 65.54 6.21 30.04
C ILE D 5 64.86 7.55 29.76
N GLY D 6 65.03 8.05 28.54
CA GLY D 6 64.40 9.29 28.16
C GLY D 6 62.94 9.08 27.84
N GLY D 7 62.16 10.16 27.90
CA GLY D 7 60.75 10.07 27.54
C GLY D 7 60.21 11.37 27.01
N LEU D 8 59.20 11.25 26.15
CA LEU D 8 58.63 12.39 25.44
C LEU D 8 57.12 12.42 25.57
N PHE D 9 56.62 13.43 26.27
CA PHE D 9 55.18 13.60 26.44
C PHE D 9 54.70 14.87 25.74
N PRO D 10 53.78 14.73 24.77
CA PRO D 10 53.18 15.87 24.09
C PRO D 10 52.48 16.77 25.10
N ARG D 11 52.68 18.08 25.00
CA ARG D 11 52.03 19.01 25.93
C ARG D 11 50.52 18.84 25.86
N GLY D 12 49.89 18.66 27.02
CA GLY D 12 48.47 18.41 27.07
C GLY D 12 48.15 16.94 27.31
N ALA D 13 49.18 16.11 27.35
CA ALA D 13 48.99 14.71 27.71
C ALA D 13 49.22 14.55 29.20
N ASP D 14 48.13 14.28 29.92
CA ASP D 14 48.18 14.22 31.37
C ASP D 14 47.99 12.80 31.88
N GLN D 15 46.82 12.22 31.59
CA GLN D 15 46.51 10.87 32.03
C GLN D 15 47.57 9.86 31.59
N GLU D 16 48.22 10.15 30.47
CA GLU D 16 49.30 9.30 29.98
C GLU D 16 50.48 9.32 30.96
N TYR D 17 50.88 10.52 31.36
CA TYR D 17 51.99 10.68 32.30
C TYR D 17 51.61 10.15 33.68
N SER D 18 50.34 10.27 34.02
CA SER D 18 49.80 9.75 35.27
C SER D 18 49.92 8.24 35.32
N ALA D 19 49.43 7.58 34.27
CA ALA D 19 49.51 6.12 34.16
C ALA D 19 50.97 5.69 34.05
N PHE D 20 51.81 6.58 33.54
CA PHE D 20 53.23 6.33 33.42
C PHE D 20 53.88 6.26 34.81
N ARG D 21 53.55 7.23 35.66
CA ARG D 21 54.07 7.24 37.02
C ARG D 21 53.50 6.09 37.84
N VAL D 22 52.22 5.78 37.62
CA VAL D 22 51.58 4.65 38.30
C VAL D 22 52.27 3.35 37.91
N GLY D 23 52.61 3.22 36.63
CA GLY D 23 53.34 2.07 36.15
C GLY D 23 54.71 2.00 36.79
N MET D 24 55.35 3.16 36.96
CA MET D 24 56.65 3.22 37.63
C MET D 24 56.57 2.78 39.09
N VAL D 25 55.50 3.17 39.77
CA VAL D 25 55.34 2.84 41.18
C VAL D 25 55.04 1.36 41.38
N GLN D 26 54.12 0.83 40.56
CA GLN D 26 53.70 -0.57 40.71
C GLN D 26 54.75 -1.56 40.25
N PHE D 27 55.45 -1.25 39.17
CA PHE D 27 56.44 -2.17 38.61
C PHE D 27 57.86 -1.93 39.13
N SER D 28 57.99 -1.00 40.08
CA SER D 28 59.28 -0.75 40.73
C SER D 28 59.77 -2.01 41.45
N THR D 29 61.08 -2.22 41.45
CA THR D 29 61.66 -3.40 42.09
C THR D 29 62.97 -3.07 42.80
N SER D 30 63.34 -3.92 43.76
CA SER D 30 64.55 -3.73 44.54
C SER D 30 65.81 -3.98 43.71
N GLU D 31 65.69 -4.82 42.69
CA GLU D 31 66.80 -5.20 41.83
C GLU D 31 67.37 -4.01 41.08
N PHE D 32 66.51 -3.32 40.34
CA PHE D 32 66.93 -2.15 39.58
C PHE D 32 65.84 -1.08 39.62
N ARG D 33 66.22 0.16 39.36
CA ARG D 33 65.27 1.27 39.35
C ARG D 33 65.46 2.13 38.11
N LEU D 34 64.37 2.31 37.36
CA LEU D 34 64.39 3.13 36.16
C LEU D 34 64.40 4.61 36.53
N THR D 35 65.26 5.39 35.86
CA THR D 35 65.35 6.82 36.15
C THR D 35 65.02 7.65 34.92
N PRO D 36 63.72 7.94 34.73
CA PRO D 36 63.24 8.68 33.56
C PRO D 36 63.56 10.17 33.59
N HIS D 37 63.89 10.73 32.43
CA HIS D 37 63.96 12.18 32.30
C HIS D 37 62.88 12.68 31.34
N ILE D 38 61.86 13.34 31.91
CA ILE D 38 60.73 13.80 31.11
C ILE D 38 60.92 15.22 30.58
N ASP D 39 60.65 15.41 29.30
CA ASP D 39 60.66 16.75 28.69
C ASP D 39 59.42 16.88 27.80
N ASN D 40 58.57 17.85 28.12
CA ASN D 40 57.35 18.08 27.36
C ASN D 40 57.60 18.94 26.13
N LEU D 41 56.99 18.57 25.01
CA LEU D 41 57.22 19.25 23.73
C LEU D 41 56.01 19.22 22.82
N GLU D 42 56.15 19.82 21.64
CA GLU D 42 55.13 19.74 20.61
C GLU D 42 55.42 18.54 19.73
N VAL D 43 54.57 17.52 19.83
CA VAL D 43 54.82 16.23 19.20
C VAL D 43 54.78 16.33 17.68
N ALA D 44 54.00 17.27 17.16
CA ALA D 44 53.89 17.45 15.72
C ALA D 44 55.10 18.20 15.17
N ASN D 45 55.81 18.91 16.04
CA ASN D 45 56.98 19.68 15.62
C ASN D 45 58.20 18.77 15.46
N SER D 46 58.74 18.72 14.24
CA SER D 46 59.89 17.88 13.96
C SER D 46 61.15 18.44 14.62
N PHE D 47 61.31 19.75 14.60
CA PHE D 47 62.46 20.40 15.22
C PHE D 47 62.52 20.10 16.71
N ALA D 48 61.38 20.25 17.38
CA ALA D 48 61.28 20.01 18.81
C ALA D 48 61.61 18.55 19.14
N VAL D 49 61.06 17.64 18.34
CA VAL D 49 61.32 16.22 18.51
C VAL D 49 62.79 15.88 18.34
N THR D 50 63.40 16.41 17.28
CA THR D 50 64.82 16.20 17.03
C THR D 50 65.66 16.71 18.21
N ASN D 51 65.38 17.93 18.65
CA ASN D 51 66.10 18.54 19.75
C ASN D 51 65.99 17.72 21.03
N ALA D 52 64.77 17.30 21.36
CA ALA D 52 64.53 16.51 22.56
C ALA D 52 65.21 15.16 22.48
N PHE D 53 65.17 14.55 21.30
CA PHE D 53 65.76 13.25 21.06
C PHE D 53 67.28 13.30 21.23
N CYS D 54 67.91 14.31 20.62
CA CYS D 54 69.35 14.48 20.76
C CYS D 54 69.74 14.85 22.19
N SER D 55 68.83 15.54 22.88
CA SER D 55 69.02 15.85 24.29
C SER D 55 69.09 14.57 25.12
N GLN D 56 68.11 13.67 24.90
CA GLN D 56 68.10 12.39 25.59
C GLN D 56 69.31 11.55 25.21
N PHE D 57 69.71 11.63 23.95
CA PHE D 57 70.84 10.86 23.43
C PHE D 57 72.15 11.27 24.10
N SER D 58 72.43 12.57 24.13
CA SER D 58 73.66 13.07 24.73
C SER D 58 73.74 12.76 26.22
N ARG D 59 72.58 12.67 26.87
CA ARG D 59 72.50 12.28 28.28
C ARG D 59 72.81 10.79 28.45
N GLY D 60 72.83 10.07 27.33
CA GLY D 60 73.17 8.65 27.36
C GLY D 60 72.09 7.75 27.93
N VAL D 61 70.87 7.90 27.43
CA VAL D 61 69.77 7.05 27.85
C VAL D 61 69.83 5.69 27.14
N TYR D 62 69.38 4.64 27.83
CA TYR D 62 69.41 3.30 27.27
C TYR D 62 68.16 3.00 26.45
N ALA D 63 67.12 3.79 26.64
CA ALA D 63 65.88 3.64 25.89
C ALA D 63 65.07 4.93 25.92
N ILE D 64 64.16 5.09 24.98
CA ILE D 64 63.27 6.25 24.96
C ILE D 64 61.82 5.83 24.79
N PHE D 65 60.94 6.34 25.65
CA PHE D 65 59.52 6.10 25.49
C PHE D 65 58.82 7.41 25.12
N GLY D 66 58.04 7.40 24.04
CA GLY D 66 57.46 8.64 23.56
C GLY D 66 56.30 8.50 22.59
N PHE D 67 55.96 9.60 21.93
CA PHE D 67 54.87 9.64 20.97
C PHE D 67 55.33 10.36 19.70
N TYR D 68 54.65 10.11 18.58
CA TYR D 68 54.91 10.86 17.35
C TYR D 68 53.64 11.19 16.59
N ASP D 69 53.76 12.07 15.61
CA ASP D 69 52.64 12.44 14.76
C ASP D 69 53.00 12.09 13.33
N LYS D 70 52.05 12.21 12.41
CA LYS D 70 52.30 11.92 11.00
C LYS D 70 53.47 12.75 10.47
N LYS D 71 53.68 13.92 11.06
CA LYS D 71 54.78 14.79 10.67
C LYS D 71 56.12 14.32 11.24
N SER D 72 56.12 14.01 12.53
CA SER D 72 57.35 13.75 13.27
C SER D 72 57.84 12.29 13.27
N VAL D 73 56.98 11.37 12.85
CA VAL D 73 57.27 9.94 13.00
C VAL D 73 58.51 9.52 12.22
N ASN D 74 58.77 10.16 11.07
CA ASN D 74 59.94 9.84 10.27
C ASN D 74 61.24 10.24 10.96
N THR D 75 61.19 11.34 11.70
CA THR D 75 62.33 11.77 12.50
C THR D 75 62.68 10.71 13.53
N ILE D 76 61.68 10.26 14.28
CA ILE D 76 61.88 9.21 15.27
C ILE D 76 62.41 7.92 14.65
N THR D 77 61.76 7.44 13.59
CA THR D 77 62.19 6.19 12.97
C THR D 77 63.62 6.27 12.43
N SER D 78 63.94 7.35 11.73
CA SER D 78 65.26 7.50 11.14
C SER D 78 66.36 7.66 12.20
N PHE D 79 66.10 8.50 13.20
CA PHE D 79 67.08 8.76 14.24
C PHE D 79 67.29 7.55 15.16
N CYS D 80 66.20 6.92 15.57
CA CYS D 80 66.29 5.70 16.39
C CYS D 80 66.93 4.57 15.61
N GLY D 81 66.70 4.55 14.30
CA GLY D 81 67.29 3.52 13.45
C GLY D 81 68.79 3.72 13.24
N THR D 82 69.21 4.97 13.12
CA THR D 82 70.62 5.27 12.88
C THR D 82 71.46 5.18 14.14
N LEU D 83 70.98 5.80 15.22
CA LEU D 83 71.74 5.85 16.46
C LEU D 83 71.51 4.62 17.33
N HIS D 84 70.71 3.69 16.84
CA HIS D 84 70.44 2.41 17.50
C HIS D 84 69.82 2.56 18.90
N VAL D 85 68.97 3.56 19.08
CA VAL D 85 68.29 3.76 20.34
C VAL D 85 66.88 3.19 20.25
N SER D 86 66.51 2.37 21.24
CA SER D 86 65.20 1.74 21.25
C SER D 86 64.10 2.73 21.61
N PHE D 87 63.02 2.71 20.84
CA PHE D 87 61.91 3.65 21.04
C PHE D 87 60.59 2.91 21.25
N ILE D 88 59.92 3.20 22.36
CA ILE D 88 58.63 2.59 22.67
C ILE D 88 57.52 3.63 22.59
N THR D 89 56.49 3.35 21.79
CA THR D 89 55.42 4.31 21.64
C THR D 89 54.02 3.66 21.58
N PRO D 90 53.04 4.26 22.27
CA PRO D 90 51.62 3.94 22.17
C PRO D 90 50.98 4.43 20.87
N SER D 91 51.66 5.35 20.20
CA SER D 91 51.14 6.00 19.00
C SER D 91 51.03 5.03 17.83
N PHE D 92 50.31 5.45 16.80
CA PHE D 92 49.92 4.61 15.66
C PHE D 92 51.08 3.82 15.08
N PRO D 93 50.82 2.58 14.65
CA PRO D 93 51.85 1.71 14.07
C PRO D 93 52.40 2.26 12.76
N THR D 94 53.70 2.16 12.59
CA THR D 94 54.34 2.59 11.36
C THR D 94 54.08 1.57 10.26
N ASP D 95 53.90 2.05 9.03
CA ASP D 95 53.73 1.14 7.91
C ASP D 95 55.11 0.89 7.31
N GLY D 96 55.60 -0.33 7.51
CA GLY D 96 56.95 -0.67 7.07
C GLY D 96 57.66 -1.66 7.97
N THR D 97 58.95 -1.82 7.70
CA THR D 97 59.84 -2.71 8.46
C THR D 97 60.69 -1.97 9.49
N HIS D 98 60.36 -0.70 9.76
CA HIS D 98 61.17 0.14 10.63
C HIS D 98 61.59 -0.49 11.97
N PRO D 99 62.92 -0.64 12.15
CA PRO D 99 63.65 -1.16 13.31
C PRO D 99 63.80 -0.17 14.46
N PHE D 100 64.15 -0.69 15.63
CA PHE D 100 64.42 0.10 16.82
C PHE D 100 63.20 0.90 17.26
N VAL D 101 62.03 0.38 16.93
CA VAL D 101 60.78 0.97 17.38
C VAL D 101 59.87 -0.11 17.92
N ILE D 102 59.38 0.08 19.13
CA ILE D 102 58.45 -0.86 19.71
C ILE D 102 57.07 -0.22 19.79
N GLN D 103 56.17 -0.67 18.92
CA GLN D 103 54.85 -0.07 18.83
C GLN D 103 53.85 -0.82 19.68
N MET D 104 53.41 -0.17 20.75
CA MET D 104 52.47 -0.75 21.71
C MET D 104 51.08 -0.92 21.10
N ARG D 105 50.71 -0.01 20.21
CA ARG D 105 49.41 -0.06 19.57
C ARG D 105 49.30 -1.19 18.57
N PRO D 106 48.26 -2.03 18.71
CA PRO D 106 47.92 -3.10 17.76
C PRO D 106 47.38 -2.57 16.43
N ASP D 107 47.46 -3.38 15.39
CA ASP D 107 46.96 -2.98 14.08
C ASP D 107 45.45 -3.21 13.98
N LEU D 108 44.71 -2.15 13.67
CA LEU D 108 43.25 -2.21 13.64
C LEU D 108 42.65 -2.64 12.30
N LYS D 109 43.46 -2.62 11.25
CA LYS D 109 42.99 -2.84 9.88
C LYS D 109 42.16 -4.13 9.71
N GLY D 110 42.75 -5.26 10.12
CA GLY D 110 42.09 -6.54 9.99
C GLY D 110 40.76 -6.58 10.72
N ALA D 111 40.76 -6.09 11.95
CA ALA D 111 39.55 -6.03 12.77
C ALA D 111 38.46 -5.19 12.09
N LEU D 112 38.84 -4.03 11.58
CA LEU D 112 37.90 -3.13 10.92
C LEU D 112 37.29 -3.78 9.69
N LEU D 113 38.15 -4.31 8.82
CA LEU D 113 37.70 -4.94 7.58
C LEU D 113 36.81 -6.15 7.85
N SER D 114 37.21 -6.95 8.85
CA SER D 114 36.42 -8.11 9.26
C SER D 114 35.07 -7.67 9.81
N LEU D 115 35.03 -6.50 10.45
CA LEU D 115 33.78 -5.96 10.96
C LEU D 115 32.87 -5.50 9.83
N ILE D 116 33.44 -4.85 8.83
CA ILE D 116 32.69 -4.43 7.65
C ILE D 116 32.10 -5.64 6.95
N GLU D 117 32.90 -6.69 6.82
CA GLU D 117 32.43 -7.92 6.20
C GLU D 117 31.34 -8.56 7.07
N TYR D 118 31.46 -8.40 8.39
CA TYR D 118 30.50 -8.98 9.33
C TYR D 118 29.13 -8.33 9.18
N TYR D 119 29.11 -7.01 9.02
CA TYR D 119 27.86 -6.28 8.82
C TYR D 119 27.43 -6.35 7.37
N GLN D 120 28.27 -6.97 6.54
CA GLN D 120 27.98 -7.15 5.12
C GLN D 120 27.69 -5.84 4.43
N TRP D 121 28.62 -4.88 4.55
CA TRP D 121 28.41 -3.56 3.97
C TRP D 121 28.95 -3.48 2.55
N ASP D 122 28.04 -3.36 1.59
CA ASP D 122 28.41 -3.20 0.19
C ASP D 122 28.76 -1.74 -0.08
N LYS D 123 28.00 -0.83 0.51
CA LYS D 123 28.20 0.60 0.31
C LYS D 123 28.12 1.35 1.63
N PHE D 124 29.07 2.25 1.85
CA PHE D 124 29.11 3.08 3.05
C PHE D 124 29.90 4.36 2.83
N ALA D 125 29.99 5.17 3.87
CA ALA D 125 30.77 6.41 3.82
C ALA D 125 31.93 6.34 4.80
N TYR D 126 33.10 6.80 4.37
CA TYR D 126 34.30 6.70 5.18
C TYR D 126 34.86 8.08 5.49
N LEU D 127 34.81 8.45 6.76
CA LEU D 127 35.31 9.75 7.21
C LEU D 127 36.64 9.56 7.93
N TYR D 128 37.69 10.19 7.39
CA TYR D 128 39.04 9.98 7.91
C TYR D 128 39.76 11.30 8.11
N ASP D 129 40.89 11.26 8.82
CA ASP D 129 41.77 12.41 8.96
C ASP D 129 43.22 12.03 8.71
N SER D 130 44.06 13.05 8.49
CA SER D 130 45.45 12.86 8.12
C SER D 130 46.39 12.78 9.33
N ASP D 131 45.83 12.61 10.52
CA ASP D 131 46.62 12.66 11.74
C ASP D 131 47.38 11.35 11.98
N ARG D 132 46.68 10.23 11.92
CA ARG D 132 47.31 8.93 12.14
C ARG D 132 47.83 8.31 10.85
N GLY D 133 47.70 9.03 9.74
CA GLY D 133 48.15 8.54 8.45
C GLY D 133 47.02 7.91 7.65
N LEU D 134 47.26 7.72 6.37
CA LEU D 134 46.23 7.23 5.45
C LEU D 134 46.25 5.73 5.21
N SER D 135 47.09 5.02 5.97
CA SER D 135 47.26 3.57 5.82
C SER D 135 45.94 2.79 5.80
N THR D 136 45.09 3.03 6.80
CA THR D 136 43.78 2.39 6.86
C THR D 136 42.95 2.73 5.64
N LEU D 137 42.99 3.99 5.23
CA LEU D 137 42.28 4.46 4.05
C LEU D 137 42.71 3.68 2.82
N GLN D 138 44.04 3.61 2.60
CA GLN D 138 44.59 2.82 1.50
C GLN D 138 44.07 1.38 1.56
N ALA D 139 44.08 0.82 2.78
CA ALA D 139 43.66 -0.56 2.98
C ALA D 139 42.21 -0.79 2.55
N VAL D 140 41.30 0.02 3.08
CA VAL D 140 39.88 -0.14 2.80
C VAL D 140 39.54 0.24 1.36
N LEU D 141 40.35 1.09 0.75
CA LEU D 141 40.17 1.44 -0.66
C LEU D 141 40.58 0.27 -1.54
N ASP D 142 41.70 -0.36 -1.20
CA ASP D 142 42.17 -1.52 -1.94
C ASP D 142 41.20 -2.70 -1.78
N SER D 143 40.64 -2.85 -0.58
CA SER D 143 39.68 -3.92 -0.33
C SER D 143 38.35 -3.61 -1.03
N ALA D 144 38.06 -2.33 -1.22
CA ALA D 144 36.89 -1.90 -1.98
C ALA D 144 37.08 -2.18 -3.46
N ALA D 145 38.32 -1.99 -3.92
CA ALA D 145 38.69 -2.25 -5.30
C ALA D 145 38.66 -3.75 -5.57
N GLU D 146 39.01 -4.54 -4.57
CA GLU D 146 38.98 -6.00 -4.72
C GLU D 146 37.54 -6.44 -4.84
N LYS D 147 36.68 -5.93 -3.95
CA LYS D 147 35.26 -6.22 -4.05
C LYS D 147 34.51 -5.12 -4.80
N LYS D 148 33.23 -5.39 -5.04
CA LYS D 148 32.29 -4.45 -5.66
C LYS D 148 32.03 -3.15 -4.89
N TRP D 149 32.60 -3.03 -3.69
CA TRP D 149 32.24 -1.94 -2.77
C TRP D 149 32.23 -0.53 -3.33
N GLN D 150 31.23 0.24 -2.93
CA GLN D 150 31.17 1.67 -3.22
C GLN D 150 31.47 2.45 -1.95
N VAL D 151 32.66 3.06 -1.89
CA VAL D 151 33.08 3.74 -0.68
C VAL D 151 33.28 5.22 -0.97
N THR D 152 32.70 6.08 -0.13
CA THR D 152 32.89 7.50 -0.29
C THR D 152 33.92 8.01 0.70
N ALA D 153 35.10 8.35 0.20
CA ALA D 153 36.21 8.78 1.06
C ALA D 153 36.23 10.29 1.19
N ILE D 154 36.07 10.77 2.42
CA ILE D 154 35.99 12.20 2.69
C ILE D 154 36.91 12.59 3.84
N ASN D 155 37.79 13.56 3.59
CA ASN D 155 38.77 13.98 4.59
C ASN D 155 38.20 15.09 5.47
N VAL D 156 38.01 14.76 6.74
CA VAL D 156 37.47 15.69 7.72
C VAL D 156 38.57 16.38 8.52
N GLY D 157 39.81 16.00 8.23
CA GLY D 157 40.96 16.50 8.95
C GLY D 157 41.42 17.88 8.53
N ASN D 158 41.16 18.24 7.28
CA ASN D 158 41.63 19.51 6.73
C ASN D 158 40.70 20.67 7.05
N ILE D 159 39.62 20.39 7.76
CA ILE D 159 38.66 21.42 8.15
C ILE D 159 39.06 22.15 9.43
N ASN D 160 39.25 23.47 9.34
CA ASN D 160 39.62 24.27 10.49
C ASN D 160 38.45 24.47 11.46
N ASN D 161 38.74 24.36 12.75
CA ASN D 161 37.70 24.39 13.78
C ASN D 161 37.03 25.76 13.94
N ASP D 162 37.73 26.81 13.58
CA ASP D 162 37.19 28.17 13.71
C ASP D 162 36.01 28.40 12.79
N LYS D 163 36.15 28.00 11.52
CA LYS D 163 35.11 28.22 10.54
C LYS D 163 34.18 27.03 10.33
N LYS D 164 34.38 25.94 11.09
CA LYS D 164 33.60 24.75 10.82
C LYS D 164 32.26 24.72 11.54
N ASP D 165 31.21 25.06 10.78
CA ASP D 165 29.83 24.87 11.21
C ASP D 165 29.07 24.24 10.05
N GLU D 166 28.95 25.04 8.99
CA GLU D 166 28.20 24.68 7.78
C GLU D 166 28.95 23.68 6.92
N THR D 167 30.25 23.53 7.16
CA THR D 167 31.05 22.56 6.43
C THR D 167 30.51 21.15 6.66
N TYR D 168 30.12 20.87 7.89
CA TYR D 168 29.57 19.56 8.25
C TYR D 168 28.15 19.38 7.72
N ARG D 169 27.38 20.46 7.73
CA ARG D 169 26.02 20.43 7.20
C ARG D 169 26.05 20.14 5.70
N SER D 170 27.01 20.75 5.02
CA SER D 170 27.19 20.53 3.58
C SER D 170 27.69 19.13 3.34
N LEU D 171 28.58 18.67 4.22
CA LEU D 171 29.10 17.32 4.17
C LEU D 171 27.98 16.28 4.21
N PHE D 172 27.16 16.35 5.26
CA PHE D 172 26.09 15.38 5.44
C PHE D 172 24.91 15.62 4.50
N GLN D 173 24.85 16.80 3.90
CA GLN D 173 23.89 17.05 2.84
C GLN D 173 24.31 16.24 1.61
N ASP D 174 25.59 16.38 1.26
CA ASP D 174 26.17 15.61 0.16
C ASP D 174 26.08 14.11 0.45
N LEU D 175 26.14 13.74 1.72
CA LEU D 175 25.99 12.34 2.11
C LEU D 175 24.53 11.91 2.04
N GLU D 176 23.62 12.87 2.16
CA GLU D 176 22.20 12.58 2.04
C GLU D 176 21.84 12.41 0.57
N LEU D 177 22.62 13.06 -0.31
CA LEU D 177 22.41 12.96 -1.75
C LEU D 177 22.39 11.50 -2.18
N LYS D 178 23.39 10.75 -1.72
CA LYS D 178 23.52 9.35 -2.08
C LYS D 178 22.68 8.47 -1.17
N GLY D 179 22.02 9.07 -0.17
CA GLY D 179 21.18 8.31 0.72
C GLY D 179 21.99 7.46 1.68
N GLU D 180 23.28 7.73 1.78
CA GLU D 180 24.18 6.89 2.57
C GLU D 180 23.90 6.97 4.07
N ARG D 181 23.62 5.80 4.64
CA ARG D 181 23.27 5.67 6.05
C ARG D 181 24.46 5.12 6.82
N ARG D 182 24.89 3.92 6.43
CA ARG D 182 26.08 3.31 7.00
C ARG D 182 27.29 4.24 6.83
N VAL D 183 27.93 4.58 7.94
CA VAL D 183 29.06 5.51 7.93
C VAL D 183 30.16 5.06 8.88
N ILE D 184 31.40 5.10 8.41
CA ILE D 184 32.54 4.76 9.25
C ILE D 184 33.37 5.99 9.60
N LEU D 185 33.58 6.20 10.89
CA LEU D 185 34.40 7.29 11.37
C LEU D 185 35.78 6.79 11.78
N ASP D 186 36.80 7.14 11.01
CA ASP D 186 38.16 6.88 11.42
C ASP D 186 38.76 8.22 11.78
N CYS D 187 38.90 8.48 13.08
CA CYS D 187 39.28 9.81 13.55
C CYS D 187 39.86 9.82 14.97
N GLU D 188 40.49 10.93 15.31
CA GLU D 188 40.92 11.20 16.67
C GLU D 188 39.69 11.48 17.53
N ARG D 189 39.78 11.18 18.82
CA ARG D 189 38.62 11.23 19.72
C ARG D 189 37.88 12.58 19.70
N ASP D 190 38.65 13.65 19.56
CA ASP D 190 38.07 14.99 19.49
C ASP D 190 37.23 15.17 18.23
N LYS D 191 37.82 14.87 17.07
CA LYS D 191 37.12 14.95 15.80
C LYS D 191 35.91 14.02 15.80
N VAL D 192 36.06 12.87 16.44
CA VAL D 192 34.96 11.93 16.61
C VAL D 192 33.81 12.62 17.33
N ASN D 193 34.11 13.21 18.49
CA ASN D 193 33.11 13.91 19.27
C ASN D 193 32.42 15.03 18.50
N ASP D 194 33.21 15.82 17.78
CA ASP D 194 32.68 16.89 16.94
C ASP D 194 31.70 16.37 15.90
N ILE D 195 32.14 15.38 15.13
CA ILE D 195 31.31 14.80 14.09
C ILE D 195 30.03 14.19 14.66
N VAL D 196 30.15 13.51 15.80
CA VAL D 196 28.99 12.94 16.47
C VAL D 196 27.99 14.03 16.88
N ASP D 197 28.47 15.08 17.55
CA ASP D 197 27.61 16.19 17.95
C ASP D 197 26.91 16.81 16.75
N GLN D 198 27.64 16.98 15.65
CA GLN D 198 27.06 17.51 14.43
C GLN D 198 25.99 16.57 13.88
N VAL D 199 26.21 15.26 14.07
CA VAL D 199 25.23 14.27 13.62
C VAL D 199 23.94 14.39 14.43
N ILE D 200 24.08 14.55 15.75
CA ILE D 200 22.92 14.71 16.62
C ILE D 200 22.16 15.99 16.30
N THR D 201 22.90 17.04 15.97
CA THR D 201 22.28 18.34 15.68
C THR D 201 21.37 18.28 14.45
N ILE D 202 21.83 17.63 13.39
CA ILE D 202 21.04 17.51 12.16
C ILE D 202 20.10 16.32 12.23
N GLY D 203 20.13 15.62 13.36
CA GLY D 203 19.23 14.51 13.62
C GLY D 203 19.40 13.29 12.75
N LYS D 204 20.64 12.97 12.41
CA LYS D 204 20.92 11.77 11.64
C LYS D 204 21.33 10.61 12.55
N HIS D 205 21.25 10.83 13.86
CA HIS D 205 21.60 9.81 14.84
C HIS D 205 20.38 8.97 15.23
N VAL D 206 19.26 9.19 14.54
CA VAL D 206 18.05 8.37 14.74
C VAL D 206 18.17 6.99 14.10
N LYS D 207 17.14 6.18 14.25
CA LYS D 207 17.12 4.83 13.69
C LYS D 207 17.28 4.86 12.17
N GLY D 208 17.93 3.82 11.64
CA GLY D 208 18.16 3.70 10.21
C GLY D 208 19.59 4.02 9.85
N TYR D 209 20.31 4.66 10.78
CA TYR D 209 21.70 5.00 10.57
C TYR D 209 22.60 4.05 11.35
N HIS D 210 23.73 3.68 10.77
CA HIS D 210 24.68 2.79 11.43
C HIS D 210 26.09 3.39 11.37
N TYR D 211 26.65 3.66 12.54
CA TYR D 211 27.98 4.27 12.62
C TYR D 211 29.04 3.31 13.14
N ILE D 212 30.21 3.32 12.51
CA ILE D 212 31.34 2.52 12.97
C ILE D 212 32.52 3.39 13.36
N ILE D 213 32.83 3.43 14.66
CA ILE D 213 33.95 4.20 15.17
C ILE D 213 35.24 3.39 15.12
N ALA D 214 36.21 3.86 14.36
CA ALA D 214 37.47 3.15 14.23
C ALA D 214 38.54 3.76 15.11
N ASN D 215 38.83 3.05 16.20
CA ASN D 215 39.87 3.36 17.17
C ASN D 215 39.81 2.32 18.28
N LEU D 216 40.77 2.36 19.20
CA LEU D 216 40.77 1.40 20.29
C LEU D 216 40.05 1.97 21.50
N GLY D 217 39.53 3.19 21.33
CA GLY D 217 38.93 3.97 22.39
C GLY D 217 37.42 4.08 22.45
N PHE D 218 36.72 3.09 21.90
CA PHE D 218 35.25 3.15 21.76
C PHE D 218 34.51 3.57 23.04
N THR D 219 34.97 3.09 24.19
CA THR D 219 34.35 3.45 25.45
C THR D 219 35.07 4.60 26.14
N ASP D 220 36.13 5.11 25.52
CA ASP D 220 36.89 6.22 26.09
C ASP D 220 36.19 7.54 25.84
N GLY D 221 35.43 7.63 24.75
CA GLY D 221 34.70 8.84 24.44
C GLY D 221 33.31 8.78 25.03
N ASP D 222 32.58 9.90 25.00
CA ASP D 222 31.24 9.93 25.56
C ASP D 222 30.25 9.29 24.59
N LEU D 223 29.65 8.19 25.02
CA LEU D 223 28.65 7.51 24.20
C LEU D 223 27.22 7.83 24.63
N LEU D 224 27.09 8.58 25.72
CA LEU D 224 25.77 8.87 26.28
C LEU D 224 24.97 9.75 25.33
N LYS D 225 25.69 10.50 24.50
CA LYS D 225 25.07 11.42 23.56
C LYS D 225 24.17 10.70 22.57
N ILE D 226 24.72 9.71 21.87
CA ILE D 226 23.96 8.98 20.87
C ILE D 226 23.39 7.66 21.38
N GLN D 227 23.58 7.39 22.68
CA GLN D 227 23.15 6.12 23.25
C GLN D 227 21.65 5.91 23.13
N PHE D 228 20.89 6.99 23.34
CA PHE D 228 19.43 6.90 23.32
C PHE D 228 18.87 7.29 21.95
N GLY D 229 19.76 7.63 21.02
CA GLY D 229 19.34 8.11 19.71
C GLY D 229 18.58 7.10 18.86
N GLY D 230 18.85 5.82 19.08
CA GLY D 230 18.16 4.78 18.35
C GLY D 230 18.89 4.34 17.11
N ALA D 231 20.11 4.84 16.91
CA ALA D 231 20.94 4.40 15.80
C ALA D 231 21.98 3.41 16.28
N GLU D 232 22.25 2.40 15.46
CA GLU D 232 23.25 1.41 15.81
C GLU D 232 24.66 2.01 15.70
N VAL D 233 25.47 1.75 16.73
CA VAL D 233 26.86 2.19 16.73
C VAL D 233 27.76 1.02 17.13
N SER D 234 28.84 0.82 16.37
CA SER D 234 29.78 -0.25 16.64
C SER D 234 31.21 0.27 16.75
N GLY D 235 32.05 -0.45 17.48
CA GLY D 235 33.43 -0.01 17.66
C GLY D 235 34.36 -1.04 18.27
N PHE D 236 35.57 -0.59 18.62
CA PHE D 236 36.61 -1.49 19.09
C PHE D 236 37.15 -1.10 20.46
N GLN D 237 37.40 -2.11 21.28
CA GLN D 237 37.90 -1.89 22.64
C GLN D 237 39.13 -2.77 22.88
N ILE D 238 40.24 -2.12 23.23
CA ILE D 238 41.49 -2.83 23.49
C ILE D 238 41.66 -3.14 24.99
N VAL D 239 40.81 -2.55 25.83
CA VAL D 239 40.88 -2.79 27.28
C VAL D 239 39.57 -3.37 27.81
N ASP D 240 39.62 -4.63 28.25
CA ASP D 240 38.43 -5.29 28.79
C ASP D 240 38.39 -5.13 30.30
N TYR D 241 37.36 -4.43 30.79
CA TYR D 241 37.22 -4.12 32.20
C TYR D 241 36.70 -5.32 32.99
N ASP D 242 36.32 -6.39 32.30
CA ASP D 242 35.84 -7.59 32.96
C ASP D 242 37.00 -8.45 33.48
N ASP D 243 38.20 -8.22 32.94
CA ASP D 243 39.38 -8.94 33.39
C ASP D 243 39.76 -8.55 34.81
N SER D 244 40.24 -9.52 35.57
CA SER D 244 40.62 -9.30 36.96
C SER D 244 41.75 -8.29 37.09
N LEU D 245 42.72 -8.38 36.18
CA LEU D 245 43.85 -7.47 36.17
C LEU D 245 43.38 -6.03 36.00
N VAL D 246 42.59 -5.80 34.96
CA VAL D 246 42.07 -4.48 34.65
C VAL D 246 41.14 -3.98 35.75
N SER D 247 40.34 -4.89 36.29
CA SER D 247 39.40 -4.55 37.36
C SER D 247 40.14 -4.06 38.60
N LYS D 248 41.15 -4.81 39.04
CA LYS D 248 41.95 -4.43 40.20
C LYS D 248 42.69 -3.12 39.95
N PHE D 249 43.23 -3.00 38.73
CA PHE D 249 43.92 -1.79 38.32
C PHE D 249 42.99 -0.59 38.45
N ILE D 250 41.75 -0.75 38.01
CA ILE D 250 40.73 0.29 38.10
C ILE D 250 40.39 0.60 39.57
N GLU D 251 40.34 -0.44 40.40
CA GLU D 251 40.09 -0.26 41.82
C GLU D 251 41.14 0.65 42.45
N ARG D 252 42.40 0.42 42.11
CA ARG D 252 43.48 1.27 42.61
C ARG D 252 43.49 2.65 41.94
N TRP D 253 43.05 2.69 40.68
CA TRP D 253 43.10 3.89 39.83
C TRP D 253 42.07 4.94 40.19
N SER D 254 40.86 4.49 40.50
CA SER D 254 39.75 5.40 40.79
C SER D 254 39.88 6.07 42.16
N THR D 255 40.68 5.47 43.04
CA THR D 255 40.87 5.98 44.39
C THR D 255 41.92 7.10 44.48
N LEU D 256 42.69 7.28 43.42
CA LEU D 256 43.75 8.30 43.40
C LEU D 256 43.20 9.72 43.48
N GLU D 257 43.94 10.61 44.13
CA GLU D 257 43.54 12.01 44.21
C GLU D 257 43.90 12.73 42.91
N GLU D 258 42.94 13.52 42.40
CA GLU D 258 43.06 14.12 41.08
C GLU D 258 44.13 15.22 40.94
N LYS D 259 44.41 15.92 42.03
CA LYS D 259 45.37 17.03 41.96
C LYS D 259 46.79 16.52 41.70
N GLU D 260 47.17 15.44 42.37
CA GLU D 260 48.52 14.88 42.21
C GLU D 260 48.66 14.15 40.88
N TYR D 261 47.66 13.35 40.53
CA TYR D 261 47.65 12.67 39.25
C TYR D 261 46.51 13.22 38.40
N PRO D 262 46.84 14.03 37.38
CA PRO D 262 45.83 14.68 36.55
C PRO D 262 44.96 13.69 35.76
N GLY D 263 43.66 13.91 35.79
CA GLY D 263 42.71 13.07 35.06
C GLY D 263 42.74 11.60 35.45
N ALA D 264 43.29 11.31 36.62
CA ALA D 264 43.44 9.93 37.06
C ALA D 264 42.25 9.47 37.89
N HIS D 265 41.34 10.39 38.22
CA HIS D 265 40.14 9.98 38.93
C HIS D 265 39.05 9.72 37.90
N THR D 266 38.76 8.45 37.67
CA THR D 266 37.81 8.04 36.64
C THR D 266 37.37 6.60 36.87
N ALA D 267 36.27 6.22 36.23
CA ALA D 267 35.86 4.82 36.17
C ALA D 267 36.70 4.09 35.12
N THR D 268 37.02 4.80 34.04
CA THR D 268 37.76 4.22 32.91
C THR D 268 39.11 4.91 32.67
N ILE D 269 39.82 4.45 31.65
CA ILE D 269 41.11 5.03 31.26
C ILE D 269 41.28 4.98 29.74
N LYS D 270 41.84 6.05 29.16
CA LYS D 270 42.11 6.08 27.73
C LYS D 270 43.12 5.02 27.35
N TYR D 271 42.94 4.41 26.18
CA TYR D 271 43.74 3.27 25.76
C TYR D 271 45.22 3.66 25.57
N THR D 272 45.48 4.91 25.25
CA THR D 272 46.85 5.38 25.10
C THR D 272 47.61 5.33 26.42
N SER D 273 46.96 5.80 27.48
CA SER D 273 47.54 5.79 28.82
C SER D 273 47.79 4.35 29.30
N ALA D 274 46.83 3.48 29.03
CA ALA D 274 46.97 2.06 29.36
C ALA D 274 48.16 1.47 28.62
N LEU D 275 48.30 1.84 27.35
CA LEU D 275 49.43 1.40 26.53
C LEU D 275 50.75 1.89 27.11
N THR D 276 50.73 3.09 27.69
CA THR D 276 51.90 3.63 28.35
C THR D 276 52.28 2.80 29.57
N TYR D 277 51.28 2.51 30.41
CA TYR D 277 51.44 1.62 31.56
C TYR D 277 52.07 0.28 31.17
N ASP D 278 51.44 -0.36 30.18
CA ASP D 278 51.92 -1.65 29.66
C ASP D 278 53.33 -1.54 29.09
N ALA D 279 53.65 -0.38 28.52
CA ALA D 279 54.99 -0.12 28.01
C ALA D 279 56.01 -0.09 29.13
N VAL D 280 55.65 0.55 30.25
CA VAL D 280 56.50 0.55 31.44
C VAL D 280 56.77 -0.88 31.89
N GLN D 281 55.71 -1.68 31.92
CA GLN D 281 55.85 -3.09 32.25
C GLN D 281 56.83 -3.81 31.32
N VAL D 282 56.67 -3.58 30.01
CA VAL D 282 57.52 -4.20 28.99
C VAL D 282 59.01 -3.82 29.15
N MET D 283 59.27 -2.55 29.41
CA MET D 283 60.65 -2.08 29.60
C MET D 283 61.26 -2.73 30.84
N THR D 284 60.52 -2.70 31.94
CA THR D 284 60.98 -3.32 33.18
C THR D 284 61.33 -4.79 32.97
N GLU D 285 60.40 -5.54 32.38
CA GLU D 285 60.62 -6.96 32.12
C GLU D 285 61.80 -7.19 31.16
N ALA D 286 62.00 -6.27 30.23
CA ALA D 286 63.10 -6.35 29.28
C ALA D 286 64.45 -6.25 29.98
N PHE D 287 64.61 -5.21 30.79
CA PHE D 287 65.88 -5.02 31.49
C PHE D 287 66.11 -6.10 32.54
N ARG D 288 65.02 -6.56 33.14
CA ARG D 288 65.09 -7.69 34.08
C ARG D 288 65.61 -8.93 33.36
N ASN D 289 65.11 -9.17 32.15
CA ASN D 289 65.55 -10.31 31.35
C ASN D 289 67.00 -10.12 30.88
N LEU D 290 67.43 -8.87 30.78
CA LEU D 290 68.82 -8.56 30.44
C LEU D 290 69.74 -8.92 31.60
N ARG D 291 69.29 -8.62 32.81
CA ARG D 291 70.08 -8.90 34.00
C ARG D 291 70.06 -10.38 34.38
N LYS D 292 68.97 -11.07 34.05
CA LYS D 292 68.86 -12.50 34.37
C LYS D 292 69.78 -13.37 33.51
N GLN D 293 70.04 -12.94 32.28
CA GLN D 293 70.97 -13.67 31.41
C GLN D 293 72.40 -13.15 31.55
N ARG D 294 72.58 -12.21 32.48
CA ARG D 294 73.88 -11.61 32.78
C ARG D 294 74.53 -11.01 31.52
N ILE D 295 73.90 -10.00 30.96
CA ILE D 295 74.44 -9.29 29.81
C ILE D 295 74.58 -7.80 30.12
N GLU D 296 75.78 -7.26 29.90
CA GLU D 296 76.07 -5.89 30.26
C GLU D 296 75.90 -4.94 29.07
N ILE D 297 74.90 -4.05 29.18
CA ILE D 297 74.59 -3.10 28.12
C ILE D 297 75.24 -1.75 28.37
N SER D 298 75.99 -1.65 29.46
CA SER D 298 76.59 -0.40 29.91
C SER D 298 77.43 0.29 28.83
N ARG D 299 77.28 1.61 28.74
CA ARG D 299 77.99 2.42 27.76
C ARG D 299 79.44 2.60 28.20
N ARG D 300 80.39 2.37 27.28
CA ARG D 300 81.80 2.56 27.62
C ARG D 300 82.16 4.04 27.65
N GLY D 301 81.81 4.76 26.58
CA GLY D 301 82.03 6.19 26.53
C GLY D 301 80.73 6.97 26.47
N ASN D 302 80.84 8.29 26.56
CA ASN D 302 79.68 9.16 26.41
C ASN D 302 79.14 9.06 24.99
N ALA D 303 77.84 9.24 24.82
CA ALA D 303 77.23 9.11 23.50
C ALA D 303 77.67 10.24 22.57
N GLY D 304 77.94 11.40 23.15
CA GLY D 304 78.37 12.56 22.39
C GLY D 304 77.21 13.29 21.73
N ASP D 305 77.52 14.08 20.71
CA ASP D 305 76.51 14.83 19.98
C ASP D 305 75.88 13.96 18.90
N CYS D 306 74.55 13.98 18.82
CA CYS D 306 73.84 13.13 17.87
C CYS D 306 74.13 13.57 16.44
N LEU D 307 74.38 14.86 16.25
CA LEU D 307 74.72 15.35 14.93
C LEU D 307 76.20 15.12 14.62
N ALA D 308 77.01 14.95 15.66
CA ALA D 308 78.43 14.70 15.43
C ALA D 308 78.60 13.31 14.83
N ASN D 309 79.14 13.27 13.61
CA ASN D 309 79.27 12.03 12.87
C ASN D 309 80.71 11.71 12.53
N PRO D 310 81.07 10.43 12.54
CA PRO D 310 80.30 9.28 13.02
C PRO D 310 80.31 9.08 14.53
N ALA D 311 79.17 8.79 15.15
CA ALA D 311 79.18 8.28 16.52
C ALA D 311 78.17 7.14 16.67
N VAL D 312 78.64 5.88 16.58
CA VAL D 312 77.81 4.70 16.91
C VAL D 312 78.47 3.33 16.69
N PRO D 313 78.42 2.46 17.73
CA PRO D 313 78.82 1.04 17.77
C PRO D 313 77.71 0.13 17.22
N TRP D 314 78.05 -1.08 16.76
CA TRP D 314 77.03 -2.01 16.28
C TRP D 314 76.27 -2.78 17.38
N GLY D 315 76.93 -3.09 18.48
CA GLY D 315 76.35 -3.92 19.52
C GLY D 315 75.18 -3.42 20.36
N GLN D 316 75.28 -2.19 20.87
CA GLN D 316 74.29 -1.66 21.79
C GLN D 316 72.87 -1.80 21.26
N GLY D 317 72.72 -1.43 20.00
CA GLY D 317 71.46 -1.50 19.31
C GLY D 317 70.83 -2.87 19.29
N VAL D 318 71.62 -3.84 18.82
CA VAL D 318 71.16 -5.22 18.73
C VAL D 318 70.76 -5.74 20.09
N GLU D 319 71.58 -5.47 21.10
CA GLU D 319 71.31 -6.04 22.41
C GLU D 319 70.07 -5.48 23.11
N ILE D 320 69.95 -4.16 23.20
CA ILE D 320 68.78 -3.60 23.86
C ILE D 320 67.48 -3.78 23.04
N GLU D 321 67.56 -3.57 21.73
CA GLU D 321 66.40 -3.80 20.87
C GLU D 321 65.90 -5.24 21.01
N ARG D 322 66.79 -6.21 20.82
CA ARG D 322 66.40 -7.60 21.01
C ARG D 322 65.83 -7.82 22.40
N ALA D 323 66.42 -7.18 23.40
CA ALA D 323 65.93 -7.29 24.78
C ALA D 323 64.46 -6.91 24.89
N LEU D 324 64.09 -5.79 24.29
CA LEU D 324 62.70 -5.35 24.30
C LEU D 324 61.78 -6.25 23.47
N LYS D 325 62.24 -6.64 22.28
CA LYS D 325 61.38 -7.35 21.35
C LYS D 325 61.03 -8.77 21.80
N GLN D 326 61.88 -9.36 22.65
CA GLN D 326 61.65 -10.74 23.09
C GLN D 326 60.69 -10.84 24.28
N VAL D 327 60.28 -9.70 24.82
CA VAL D 327 59.42 -9.70 26.00
C VAL D 327 57.99 -10.14 25.65
N GLN D 328 57.42 -11.00 26.47
CA GLN D 328 56.02 -11.38 26.35
C GLN D 328 55.36 -11.32 27.72
N VAL D 329 54.37 -10.45 27.87
CA VAL D 329 53.76 -10.23 29.18
C VAL D 329 52.25 -10.09 29.11
N GLU D 330 51.61 -10.11 30.27
CA GLU D 330 50.16 -9.90 30.36
C GLU D 330 49.89 -8.49 30.89
N GLY D 331 49.03 -7.76 30.18
CA GLY D 331 48.78 -6.36 30.50
C GLY D 331 47.39 -5.90 30.11
N LEU D 332 47.14 -4.62 30.29
CA LEU D 332 45.82 -4.03 30.06
C LEU D 332 45.33 -4.20 28.63
N SER D 333 46.25 -4.40 27.70
CA SER D 333 45.93 -4.54 26.29
C SER D 333 45.66 -5.99 25.91
N GLY D 334 45.66 -6.86 26.90
CA GLY D 334 45.56 -8.29 26.69
C GLY D 334 46.98 -8.83 26.58
N ASN D 335 47.15 -9.93 25.86
CA ASN D 335 48.47 -10.53 25.69
C ASN D 335 49.40 -9.61 24.88
N ILE D 336 50.56 -9.31 25.45
CA ILE D 336 51.53 -8.42 24.83
C ILE D 336 52.75 -9.19 24.34
N LYS D 337 52.92 -9.23 23.02
CA LYS D 337 54.06 -9.87 22.40
C LYS D 337 54.43 -9.15 21.11
N PHE D 338 55.72 -9.17 20.75
CA PHE D 338 56.19 -8.46 19.58
C PHE D 338 56.94 -9.39 18.62
N ASP D 339 56.90 -9.08 17.33
CA ASP D 339 57.73 -9.78 16.35
C ASP D 339 59.06 -9.04 16.16
N GLN D 340 59.80 -9.45 15.13
CA GLN D 340 61.10 -8.86 14.84
C GLN D 340 61.05 -7.38 14.49
N ASN D 341 59.96 -6.93 13.86
CA ASN D 341 59.85 -5.54 13.44
C ASN D 341 59.39 -4.61 14.56
N GLY D 342 58.81 -5.19 15.60
CA GLY D 342 58.38 -4.42 16.76
C GLY D 342 56.88 -4.22 16.83
N LYS D 343 56.16 -4.65 15.79
CA LYS D 343 54.71 -4.55 15.78
C LYS D 343 54.10 -5.56 16.74
N ARG D 344 52.86 -5.29 17.16
CA ARG D 344 52.16 -6.19 18.07
C ARG D 344 51.74 -7.47 17.37
N ILE D 345 51.86 -8.59 18.08
CA ILE D 345 51.42 -9.87 17.56
C ILE D 345 50.57 -10.59 18.59
N ASN D 346 49.65 -11.44 18.11
CA ASN D 346 48.81 -12.26 18.98
C ASN D 346 48.03 -11.41 19.98
N TYR D 347 47.16 -10.53 19.47
CA TYR D 347 46.35 -9.70 20.36
C TYR D 347 44.86 -10.04 20.22
N THR D 348 44.05 -9.38 21.05
CA THR D 348 42.60 -9.57 21.00
C THR D 348 41.90 -8.22 21.04
N ILE D 349 41.19 -7.89 19.96
CA ILE D 349 40.45 -6.64 19.89
C ILE D 349 38.95 -6.87 20.06
N ASN D 350 38.41 -6.40 21.19
CA ASN D 350 37.00 -6.61 21.47
C ASN D 350 36.09 -5.81 20.55
N ILE D 351 35.15 -6.49 19.90
CA ILE D 351 34.15 -5.82 19.09
C ILE D 351 32.92 -5.53 19.92
N MET D 352 32.59 -4.24 19.98
CA MET D 352 31.57 -3.72 20.87
C MET D 352 30.43 -3.06 20.09
N GLU D 353 29.23 -3.14 20.65
CA GLU D 353 28.06 -2.45 20.11
C GLU D 353 27.39 -1.63 21.19
N LEU D 354 26.96 -0.42 20.83
CA LEU D 354 26.26 0.45 21.77
C LEU D 354 24.76 0.19 21.76
N LYS D 355 24.22 -0.18 22.91
CA LYS D 355 22.78 -0.43 23.04
C LYS D 355 22.13 0.54 24.01
N THR D 356 20.83 0.35 24.24
CA THR D 356 20.08 1.24 25.12
C THR D 356 20.65 1.28 26.54
N ASN D 357 20.78 0.11 27.16
CA ASN D 357 21.30 0.01 28.52
C ASN D 357 22.77 0.44 28.62
N GLY D 358 23.48 0.37 27.50
CA GLY D 358 24.88 0.75 27.45
C GLY D 358 25.68 -0.04 26.44
N PRO D 359 27.01 0.13 26.45
CA PRO D 359 27.90 -0.64 25.58
C PRO D 359 28.06 -2.08 26.05
N ARG D 360 28.30 -2.99 25.10
CA ARG D 360 28.55 -4.39 25.44
C ARG D 360 29.43 -5.03 24.38
N LYS D 361 30.24 -6.00 24.79
CA LYS D 361 31.10 -6.71 23.83
C LYS D 361 30.29 -7.77 23.11
N ILE D 362 30.17 -7.63 21.79
CA ILE D 362 29.46 -8.62 20.99
C ILE D 362 30.44 -9.67 20.50
N GLY D 363 31.73 -9.42 20.66
CA GLY D 363 32.70 -10.43 20.28
C GLY D 363 34.15 -10.02 20.39
N TYR D 364 35.03 -10.79 19.76
CA TYR D 364 36.44 -10.42 19.71
C TYR D 364 37.07 -10.78 18.35
N TRP D 365 38.18 -10.10 18.07
CA TRP D 365 38.95 -10.31 16.86
C TRP D 365 40.36 -10.73 17.22
N SER D 366 40.82 -11.80 16.59
CA SER D 366 42.15 -12.32 16.80
C SER D 366 42.95 -12.18 15.52
N GLU D 367 44.27 -12.14 15.64
CA GLU D 367 45.16 -11.99 14.49
C GLU D 367 45.01 -13.15 13.51
N VAL D 368 44.73 -14.32 14.07
CA VAL D 368 44.53 -15.55 13.31
C VAL D 368 43.05 -15.81 13.03
N ASP D 369 42.27 -15.93 14.10
CA ASP D 369 40.88 -16.38 14.05
C ASP D 369 39.91 -15.49 13.27
N LYS D 370 40.36 -14.29 12.90
CA LYS D 370 39.49 -13.30 12.26
C LYS D 370 38.30 -12.95 13.16
N MET D 371 37.09 -13.04 12.62
CA MET D 371 35.88 -12.66 13.35
C MET D 371 35.42 -13.72 14.33
N VAL D 372 35.20 -13.35 15.60
CA VAL D 372 34.65 -14.30 16.56
C VAL D 372 33.50 -13.71 17.37
N VAL D 373 32.35 -14.36 17.37
CA VAL D 373 31.20 -13.86 18.12
C VAL D 373 31.09 -14.58 19.47
N THR D 374 30.87 -13.80 20.53
CA THR D 374 30.61 -14.36 21.85
C THR D 374 29.11 -14.42 22.17
N LEU D 375 28.30 -13.87 21.25
CA LEU D 375 26.87 -13.68 21.45
C LEU D 375 26.10 -14.97 21.76
N THR D 376 25.20 -14.90 22.73
CA THR D 376 24.31 -16.00 23.09
C THR D 376 25.07 -17.26 23.48
N LEU D 385 2.26 -15.59 24.97
CA LEU D 385 1.05 -16.30 24.57
C LEU D 385 1.03 -16.50 23.05
N GLU D 386 -0.15 -16.85 22.53
CA GLU D 386 -0.34 -17.10 21.10
C GLU D 386 -1.80 -17.40 20.79
N GLN D 387 -2.12 -17.49 19.50
CA GLN D 387 -3.44 -17.87 19.04
C GLN D 387 -3.66 -19.37 19.25
N LYS D 388 -4.85 -19.76 19.67
CA LYS D 388 -5.13 -21.17 19.89
C LYS D 388 -5.77 -21.82 18.66
N THR D 389 -5.37 -23.05 18.37
CA THR D 389 -5.93 -23.82 17.27
C THR D 389 -7.38 -24.19 17.52
N VAL D 390 -8.26 -23.86 16.58
CA VAL D 390 -9.67 -24.16 16.71
C VAL D 390 -9.95 -25.59 16.23
N VAL D 391 -10.57 -26.41 17.09
CA VAL D 391 -10.90 -27.77 16.71
C VAL D 391 -12.23 -27.82 15.99
N VAL D 392 -12.20 -28.26 14.75
CA VAL D 392 -13.39 -28.35 13.91
C VAL D 392 -13.82 -29.80 13.79
N THR D 393 -15.01 -30.11 14.32
CA THR D 393 -15.51 -31.47 14.26
C THR D 393 -16.35 -31.64 13.01
N THR D 394 -16.19 -32.80 12.36
CA THR D 394 -16.90 -33.10 11.13
C THR D 394 -17.00 -34.60 10.96
N ILE D 395 -17.90 -35.03 10.08
CA ILE D 395 -18.09 -36.45 9.81
C ILE D 395 -17.79 -36.72 8.34
N LEU D 396 -17.43 -37.97 8.03
CA LEU D 396 -17.16 -38.32 6.64
C LEU D 396 -18.46 -38.57 5.89
N GLU D 397 -18.73 -37.74 4.90
CA GLU D 397 -19.87 -37.93 4.00
C GLU D 397 -19.58 -37.28 2.65
N SER D 398 -20.06 -37.90 1.59
CA SER D 398 -19.81 -37.39 0.25
C SER D 398 -20.91 -36.45 -0.25
N PRO D 399 -20.52 -35.43 -1.04
CA PRO D 399 -19.13 -35.01 -1.15
C PRO D 399 -18.76 -33.91 -0.17
N TYR D 400 -19.16 -34.06 1.09
CA TYR D 400 -18.89 -33.01 2.07
C TYR D 400 -17.49 -33.05 2.66
N VAL D 401 -17.11 -34.23 3.15
CA VAL D 401 -15.75 -34.49 3.62
C VAL D 401 -15.34 -35.87 3.18
N MET D 402 -14.25 -35.98 2.42
CA MET D 402 -13.83 -37.27 1.88
C MET D 402 -12.32 -37.45 2.01
N MET D 403 -11.90 -38.71 2.06
CA MET D 403 -10.49 -39.05 2.14
C MET D 403 -9.88 -39.06 0.75
N LYS D 404 -8.70 -38.44 0.60
CA LYS D 404 -8.03 -38.40 -0.69
C LYS D 404 -7.52 -39.78 -1.07
N LYS D 405 -7.29 -40.00 -2.37
CA LYS D 405 -6.76 -41.27 -2.86
C LYS D 405 -5.40 -41.60 -2.25
N ASN D 406 -4.56 -40.58 -2.15
CA ASN D 406 -3.19 -40.73 -1.63
C ASN D 406 -3.07 -40.44 -0.13
N HIS D 407 -4.22 -40.27 0.53
CA HIS D 407 -4.28 -39.69 1.88
C HIS D 407 -3.31 -40.28 2.91
N GLU D 408 -2.91 -41.53 2.74
CA GLU D 408 -2.00 -42.16 3.68
C GLU D 408 -0.63 -41.47 3.69
N MET D 409 -0.30 -40.78 2.61
CA MET D 409 0.98 -40.09 2.50
C MET D 409 0.95 -38.67 3.03
N LEU D 410 -0.24 -38.18 3.38
CA LEU D 410 -0.38 -36.82 3.86
C LEU D 410 -0.77 -36.80 5.35
N GLU D 411 -0.88 -35.60 5.91
CA GLU D 411 -1.17 -35.45 7.33
C GLU D 411 -1.98 -34.20 7.64
N GLY D 412 -2.81 -34.29 8.67
CA GLY D 412 -3.62 -33.15 9.09
C GLY D 412 -4.74 -32.81 8.12
N ASN D 413 -4.96 -31.52 7.93
CA ASN D 413 -6.08 -31.04 7.12
C ASN D 413 -5.94 -31.36 5.63
N GLU D 414 -4.74 -31.75 5.23
CA GLU D 414 -4.49 -32.13 3.84
C GLU D 414 -5.03 -33.53 3.53
N ARG D 415 -5.36 -34.28 4.58
CA ARG D 415 -5.86 -35.63 4.40
C ARG D 415 -7.28 -35.62 3.82
N TYR D 416 -8.05 -34.60 4.17
CA TYR D 416 -9.46 -34.53 3.78
C TYR D 416 -9.72 -33.55 2.65
N GLU D 417 -10.68 -33.90 1.78
CA GLU D 417 -11.15 -33.00 0.73
C GLU D 417 -12.67 -33.09 0.63
N GLY D 418 -13.31 -31.99 0.24
CA GLY D 418 -14.76 -31.97 0.11
C GLY D 418 -15.35 -30.60 0.22
N TYR D 419 -16.67 -30.51 0.04
CA TYR D 419 -17.38 -29.24 0.11
C TYR D 419 -17.19 -28.59 1.47
N CYS D 420 -17.50 -29.36 2.51
CA CYS D 420 -17.38 -28.86 3.88
C CYS D 420 -15.94 -28.52 4.20
N VAL D 421 -15.00 -29.20 3.55
CA VAL D 421 -13.58 -28.89 3.75
C VAL D 421 -13.24 -27.49 3.24
N ASP D 422 -13.63 -27.22 2.00
CA ASP D 422 -13.37 -25.92 1.37
C ASP D 422 -14.09 -24.81 2.12
N LEU D 423 -15.32 -25.11 2.53
CA LEU D 423 -16.11 -24.16 3.31
C LEU D 423 -15.44 -23.87 4.63
N ALA D 424 -14.85 -24.91 5.22
CA ALA D 424 -14.14 -24.75 6.48
C ALA D 424 -12.96 -23.83 6.28
N ALA D 425 -12.20 -24.07 5.22
CA ALA D 425 -11.06 -23.22 4.88
C ALA D 425 -11.50 -21.77 4.72
N GLU D 426 -12.64 -21.57 4.06
CA GLU D 426 -13.15 -20.22 3.84
C GLU D 426 -13.58 -19.54 5.15
N ILE D 427 -14.32 -20.26 5.98
CA ILE D 427 -14.78 -19.69 7.25
C ILE D 427 -13.61 -19.35 8.15
N ALA D 428 -12.64 -20.26 8.23
CA ALA D 428 -11.45 -20.04 9.04
C ALA D 428 -10.62 -18.90 8.50
N LYS D 429 -10.59 -18.76 7.18
CA LYS D 429 -9.83 -17.67 6.56
C LYS D 429 -10.51 -16.33 6.85
N HIS D 430 -11.84 -16.34 6.89
CA HIS D 430 -12.60 -15.11 7.12
C HIS D 430 -12.57 -14.69 8.59
N CYS D 431 -12.58 -15.67 9.49
CA CYS D 431 -12.63 -15.39 10.93
C CYS D 431 -11.24 -15.25 11.51
N GLY D 432 -10.23 -15.59 10.72
CA GLY D 432 -8.85 -15.44 11.14
C GLY D 432 -8.44 -16.34 12.27
N PHE D 433 -8.63 -17.65 12.11
CA PHE D 433 -8.13 -18.60 13.08
C PHE D 433 -7.55 -19.82 12.39
N LYS D 434 -6.66 -20.52 13.09
CA LYS D 434 -6.10 -21.78 12.59
C LYS D 434 -7.01 -22.92 12.99
N TYR D 435 -7.28 -23.81 12.05
CA TYR D 435 -8.23 -24.88 12.32
C TYR D 435 -7.62 -26.25 12.09
N LYS D 436 -7.99 -27.20 12.94
CA LYS D 436 -7.55 -28.58 12.78
C LYS D 436 -8.76 -29.49 12.59
N LEU D 437 -8.89 -30.04 11.39
CA LEU D 437 -10.03 -30.89 11.06
C LEU D 437 -9.96 -32.25 11.73
N THR D 438 -11.01 -32.59 12.46
CA THR D 438 -11.09 -33.86 13.18
C THR D 438 -12.41 -34.55 12.94
N ILE D 439 -12.39 -35.88 12.90
CA ILE D 439 -13.61 -36.67 12.73
C ILE D 439 -14.20 -37.04 14.09
N VAL D 440 -15.51 -36.90 14.21
CA VAL D 440 -16.21 -37.16 15.47
C VAL D 440 -16.04 -38.61 15.90
N GLY D 441 -15.97 -38.82 17.21
CA GLY D 441 -15.71 -40.13 17.79
C GLY D 441 -16.78 -41.18 17.56
N ASP D 442 -18.02 -40.86 17.92
CA ASP D 442 -19.11 -41.83 17.85
C ASP D 442 -19.61 -42.02 16.43
N GLY D 443 -19.25 -41.10 15.54
CA GLY D 443 -19.63 -41.19 14.14
C GLY D 443 -21.11 -40.91 13.93
N LYS D 444 -21.68 -40.07 14.80
CA LYS D 444 -23.07 -39.66 14.66
C LYS D 444 -23.15 -38.14 14.50
N TYR D 445 -24.25 -37.66 13.92
CA TYR D 445 -24.39 -36.23 13.72
C TYR D 445 -24.76 -35.54 15.01
N GLY D 446 -26.00 -35.77 15.44
CA GLY D 446 -26.36 -35.45 16.80
C GLY D 446 -27.71 -36.00 17.18
N ALA D 447 -27.86 -36.31 18.47
CA ALA D 447 -29.15 -36.74 19.00
C ALA D 447 -29.19 -36.62 20.52
N ARG D 448 -30.40 -36.55 21.05
CA ARG D 448 -30.59 -36.62 22.49
C ARG D 448 -31.26 -37.93 22.89
N ASP D 449 -30.56 -38.73 23.68
CA ASP D 449 -31.13 -39.97 24.18
C ASP D 449 -32.26 -39.64 25.16
N ALA D 450 -33.40 -40.27 24.96
CA ALA D 450 -34.60 -39.94 25.75
C ALA D 450 -34.45 -40.31 27.22
N ASP D 451 -33.62 -41.31 27.50
CA ASP D 451 -33.44 -41.79 28.87
C ASP D 451 -32.33 -41.04 29.62
N THR D 452 -31.09 -41.17 29.13
CA THR D 452 -29.95 -40.57 29.79
C THR D 452 -29.91 -39.04 29.62
N LYS D 453 -30.58 -38.54 28.60
CA LYS D 453 -30.60 -37.11 28.27
C LYS D 453 -29.20 -36.63 27.90
N ILE D 454 -28.41 -37.51 27.30
CA ILE D 454 -27.06 -37.18 26.90
C ILE D 454 -26.96 -36.98 25.39
N TRP D 455 -26.37 -35.87 24.97
CA TRP D 455 -26.18 -35.60 23.55
C TRP D 455 -25.05 -36.40 22.95
N ASP D 456 -25.32 -37.07 21.83
CA ASP D 456 -24.28 -37.79 21.13
C ASP D 456 -24.07 -37.17 19.77
N GLY D 457 -22.87 -37.33 19.23
CA GLY D 457 -22.54 -36.79 17.92
C GLY D 457 -21.78 -35.47 18.00
N MET D 458 -21.70 -34.79 16.87
CA MET D 458 -20.98 -33.52 16.78
C MET D 458 -21.60 -32.50 17.73
N VAL D 459 -22.92 -32.51 17.79
CA VAL D 459 -23.66 -31.67 18.73
C VAL D 459 -23.15 -31.93 20.14
N GLY D 460 -22.97 -33.21 20.46
CA GLY D 460 -22.46 -33.61 21.77
C GLY D 460 -21.08 -33.04 22.05
N GLU D 461 -20.18 -33.18 21.09
CA GLU D 461 -18.83 -32.65 21.21
C GLU D 461 -18.88 -31.14 21.40
N LEU D 462 -19.90 -30.52 20.84
CA LEU D 462 -20.06 -29.07 20.95
C LEU D 462 -20.54 -28.66 22.34
N VAL D 463 -21.51 -29.39 22.89
CA VAL D 463 -22.07 -29.07 24.20
C VAL D 463 -21.05 -29.29 25.30
N TYR D 464 -20.32 -30.39 25.20
CA TYR D 464 -19.39 -30.82 26.24
C TYR D 464 -17.98 -30.28 26.00
N GLY D 465 -17.85 -29.43 24.98
CA GLY D 465 -16.63 -28.68 24.76
C GLY D 465 -15.47 -29.53 24.29
N LYS D 466 -15.78 -30.57 23.51
CA LYS D 466 -14.72 -31.37 22.90
C LYS D 466 -14.39 -30.84 21.52
N ALA D 467 -15.20 -29.89 21.04
CA ALA D 467 -14.95 -29.23 19.77
C ALA D 467 -15.47 -27.80 19.77
N ASP D 468 -14.72 -26.88 19.19
CA ASP D 468 -15.11 -25.46 19.24
C ASP D 468 -16.11 -25.08 18.14
N ILE D 469 -16.16 -25.86 17.07
CA ILE D 469 -17.06 -25.55 15.95
C ILE D 469 -17.42 -26.81 15.16
N ALA D 470 -18.58 -26.79 14.51
CA ALA D 470 -19.04 -27.93 13.73
C ALA D 470 -19.38 -27.57 12.29
N ILE D 471 -18.60 -28.11 11.36
CA ILE D 471 -18.81 -27.90 9.93
C ILE D 471 -19.06 -29.22 9.23
N ALA D 472 -20.29 -29.41 8.76
CA ALA D 472 -20.74 -30.70 8.25
C ALA D 472 -22.14 -30.55 7.68
N PRO D 473 -22.61 -31.54 6.90
CA PRO D 473 -24.01 -31.45 6.44
C PRO D 473 -25.00 -31.64 7.59
N LEU D 474 -24.97 -30.72 8.54
CA LEU D 474 -25.79 -30.80 9.73
C LEU D 474 -27.12 -30.08 9.52
N THR D 475 -28.22 -30.82 9.55
CA THR D 475 -29.54 -30.23 9.34
C THR D 475 -29.98 -29.42 10.54
N ILE D 476 -30.53 -28.25 10.27
CA ILE D 476 -31.01 -27.37 11.33
C ILE D 476 -32.36 -27.86 11.86
N THR D 477 -32.39 -28.20 13.14
CA THR D 477 -33.60 -28.66 13.79
C THR D 477 -33.82 -27.91 15.08
N LEU D 478 -35.07 -27.83 15.51
CA LEU D 478 -35.43 -27.11 16.72
C LEU D 478 -34.72 -27.69 17.95
N VAL D 479 -34.64 -29.01 18.02
CA VAL D 479 -33.99 -29.68 19.14
C VAL D 479 -32.50 -29.32 19.23
N ARG D 480 -31.86 -29.15 18.07
CA ARG D 480 -30.45 -28.78 18.01
C ARG D 480 -30.26 -27.28 18.19
N GLU D 481 -31.26 -26.51 17.77
CA GLU D 481 -31.23 -25.07 17.91
C GLU D 481 -31.44 -24.65 19.36
N GLU D 482 -32.04 -25.54 20.15
CA GLU D 482 -32.24 -25.27 21.57
C GLU D 482 -30.93 -25.36 22.35
N VAL D 483 -30.14 -26.40 22.05
CA VAL D 483 -28.85 -26.62 22.68
C VAL D 483 -27.69 -25.84 22.04
N ILE D 484 -27.66 -25.78 20.72
CA ILE D 484 -26.55 -25.14 20.02
C ILE D 484 -27.02 -23.90 19.27
N ASP D 485 -26.07 -23.19 18.68
CA ASP D 485 -26.35 -22.07 17.80
C ASP D 485 -26.06 -22.47 16.37
N PHE D 486 -27.03 -22.22 15.48
CA PHE D 486 -26.84 -22.49 14.06
C PHE D 486 -26.60 -21.19 13.33
N SER D 487 -25.55 -21.17 12.51
CA SER D 487 -25.32 -20.07 11.59
C SER D 487 -26.43 -20.09 10.54
N LYS D 488 -26.62 -18.97 9.84
CA LYS D 488 -27.56 -18.94 8.73
C LYS D 488 -27.22 -20.07 7.77
N PRO D 489 -28.24 -20.71 7.20
CA PRO D 489 -28.03 -21.93 6.41
C PRO D 489 -27.14 -21.69 5.19
N PHE D 490 -26.11 -22.52 5.04
CA PHE D 490 -25.19 -22.36 3.93
C PHE D 490 -25.59 -23.22 2.73
N MET D 491 -26.57 -24.08 2.93
CA MET D 491 -27.07 -24.92 1.84
C MET D 491 -28.54 -25.23 2.06
N SER D 492 -29.29 -25.30 0.96
CA SER D 492 -30.71 -25.61 1.04
C SER D 492 -30.98 -27.02 0.57
N LEU D 493 -31.87 -27.72 1.27
CA LEU D 493 -32.25 -29.08 0.90
C LEU D 493 -33.63 -29.46 1.39
N GLY D 494 -34.00 -30.71 1.18
CA GLY D 494 -35.25 -31.24 1.64
C GLY D 494 -35.30 -32.75 1.50
N ILE D 495 -36.18 -33.39 2.27
CA ILE D 495 -36.31 -34.84 2.19
C ILE D 495 -36.97 -35.21 0.87
N SER D 496 -36.30 -36.07 0.12
CA SER D 496 -36.72 -36.43 -1.22
C SER D 496 -36.59 -37.93 -1.45
N ILE D 497 -37.19 -38.38 -2.55
CA ILE D 497 -37.32 -39.80 -2.85
C ILE D 497 -36.39 -40.24 -3.99
N MET D 498 -35.65 -41.31 -3.76
CA MET D 498 -34.73 -41.85 -4.75
C MET D 498 -35.14 -43.25 -5.19
N ILE D 499 -35.19 -43.46 -6.50
CA ILE D 499 -35.47 -44.80 -7.04
C ILE D 499 -34.54 -45.15 -8.20
N LYS D 500 -34.70 -46.34 -8.76
CA LYS D 500 -33.92 -46.77 -9.91
C LYS D 500 -34.58 -46.31 -11.22
N LYS D 501 -33.82 -45.63 -12.06
CA LYS D 501 -34.34 -45.10 -13.32
C LYS D 501 -34.80 -46.23 -14.22
N PRO D 502 -36.06 -46.15 -14.70
CA PRO D 502 -36.65 -47.18 -15.55
C PRO D 502 -36.13 -47.15 -16.97
N GLN D 503 -36.17 -48.30 -17.65
CA GLN D 503 -35.88 -48.34 -19.07
C GLN D 503 -36.94 -47.50 -19.78
N LYS D 504 -36.57 -46.91 -20.91
CA LYS D 504 -37.53 -46.09 -21.67
C LYS D 504 -38.79 -46.88 -21.95
N SER D 505 -39.93 -46.24 -21.79
CA SER D 505 -41.23 -46.92 -21.83
C SER D 505 -41.57 -47.50 -23.20
N LYS D 506 -40.74 -47.19 -24.20
CA LYS D 506 -40.98 -47.54 -25.60
C LYS D 506 -42.16 -46.74 -26.14
N PRO D 507 -42.18 -46.48 -27.46
CA PRO D 507 -43.22 -45.60 -28.02
C PRO D 507 -44.62 -46.13 -27.80
N GLY D 508 -44.81 -47.44 -27.97
CA GLY D 508 -46.14 -48.01 -27.98
C GLY D 508 -46.81 -47.71 -29.31
N VAL D 509 -48.05 -48.13 -29.48
CA VAL D 509 -48.77 -47.88 -30.72
C VAL D 509 -49.38 -46.48 -30.72
N PHE D 510 -49.57 -45.91 -29.54
CA PHE D 510 -50.21 -44.59 -29.39
C PHE D 510 -49.33 -43.45 -29.91
N SER D 511 -48.04 -43.71 -30.04
CA SER D 511 -47.11 -42.71 -30.58
C SER D 511 -47.39 -42.45 -32.05
N PHE D 512 -48.09 -43.38 -32.69
CA PHE D 512 -48.53 -43.22 -34.07
C PHE D 512 -49.78 -42.36 -34.16
N LEU D 513 -50.61 -42.41 -33.13
CA LEU D 513 -51.83 -41.62 -33.09
C LEU D 513 -51.57 -40.27 -32.41
N ASP D 514 -50.34 -40.09 -31.94
CA ASP D 514 -49.92 -38.80 -31.39
C ASP D 514 -49.82 -37.67 -32.44
N PRO D 515 -49.13 -37.91 -33.57
CA PRO D 515 -48.96 -36.80 -34.53
C PRO D 515 -50.26 -36.37 -35.20
N LEU D 516 -51.28 -37.22 -35.12
CA LEU D 516 -52.59 -36.85 -35.63
C LEU D 516 -53.62 -37.04 -34.54
N ALA D 517 -54.20 -35.94 -34.07
CA ALA D 517 -55.14 -35.95 -32.97
C ALA D 517 -56.33 -36.84 -33.26
N TYR D 518 -56.88 -37.45 -32.22
CA TYR D 518 -58.05 -38.32 -32.33
C TYR D 518 -59.20 -37.64 -33.08
N GLU D 519 -59.32 -36.32 -32.86
CA GLU D 519 -60.34 -35.53 -33.54
C GLU D 519 -60.17 -35.58 -35.06
N ILE D 520 -58.92 -35.55 -35.52
CA ILE D 520 -58.65 -35.61 -36.95
C ILE D 520 -58.96 -36.99 -37.53
N TRP D 521 -58.77 -38.05 -36.73
CA TRP D 521 -59.08 -39.40 -37.16
C TRP D 521 -60.60 -39.65 -37.25
N MET D 522 -61.31 -39.24 -36.22
CA MET D 522 -62.77 -39.33 -36.23
C MET D 522 -63.33 -38.53 -37.40
N ALA D 523 -62.83 -37.30 -37.55
CA ALA D 523 -63.28 -36.41 -38.60
C ALA D 523 -62.97 -36.96 -39.99
N ILE D 524 -61.81 -37.59 -40.16
CA ILE D 524 -61.44 -38.14 -41.46
C ILE D 524 -62.23 -39.40 -41.76
N VAL D 525 -62.67 -40.11 -40.73
CA VAL D 525 -63.54 -41.27 -40.95
C VAL D 525 -64.92 -40.81 -41.39
N PHE D 526 -65.49 -39.86 -40.66
CA PHE D 526 -66.80 -39.32 -41.02
C PHE D 526 -66.77 -38.68 -42.41
N ALA D 527 -65.65 -38.03 -42.73
CA ALA D 527 -65.45 -37.44 -44.04
C ALA D 527 -65.37 -38.53 -45.10
N TYR D 528 -64.71 -39.63 -44.77
CA TYR D 528 -64.58 -40.75 -45.69
C TYR D 528 -65.93 -41.34 -46.03
N ILE D 529 -66.73 -41.65 -45.01
CA ILE D 529 -68.04 -42.24 -45.25
C ILE D 529 -68.98 -41.23 -45.92
N LEU D 530 -68.79 -39.95 -45.64
CA LEU D 530 -69.59 -38.91 -46.29
C LEU D 530 -69.27 -38.83 -47.78
N VAL D 531 -67.99 -38.94 -48.13
CA VAL D 531 -67.58 -38.94 -49.53
C VAL D 531 -68.09 -40.22 -50.20
N SER D 532 -68.08 -41.32 -49.46
CA SER D 532 -68.57 -42.59 -49.97
C SER D 532 -70.06 -42.52 -50.30
N VAL D 533 -70.84 -41.91 -49.41
CA VAL D 533 -72.28 -41.80 -49.62
C VAL D 533 -72.61 -40.74 -50.68
N VAL D 534 -71.70 -39.78 -50.86
CA VAL D 534 -71.85 -38.81 -51.94
C VAL D 534 -71.63 -39.48 -53.30
N LEU D 535 -70.58 -40.29 -53.39
CA LEU D 535 -70.29 -41.07 -54.60
C LEU D 535 -71.40 -42.07 -54.90
N PHE D 536 -72.06 -42.51 -53.83
CA PHE D 536 -73.17 -43.45 -53.93
C PHE D 536 -74.34 -42.86 -54.72
N LEU D 537 -74.43 -41.53 -54.73
CA LEU D 537 -75.49 -40.84 -55.45
C LEU D 537 -74.94 -40.13 -56.69
N SER D 587 -69.63 -35.43 -62.68
CA SER D 587 -70.19 -35.45 -61.33
C SER D 587 -69.23 -36.09 -60.34
N ALA D 588 -68.79 -37.31 -60.65
CA ALA D 588 -67.89 -38.06 -59.76
C ALA D 588 -66.45 -37.57 -59.85
N ARG D 589 -66.13 -36.92 -60.96
CA ARG D 589 -64.77 -36.43 -61.21
C ARG D 589 -64.33 -35.41 -60.15
N ILE D 590 -65.20 -34.43 -59.87
CA ILE D 590 -64.88 -33.42 -58.88
C ILE D 590 -64.88 -34.02 -57.47
N VAL D 591 -65.61 -35.12 -57.28
CA VAL D 591 -65.59 -35.81 -55.99
C VAL D 591 -64.23 -36.45 -55.78
N ALA D 592 -63.76 -37.20 -56.78
CA ALA D 592 -62.46 -37.85 -56.70
C ALA D 592 -61.33 -36.82 -56.59
N GLY D 593 -61.50 -35.68 -57.26
CA GLY D 593 -60.52 -34.62 -57.23
C GLY D 593 -60.43 -33.94 -55.87
N VAL D 594 -61.58 -33.52 -55.34
CA VAL D 594 -61.65 -32.90 -54.04
C VAL D 594 -61.14 -33.85 -52.95
N TRP D 595 -61.55 -35.11 -53.04
CA TRP D 595 -61.10 -36.11 -52.08
C TRP D 595 -59.60 -36.35 -52.16
N TRP D 596 -59.07 -36.36 -53.39
CA TRP D 596 -57.64 -36.50 -53.59
C TRP D 596 -56.87 -35.33 -52.97
N PHE D 597 -57.36 -34.11 -53.19
CA PHE D 597 -56.74 -32.93 -52.62
C PHE D 597 -56.74 -33.00 -51.10
N PHE D 598 -57.89 -33.38 -50.54
CA PHE D 598 -58.07 -33.55 -49.11
C PHE D 598 -57.06 -34.53 -48.51
N THR D 599 -57.02 -35.75 -49.05
CA THR D 599 -56.13 -36.78 -48.53
C THR D 599 -54.66 -36.39 -48.75
N LEU D 600 -54.42 -35.59 -49.79
CA LEU D 600 -53.07 -35.10 -50.07
C LEU D 600 -52.62 -34.16 -48.95
N ILE D 601 -53.44 -33.15 -48.66
CA ILE D 601 -53.13 -32.18 -47.61
C ILE D 601 -52.96 -32.89 -46.28
N ILE D 602 -53.82 -33.88 -46.02
CA ILE D 602 -53.74 -34.61 -44.76
C ILE D 602 -52.46 -35.45 -44.64
N ILE D 603 -52.10 -36.20 -45.68
CA ILE D 603 -50.89 -37.02 -45.59
C ILE D 603 -49.63 -36.14 -45.51
N SER D 604 -49.64 -35.01 -46.21
CA SER D 604 -48.51 -34.09 -46.14
C SER D 604 -48.37 -33.52 -44.73
N SER D 605 -49.49 -33.06 -44.18
CA SER D 605 -49.51 -32.49 -42.84
C SER D 605 -49.06 -33.51 -41.81
N TYR D 606 -49.53 -34.75 -41.93
CA TYR D 606 -49.11 -35.81 -41.03
C TYR D 606 -47.61 -36.04 -41.14
N THR D 607 -47.08 -36.08 -42.36
CA THR D 607 -45.65 -36.32 -42.55
C THR D 607 -44.83 -35.25 -41.85
N ALA D 608 -45.21 -33.99 -42.07
CA ALA D 608 -44.49 -32.87 -41.50
C ALA D 608 -44.56 -32.86 -39.97
N ASN D 609 -45.77 -33.07 -39.46
CA ASN D 609 -45.99 -33.05 -38.02
C ASN D 609 -45.25 -34.19 -37.35
N LEU D 610 -45.23 -35.35 -38.00
CA LEU D 610 -44.51 -36.51 -37.48
C LEU D 610 -43.04 -36.14 -37.41
N ALA D 611 -42.57 -35.44 -38.43
CA ALA D 611 -41.18 -34.98 -38.44
C ALA D 611 -40.91 -34.07 -37.23
N ALA D 612 -41.84 -33.17 -36.93
CA ALA D 612 -41.71 -32.32 -35.75
C ALA D 612 -41.74 -33.13 -34.45
N PHE D 613 -42.50 -34.22 -34.46
CA PHE D 613 -42.77 -35.04 -33.27
C PHE D 613 -41.60 -35.96 -32.92
N LEU D 614 -41.05 -36.62 -33.93
CA LEU D 614 -39.92 -37.54 -33.77
C LEU D 614 -40.20 -38.60 -32.70
N GLY D 615 -39.18 -38.97 -31.92
CA GLY D 615 -39.39 -39.76 -30.73
C GLY D 615 -39.51 -38.91 -29.47
N VAL D 616 -40.30 -39.37 -28.51
CA VAL D 616 -40.35 -38.74 -27.20
C VAL D 616 -39.24 -39.29 -26.29
N GLU D 617 -39.07 -40.61 -26.36
CA GLU D 617 -38.10 -41.38 -25.58
C GLU D 617 -38.12 -41.03 -24.08
N ARG D 618 -39.30 -40.72 -23.56
CA ARG D 618 -39.44 -40.39 -22.14
C ARG D 618 -39.90 -41.59 -21.32
N MET D 619 -39.19 -41.86 -20.23
CA MET D 619 -39.49 -42.98 -19.36
C MET D 619 -40.67 -42.68 -18.43
N VAL D 620 -41.39 -43.73 -18.03
CA VAL D 620 -42.51 -43.58 -17.11
C VAL D 620 -42.02 -43.47 -15.67
N SER D 621 -42.73 -42.68 -14.86
CA SER D 621 -42.41 -42.55 -13.46
C SER D 621 -43.46 -43.27 -12.61
N PRO D 622 -43.02 -44.27 -11.83
CA PRO D 622 -43.92 -45.06 -10.98
C PRO D 622 -44.65 -44.20 -9.94
N ILE D 623 -43.93 -43.28 -9.32
CA ILE D 623 -44.44 -42.49 -8.21
C ILE D 623 -44.15 -41.00 -8.35
N GLU D 624 -45.19 -40.18 -8.52
CA GLU D 624 -44.98 -38.77 -8.82
C GLU D 624 -44.87 -37.89 -7.57
N SER D 625 -45.21 -38.46 -6.42
CA SER D 625 -45.16 -37.72 -5.16
C SER D 625 -45.06 -38.63 -3.93
N ALA D 626 -44.74 -38.04 -2.78
CA ALA D 626 -44.55 -38.80 -1.54
C ALA D 626 -45.76 -39.60 -1.09
N GLU D 627 -46.95 -39.04 -1.28
CA GLU D 627 -48.21 -39.64 -0.84
C GLU D 627 -48.50 -40.99 -1.51
N ASP D 628 -48.14 -41.07 -2.79
CA ASP D 628 -48.37 -42.28 -3.55
C ASP D 628 -47.65 -43.48 -2.93
N LEU D 629 -46.49 -43.24 -2.33
CA LEU D 629 -45.80 -44.30 -1.61
C LEU D 629 -46.65 -44.76 -0.43
N SER D 630 -47.35 -43.82 0.18
CA SER D 630 -48.23 -44.12 1.30
C SER D 630 -49.41 -44.96 0.83
N LYS D 631 -49.80 -44.81 -0.44
CA LYS D 631 -50.98 -45.54 -0.94
C LYS D 631 -50.70 -46.97 -1.43
N GLN D 632 -49.43 -47.33 -1.60
CA GLN D 632 -49.11 -48.65 -2.14
C GLN D 632 -48.12 -49.44 -1.29
N THR D 633 -48.37 -50.75 -1.17
CA THR D 633 -47.50 -51.64 -0.42
C THR D 633 -46.52 -52.38 -1.34
N GLU D 634 -46.66 -52.18 -2.65
CA GLU D 634 -45.87 -52.93 -3.61
C GLU D 634 -44.40 -52.52 -3.53
N ILE D 635 -44.16 -51.21 -3.48
CA ILE D 635 -42.79 -50.72 -3.39
C ILE D 635 -42.47 -50.35 -1.96
N ALA D 636 -41.59 -51.13 -1.34
CA ALA D 636 -41.14 -50.84 0.01
C ALA D 636 -40.28 -49.59 -0.04
N TYR D 637 -40.23 -48.86 1.08
CA TYR D 637 -39.42 -47.65 1.13
C TYR D 637 -38.89 -47.42 2.54
N GLY D 638 -37.77 -46.73 2.66
CA GLY D 638 -37.20 -46.51 3.98
C GLY D 638 -36.24 -45.35 4.10
N THR D 639 -35.77 -45.09 5.32
CA THR D 639 -34.80 -44.03 5.58
C THR D 639 -33.59 -44.58 6.34
N LEU D 640 -32.70 -43.68 6.73
CA LEU D 640 -31.53 -44.07 7.52
C LEU D 640 -31.90 -44.53 8.92
N ASP D 641 -30.98 -45.27 9.55
CA ASP D 641 -31.19 -45.79 10.90
C ASP D 641 -31.35 -44.66 11.91
N SER D 642 -30.79 -43.50 11.60
CA SER D 642 -30.90 -42.33 12.46
C SER D 642 -30.79 -41.05 11.65
N GLY D 643 -30.84 -39.91 12.32
CA GLY D 643 -30.73 -38.63 11.66
C GLY D 643 -32.05 -37.88 11.59
N SER D 644 -32.00 -36.70 10.98
CA SER D 644 -33.12 -35.77 11.01
C SER D 644 -34.33 -36.24 10.22
N THR D 645 -34.10 -37.07 9.20
CA THR D 645 -35.18 -37.57 8.36
C THR D 645 -36.08 -38.55 9.11
N LYS D 646 -35.44 -39.55 9.71
CA LYS D 646 -36.16 -40.52 10.53
C LYS D 646 -36.92 -39.83 11.66
N GLU D 647 -36.24 -38.91 12.33
CA GLU D 647 -36.85 -38.15 13.43
C GLU D 647 -38.04 -37.34 12.94
N PHE D 648 -37.92 -36.82 11.72
CA PHE D 648 -39.01 -36.09 11.07
C PHE D 648 -40.23 -36.97 10.90
N PHE D 649 -40.01 -38.16 10.36
CA PHE D 649 -41.11 -39.10 10.17
C PHE D 649 -41.72 -39.52 11.49
N ARG D 650 -40.87 -39.72 12.49
CA ARG D 650 -41.32 -40.13 13.82
C ARG D 650 -42.25 -39.08 14.43
N ARG D 651 -41.79 -37.85 14.50
CA ARG D 651 -42.54 -36.76 15.15
C ARG D 651 -43.60 -36.11 14.28
N SER D 652 -43.70 -36.53 13.03
CA SER D 652 -44.60 -35.84 12.10
C SER D 652 -46.05 -36.06 12.51
N LYS D 653 -46.78 -34.97 12.64
CA LYS D 653 -48.19 -35.02 13.00
C LYS D 653 -49.08 -34.96 11.76
N ILE D 654 -48.45 -34.92 10.59
CA ILE D 654 -49.17 -34.86 9.31
C ILE D 654 -49.58 -36.26 8.88
N ALA D 655 -50.81 -36.38 8.36
CA ALA D 655 -51.43 -37.66 8.05
C ALA D 655 -50.52 -38.61 7.26
N VAL D 656 -50.15 -38.17 6.06
CA VAL D 656 -49.35 -38.96 5.13
C VAL D 656 -48.06 -39.50 5.73
N PHE D 657 -47.24 -38.58 6.24
CA PHE D 657 -45.98 -38.92 6.86
C PHE D 657 -46.18 -39.85 8.06
N ASP D 658 -47.26 -39.62 8.80
CA ASP D 658 -47.63 -40.50 9.92
C ASP D 658 -47.81 -41.94 9.43
N LYS D 659 -48.66 -42.10 8.41
CA LYS D 659 -48.89 -43.41 7.81
C LYS D 659 -47.58 -44.06 7.35
N MET D 660 -46.76 -43.28 6.65
CA MET D 660 -45.48 -43.78 6.16
C MET D 660 -44.58 -44.28 7.29
N TRP D 661 -44.53 -43.52 8.37
CA TRP D 661 -43.73 -43.88 9.54
C TRP D 661 -44.25 -45.17 10.17
N THR D 662 -45.57 -45.25 10.32
CA THR D 662 -46.20 -46.45 10.85
C THR D 662 -45.78 -47.67 10.05
N TYR D 663 -45.94 -47.57 8.73
CA TYR D 663 -45.54 -48.65 7.84
C TYR D 663 -44.07 -49.01 8.04
N MET D 664 -43.21 -48.01 7.99
CA MET D 664 -41.77 -48.23 8.04
C MET D 664 -41.32 -48.92 9.32
N ARG D 665 -41.78 -48.43 10.47
CA ARG D 665 -41.41 -49.03 11.74
C ARG D 665 -41.99 -50.44 11.89
N SER D 666 -43.21 -50.64 11.39
CA SER D 666 -43.86 -51.94 11.54
C SER D 666 -43.39 -52.99 10.53
N ALA D 667 -42.90 -52.53 9.38
CA ALA D 667 -42.57 -53.44 8.27
C ALA D 667 -41.36 -54.32 8.58
N GLU D 668 -41.42 -55.57 8.10
CA GLU D 668 -40.32 -56.52 8.23
C GLU D 668 -40.05 -57.14 6.86
N PRO D 669 -38.77 -57.34 6.51
CA PRO D 669 -37.55 -56.96 7.22
C PRO D 669 -37.35 -55.45 7.25
N SER D 670 -36.45 -54.98 8.12
CA SER D 670 -36.24 -53.54 8.31
C SER D 670 -35.98 -52.82 7.00
N VAL D 671 -36.65 -51.69 6.82
CA VAL D 671 -36.47 -50.87 5.62
C VAL D 671 -35.37 -49.84 5.86
N PHE D 672 -34.86 -49.81 7.08
CA PHE D 672 -33.86 -48.83 7.47
C PHE D 672 -32.45 -49.31 7.17
N VAL D 673 -31.59 -48.38 6.74
CA VAL D 673 -30.21 -48.70 6.40
C VAL D 673 -29.22 -47.90 7.26
N ARG D 674 -28.01 -48.44 7.42
CA ARG D 674 -27.01 -47.82 8.27
C ARG D 674 -26.31 -46.63 7.62
N THR D 675 -25.96 -46.77 6.34
CA THR D 675 -25.24 -45.72 5.62
C THR D 675 -25.97 -45.31 4.35
N THR D 676 -25.58 -44.17 3.79
CA THR D 676 -26.19 -43.68 2.56
C THR D 676 -25.86 -44.59 1.39
N ALA D 677 -24.60 -45.01 1.32
CA ALA D 677 -24.15 -45.89 0.24
C ALA D 677 -24.92 -47.21 0.28
N GLU D 678 -25.27 -47.63 1.49
CA GLU D 678 -26.04 -48.86 1.68
C GLU D 678 -27.45 -48.71 1.10
N GLY D 679 -28.06 -47.55 1.35
CA GLY D 679 -29.37 -47.24 0.84
C GLY D 679 -29.40 -47.19 -0.67
N VAL D 680 -28.41 -46.50 -1.24
CA VAL D 680 -28.29 -46.40 -2.68
C VAL D 680 -28.09 -47.79 -3.32
N ALA D 681 -27.18 -48.57 -2.74
CA ALA D 681 -26.94 -49.94 -3.19
C ALA D 681 -28.21 -50.78 -3.15
N ARG D 682 -29.00 -50.62 -2.08
CA ARG D 682 -30.27 -51.34 -1.96
C ARG D 682 -31.26 -50.90 -3.04
N VAL D 683 -31.24 -49.61 -3.38
CA VAL D 683 -32.11 -49.11 -4.45
C VAL D 683 -31.69 -49.74 -5.78
N ARG D 684 -30.38 -49.88 -5.96
CA ARG D 684 -29.85 -50.40 -7.23
C ARG D 684 -30.10 -51.90 -7.41
N LYS D 685 -29.99 -52.67 -6.33
CA LYS D 685 -30.12 -54.13 -6.43
C LYS D 685 -31.58 -54.59 -6.42
N SER D 686 -32.49 -53.73 -5.97
CA SER D 686 -33.87 -54.13 -5.71
C SER D 686 -34.74 -54.12 -6.96
N LYS D 687 -34.13 -53.79 -8.09
CA LYS D 687 -34.84 -53.76 -9.37
C LYS D 687 -36.01 -52.79 -9.36
N GLY D 688 -35.91 -51.74 -8.53
CA GLY D 688 -36.94 -50.73 -8.46
C GLY D 688 -38.10 -51.07 -7.55
N LYS D 689 -37.91 -52.06 -6.68
CA LYS D 689 -38.95 -52.42 -5.72
C LYS D 689 -38.74 -51.70 -4.39
N TYR D 690 -37.61 -51.02 -4.24
CA TYR D 690 -37.30 -50.29 -3.01
C TYR D 690 -36.97 -48.82 -3.28
N ALA D 691 -37.57 -47.95 -2.48
CA ALA D 691 -37.33 -46.52 -2.56
C ALA D 691 -36.60 -46.00 -1.32
N TYR D 692 -35.68 -45.08 -1.54
CA TYR D 692 -34.88 -44.55 -0.44
C TYR D 692 -35.16 -43.08 -0.21
N LEU D 693 -35.55 -42.76 1.02
CA LEU D 693 -35.84 -41.40 1.39
C LEU D 693 -34.59 -40.75 1.97
N LEU D 694 -34.08 -39.73 1.27
CA LEU D 694 -32.87 -39.06 1.71
C LEU D 694 -32.92 -37.60 1.28
N GLU D 695 -32.11 -36.77 1.92
CA GLU D 695 -32.12 -35.34 1.66
C GLU D 695 -31.71 -35.04 0.21
N SER D 696 -32.32 -34.00 -0.35
CA SER D 696 -32.19 -33.67 -1.76
C SER D 696 -30.74 -33.59 -2.24
N THR D 697 -29.88 -33.03 -1.40
CA THR D 697 -28.47 -32.88 -1.75
C THR D 697 -27.82 -34.20 -2.14
N MET D 698 -27.77 -35.13 -1.18
CA MET D 698 -27.18 -36.44 -1.41
C MET D 698 -27.82 -37.15 -2.60
N ASN D 699 -29.12 -36.93 -2.77
CA ASN D 699 -29.85 -37.54 -3.87
C ASN D 699 -29.33 -37.02 -5.23
N GLU D 700 -29.17 -35.70 -5.32
CA GLU D 700 -28.62 -35.08 -6.53
C GLU D 700 -27.21 -35.55 -6.81
N TYR D 701 -26.40 -35.61 -5.75
CA TYR D 701 -25.01 -36.00 -5.87
C TYR D 701 -24.85 -37.43 -6.39
N ILE D 702 -25.62 -38.34 -5.81
CA ILE D 702 -25.60 -39.74 -6.25
C ILE D 702 -26.17 -39.83 -7.67
N GLU D 703 -27.11 -38.94 -7.96
CA GLU D 703 -27.71 -38.86 -9.29
C GLU D 703 -26.68 -38.46 -10.34
N GLN D 704 -25.63 -37.78 -9.92
CA GLN D 704 -24.58 -37.35 -10.85
C GLN D 704 -23.38 -38.31 -10.98
N ARG D 705 -23.41 -39.43 -10.26
CA ARG D 705 -22.31 -40.40 -10.30
C ARG D 705 -22.69 -41.71 -10.99
N LYS D 706 -21.76 -42.27 -11.75
CA LYS D 706 -21.95 -43.55 -12.42
C LYS D 706 -22.21 -44.63 -11.37
N PRO D 707 -22.94 -45.69 -11.74
CA PRO D 707 -23.54 -46.12 -13.02
C PRO D 707 -24.72 -45.27 -13.51
N CYS D 708 -25.10 -44.26 -12.73
CA CYS D 708 -26.16 -43.33 -13.11
C CYS D 708 -27.50 -44.04 -13.28
N ASP D 709 -27.72 -45.07 -12.46
CA ASP D 709 -28.93 -45.87 -12.54
C ASP D 709 -30.01 -45.36 -11.58
N THR D 710 -29.68 -44.34 -10.80
CA THR D 710 -30.59 -43.84 -9.78
C THR D 710 -31.05 -42.42 -10.11
N MET D 711 -32.24 -42.06 -9.64
CA MET D 711 -32.76 -40.72 -9.88
C MET D 711 -33.64 -40.24 -8.73
N LYS D 712 -33.75 -38.92 -8.63
CA LYS D 712 -34.60 -38.27 -7.65
C LYS D 712 -35.95 -38.02 -8.30
N VAL D 713 -37.00 -38.49 -7.65
CA VAL D 713 -38.34 -38.36 -8.21
C VAL D 713 -39.23 -37.42 -7.39
N GLY D 714 -40.02 -36.61 -8.09
CA GLY D 714 -40.99 -35.75 -7.45
C GLY D 714 -40.34 -34.62 -6.66
N GLY D 715 -41.18 -33.86 -5.94
CA GLY D 715 -40.69 -32.74 -5.16
C GLY D 715 -40.11 -33.13 -3.83
N ASN D 716 -39.85 -32.14 -2.98
CA ASN D 716 -39.33 -32.38 -1.65
C ASN D 716 -40.44 -32.42 -0.60
N LEU D 717 -40.28 -33.28 0.40
CA LEU D 717 -41.27 -33.43 1.46
C LEU D 717 -41.29 -32.19 2.36
N ASP D 718 -40.11 -31.70 2.71
CA ASP D 718 -39.98 -30.52 3.55
C ASP D 718 -38.88 -29.60 3.04
N SER D 719 -38.88 -28.35 3.50
CA SER D 719 -37.87 -27.39 3.08
C SER D 719 -37.05 -26.88 4.25
N LYS D 720 -35.78 -27.24 4.29
CA LYS D 720 -34.89 -26.89 5.39
C LYS D 720 -33.49 -26.63 4.84
N GLY D 721 -32.54 -26.42 5.75
CA GLY D 721 -31.17 -26.17 5.32
C GLY D 721 -30.13 -26.69 6.29
N TYR D 722 -28.88 -26.81 5.82
CA TYR D 722 -27.78 -27.18 6.71
C TYR D 722 -27.26 -25.94 7.43
N GLY D 723 -26.25 -26.12 8.29
CA GLY D 723 -25.71 -24.99 9.01
C GLY D 723 -24.42 -25.26 9.78
N ILE D 724 -23.68 -24.18 10.05
CA ILE D 724 -22.47 -24.29 10.85
C ILE D 724 -22.84 -24.11 12.31
N ALA D 725 -22.42 -25.05 13.16
CA ALA D 725 -22.85 -25.06 14.55
C ALA D 725 -21.75 -24.59 15.49
N THR D 726 -22.13 -23.75 16.45
CA THR D 726 -21.19 -23.23 17.43
C THR D 726 -21.82 -23.25 18.83
N PRO D 727 -21.03 -23.57 19.86
CA PRO D 727 -21.49 -23.58 21.25
C PRO D 727 -22.15 -22.26 21.65
N LYS D 728 -23.19 -22.32 22.48
CA LYS D 728 -23.91 -21.11 22.86
C LYS D 728 -23.00 -20.19 23.66
N GLY D 729 -22.89 -18.94 23.21
CA GLY D 729 -22.04 -17.97 23.87
C GLY D 729 -20.59 -18.04 23.43
N SER D 730 -20.34 -18.71 22.32
CA SER D 730 -18.99 -18.76 21.76
C SER D 730 -18.67 -17.45 21.04
N SER D 731 -17.40 -17.10 21.02
CA SER D 731 -16.97 -15.86 20.38
C SER D 731 -16.96 -15.99 18.86
N LEU D 732 -16.88 -17.23 18.38
CA LEU D 732 -16.76 -17.52 16.96
C LEU D 732 -18.08 -17.39 16.19
N GLY D 733 -19.19 -17.46 16.92
CA GLY D 733 -20.50 -17.58 16.31
C GLY D 733 -20.86 -16.49 15.31
N THR D 734 -20.80 -15.24 15.75
CA THR D 734 -21.16 -14.12 14.87
C THR D 734 -20.20 -13.96 13.69
N PRO D 735 -18.87 -14.06 13.92
CA PRO D 735 -17.97 -14.03 12.77
C PRO D 735 -18.31 -15.12 11.74
N VAL D 736 -18.58 -16.33 12.21
CA VAL D 736 -18.96 -17.43 11.32
C VAL D 736 -20.22 -17.09 10.53
N ASN D 737 -21.22 -16.56 11.23
CA ASN D 737 -22.48 -16.19 10.60
C ASN D 737 -22.29 -15.15 9.49
N LEU D 738 -21.62 -14.04 9.81
CA LEU D 738 -21.37 -13.00 8.81
C LEU D 738 -20.53 -13.52 7.65
N ALA D 739 -19.64 -14.47 7.96
CA ALA D 739 -18.83 -15.09 6.94
C ALA D 739 -19.70 -15.89 5.97
N VAL D 740 -20.64 -16.65 6.52
CA VAL D 740 -21.55 -17.43 5.69
C VAL D 740 -22.42 -16.51 4.83
N LEU D 741 -22.87 -15.40 5.40
CA LEU D 741 -23.64 -14.42 4.63
C LEU D 741 -22.85 -13.82 3.46
N LYS D 742 -21.65 -13.35 3.75
CA LYS D 742 -20.75 -12.80 2.72
C LYS D 742 -20.52 -13.83 1.61
N LEU D 743 -20.16 -15.05 1.99
CA LEU D 743 -19.98 -16.13 1.02
C LEU D 743 -21.25 -16.37 0.21
N SER D 744 -22.40 -16.20 0.85
CA SER D 744 -23.68 -16.39 0.18
C SER D 744 -23.88 -15.36 -0.93
N GLU D 745 -23.74 -14.09 -0.59
CA GLU D 745 -23.95 -13.04 -1.59
C GLU D 745 -22.89 -13.03 -2.68
N GLN D 746 -21.66 -13.40 -2.33
CA GLN D 746 -20.59 -13.42 -3.31
C GLN D 746 -20.66 -14.59 -4.28
N GLY D 747 -21.50 -15.57 -3.95
CA GLY D 747 -21.71 -16.70 -4.84
C GLY D 747 -20.69 -17.79 -4.62
N VAL D 748 -19.91 -17.67 -3.55
CA VAL D 748 -18.89 -18.66 -3.24
C VAL D 748 -19.54 -20.01 -2.93
N LEU D 749 -20.67 -19.98 -2.22
CA LEU D 749 -21.37 -21.20 -1.88
C LEU D 749 -21.89 -21.89 -3.14
N ASP D 750 -22.51 -21.11 -4.01
CA ASP D 750 -23.03 -21.61 -5.28
C ASP D 750 -21.91 -22.25 -6.10
N LYS D 751 -20.85 -21.50 -6.30
CA LYS D 751 -19.70 -21.97 -7.05
C LYS D 751 -19.12 -23.23 -6.44
N LEU D 752 -19.15 -23.31 -5.12
CA LEU D 752 -18.64 -24.47 -4.40
C LEU D 752 -19.48 -25.72 -4.67
N LYS D 753 -20.79 -25.58 -4.55
CA LYS D 753 -21.68 -26.70 -4.81
C LYS D 753 -21.54 -27.15 -6.26
N ASN D 754 -21.52 -26.18 -7.17
CA ASN D 754 -21.32 -26.48 -8.58
C ASN D 754 -19.99 -27.20 -8.83
N LYS D 755 -18.98 -26.82 -8.06
CA LYS D 755 -17.68 -27.48 -8.13
C LYS D 755 -17.79 -28.95 -7.76
N TRP D 756 -18.34 -29.23 -6.58
CA TRP D 756 -18.38 -30.60 -6.07
C TRP D 756 -19.48 -31.48 -6.65
N TRP D 757 -20.65 -30.90 -6.89
CA TRP D 757 -21.79 -31.66 -7.40
C TRP D 757 -21.77 -31.83 -8.93
N TYR D 758 -21.98 -30.72 -9.63
CA TYR D 758 -22.28 -30.72 -11.06
C TYR D 758 -21.08 -30.73 -12.03
N ASP D 759 -20.18 -29.76 -11.89
CA ASP D 759 -19.10 -29.54 -12.86
C ASP D 759 -18.34 -30.79 -13.29
N LYS D 760 -18.09 -31.69 -12.35
CA LYS D 760 -17.40 -32.94 -12.66
C LYS D 760 -18.40 -34.06 -12.96
N GLY D 761 -19.68 -33.70 -13.03
CA GLY D 761 -20.77 -34.67 -13.14
C GLY D 761 -20.61 -35.72 -14.21
N GLU D 762 -20.76 -36.98 -13.80
CA GLU D 762 -20.43 -38.12 -14.65
C GLU D 762 -21.60 -38.61 -15.49
N CYS D 763 -22.79 -38.06 -15.24
CA CYS D 763 -23.96 -38.46 -16.00
C CYS D 763 -24.32 -37.41 -17.04
N GLY D 764 -24.11 -37.74 -18.31
CA GLY D 764 -24.37 -36.81 -19.38
C GLY D 764 -23.44 -35.61 -19.35
N THR D 774 -30.01 -37.24 -33.48
CA THR D 774 -30.15 -38.68 -33.52
C THR D 774 -31.54 -39.10 -34.00
N SER D 775 -31.65 -40.36 -34.44
CA SER D 775 -32.90 -40.90 -34.98
C SER D 775 -33.20 -42.27 -34.39
N ALA D 776 -34.41 -42.44 -33.85
CA ALA D 776 -34.76 -43.69 -33.20
C ALA D 776 -34.83 -44.86 -34.18
N LEU D 777 -35.30 -44.59 -35.40
CA LEU D 777 -35.51 -45.65 -36.40
C LEU D 777 -36.45 -46.71 -35.84
N SER D 778 -37.49 -46.25 -35.15
CA SER D 778 -38.36 -47.11 -34.37
C SER D 778 -39.19 -48.08 -35.20
N LEU D 779 -39.21 -49.34 -34.77
CA LEU D 779 -40.11 -50.33 -35.36
C LEU D 779 -41.46 -50.34 -34.63
N SER D 780 -41.43 -50.51 -33.31
CA SER D 780 -42.63 -50.71 -32.49
C SER D 780 -43.81 -49.80 -32.85
N ASN D 781 -43.54 -48.52 -33.09
CA ASN D 781 -44.59 -47.59 -33.48
C ASN D 781 -45.24 -48.01 -34.81
N VAL D 782 -44.41 -48.48 -35.74
CA VAL D 782 -44.88 -48.94 -37.05
C VAL D 782 -45.50 -50.33 -36.94
N ALA D 783 -45.06 -51.07 -35.92
CA ALA D 783 -45.54 -52.43 -35.67
C ALA D 783 -47.06 -52.45 -35.59
N GLY D 784 -47.64 -51.42 -34.99
CA GLY D 784 -49.08 -51.30 -34.88
C GLY D 784 -49.78 -51.24 -36.23
N VAL D 785 -49.23 -50.44 -37.13
CA VAL D 785 -49.76 -50.31 -38.49
C VAL D 785 -49.58 -51.64 -39.24
N PHE D 786 -48.51 -52.36 -38.91
CA PHE D 786 -48.33 -53.71 -39.43
C PHE D 786 -49.45 -54.63 -38.94
N TYR D 787 -49.82 -54.44 -37.67
CA TYR D 787 -50.89 -55.22 -37.05
C TYR D 787 -52.25 -54.93 -37.69
N ILE D 788 -52.53 -53.66 -37.99
CA ILE D 788 -53.79 -53.32 -38.64
C ILE D 788 -53.76 -53.81 -40.09
N LEU D 789 -52.56 -53.94 -40.65
CA LEU D 789 -52.40 -54.53 -41.97
C LEU D 789 -52.78 -56.00 -41.95
N VAL D 790 -52.19 -56.75 -41.02
CA VAL D 790 -52.47 -58.17 -40.88
C VAL D 790 -53.95 -58.40 -40.54
N GLY D 791 -54.53 -57.50 -39.76
CA GLY D 791 -55.95 -57.56 -39.44
C GLY D 791 -56.80 -57.38 -40.68
N GLY D 792 -56.42 -56.40 -41.50
CA GLY D 792 -57.12 -56.15 -42.75
C GLY D 792 -57.03 -57.32 -43.72
N LEU D 793 -55.85 -57.94 -43.78
CA LEU D 793 -55.64 -59.12 -44.62
C LEU D 793 -56.40 -60.32 -44.07
N GLY D 794 -56.56 -60.39 -42.76
CA GLY D 794 -57.32 -61.45 -42.13
C GLY D 794 -58.78 -61.34 -42.49
N LEU D 795 -59.34 -60.14 -42.35
CA LEU D 795 -60.72 -59.89 -42.77
C LEU D 795 -60.87 -60.15 -44.26
N ALA D 796 -59.83 -59.83 -45.01
CA ALA D 796 -59.80 -60.07 -46.46
C ALA D 796 -59.90 -61.55 -46.78
N MET D 797 -59.14 -62.37 -46.05
CA MET D 797 -59.20 -63.82 -46.19
C MET D 797 -60.58 -64.33 -45.80
N LEU D 798 -61.16 -63.72 -44.78
CA LEU D 798 -62.49 -64.09 -44.32
C LEU D 798 -63.52 -63.88 -45.43
N VAL D 799 -63.49 -62.70 -46.04
CA VAL D 799 -64.40 -62.36 -47.14
C VAL D 799 -64.16 -63.25 -48.36
N ALA D 800 -62.88 -63.49 -48.65
CA ALA D 800 -62.49 -64.38 -49.75
C ALA D 800 -63.04 -65.79 -49.55
N LEU D 801 -63.10 -66.22 -48.29
CA LEU D 801 -63.64 -67.54 -47.97
C LEU D 801 -65.16 -67.58 -48.04
N ILE D 802 -65.83 -66.58 -47.47
CA ILE D 802 -67.29 -66.55 -47.48
C ILE D 802 -67.83 -66.37 -48.89
N GLU D 803 -67.02 -65.77 -49.76
CA GLU D 803 -67.40 -65.62 -51.17
C GLU D 803 -67.44 -66.96 -51.86
N PHE D 804 -66.34 -67.70 -51.81
CA PHE D 804 -66.25 -69.00 -52.46
C PHE D 804 -66.99 -70.07 -51.66
N GLY E 6 -10.65 11.84 -5.49
CA GLY E 6 -9.29 11.85 -6.01
C GLY E 6 -8.67 10.48 -6.01
N PRO E 7 -7.39 10.39 -5.60
CA PRO E 7 -6.68 9.10 -5.57
C PRO E 7 -7.08 8.25 -4.37
N ALA E 8 -7.08 6.93 -4.56
CA ALA E 8 -7.42 6.01 -3.48
C ALA E 8 -6.15 5.38 -2.92
N ASP E 9 -6.15 5.05 -1.64
CA ASP E 9 -4.99 4.42 -1.05
C ASP E 9 -5.42 3.11 -0.42
N CYS E 10 -4.52 2.48 0.33
CA CYS E 10 -4.82 1.28 1.07
C CYS E 10 -4.61 1.58 2.54
N CYS E 11 -3.38 1.95 2.88
CA CYS E 11 -2.99 2.24 4.25
C CYS E 11 -3.84 3.34 4.83
N ARG E 12 -4.03 4.40 4.05
CA ARG E 12 -4.88 5.51 4.45
C ARG E 12 -6.28 5.01 4.77
N MET E 13 -6.79 4.12 3.91
CA MET E 13 -8.11 3.55 4.11
C MET E 13 -8.18 2.75 5.41
N LYS E 14 -7.11 2.03 5.73
CA LYS E 14 -7.09 1.22 6.95
C LYS E 14 -7.06 2.10 8.21
N GLU E 15 -6.10 3.02 8.24
CA GLU E 15 -5.91 3.91 9.38
C GLU E 15 -7.18 4.74 9.60
N CYS E 16 -7.85 5.11 8.52
CA CYS E 16 -9.15 5.77 8.60
C CYS E 16 -10.20 4.83 9.18
N CYS E 17 -10.21 3.60 8.67
CA CYS E 17 -11.20 2.59 9.04
C CYS E 17 -11.23 2.32 10.53
N THR E 18 -10.09 1.93 11.09
CA THR E 18 -10.00 1.65 12.51
C THR E 18 -10.48 2.83 13.37
N ASP E 19 -10.00 4.03 13.03
CA ASP E 19 -10.33 5.23 13.79
C ASP E 19 -11.82 5.53 13.75
N ARG E 20 -12.42 5.41 12.58
CA ARG E 20 -13.84 5.72 12.45
C ARG E 20 -14.68 4.67 13.16
N VAL E 21 -14.26 3.40 13.10
CA VAL E 21 -14.95 2.35 13.85
C VAL E 21 -14.91 2.66 15.34
N ASN E 22 -13.72 2.93 15.87
CA ASN E 22 -13.55 3.22 17.29
C ASN E 22 -14.37 4.43 17.73
N GLU E 23 -14.22 5.53 17.00
CA GLU E 23 -14.94 6.76 17.30
C GLU E 23 -16.44 6.53 17.25
N CYS E 24 -16.88 5.64 16.37
CA CYS E 24 -18.30 5.28 16.29
C CYS E 24 -18.73 4.50 17.52
N LEU E 25 -17.94 3.51 17.90
CA LEU E 25 -18.25 2.66 19.04
C LEU E 25 -18.27 3.43 20.36
N GLN E 26 -17.55 4.55 20.39
CA GLN E 26 -17.48 5.37 21.59
C GLN E 26 -18.84 5.96 22.02
N ARG E 27 -19.73 6.21 21.06
CA ARG E 27 -21.05 6.74 21.38
C ARG E 27 -21.94 5.66 21.98
N TYR E 28 -21.61 4.42 21.64
CA TYR E 28 -22.35 3.23 22.02
C TYR E 28 -21.79 2.54 23.26
N SER E 29 -20.98 3.25 24.02
CA SER E 29 -20.31 2.71 25.20
C SER E 29 -21.26 1.94 26.15
N GLY E 30 -20.82 0.73 26.47
CA GLY E 30 -21.51 -0.21 27.33
C GLY E 30 -22.41 -1.17 26.57
N ARG E 31 -22.90 -0.75 25.41
CA ARG E 31 -23.55 -1.65 24.47
C ARG E 31 -22.57 -2.05 23.37
N GLU E 32 -21.31 -1.63 23.53
CA GLU E 32 -20.30 -1.70 22.48
C GLU E 32 -20.21 -3.00 21.68
N ASP E 33 -20.36 -4.14 22.34
CA ASP E 33 -20.22 -5.43 21.66
C ASP E 33 -21.33 -5.65 20.64
N LYS E 34 -22.44 -4.94 20.83
CA LYS E 34 -23.59 -5.07 19.93
C LYS E 34 -23.44 -4.27 18.63
N PHE E 35 -22.78 -3.12 18.72
CA PHE E 35 -22.76 -2.16 17.61
C PHE E 35 -21.53 -2.20 16.71
N VAL E 36 -20.64 -3.17 16.92
CA VAL E 36 -19.41 -3.27 16.14
C VAL E 36 -19.65 -3.23 14.62
N SER E 37 -20.62 -4.02 14.15
CA SER E 37 -20.89 -4.11 12.72
C SER E 37 -21.52 -2.84 12.17
N PHE E 38 -22.41 -2.23 12.95
CA PHE E 38 -23.03 -0.96 12.59
C PHE E 38 -21.93 0.09 12.36
N CYS E 39 -21.08 0.23 13.36
CA CYS E 39 -19.99 1.18 13.31
C CYS E 39 -19.03 0.86 12.19
N TYR E 40 -18.89 -0.43 11.88
CA TYR E 40 -18.06 -0.84 10.76
C TYR E 40 -18.68 -0.42 9.44
N GLN E 41 -20.01 -0.42 9.38
CA GLN E 41 -20.74 0.07 8.22
C GLN E 41 -20.44 1.55 8.04
N GLU E 42 -20.52 2.29 9.15
CA GLU E 42 -20.29 3.74 9.08
C GLU E 42 -18.86 4.04 8.65
N ALA E 43 -17.91 3.25 9.16
CA ALA E 43 -16.52 3.42 8.80
C ALA E 43 -16.26 3.06 7.34
N THR E 44 -16.93 2.03 6.85
CA THR E 44 -16.77 1.60 5.46
C THR E 44 -17.36 2.65 4.51
N VAL E 45 -18.45 3.27 4.94
CA VAL E 45 -19.04 4.36 4.16
C VAL E 45 -18.12 5.59 4.14
N THR E 46 -17.64 5.98 5.31
CA THR E 46 -16.87 7.22 5.44
C THR E 46 -15.45 7.11 4.86
N CYS E 47 -14.81 5.96 5.06
CA CYS E 47 -13.44 5.75 4.60
C CYS E 47 -13.37 5.12 3.22
N GLY E 48 -14.52 4.67 2.71
CA GLY E 48 -14.59 4.01 1.42
C GLY E 48 -14.03 2.62 1.43
N SER E 49 -14.35 1.84 0.40
CA SER E 49 -13.90 0.46 0.30
C SER E 49 -13.73 0.02 -1.14
N PHE E 50 -12.73 -0.81 -1.41
CA PHE E 50 -12.49 -1.33 -2.75
C PHE E 50 -13.55 -2.34 -3.16
N ASN E 51 -13.96 -3.16 -2.21
CA ASN E 51 -15.10 -4.04 -2.41
C ASN E 51 -16.08 -3.75 -1.30
N GLU E 52 -17.27 -3.29 -1.68
CA GLU E 52 -18.26 -2.81 -0.74
C GLU E 52 -18.64 -3.90 0.25
N ILE E 53 -18.61 -5.16 -0.19
CA ILE E 53 -18.95 -6.26 0.71
C ILE E 53 -17.88 -6.39 1.78
N VAL E 54 -16.63 -6.41 1.34
CA VAL E 54 -15.49 -6.56 2.24
C VAL E 54 -15.39 -5.45 3.29
N GLY E 55 -15.44 -4.20 2.84
CA GLY E 55 -15.31 -3.06 3.74
C GLY E 55 -13.89 -2.55 3.80
N CYS E 56 -13.67 -1.48 4.56
CA CYS E 56 -12.37 -0.82 4.63
C CYS E 56 -11.30 -1.74 5.20
N CYS E 57 -11.54 -2.30 6.38
CA CYS E 57 -10.67 -3.35 6.88
C CYS E 57 -11.48 -4.51 7.46
N TYR E 58 -11.39 -5.68 6.81
CA TYR E 58 -12.24 -6.81 7.19
C TYR E 58 -11.71 -7.52 8.44
N GLY E 59 -10.40 -7.75 8.47
CA GLY E 59 -9.77 -8.44 9.57
C GLY E 59 -9.90 -7.74 10.92
N TYR E 60 -9.80 -6.41 10.88
CA TYR E 60 -9.99 -5.59 12.06
C TYR E 60 -11.43 -5.71 12.55
N GLN E 61 -12.36 -5.72 11.61
CA GLN E 61 -13.77 -5.87 11.94
C GLN E 61 -14.00 -7.19 12.68
N MET E 62 -13.51 -8.28 12.10
CA MET E 62 -13.67 -9.60 12.71
C MET E 62 -13.03 -9.67 14.09
N CYS E 63 -11.78 -9.22 14.18
CA CYS E 63 -11.07 -9.18 15.45
C CYS E 63 -11.87 -8.44 16.52
N MET E 64 -12.41 -7.28 16.16
CA MET E 64 -13.21 -6.50 17.09
C MET E 64 -14.47 -7.26 17.51
N ILE E 65 -15.21 -7.75 16.52
CA ILE E 65 -16.45 -8.50 16.77
C ILE E 65 -16.25 -9.64 17.75
N ARG E 66 -15.18 -10.41 17.56
CA ARG E 66 -14.97 -11.55 18.45
C ARG E 66 -14.33 -11.17 19.80
N VAL E 67 -13.47 -10.15 19.82
CA VAL E 67 -12.82 -9.75 21.07
C VAL E 67 -13.64 -8.81 21.95
N VAL E 68 -14.22 -7.78 21.35
CA VAL E 68 -14.89 -6.70 22.10
C VAL E 68 -15.96 -7.19 23.07
N LYS E 69 -15.82 -6.80 24.32
CA LYS E 69 -16.81 -7.06 25.36
C LYS E 69 -17.28 -5.70 25.87
N PRO E 70 -18.47 -5.63 26.50
CA PRO E 70 -18.97 -4.34 27.01
C PRO E 70 -17.96 -3.61 27.91
N ASN E 71 -17.77 -2.32 27.64
CA ASN E 71 -16.86 -1.45 28.39
C ASN E 71 -15.37 -1.79 28.24
N SER E 72 -15.08 -2.88 27.53
CA SER E 72 -13.70 -3.30 27.32
C SER E 72 -13.12 -2.69 26.05
N LEU E 73 -13.88 -1.76 25.46
CA LEU E 73 -13.59 -1.20 24.15
C LEU E 73 -12.14 -0.78 23.93
N SER E 74 -11.67 0.19 24.72
CA SER E 74 -10.35 0.80 24.50
C SER E 74 -9.22 -0.22 24.32
N GLY E 75 -9.10 -1.16 25.24
CA GLY E 75 -8.08 -2.18 25.14
C GLY E 75 -8.28 -3.05 23.92
N ALA E 76 -9.54 -3.38 23.65
CA ALA E 76 -9.90 -4.21 22.50
C ALA E 76 -9.45 -3.60 21.19
N HIS E 77 -9.86 -2.35 20.94
CA HIS E 77 -9.45 -1.61 19.77
C HIS E 77 -7.92 -1.49 19.69
N GLU E 78 -7.31 -1.18 20.84
CA GLU E 78 -5.85 -1.03 20.90
C GLU E 78 -5.13 -2.32 20.50
N ALA E 79 -5.77 -3.46 20.76
CA ALA E 79 -5.22 -4.74 20.33
C ALA E 79 -5.54 -5.05 18.87
N CYS E 80 -6.71 -4.60 18.41
CA CYS E 80 -7.21 -4.98 17.10
C CYS E 80 -6.81 -4.06 15.95
N LYS E 81 -6.28 -2.89 16.26
CA LYS E 81 -6.08 -1.87 15.24
C LYS E 81 -4.84 -2.17 14.39
N THR E 82 -3.97 -3.03 14.90
CA THR E 82 -2.75 -3.40 14.19
C THR E 82 -2.96 -4.64 13.32
N VAL E 83 -4.11 -5.28 13.48
CA VAL E 83 -4.40 -6.57 12.85
C VAL E 83 -4.44 -6.45 11.33
N SER E 84 -4.06 -7.53 10.64
CA SER E 84 -4.06 -7.56 9.20
C SER E 84 -5.48 -7.49 8.64
N CYS E 85 -5.68 -6.63 7.63
CA CYS E 85 -7.01 -6.41 7.07
C CYS E 85 -7.39 -7.51 6.11
N GLY E 86 -6.40 -8.28 5.67
CA GLY E 86 -6.62 -9.33 4.69
C GLY E 86 -6.78 -8.73 3.31
N ASN E 87 -7.35 -9.50 2.39
CA ASN E 87 -7.50 -9.10 1.00
C ASN E 87 -8.72 -8.21 0.77
N PRO E 88 -8.50 -6.92 0.42
CA PRO E 88 -9.67 -6.08 0.17
C PRO E 88 -10.19 -6.21 -1.26
N CYS E 89 -10.21 -7.42 -1.78
CA CYS E 89 -10.78 -7.67 -3.10
C CYS E 89 -12.05 -8.47 -2.97
N ALA E 90 -11.92 -9.68 -2.44
CA ALA E 90 -13.03 -10.60 -2.30
C ALA E 90 -13.04 -11.21 -0.91
N GLY F 6 -3.07 -16.52 6.82
CA GLY F 6 -1.92 -15.66 6.58
C GLY F 6 -2.27 -14.48 5.68
N PRO F 7 -2.90 -13.44 6.25
CA PRO F 7 -3.28 -12.25 5.50
C PRO F 7 -2.08 -11.33 5.23
N ALA F 8 -2.10 -10.65 4.08
CA ALA F 8 -0.99 -9.79 3.70
C ALA F 8 -1.27 -8.32 4.01
N ASP F 9 -2.45 -8.06 4.56
CA ASP F 9 -2.89 -6.70 4.91
C ASP F 9 -2.77 -5.78 3.71
N CYS F 10 -2.58 -4.49 3.96
CA CYS F 10 -2.34 -3.52 2.90
C CYS F 10 -1.03 -2.80 3.17
N CYS F 11 -1.00 -2.11 4.30
CA CYS F 11 0.12 -1.26 4.68
C CYS F 11 1.43 -2.02 4.74
N ARG F 12 1.43 -3.18 5.37
CA ARG F 12 2.63 -4.00 5.45
C ARG F 12 3.12 -4.31 4.04
N MET F 13 2.20 -4.65 3.15
CA MET F 13 2.53 -4.93 1.77
C MET F 13 3.11 -3.69 1.07
N LYS F 14 2.55 -2.53 1.37
CA LYS F 14 2.99 -1.29 0.74
C LYS F 14 4.40 -0.91 1.18
N GLU F 15 4.60 -0.84 2.49
CA GLU F 15 5.88 -0.47 3.06
C GLU F 15 6.96 -1.46 2.63
N CYS F 16 6.56 -2.73 2.52
CA CYS F 16 7.45 -3.75 1.98
C CYS F 16 7.79 -3.41 0.54
N CYS F 17 6.78 -3.06 -0.25
CA CYS F 17 6.97 -2.76 -1.66
C CYS F 17 7.99 -1.63 -1.86
N THR F 18 7.72 -0.47 -1.27
CA THR F 18 8.63 0.67 -1.36
C THR F 18 10.02 0.30 -0.88
N ASP F 19 10.10 -0.40 0.25
CA ASP F 19 11.39 -0.77 0.81
C ASP F 19 12.22 -1.65 -0.12
N ARG F 20 11.59 -2.66 -0.72
CA ARG F 20 12.29 -3.57 -1.61
C ARG F 20 12.66 -2.90 -2.92
N VAL F 21 11.77 -2.05 -3.44
CA VAL F 21 12.08 -1.27 -4.64
C VAL F 21 13.31 -0.41 -4.41
N ASN F 22 13.28 0.36 -3.34
CA ASN F 22 14.37 1.25 -2.97
C ASN F 22 15.69 0.49 -2.79
N GLU F 23 15.65 -0.55 -1.96
CA GLU F 23 16.82 -1.36 -1.68
C GLU F 23 17.38 -1.99 -2.95
N CYS F 24 16.50 -2.34 -3.89
CA CYS F 24 16.93 -2.89 -5.17
C CYS F 24 17.61 -1.82 -6.03
N LEU F 25 16.98 -0.66 -6.14
CA LEU F 25 17.50 0.43 -6.95
C LEU F 25 18.82 0.96 -6.40
N GLN F 26 19.06 0.77 -5.11
CA GLN F 26 20.33 1.18 -4.50
C GLN F 26 21.50 0.38 -5.08
N ARG F 27 21.20 -0.82 -5.56
CA ARG F 27 22.22 -1.69 -6.13
C ARG F 27 22.69 -1.20 -7.50
N TYR F 28 21.81 -0.52 -8.22
CA TYR F 28 22.18 0.02 -9.53
C TYR F 28 22.44 1.51 -9.42
N SER F 29 23.70 1.93 -9.44
CA SER F 29 24.00 3.35 -9.30
C SER F 29 24.11 4.04 -10.65
N GLY F 30 23.33 5.10 -10.84
CA GLY F 30 23.37 5.87 -12.06
C GLY F 30 22.44 5.34 -13.13
N ARG F 31 22.12 4.06 -13.04
CA ARG F 31 21.16 3.39 -13.92
C ARG F 31 19.78 3.36 -13.31
N GLU F 32 19.64 4.02 -12.16
CA GLU F 32 18.43 3.97 -11.34
C GLU F 32 17.13 4.17 -12.12
N ASP F 33 17.13 5.13 -13.04
CA ASP F 33 15.93 5.45 -13.82
C ASP F 33 15.57 4.34 -14.81
N LYS F 34 16.58 3.55 -15.19
CA LYS F 34 16.38 2.47 -16.15
C LYS F 34 15.80 1.21 -15.50
N PHE F 35 16.18 0.95 -14.26
CA PHE F 35 15.85 -0.32 -13.60
C PHE F 35 14.61 -0.27 -12.69
N VAL F 36 13.91 0.87 -12.69
CA VAL F 36 12.74 1.04 -11.82
C VAL F 36 11.73 -0.09 -11.97
N SER F 37 11.44 -0.46 -13.21
CA SER F 37 10.47 -1.50 -13.47
C SER F 37 10.97 -2.88 -13.06
N PHE F 38 12.27 -3.13 -13.27
CA PHE F 38 12.87 -4.39 -12.83
C PHE F 38 12.72 -4.56 -11.32
N CYS F 39 13.18 -3.55 -10.59
CA CYS F 39 13.13 -3.57 -9.13
C CYS F 39 11.69 -3.60 -8.61
N TYR F 40 10.77 -3.00 -9.35
CA TYR F 40 9.36 -3.07 -9.00
C TYR F 40 8.82 -4.49 -9.19
N GLN F 41 9.32 -5.14 -10.22
CA GLN F 41 8.95 -6.52 -10.49
C GLN F 41 9.41 -7.42 -9.36
N GLU F 42 10.68 -7.28 -8.99
CA GLU F 42 11.25 -8.10 -7.93
C GLU F 42 10.56 -7.81 -6.59
N ALA F 43 10.26 -6.54 -6.35
CA ALA F 43 9.59 -6.13 -5.12
C ALA F 43 8.17 -6.68 -5.03
N THR F 44 7.49 -6.74 -6.17
CA THR F 44 6.15 -7.29 -6.22
C THR F 44 6.24 -8.80 -5.98
N VAL F 45 7.33 -9.41 -6.44
CA VAL F 45 7.55 -10.82 -6.18
C VAL F 45 7.78 -11.09 -4.69
N THR F 46 8.64 -10.28 -4.07
CA THR F 46 9.03 -10.50 -2.68
C THR F 46 7.93 -10.15 -1.68
N CYS F 47 7.20 -9.08 -1.96
CA CYS F 47 6.15 -8.61 -1.04
C CYS F 47 4.77 -9.17 -1.37
N GLY F 48 4.65 -9.81 -2.52
CA GLY F 48 3.37 -10.36 -2.97
C GLY F 48 2.43 -9.27 -3.44
N SER F 49 1.37 -9.67 -4.13
CA SER F 49 0.41 -8.71 -4.66
C SER F 49 -0.99 -9.31 -4.73
N PHE F 50 -1.99 -8.48 -4.48
CA PHE F 50 -3.38 -8.90 -4.55
C PHE F 50 -3.78 -9.14 -6.00
N ASN F 51 -3.24 -8.30 -6.88
CA ASN F 51 -3.41 -8.47 -8.31
C ASN F 51 -2.04 -8.54 -8.95
N GLU F 52 -1.74 -9.64 -9.64
CA GLU F 52 -0.39 -9.86 -10.16
C GLU F 52 0.08 -8.76 -11.09
N ILE F 53 -0.85 -8.26 -11.90
CA ILE F 53 -0.56 -7.23 -12.88
C ILE F 53 -0.26 -5.90 -12.16
N VAL F 54 -1.12 -5.52 -11.21
CA VAL F 54 -0.97 -4.26 -10.48
C VAL F 54 0.35 -4.19 -9.73
N GLY F 55 0.63 -5.21 -8.92
CA GLY F 55 1.84 -5.20 -8.12
C GLY F 55 1.59 -4.70 -6.71
N CYS F 56 2.64 -4.70 -5.89
CA CYS F 56 2.48 -4.35 -4.48
C CYS F 56 2.01 -2.90 -4.29
N CYS F 57 2.72 -1.92 -4.86
CA CYS F 57 2.17 -0.57 -4.93
C CYS F 57 2.39 0.06 -6.31
N TYR F 58 1.30 0.30 -7.03
CA TYR F 58 1.38 0.77 -8.41
C TYR F 58 1.70 2.25 -8.50
N GLY F 59 1.01 3.04 -7.69
CA GLY F 59 1.17 4.49 -7.69
C GLY F 59 2.58 4.89 -7.35
N TYR F 60 3.19 4.15 -6.43
CA TYR F 60 4.58 4.35 -6.07
C TYR F 60 5.49 4.06 -7.26
N GLN F 61 5.17 2.98 -7.99
CA GLN F 61 5.94 2.61 -9.17
C GLN F 61 5.90 3.72 -10.20
N MET F 62 4.71 4.20 -10.52
CA MET F 62 4.52 5.27 -11.48
C MET F 62 5.24 6.55 -11.04
N CYS F 63 5.05 6.92 -9.79
CA CYS F 63 5.75 8.06 -9.20
C CYS F 63 7.26 7.95 -9.40
N MET F 64 7.81 6.78 -9.10
CA MET F 64 9.24 6.57 -9.25
C MET F 64 9.67 6.71 -10.70
N ILE F 65 8.97 6.00 -11.59
CA ILE F 65 9.26 6.04 -13.03
C ILE F 65 9.27 7.46 -13.58
N ARG F 66 8.29 8.27 -13.18
CA ARG F 66 8.18 9.62 -13.70
C ARG F 66 9.15 10.61 -13.05
N VAL F 67 9.46 10.38 -11.78
CA VAL F 67 10.37 11.27 -11.05
C VAL F 67 11.85 10.89 -11.17
N VAL F 68 12.19 9.64 -10.83
CA VAL F 68 13.59 9.21 -10.71
C VAL F 68 14.44 9.51 -11.93
N LYS F 69 15.55 10.20 -11.67
CA LYS F 69 16.57 10.50 -12.65
C LYS F 69 17.86 9.85 -12.15
N PRO F 70 18.84 9.61 -13.05
CA PRO F 70 20.11 9.01 -12.62
C PRO F 70 20.75 9.74 -11.45
N ASN F 71 21.21 8.98 -10.45
CA ASN F 71 21.87 9.49 -9.24
C ASN F 71 20.92 10.29 -8.33
N SER F 72 19.68 10.48 -8.77
CA SER F 72 18.69 11.21 -8.00
C SER F 72 17.88 10.31 -7.08
N LEU F 73 18.30 9.04 -6.97
CA LEU F 73 17.55 7.99 -6.29
C LEU F 73 16.97 8.36 -4.93
N SER F 74 17.84 8.67 -3.97
CA SER F 74 17.47 8.91 -2.58
C SER F 74 16.32 9.90 -2.39
N GLY F 75 16.45 11.09 -2.96
CA GLY F 75 15.43 12.11 -2.84
C GLY F 75 14.13 11.71 -3.52
N ALA F 76 14.26 11.11 -4.70
CA ALA F 76 13.11 10.66 -5.48
C ALA F 76 12.28 9.65 -4.71
N HIS F 77 12.93 8.60 -4.24
CA HIS F 77 12.27 7.61 -3.40
C HIS F 77 11.67 8.21 -2.15
N GLU F 78 12.44 9.08 -1.49
CA GLU F 78 11.97 9.71 -0.27
C GLU F 78 10.70 10.50 -0.52
N ALA F 79 10.56 11.01 -1.73
CA ALA F 79 9.35 11.74 -2.12
C ALA F 79 8.21 10.79 -2.52
N CYS F 80 8.57 9.65 -3.11
CA CYS F 80 7.58 8.76 -3.73
C CYS F 80 6.96 7.71 -2.80
N LYS F 81 7.55 7.51 -1.62
CA LYS F 81 7.16 6.39 -0.77
C LYS F 81 5.88 6.66 0.01
N THR F 82 5.49 7.92 0.09
CA THR F 82 4.27 8.30 0.81
C THR F 82 3.04 8.35 -0.10
N VAL F 83 3.26 8.25 -1.41
CA VAL F 83 2.19 8.44 -2.39
C VAL F 83 1.12 7.33 -2.32
N SER F 84 -0.10 7.68 -2.75
CA SER F 84 -1.22 6.73 -2.77
C SER F 84 -0.98 5.61 -3.80
N CYS F 85 -1.20 4.37 -3.38
CA CYS F 85 -0.94 3.22 -4.22
C CYS F 85 -2.02 2.95 -5.26
N GLY F 86 -3.19 3.56 -5.08
CA GLY F 86 -4.31 3.32 -5.97
C GLY F 86 -5.01 2.01 -5.70
N ASN F 87 -5.76 1.53 -6.68
CA ASN F 87 -6.56 0.33 -6.54
C ASN F 87 -5.68 -0.91 -6.75
N PRO F 88 -5.50 -1.70 -5.68
CA PRO F 88 -4.71 -2.93 -5.62
C PRO F 88 -5.39 -4.12 -6.27
N CYS F 89 -6.69 -4.01 -6.52
CA CYS F 89 -7.42 -5.10 -7.14
C CYS F 89 -7.62 -4.94 -8.65
N ALA F 90 -7.36 -3.74 -9.17
CA ALA F 90 -7.63 -3.46 -10.58
C ALA F 90 -6.46 -2.76 -11.26
N KAI G . -38.07 -8.03 -0.64
CD KAI G . -39.38 -7.43 -0.75
CD1 KAI G . -41.17 -6.02 -2.27
CD2 KAI G . -40.02 -3.87 -2.22
CA KAI G . -36.99 -7.15 -1.02
CB KAI G . -37.71 -6.07 -1.80
CB1 KAI G . -37.91 -6.52 -3.25
CG KAI G . -39.04 -5.98 -1.08
CG1 KAI G . -36.65 -6.43 -4.08
CG2 KAI G . -40.12 -5.33 -1.88
C KAI G . -36.31 -6.56 0.18
O KAI G . -35.89 -5.38 0.10
OD1 KAI G . -36.66 -6.98 -5.21
OD2 KAI G . -35.66 -5.80 -3.65
OXT KAI G . -36.20 -7.25 1.21
C1 NAG H . -1.82 1.50 57.16
C2 NAG H . -1.51 0.04 56.85
C3 NAG H . -0.11 -0.09 56.28
C4 NAG H . 0.10 0.91 55.15
C5 NAG H . -0.13 2.33 55.66
C6 NAG H . -1.12 3.13 54.84
C7 NAG H . -2.72 -1.65 58.13
C8 NAG H . -2.81 -2.42 59.42
N2 NAG H . -1.70 -0.80 58.02
O3 NAG H . 0.06 -1.41 55.77
O4 NAG H . 1.43 0.80 54.64
O5 NAG H . -0.63 2.30 57.00
O6 NAG H . -0.71 3.34 53.50
O7 NAG H . -3.53 -1.81 57.23
O3 FWF I . -34.24 -22.13 8.22
S2 FWF I . -35.39 -22.96 7.97
O4 FWF I . -34.98 -24.17 7.32
C20 FWF I . -36.12 -23.39 9.42
N1 FWF I . -36.43 -22.15 7.04
C15 FWF I . -37.55 -22.81 6.37
C14 FWF I . -37.76 -22.16 5.01
C16 FWF I . -38.69 -22.97 4.12
C1 FWF I . -36.44 -22.05 4.37
C6 FWF I . -35.65 -23.18 4.17
C5 FWF I . -34.39 -23.06 3.59
C4 FWF I . -33.94 -21.81 3.20
C3 FWF I . -34.71 -20.68 3.43
C2 FWF I . -35.97 -20.80 4.01
C10 FWF I . -32.59 -21.62 2.60
C9 FWF I . -31.53 -22.41 3.05
C8 FWF I . -30.26 -22.24 2.53
C11 FWF I . -32.36 -20.63 1.67
C12 FWF I . -31.08 -20.46 1.14
C7 FWF I . -30.03 -21.26 1.56
C13 FWF I . -28.66 -21.07 1.02
C17 FWF I . -28.61 -21.50 -0.44
C18 FWF I . -28.23 -19.62 1.20
N2 FWF I . -28.22 -19.27 2.62
S1 FWF I . -29.07 -18.04 3.20
O1 FWF I . -30.34 -17.94 2.56
O2 FWF I . -29.27 -18.25 4.61
C19 FWF I . -28.25 -16.60 2.99
C21 FWF I . -29.23 -15.45 3.14
C22 FWF I . -27.14 -16.50 4.02
C23 FWF I . -35.18 -24.27 10.22
C24 FWF I . -36.52 -22.16 10.24
N KAI J . -7.09 8.24 -39.19
CD KAI J . -8.09 9.23 -38.83
CD1 KAI J . -10.27 10.67 -39.66
CD2 KAI J . -9.08 12.38 -40.94
CA KAI J . -6.36 8.58 -40.40
CB KAI J . -7.20 9.68 -41.04
CB1 KAI J . -8.22 9.07 -41.98
CG KAI J . -7.85 10.36 -39.83
CG1 KAI J . -7.64 8.72 -43.34
CG2 KAI J . -9.11 11.11 -40.13
C KAI J . -5.01 9.10 -40.03
O KAI J . -4.63 8.98 -38.84
OD1 KAI J . -6.44 8.94 -43.56
OD2 KAI J . -8.40 8.21 -44.19
OXT KAI J . -4.30 9.63 -40.92
C1 NAG K . -4.47 49.99 20.04
C2 NAG K . -5.36 51.21 19.83
C3 NAG K . -4.89 52.00 18.59
C4 NAG K . -3.41 52.33 18.72
C5 NAG K . -2.60 51.05 18.98
C6 NAG K . -1.14 51.31 19.23
C7 NAG K . -7.76 51.41 20.30
C8 NAG K . -9.11 50.81 20.08
N2 NAG K . -6.73 50.80 19.68
O3 NAG K . -5.64 53.20 18.49
O4 NAG K . -2.93 52.97 17.54
O5 NAG K . -3.12 50.39 20.15
O6 NAG K . -0.96 52.49 19.98
O7 NAG K . -7.58 52.41 20.99
O3 FWF L . 0.36 -3.20 -28.59
S2 FWF L . -0.66 -4.13 -28.17
O4 FWF L . -0.56 -5.33 -28.96
C20 FWF L . -0.40 -4.51 -26.57
N1 FWF L . -2.10 -3.45 -28.36
C15 FWF L . -3.34 -4.22 -28.33
C14 FWF L . -4.20 -3.85 -29.54
C16 FWF L . -5.50 -4.65 -29.57
C1 FWF L . -3.40 -4.11 -30.75
C6 FWF L . -2.82 -5.37 -30.95
C5 FWF L . -2.04 -5.62 -32.06
C4 FWF L . -1.87 -4.62 -33.01
C3 FWF L . -2.44 -3.35 -32.81
C2 FWF L . -3.20 -3.11 -31.68
C10 FWF L . -1.02 -4.85 -34.20
C9 FWF L . 0.00 -5.79 -34.13
C8 FWF L . 0.83 -5.99 -35.23
C11 FWF L . -1.20 -4.09 -35.35
C12 FWF L . -0.38 -4.30 -36.46
C7 FWF L . 0.63 -5.26 -36.39
C13 FWF L . 1.52 -5.48 -37.55
C17 FWF L . 0.75 -6.20 -38.65
C18 FWF L . 2.05 -4.13 -38.03
N2 FWF L . 2.81 -3.46 -36.99
S1 FWF L . 2.50 -1.94 -36.56
O1 FWF L . 1.12 -1.62 -36.81
O2 FWF L . 2.78 -1.78 -35.16
C19 FWF L . 3.45 -0.87 -37.39
C21 FWF L . 2.81 0.51 -37.32
C22 FWF L . 4.84 -0.85 -36.77
C23 FWF L . 0.83 -5.40 -26.44
C24 FWF L . -0.25 -3.23 -25.75
N KAI M . 5.31 -17.28 -28.53
CD KAI M . 6.12 -18.35 -29.08
CD1 KAI M . 6.43 -21.09 -29.38
CD2 KAI M . 7.19 -21.57 -27.11
CA KAI M . 5.01 -17.46 -27.13
CB KAI M . 5.33 -18.93 -26.88
CB1 KAI M . 4.13 -19.81 -27.19
CG KAI M . 6.47 -19.18 -27.85
CG1 KAI M . 3.01 -19.64 -26.19
CG2 KAI M . 6.68 -20.63 -28.17
C KAI M . 5.93 -16.62 -26.30
O KAI M . 6.06 -16.90 -25.09
OD1 KAI M . 3.27 -19.72 -24.96
OD2 KAI M . 1.86 -19.42 -26.62
OXT KAI M . 6.53 -15.68 -26.86
C1 NAG N . 47.50 35.39 -10.43
C2 NAG N . 46.14 35.69 -11.07
C3 NAG N . 45.11 36.05 -10.00
C4 NAG N . 45.05 34.96 -8.92
C5 NAG N . 46.45 34.67 -8.38
C6 NAG N . 46.46 33.50 -7.41
C7 NAG N . 46.13 36.56 -13.36
C8 NAG N . 46.25 37.79 -14.21
N2 NAG N . 46.26 36.75 -12.03
O3 NAG N . 43.84 36.20 -10.61
O4 NAG N . 44.24 35.44 -7.86
O5 NAG N . 47.35 34.35 -9.44
O6 NAG N . 45.87 32.34 -7.98
O7 NAG N . 45.94 35.45 -13.83
N KAI O . -27.94 -35.31 7.29
CD KAI O . -26.85 -36.27 7.23
CD1 KAI O . -25.91 -38.85 7.05
CD2 KAI O . -26.96 -39.72 9.07
CA KAI O . -28.97 -35.69 8.23
CB KAI O . -28.72 -37.18 8.40
CB1 KAI O . -29.33 -37.93 7.22
CG KAI O . -27.21 -37.24 8.35
CG1 KAI O . -30.80 -38.26 7.40
CG2 KAI O . -26.67 -38.61 8.10
C KAI O . -28.69 -35.01 9.53
O KAI O . -29.26 -35.41 10.57
OD1 KAI O . -31.38 -38.85 6.48
OD2 KAI O . -31.37 -37.95 8.47
OXT KAI O . -27.90 -34.05 9.51
C1 NAG P . 48.80 -15.96 22.03
C2 NAG P . 49.22 -17.32 21.51
C3 NAG P . 48.85 -18.39 22.54
C4 NAG P . 49.42 -18.05 23.91
C5 NAG P . 49.03 -16.63 24.32
C6 NAG P . 49.68 -16.16 25.59
C7 NAG P . 49.34 -17.88 19.14
C8 NAG P . 48.56 -18.15 17.88
N2 NAG P . 48.62 -17.62 20.24
O3 NAG P . 49.34 -19.65 22.11
O4 NAG P . 48.95 -18.97 24.88
O5 NAG P . 49.41 -15.70 23.29
O6 NAG P . 51.05 -15.84 25.39
O7 NAG P . 50.57 -17.89 19.14
#